data_9F4C
#
_entry.id   9F4C
#
_entity_poly.entity_id   1
_entity_poly.type   'polypeptide(L)'
_entity_poly.pdbx_seq_one_letter_code
;ASRIDEKSSKAKVNDFLAEIFKKIGSKENTKEGLAELYEYKKKYSDADIEPFLKNSSQFFQSYVERGLRVIEMEREGKGR
ISTSTGISPQMEVTCVPTPTSTVSSIGNTNGEEVGPSVYLERLKILRQRCGLDNTKQDDRP
;
_entity_poly.pdbx_strand_id   A
#
# COMPACT_ATOMS: atom_id res chain seq x y z
N ALA A 1 -14.58 -17.34 22.49
CA ALA A 1 -15.46 -16.14 22.47
C ALA A 1 -15.38 -15.43 23.82
N SER A 2 -15.63 -14.13 23.81
CA SER A 2 -15.60 -13.33 25.02
C SER A 2 -16.87 -12.48 25.12
N ARG A 3 -17.31 -12.18 26.34
CA ARG A 3 -18.53 -11.41 26.54
C ARG A 3 -18.41 -9.98 25.98
N ILE A 4 -17.26 -9.36 26.19
CA ILE A 4 -17.04 -8.01 25.71
C ILE A 4 -17.08 -8.01 24.17
N ASP A 5 -16.41 -8.99 23.59
CA ASP A 5 -16.38 -9.20 22.13
C ASP A 5 -15.88 -7.96 21.38
N GLU A 6 -15.85 -6.81 22.03
CA GLU A 6 -15.35 -5.61 21.38
C GLU A 6 -13.87 -5.76 21.07
N LYS A 7 -13.18 -6.43 21.98
CA LYS A 7 -11.74 -6.65 21.82
C LYS A 7 -11.46 -7.49 20.57
N SER A 8 -12.29 -8.51 20.37
CA SER A 8 -12.12 -9.38 19.21
C SER A 8 -12.33 -8.62 17.92
N SER A 9 -13.27 -7.67 17.93
CA SER A 9 -13.57 -6.88 16.73
C SER A 9 -12.35 -6.08 16.26
N LYS A 10 -11.66 -5.44 17.20
CA LYS A 10 -10.48 -4.65 16.86
C LYS A 10 -9.26 -5.54 16.72
N ALA A 11 -9.34 -6.73 17.28
CA ALA A 11 -8.22 -7.65 17.22
C ALA A 11 -7.87 -8.01 15.77
N LYS A 12 -8.88 -8.39 14.99
CA LYS A 12 -8.64 -8.78 13.60
C LYS A 12 -8.16 -7.61 12.74
N VAL A 13 -8.84 -6.49 12.90
CA VAL A 13 -8.56 -5.30 12.10
C VAL A 13 -7.16 -4.74 12.38
N ASN A 14 -6.76 -4.79 13.63
CA ASN A 14 -5.46 -4.27 14.00
C ASN A 14 -4.37 -5.06 13.28
N ASP A 15 -4.53 -6.36 13.24
CA ASP A 15 -3.51 -7.22 12.60
C ASP A 15 -3.39 -6.86 11.12
N PHE A 16 -4.53 -6.67 10.46
CA PHE A 16 -4.54 -6.30 9.05
C PHE A 16 -3.83 -4.98 8.85
N LEU A 17 -4.15 -4.03 9.70
CA LEU A 17 -3.54 -2.70 9.67
C LEU A 17 -2.06 -2.81 9.93
N ALA A 18 -1.72 -3.66 10.86
CA ALA A 18 -0.34 -3.86 11.28
C ALA A 18 0.51 -4.27 10.08
N GLU A 19 -0.06 -5.06 9.18
CA GLU A 19 0.68 -5.48 8.00
C GLU A 19 0.95 -4.29 7.10
N ILE A 20 -0.05 -3.43 7.01
CA ILE A 20 0.06 -2.23 6.21
C ILE A 20 1.15 -1.31 6.77
N PHE A 21 1.17 -1.16 8.09
CA PHE A 21 2.18 -0.31 8.72
C PHE A 21 3.58 -0.86 8.45
N LYS A 22 3.77 -2.17 8.55
CA LYS A 22 5.09 -2.73 8.33
C LYS A 22 5.57 -2.40 6.93
N LYS A 23 4.64 -2.40 5.98
CA LYS A 23 5.00 -1.99 4.62
C LYS A 23 5.42 -0.52 4.62
N ILE A 24 4.70 0.29 5.38
CA ILE A 24 5.03 1.71 5.50
C ILE A 24 6.41 1.91 6.14
N GLY A 25 6.65 1.13 7.18
CA GLY A 25 7.91 1.21 7.92
C GLY A 25 9.10 0.93 7.01
N SER A 26 8.99 -0.06 6.12
CA SER A 26 10.08 -0.35 5.22
C SER A 26 10.18 0.76 4.16
N LYS A 27 11.40 1.08 3.74
CA LYS A 27 11.58 2.11 2.72
C LYS A 27 11.07 1.60 1.38
N GLU A 28 11.38 0.34 1.09
CA GLU A 28 11.01 -0.28 -0.19
C GLU A 28 9.49 -0.37 -0.36
N ASN A 29 8.79 -0.77 0.70
CA ASN A 29 7.34 -0.98 0.60
C ASN A 29 6.51 0.25 0.97
N THR A 30 7.14 1.43 1.12
CA THR A 30 6.41 2.62 1.52
C THR A 30 5.29 3.02 0.55
N LYS A 31 5.53 2.94 -0.74
CA LYS A 31 4.51 3.28 -1.72
C LYS A 31 3.32 2.33 -1.62
N GLU A 32 3.65 1.06 -1.47
CA GLU A 32 2.64 0.02 -1.39
C GLU A 32 1.79 0.16 -0.13
N GLY A 33 2.46 0.39 0.99
CA GLY A 33 1.78 0.53 2.27
C GLY A 33 0.91 1.78 2.35
N LEU A 34 1.44 2.89 1.87
CA LEU A 34 0.69 4.14 1.89
C LEU A 34 -0.54 4.05 1.01
N ALA A 35 -0.34 3.45 -0.15
CA ALA A 35 -1.41 3.33 -1.13
C ALA A 35 -2.59 2.52 -0.59
N GLU A 36 -2.29 1.43 0.12
CA GLU A 36 -3.36 0.63 0.69
C GLU A 36 -4.03 1.36 1.84
N LEU A 37 -3.25 2.05 2.66
CA LEU A 37 -3.81 2.78 3.78
C LEU A 37 -4.75 3.86 3.27
N TYR A 38 -4.32 4.55 2.22
CA TYR A 38 -5.16 5.59 1.62
C TYR A 38 -6.48 4.97 1.13
N GLU A 39 -6.36 3.84 0.43
CA GLU A 39 -7.56 3.19 -0.09
C GLU A 39 -8.46 2.75 1.06
N TYR A 40 -7.86 2.13 2.09
CA TYR A 40 -8.64 1.66 3.24
C TYR A 40 -9.33 2.84 3.90
N LYS A 41 -8.60 3.93 4.07
CA LYS A 41 -9.14 5.13 4.71
C LYS A 41 -10.31 5.65 3.90
N LYS A 42 -10.19 5.53 2.58
CA LYS A 42 -11.24 5.94 1.67
C LYS A 42 -12.51 5.10 1.89
N LYS A 43 -12.27 3.81 2.12
CA LYS A 43 -13.39 2.86 2.34
C LYS A 43 -14.13 3.18 3.65
N TYR A 44 -13.35 3.44 4.70
CA TYR A 44 -13.91 3.73 6.03
C TYR A 44 -13.78 5.20 6.41
N SER A 45 -13.43 6.03 5.45
CA SER A 45 -13.27 7.47 5.72
C SER A 45 -12.58 7.67 7.05
N ASP A 46 -11.56 6.85 7.30
CA ASP A 46 -10.82 6.86 8.54
C ASP A 46 -11.69 6.24 9.64
N ALA A 47 -12.08 7.06 10.60
CA ALA A 47 -12.95 6.60 11.70
C ALA A 47 -12.34 5.41 12.45
N ASP A 48 -12.26 4.27 11.77
CA ASP A 48 -11.73 3.03 12.36
C ASP A 48 -10.25 3.15 12.76
N ILE A 49 -9.45 3.82 11.92
CA ILE A 49 -8.00 3.84 12.16
C ILE A 49 -7.57 4.53 13.48
N GLU A 50 -8.11 5.71 13.82
CA GLU A 50 -7.66 6.46 15.01
C GLU A 50 -7.24 5.61 16.24
N PRO A 51 -8.02 4.70 16.77
CA PRO A 51 -7.58 3.93 17.97
C PRO A 51 -6.18 3.32 17.76
N PHE A 52 -5.94 2.83 16.56
CA PHE A 52 -4.65 2.23 16.24
C PHE A 52 -3.51 3.26 16.39
N LEU A 53 -3.76 4.47 15.89
CA LEU A 53 -2.70 5.47 15.89
C LEU A 53 -2.27 5.77 17.34
N LYS A 54 -3.23 5.93 18.25
CA LYS A 54 -2.93 6.22 19.66
C LYS A 54 -2.15 5.06 20.30
N ASN A 55 -2.51 3.87 19.88
CA ASN A 55 -1.90 2.64 20.39
C ASN A 55 -0.40 2.61 20.10
N SER A 56 0.01 3.08 18.92
CA SER A 56 1.43 3.12 18.56
C SER A 56 2.09 4.40 19.13
N SER A 57 3.39 4.56 18.90
CA SER A 57 4.10 5.75 19.41
C SER A 57 3.54 7.02 18.76
N GLN A 58 3.48 8.09 19.54
CA GLN A 58 2.90 9.38 19.08
C GLN A 58 3.64 10.06 17.93
N PHE A 59 4.97 10.05 17.96
CA PHE A 59 5.76 10.72 16.91
C PHE A 59 5.49 10.16 15.52
N PHE A 60 5.47 8.85 15.44
CA PHE A 60 5.27 8.14 14.17
C PHE A 60 3.89 8.42 13.54
N GLN A 61 2.93 8.82 14.35
CA GLN A 61 1.57 9.08 13.87
C GLN A 61 1.48 10.31 12.94
N SER A 62 2.20 11.37 13.22
CA SER A 62 2.12 12.57 12.39
C SER A 62 2.54 12.33 10.94
N TYR A 63 3.65 11.61 10.75
CA TYR A 63 4.16 11.35 9.40
C TYR A 63 3.18 10.57 8.53
N VAL A 64 2.58 9.54 9.07
CA VAL A 64 1.66 8.74 8.28
C VAL A 64 0.48 9.60 7.83
N GLU A 65 -0.03 10.43 8.72
CA GLU A 65 -1.16 11.27 8.35
C GLU A 65 -0.76 12.24 7.24
N ARG A 66 0.42 12.83 7.34
CA ARG A 66 0.91 13.78 6.33
C ARG A 66 1.13 13.09 4.99
N GLY A 67 1.69 11.89 5.02
CA GLY A 67 2.00 11.13 3.81
C GLY A 67 0.76 10.78 2.99
N LEU A 68 -0.34 10.53 3.67
CA LEU A 68 -1.56 10.15 2.96
C LEU A 68 -2.10 11.24 2.04
N ARG A 69 -2.03 12.51 2.45
CA ARG A 69 -2.54 13.57 1.57
C ARG A 69 -1.78 13.64 0.25
N VAL A 70 -0.45 13.55 0.31
CA VAL A 70 0.36 13.62 -0.90
C VAL A 70 0.05 12.44 -1.84
N ILE A 71 -0.30 11.28 -1.30
CA ILE A 71 -0.58 10.15 -2.20
C ILE A 71 -1.78 10.52 -3.06
N GLU A 72 -2.81 11.09 -2.43
CA GLU A 72 -4.03 11.47 -3.16
C GLU A 72 -3.71 12.47 -4.26
N MET A 73 -2.87 13.43 -3.96
CA MET A 73 -2.48 14.45 -4.92
C MET A 73 -2.01 13.79 -6.22
N GLU A 74 -1.24 12.71 -6.12
CA GLU A 74 -0.76 12.02 -7.31
C GLU A 74 -1.95 11.37 -8.04
N ARG A 75 -2.89 10.84 -7.26
CA ARG A 75 -4.08 10.18 -7.80
C ARG A 75 -4.96 11.19 -8.55
N GLU A 76 -5.02 12.39 -8.00
CA GLU A 76 -5.82 13.47 -8.59
C GLU A 76 -5.21 13.88 -9.92
N GLY A 77 -3.90 13.83 -9.99
CA GLY A 77 -3.18 14.17 -11.21
C GLY A 77 -2.91 15.66 -11.28
N LYS A 78 -3.36 16.40 -10.25
CA LYS A 78 -3.21 17.86 -10.18
C LYS A 78 -2.13 18.37 -11.13
N GLY A 79 -0.91 18.59 -10.64
CA GLY A 79 0.13 19.10 -11.54
C GLY A 79 1.53 18.57 -11.22
N ARG A 80 1.71 17.87 -10.11
CA ARG A 80 3.05 17.37 -9.80
C ARG A 80 3.50 16.39 -10.87
N ILE A 81 2.60 15.50 -11.23
CA ILE A 81 2.85 14.49 -12.25
C ILE A 81 3.05 15.11 -13.63
N SER A 82 2.20 16.08 -13.96
CA SER A 82 2.23 16.74 -15.27
C SER A 82 3.38 17.74 -15.43
N THR A 83 3.84 17.85 -16.68
CA THR A 83 4.88 18.80 -17.06
C THR A 83 4.46 19.43 -18.39
N SER A 84 3.94 18.58 -19.26
CA SER A 84 3.44 19.01 -20.56
C SER A 84 2.44 17.98 -21.08
N THR A 85 1.65 18.37 -22.08
CA THR A 85 0.67 17.46 -22.64
C THR A 85 1.37 16.27 -23.27
N GLY A 86 2.44 16.54 -24.01
CA GLY A 86 3.20 15.48 -24.67
C GLY A 86 4.19 16.07 -25.67
N ILE A 87 5.21 16.77 -25.15
CA ILE A 87 6.21 17.40 -26.01
C ILE A 87 7.55 16.69 -25.87
N SER A 88 8.14 16.32 -27.01
CA SER A 88 9.44 15.66 -27.01
C SER A 88 10.53 16.74 -27.16
N PRO A 89 11.70 16.57 -26.58
CA PRO A 89 12.76 17.60 -26.72
C PRO A 89 13.16 17.83 -28.19
N GLN A 90 13.44 19.09 -28.52
CA GLN A 90 13.88 19.46 -29.87
C GLN A 90 15.08 20.39 -29.76
N MET A 91 16.10 20.18 -30.59
CA MET A 91 17.27 21.04 -30.52
C MET A 91 16.85 22.47 -30.87
N GLU A 92 16.42 22.65 -32.11
CA GLU A 92 15.97 23.97 -32.59
C GLU A 92 14.50 23.90 -32.95
N VAL A 93 14.22 23.58 -34.22
CA VAL A 93 12.85 23.45 -34.69
C VAL A 93 12.76 22.27 -35.66
N THR A 94 11.70 21.48 -35.55
CA THR A 94 11.50 20.33 -36.44
C THR A 94 10.07 20.28 -36.94
N CYS A 95 9.88 19.64 -38.09
CA CYS A 95 8.54 19.49 -38.64
C CYS A 95 7.72 18.60 -37.71
N VAL A 96 8.40 17.59 -37.17
CA VAL A 96 7.79 16.64 -36.25
C VAL A 96 8.88 16.12 -35.29
N PRO A 97 8.67 16.07 -33.99
CA PRO A 97 9.72 15.55 -33.08
C PRO A 97 10.06 14.10 -33.42
N THR A 98 11.34 13.76 -33.27
CA THR A 98 11.83 12.41 -33.57
C THR A 98 12.01 11.60 -32.28
N PRO A 99 11.38 10.45 -32.11
CA PRO A 99 11.57 9.65 -30.87
C PRO A 99 12.99 9.12 -30.77
N THR A 100 13.48 9.00 -29.53
CA THR A 100 14.83 8.51 -29.27
C THR A 100 14.75 7.44 -28.21
N SER A 101 15.81 6.67 -28.03
CA SER A 101 15.75 5.60 -27.04
C SER A 101 15.45 6.16 -25.65
N THR A 102 16.08 7.26 -25.29
CA THR A 102 15.83 7.86 -23.99
C THR A 102 14.39 8.35 -23.91
N VAL A 103 13.98 9.04 -24.96
CA VAL A 103 12.63 9.59 -25.05
C VAL A 103 11.57 8.50 -25.09
N SER A 104 11.80 7.46 -25.89
CA SER A 104 10.85 6.37 -26.01
C SER A 104 10.94 5.47 -24.77
N SER A 105 9.89 4.69 -24.52
CA SER A 105 9.89 3.78 -23.35
C SER A 105 9.45 2.38 -23.76
N ILE A 106 9.97 1.38 -23.05
CA ILE A 106 9.65 -0.01 -23.31
C ILE A 106 9.03 -0.65 -22.08
N GLY A 107 7.91 -1.31 -22.28
CA GLY A 107 7.22 -1.97 -21.17
C GLY A 107 7.64 -3.44 -21.07
N ASN A 108 8.60 -3.71 -20.19
CA ASN A 108 9.11 -5.07 -19.97
C ASN A 108 8.86 -5.51 -18.54
N THR A 109 8.29 -6.71 -18.38
CA THR A 109 8.02 -7.26 -17.06
C THR A 109 8.49 -8.70 -16.96
N ASN A 110 8.77 -9.16 -15.75
CA ASN A 110 9.25 -10.52 -15.53
C ASN A 110 8.42 -11.19 -14.44
N GLY A 111 7.17 -11.50 -14.75
CA GLY A 111 6.28 -12.18 -13.81
C GLY A 111 5.53 -11.18 -12.92
N GLU A 112 5.77 -9.88 -13.11
CA GLU A 112 5.10 -8.86 -12.31
C GLU A 112 4.43 -7.85 -13.25
N GLU A 113 3.46 -8.35 -14.03
CA GLU A 113 2.72 -7.52 -14.97
C GLU A 113 1.28 -7.38 -14.48
N VAL A 114 1.07 -7.82 -13.24
CA VAL A 114 -0.24 -7.72 -12.58
C VAL A 114 -0.10 -7.06 -11.20
N GLY A 115 -0.91 -6.05 -10.92
CA GLY A 115 -0.84 -5.30 -9.66
C GLY A 115 -0.91 -6.19 -8.40
N PRO A 116 -1.85 -7.08 -8.31
CA PRO A 116 -2.02 -7.98 -7.11
C PRO A 116 -0.74 -8.74 -6.74
N SER A 117 0.04 -9.13 -7.73
CA SER A 117 1.27 -9.87 -7.47
C SER A 117 2.23 -9.09 -6.56
N VAL A 118 2.32 -7.79 -6.76
CA VAL A 118 3.25 -7.02 -5.93
C VAL A 118 2.83 -7.16 -4.46
N TYR A 119 1.55 -6.99 -4.20
CA TYR A 119 1.01 -7.11 -2.86
C TYR A 119 1.21 -8.51 -2.28
N LEU A 120 0.91 -9.50 -3.09
CA LEU A 120 1.09 -10.87 -2.63
C LEU A 120 2.55 -11.17 -2.36
N GLU A 121 3.41 -10.73 -3.27
CA GLU A 121 4.84 -10.98 -3.15
C GLU A 121 5.52 -10.20 -2.04
N ARG A 122 5.28 -8.90 -1.97
CA ARG A 122 5.97 -8.11 -0.95
C ARG A 122 5.53 -8.53 0.44
N LEU A 123 4.22 -8.64 0.63
CA LEU A 123 3.69 -8.95 1.94
C LEU A 123 4.18 -10.31 2.41
N LYS A 124 4.20 -11.29 1.54
CA LYS A 124 4.66 -12.62 1.95
C LYS A 124 6.10 -12.48 2.44
N ILE A 125 6.89 -11.77 1.65
CA ILE A 125 8.32 -11.63 1.95
C ILE A 125 8.53 -10.93 3.29
N LEU A 126 7.80 -9.87 3.58
CA LEU A 126 7.97 -9.23 4.88
C LEU A 126 7.53 -10.24 5.95
N ARG A 127 6.42 -10.89 5.62
CA ARG A 127 5.72 -11.86 6.50
C ARG A 127 6.59 -13.07 6.88
N GLN A 128 7.32 -13.65 5.93
CA GLN A 128 8.14 -14.82 6.25
C GLN A 128 9.19 -14.45 7.29
N ARG A 129 9.62 -13.19 7.27
CA ARG A 129 10.57 -12.73 8.26
C ARG A 129 9.92 -12.86 9.64
N CYS A 130 8.63 -12.49 9.70
CA CYS A 130 7.85 -12.58 10.95
C CYS A 130 7.61 -14.03 11.38
N GLY A 131 7.41 -14.93 10.42
CA GLY A 131 7.12 -16.33 10.74
C GLY A 131 7.39 -17.23 9.56
N LEU A 132 6.85 -18.45 9.57
CA LEU A 132 7.01 -19.37 8.44
C LEU A 132 5.63 -19.82 7.96
N ASP A 133 5.39 -19.81 6.66
CA ASP A 133 4.10 -20.26 6.12
C ASP A 133 4.25 -21.68 5.60
N ASN A 134 5.41 -22.28 5.89
CA ASN A 134 5.71 -23.63 5.45
C ASN A 134 5.20 -24.67 6.42
N THR A 135 4.16 -25.40 6.00
CA THR A 135 3.56 -26.45 6.83
C THR A 135 3.96 -27.82 6.28
N LYS A 136 4.32 -28.75 7.18
CA LYS A 136 4.74 -30.09 6.76
C LYS A 136 4.20 -31.13 7.72
N GLN A 137 3.98 -32.33 7.21
CA GLN A 137 3.47 -33.43 8.01
C GLN A 137 4.55 -33.95 8.96
N ASP A 138 4.14 -34.21 10.19
CA ASP A 138 5.08 -34.69 11.22
C ASP A 138 5.62 -36.07 10.85
N ASP A 139 4.78 -36.89 10.24
CA ASP A 139 5.18 -38.22 9.83
C ASP A 139 5.78 -38.19 8.43
N ARG A 140 7.07 -38.55 8.33
CA ARG A 140 7.76 -38.57 7.05
C ARG A 140 7.40 -37.33 6.22
N PRO A 141 7.98 -36.19 6.56
CA PRO A 141 7.72 -34.93 5.82
C PRO A 141 8.09 -35.03 4.34
N ALA A 1 -10.91 -18.23 22.55
CA ALA A 1 -12.13 -17.40 22.68
C ALA A 1 -12.10 -16.65 24.01
N SER A 2 -11.67 -15.40 23.98
CA SER A 2 -11.61 -14.61 25.20
C SER A 2 -13.02 -14.37 25.74
N ARG A 3 -13.17 -14.42 27.05
CA ARG A 3 -14.47 -14.21 27.67
C ARG A 3 -14.95 -12.79 27.42
N ILE A 4 -14.02 -11.83 27.51
CA ILE A 4 -14.36 -10.43 27.29
C ILE A 4 -14.84 -10.25 25.85
N ASP A 5 -14.13 -10.87 24.93
CA ASP A 5 -14.49 -10.86 23.50
C ASP A 5 -14.65 -9.45 22.91
N GLU A 6 -14.64 -8.43 23.76
CA GLU A 6 -14.78 -7.06 23.27
C GLU A 6 -13.56 -6.69 22.43
N LYS A 7 -12.42 -7.20 22.85
CA LYS A 7 -11.15 -6.91 22.18
C LYS A 7 -10.97 -7.72 20.89
N SER A 8 -11.75 -8.78 20.74
CA SER A 8 -11.64 -9.63 19.55
C SER A 8 -11.99 -8.84 18.29
N SER A 9 -12.93 -7.91 18.41
CA SER A 9 -13.37 -7.13 17.26
C SER A 9 -12.23 -6.29 16.68
N LYS A 10 -11.42 -5.67 17.54
CA LYS A 10 -10.31 -4.86 17.06
C LYS A 10 -9.07 -5.72 16.85
N ALA A 11 -9.10 -6.91 17.39
CA ALA A 11 -7.98 -7.81 17.26
C ALA A 11 -7.67 -8.14 15.80
N LYS A 12 -8.70 -8.53 15.05
CA LYS A 12 -8.52 -8.87 13.64
C LYS A 12 -8.08 -7.68 12.79
N VAL A 13 -8.77 -6.57 13.00
CA VAL A 13 -8.53 -5.35 12.23
C VAL A 13 -7.14 -4.79 12.46
N ASN A 14 -6.71 -4.84 13.70
CA ASN A 14 -5.39 -4.30 14.05
C ASN A 14 -4.30 -5.08 13.31
N ASP A 15 -4.44 -6.39 13.26
CA ASP A 15 -3.43 -7.22 12.60
C ASP A 15 -3.33 -6.87 11.13
N PHE A 16 -4.47 -6.68 10.48
CA PHE A 16 -4.50 -6.32 9.07
C PHE A 16 -3.78 -4.99 8.88
N LEU A 17 -4.10 -4.05 9.75
CA LEU A 17 -3.49 -2.73 9.71
C LEU A 17 -1.99 -2.83 9.95
N ALA A 18 -1.64 -3.71 10.88
CA ALA A 18 -0.26 -3.90 11.26
C ALA A 18 0.55 -4.30 10.05
N GLU A 19 -0.02 -5.07 9.15
CA GLU A 19 0.70 -5.48 7.95
C GLU A 19 0.94 -4.28 7.06
N ILE A 20 -0.05 -3.41 7.00
CA ILE A 20 0.05 -2.20 6.19
C ILE A 20 1.14 -1.30 6.75
N PHE A 21 1.19 -1.16 8.08
CA PHE A 21 2.22 -0.33 8.69
C PHE A 21 3.61 -0.87 8.39
N LYS A 22 3.79 -2.19 8.47
CA LYS A 22 5.11 -2.77 8.22
C LYS A 22 5.58 -2.42 6.81
N LYS A 23 4.65 -2.40 5.87
CA LYS A 23 5.01 -2.00 4.51
C LYS A 23 5.42 -0.53 4.51
N ILE A 24 4.71 0.28 5.29
CA ILE A 24 5.03 1.69 5.40
C ILE A 24 6.41 1.89 6.03
N GLY A 25 6.67 1.11 7.08
CA GLY A 25 7.93 1.20 7.80
C GLY A 25 9.10 0.92 6.88
N SER A 26 8.96 -0.06 5.99
CA SER A 26 10.03 -0.33 5.03
C SER A 26 10.04 0.79 4.00
N LYS A 27 11.21 1.14 3.47
CA LYS A 27 11.26 2.19 2.46
C LYS A 27 10.90 1.62 1.10
N GLU A 28 11.21 0.35 0.92
CA GLU A 28 10.92 -0.33 -0.34
C GLU A 28 9.40 -0.38 -0.55
N ASN A 29 8.67 -0.77 0.49
CA ASN A 29 7.23 -0.97 0.39
C ASN A 29 6.42 0.28 0.77
N THR A 30 7.04 1.43 0.95
CA THR A 30 6.31 2.62 1.38
C THR A 30 5.17 3.03 0.43
N LYS A 31 5.41 2.96 -0.87
CA LYS A 31 4.36 3.31 -1.83
C LYS A 31 3.19 2.34 -1.73
N GLU A 32 3.54 1.07 -1.58
CA GLU A 32 2.53 0.01 -1.50
C GLU A 32 1.69 0.16 -0.23
N GLY A 33 2.36 0.38 0.89
CA GLY A 33 1.67 0.52 2.17
C GLY A 33 0.81 1.78 2.26
N LEU A 34 1.35 2.90 1.78
CA LEU A 34 0.60 4.15 1.81
C LEU A 34 -0.63 4.06 0.93
N ALA A 35 -0.43 3.47 -0.24
CA ALA A 35 -1.51 3.35 -1.22
C ALA A 35 -2.67 2.53 -0.67
N GLU A 36 -2.35 1.45 0.04
CA GLU A 36 -3.40 0.64 0.61
C GLU A 36 -4.08 1.36 1.76
N LEU A 37 -3.29 2.07 2.56
CA LEU A 37 -3.85 2.80 3.70
C LEU A 37 -4.81 3.86 3.19
N TYR A 38 -4.42 4.55 2.14
CA TYR A 38 -5.29 5.58 1.55
C TYR A 38 -6.59 4.94 1.07
N GLU A 39 -6.47 3.80 0.37
CA GLU A 39 -7.67 3.12 -0.12
C GLU A 39 -8.53 2.66 1.06
N TYR A 40 -7.89 2.07 2.07
CA TYR A 40 -8.63 1.59 3.24
C TYR A 40 -9.34 2.75 3.91
N LYS A 41 -8.63 3.87 4.06
CA LYS A 41 -9.19 5.05 4.69
C LYS A 41 -10.38 5.54 3.88
N LYS A 42 -10.27 5.41 2.58
CA LYS A 42 -11.34 5.79 1.67
C LYS A 42 -12.58 4.93 1.93
N LYS A 43 -12.34 3.64 2.20
CA LYS A 43 -13.42 2.70 2.50
C LYS A 43 -14.14 3.08 3.81
N TYR A 44 -13.34 3.42 4.83
CA TYR A 44 -13.87 3.76 6.17
C TYR A 44 -13.79 5.25 6.49
N SER A 45 -13.49 6.06 5.49
CA SER A 45 -13.39 7.51 5.64
C SER A 45 -12.91 7.93 7.04
N ASP A 46 -11.63 8.30 7.11
CA ASP A 46 -10.95 8.77 8.33
C ASP A 46 -11.55 8.19 9.60
N ALA A 47 -12.08 7.00 9.52
CA ALA A 47 -12.68 6.33 10.68
C ALA A 47 -11.80 5.18 11.13
N ASP A 48 -12.33 4.26 11.86
CA ASP A 48 -11.68 3.01 12.39
C ASP A 48 -10.14 3.14 12.65
N ILE A 49 -9.38 3.77 11.79
CA ILE A 49 -7.90 3.81 12.00
C ILE A 49 -7.47 4.51 13.34
N GLU A 50 -7.98 5.75 13.64
CA GLU A 50 -7.52 6.49 14.79
C GLU A 50 -7.20 5.66 16.07
N PRO A 51 -8.05 4.82 16.58
CA PRO A 51 -7.68 4.05 17.81
C PRO A 51 -6.30 3.39 17.64
N PHE A 52 -6.03 2.88 16.45
CA PHE A 52 -4.75 2.26 16.19
C PHE A 52 -3.62 3.29 16.36
N LEU A 53 -3.85 4.50 15.81
CA LEU A 53 -2.78 5.51 15.83
C LEU A 53 -2.38 5.84 17.27
N LYS A 54 -3.36 6.04 18.15
CA LYS A 54 -3.08 6.37 19.56
C LYS A 54 -2.33 5.24 20.23
N ASN A 55 -2.71 4.04 19.85
CA ASN A 55 -2.14 2.81 20.39
C ASN A 55 -0.64 2.74 20.08
N SER A 56 -0.24 3.17 18.89
CA SER A 56 1.18 3.19 18.51
C SER A 56 1.88 4.43 19.10
N SER A 57 3.19 4.55 18.86
CA SER A 57 3.95 5.71 19.37
C SER A 57 3.41 7.00 18.73
N GLN A 58 3.38 8.09 19.50
CA GLN A 58 2.83 9.37 19.05
C GLN A 58 3.59 10.03 17.88
N PHE A 59 4.93 10.01 17.92
CA PHE A 59 5.72 10.68 16.87
C PHE A 59 5.47 10.11 15.47
N PHE A 60 5.41 8.81 15.39
CA PHE A 60 5.21 8.12 14.10
C PHE A 60 3.85 8.43 13.46
N GLN A 61 2.89 8.83 14.28
CA GLN A 61 1.54 9.10 13.78
C GLN A 61 1.46 10.32 12.85
N SER A 62 2.20 11.39 13.15
CA SER A 62 2.12 12.59 12.32
C SER A 62 2.54 12.33 10.87
N TYR A 63 3.64 11.59 10.68
CA TYR A 63 4.15 11.32 9.34
C TYR A 63 3.16 10.56 8.46
N VAL A 64 2.54 9.53 9.00
CA VAL A 64 1.62 8.74 8.19
C VAL A 64 0.46 9.59 7.73
N GLU A 65 -0.07 10.42 8.62
CA GLU A 65 -1.20 11.27 8.26
C GLU A 65 -0.80 12.25 7.16
N ARG A 66 0.38 12.84 7.28
CA ARG A 66 0.88 13.79 6.27
C ARG A 66 1.08 13.10 4.91
N GLY A 67 1.64 11.90 4.93
CA GLY A 67 1.94 11.17 3.71
C GLY A 67 0.68 10.83 2.91
N LEU A 68 -0.43 10.59 3.56
CA LEU A 68 -1.65 10.22 2.85
C LEU A 68 -2.17 11.32 1.93
N ARG A 69 -2.11 12.57 2.33
CA ARG A 69 -2.59 13.64 1.44
C ARG A 69 -1.79 13.71 0.16
N VAL A 70 -0.46 13.61 0.26
CA VAL A 70 0.38 13.68 -0.94
C VAL A 70 0.09 12.51 -1.88
N ILE A 71 -0.35 11.36 -1.35
CA ILE A 71 -0.66 10.25 -2.24
C ILE A 71 -1.80 10.68 -3.15
N GLU A 72 -2.80 11.33 -2.57
CA GLU A 72 -3.96 11.74 -3.34
C GLU A 72 -3.58 12.74 -4.43
N MET A 73 -2.63 13.61 -4.14
CA MET A 73 -2.20 14.63 -5.10
C MET A 73 -1.64 13.99 -6.40
N GLU A 74 -0.85 12.93 -6.27
CA GLU A 74 -0.30 12.27 -7.46
C GLU A 74 -1.42 11.60 -8.25
N ARG A 75 -2.41 11.08 -7.53
CA ARG A 75 -3.55 10.42 -8.16
C ARG A 75 -4.30 11.43 -9.02
N GLU A 76 -4.35 12.67 -8.55
CA GLU A 76 -5.00 13.75 -9.29
C GLU A 76 -4.23 14.02 -10.59
N GLY A 77 -2.91 13.84 -10.53
CA GLY A 77 -2.06 14.05 -11.72
C GLY A 77 -1.55 15.48 -11.79
N LYS A 78 -1.69 16.21 -10.69
CA LYS A 78 -1.27 17.61 -10.64
C LYS A 78 0.12 17.84 -11.25
N GLY A 79 0.88 16.76 -11.51
CA GLY A 79 2.22 16.93 -12.09
C GLY A 79 3.28 17.04 -10.99
N ARG A 80 2.91 16.55 -9.82
CA ARG A 80 3.79 16.59 -8.64
C ARG A 80 4.55 15.26 -8.53
N ILE A 81 4.46 14.46 -9.59
CA ILE A 81 5.09 13.15 -9.61
C ILE A 81 6.45 13.18 -10.29
N SER A 82 7.42 12.70 -9.54
CA SER A 82 8.80 12.58 -9.99
C SER A 82 9.35 11.22 -9.55
N THR A 83 8.69 10.66 -8.53
CA THR A 83 9.08 9.38 -7.96
C THR A 83 8.95 8.25 -8.99
N SER A 84 7.84 8.24 -9.73
CA SER A 84 7.59 7.19 -10.71
C SER A 84 8.63 7.22 -11.83
N THR A 85 8.97 6.01 -12.29
CA THR A 85 9.96 5.82 -13.35
C THR A 85 9.53 6.46 -14.66
N GLY A 86 8.27 6.28 -15.02
CA GLY A 86 7.78 6.81 -16.29
C GLY A 86 7.98 8.33 -16.35
N ILE A 87 7.53 9.03 -15.31
CA ILE A 87 7.65 10.49 -15.33
C ILE A 87 9.10 10.90 -15.16
N SER A 88 9.54 11.77 -16.07
CA SER A 88 10.91 12.29 -16.06
C SER A 88 10.88 13.75 -15.61
N PRO A 89 12.02 14.39 -15.46
CA PRO A 89 12.04 15.82 -15.03
C PRO A 89 11.32 16.71 -16.02
N GLN A 90 10.60 17.71 -15.51
CA GLN A 90 9.86 18.65 -16.33
C GLN A 90 10.20 20.08 -15.90
N MET A 91 10.49 20.95 -16.86
CA MET A 91 10.81 22.32 -16.52
C MET A 91 9.57 22.97 -15.91
N GLU A 92 8.43 22.70 -16.53
CA GLU A 92 7.14 23.19 -16.05
C GLU A 92 6.23 22.00 -15.77
N VAL A 93 5.45 21.63 -16.78
CA VAL A 93 4.54 20.49 -16.70
C VAL A 93 4.51 19.76 -18.04
N THR A 94 4.54 18.42 -18.00
CA THR A 94 4.46 17.63 -19.24
C THR A 94 3.33 16.61 -19.14
N CYS A 95 2.49 16.58 -20.18
CA CYS A 95 1.39 15.62 -20.21
C CYS A 95 1.96 14.21 -20.29
N VAL A 96 3.04 14.11 -21.07
CA VAL A 96 3.74 12.85 -21.29
C VAL A 96 5.23 13.13 -21.41
N PRO A 97 6.13 12.28 -20.93
CA PRO A 97 7.57 12.55 -21.11
C PRO A 97 7.88 12.62 -22.60
N THR A 98 8.79 13.51 -22.97
CA THR A 98 9.14 13.70 -24.37
C THR A 98 9.52 12.35 -24.99
N PRO A 99 8.71 11.77 -25.87
CA PRO A 99 9.05 10.47 -26.52
C PRO A 99 10.21 10.60 -27.52
N THR A 100 10.99 9.53 -27.66
CA THR A 100 12.10 9.53 -28.61
C THR A 100 12.04 8.25 -29.43
N SER A 101 12.59 8.28 -30.63
CA SER A 101 12.57 7.10 -31.48
C SER A 101 13.36 5.97 -30.83
N THR A 102 14.49 6.31 -30.24
CA THR A 102 15.34 5.32 -29.59
C THR A 102 14.68 4.74 -28.35
N VAL A 103 13.95 5.57 -27.59
CA VAL A 103 13.30 5.09 -26.36
C VAL A 103 11.81 5.42 -26.32
N SER A 104 11.01 4.42 -26.02
CA SER A 104 9.56 4.61 -25.88
C SER A 104 9.29 5.36 -24.58
N SER A 105 8.29 6.23 -24.56
CA SER A 105 7.97 6.98 -23.35
C SER A 105 7.55 6.03 -22.23
N ILE A 106 6.77 5.01 -22.58
CA ILE A 106 6.29 4.04 -21.60
C ILE A 106 6.56 2.62 -22.07
N GLY A 107 6.71 1.71 -21.10
CA GLY A 107 6.96 0.30 -21.39
C GLY A 107 5.91 -0.58 -20.71
N ASN A 108 4.70 -0.05 -20.55
CA ASN A 108 3.60 -0.78 -19.89
C ASN A 108 2.62 -1.34 -20.92
N THR A 109 2.10 -2.52 -20.62
CA THR A 109 1.13 -3.19 -21.49
C THR A 109 -0.06 -3.67 -20.65
N ASN A 110 -1.20 -3.90 -21.28
CA ASN A 110 -2.38 -4.37 -20.57
C ASN A 110 -2.68 -3.50 -19.34
N GLY A 111 -1.93 -2.42 -19.18
CA GLY A 111 -2.12 -1.53 -18.05
C GLY A 111 -1.39 -2.03 -16.81
N GLU A 112 -0.55 -3.04 -17.00
CA GLU A 112 0.22 -3.65 -15.91
C GLU A 112 -0.73 -4.38 -14.96
N GLU A 113 -1.49 -5.31 -15.53
CA GLU A 113 -2.49 -6.07 -14.77
C GLU A 113 -1.85 -6.86 -13.62
N VAL A 114 -0.54 -6.79 -13.51
CA VAL A 114 0.18 -7.49 -12.45
C VAL A 114 0.01 -6.77 -11.10
N GLY A 115 -0.71 -5.66 -11.14
CA GLY A 115 -0.96 -4.85 -9.95
C GLY A 115 -1.17 -5.69 -8.68
N PRO A 116 -2.15 -6.55 -8.66
CA PRO A 116 -2.48 -7.41 -7.47
C PRO A 116 -1.27 -8.22 -6.97
N SER A 117 -0.44 -8.69 -7.90
CA SER A 117 0.72 -9.50 -7.57
C SER A 117 1.69 -8.75 -6.65
N VAL A 118 1.81 -7.44 -6.84
CA VAL A 118 2.78 -6.70 -6.04
C VAL A 118 2.43 -6.85 -4.55
N TYR A 119 1.17 -6.65 -4.22
CA TYR A 119 0.71 -6.81 -2.83
C TYR A 119 0.93 -8.22 -2.31
N LEU A 120 0.58 -9.18 -3.13
CA LEU A 120 0.74 -10.57 -2.73
C LEU A 120 2.23 -10.89 -2.54
N GLU A 121 3.04 -10.44 -3.47
CA GLU A 121 4.46 -10.73 -3.42
C GLU A 121 5.21 -9.96 -2.32
N ARG A 122 5.01 -8.67 -2.23
CA ARG A 122 5.78 -7.89 -1.23
C ARG A 122 5.39 -8.33 0.19
N LEU A 123 4.10 -8.43 0.42
CA LEU A 123 3.62 -8.77 1.75
C LEU A 123 4.11 -10.14 2.17
N LYS A 124 4.08 -11.10 1.26
CA LYS A 124 4.55 -12.44 1.61
C LYS A 124 6.03 -12.33 2.04
N ILE A 125 6.81 -11.64 1.25
CA ILE A 125 8.25 -11.55 1.51
C ILE A 125 8.52 -10.89 2.87
N LEU A 126 7.84 -9.81 3.23
CA LEU A 126 8.06 -9.22 4.55
C LEU A 126 7.64 -10.27 5.60
N ARG A 127 6.50 -10.87 5.28
CA ARG A 127 5.82 -11.85 6.16
C ARG A 127 6.70 -13.07 6.46
N GLN A 128 7.41 -13.61 5.46
CA GLN A 128 8.26 -14.77 5.71
C GLN A 128 9.28 -14.46 6.79
N ARG A 129 9.82 -13.25 6.76
CA ARG A 129 10.81 -12.84 7.75
C ARG A 129 10.16 -12.81 9.13
N CYS A 130 8.90 -12.40 9.20
CA CYS A 130 8.18 -12.30 10.47
C CYS A 130 7.98 -13.68 11.11
N GLY A 131 7.71 -14.71 10.30
CA GLY A 131 7.50 -16.06 10.85
C GLY A 131 8.37 -17.10 10.15
N LEU A 132 9.18 -17.81 10.93
CA LEU A 132 10.02 -18.88 10.37
C LEU A 132 9.15 -20.01 9.79
N ASP A 133 8.10 -20.37 10.54
CA ASP A 133 7.23 -21.49 10.15
C ASP A 133 6.35 -21.12 8.96
N ASN A 134 6.96 -20.54 7.93
CA ASN A 134 6.23 -20.16 6.73
C ASN A 134 6.44 -21.21 5.62
N THR A 135 7.02 -22.36 5.96
CA THR A 135 7.27 -23.41 4.98
C THR A 135 6.06 -24.28 4.71
N LYS A 136 6.15 -25.06 3.65
CA LYS A 136 5.09 -25.95 3.24
C LYS A 136 5.68 -27.27 2.72
N GLN A 137 4.93 -28.35 2.87
CA GLN A 137 5.38 -29.66 2.44
C GLN A 137 5.46 -29.71 0.91
N ASP A 138 6.58 -30.24 0.41
CA ASP A 138 6.79 -30.36 -1.04
C ASP A 138 6.35 -31.75 -1.54
N ASP A 139 5.87 -32.59 -0.62
CA ASP A 139 5.50 -33.95 -0.97
C ASP A 139 4.36 -34.01 -1.99
N ARG A 140 3.36 -33.14 -1.85
CA ARG A 140 2.23 -33.13 -2.79
C ARG A 140 1.82 -34.55 -3.17
N PRO A 141 1.24 -35.29 -2.25
CA PRO A 141 0.79 -36.69 -2.51
C PRO A 141 -0.21 -36.77 -3.66
N ALA A 1 -23.25 -7.74 25.32
CA ALA A 1 -22.24 -8.46 24.48
C ALA A 1 -21.13 -8.99 25.37
N SER A 2 -20.49 -10.06 24.93
CA SER A 2 -19.40 -10.63 25.69
C SER A 2 -18.17 -9.71 25.62
N ARG A 3 -17.41 -9.68 26.71
CA ARG A 3 -16.23 -8.81 26.79
C ARG A 3 -15.19 -9.17 25.72
N ILE A 4 -14.95 -10.46 25.52
CA ILE A 4 -13.98 -10.91 24.54
C ILE A 4 -14.45 -10.69 23.12
N ASP A 5 -15.75 -10.50 22.95
CA ASP A 5 -16.29 -10.27 21.62
C ASP A 5 -15.68 -8.98 21.07
N GLU A 6 -15.53 -8.01 21.96
CA GLU A 6 -14.95 -6.73 21.60
C GLU A 6 -13.49 -6.91 21.19
N LYS A 7 -12.81 -7.86 21.86
CA LYS A 7 -11.40 -8.11 21.56
C LYS A 7 -11.25 -8.59 20.12
N SER A 8 -12.16 -9.47 19.70
CA SER A 8 -12.13 -10.02 18.36
C SER A 8 -12.29 -8.94 17.29
N SER A 9 -13.22 -8.01 17.52
CA SER A 9 -13.48 -6.96 16.54
C SER A 9 -12.25 -6.10 16.26
N LYS A 10 -11.51 -5.73 17.30
CA LYS A 10 -10.31 -4.91 17.14
C LYS A 10 -9.05 -5.76 16.99
N ALA A 11 -9.05 -6.94 17.57
CA ALA A 11 -7.87 -7.79 17.48
C ALA A 11 -7.54 -8.16 16.02
N LYS A 12 -8.56 -8.59 15.28
CA LYS A 12 -8.35 -8.98 13.88
C LYS A 12 -7.94 -7.80 13.00
N VAL A 13 -8.65 -6.71 13.17
CA VAL A 13 -8.43 -5.52 12.35
C VAL A 13 -7.05 -4.91 12.59
N ASN A 14 -6.63 -4.93 13.83
CA ASN A 14 -5.34 -4.36 14.17
C ASN A 14 -4.23 -5.12 13.45
N ASP A 15 -4.35 -6.43 13.41
CA ASP A 15 -3.33 -7.25 12.76
C ASP A 15 -3.24 -6.92 11.28
N PHE A 16 -4.40 -6.75 10.64
CA PHE A 16 -4.43 -6.40 9.22
C PHE A 16 -3.73 -5.07 9.01
N LEU A 17 -4.07 -4.12 9.87
CA LEU A 17 -3.48 -2.79 9.82
C LEU A 17 -1.98 -2.87 10.06
N ALA A 18 -1.61 -3.72 10.99
CA ALA A 18 -0.22 -3.89 11.37
C ALA A 18 0.60 -4.28 10.16
N GLU A 19 0.02 -5.05 9.25
CA GLU A 19 0.74 -5.44 8.05
C GLU A 19 0.98 -4.23 7.16
N ILE A 20 -0.02 -3.37 7.12
CA ILE A 20 0.07 -2.15 6.32
C ILE A 20 1.17 -1.25 6.87
N PHE A 21 1.23 -1.13 8.19
CA PHE A 21 2.26 -0.29 8.82
C PHE A 21 3.65 -0.84 8.51
N LYS A 22 3.85 -2.14 8.59
CA LYS A 22 5.16 -2.72 8.33
C LYS A 22 5.60 -2.36 6.91
N LYS A 23 4.68 -2.37 5.99
CA LYS A 23 5.00 -1.95 4.63
C LYS A 23 5.42 -0.48 4.62
N ILE A 24 4.71 0.32 5.41
CA ILE A 24 5.02 1.75 5.51
C ILE A 24 6.41 1.95 6.13
N GLY A 25 6.68 1.17 7.16
CA GLY A 25 7.94 1.26 7.86
C GLY A 25 9.12 0.98 6.94
N SER A 26 8.99 -0.01 6.05
CA SER A 26 10.08 -0.30 5.12
C SER A 26 10.13 0.80 4.05
N LYS A 27 11.34 1.14 3.62
CA LYS A 27 11.49 2.17 2.58
C LYS A 27 10.95 1.65 1.25
N GLU A 28 11.29 0.39 0.96
CA GLU A 28 10.89 -0.23 -0.31
C GLU A 28 9.38 -0.32 -0.45
N ASN A 29 8.70 -0.74 0.60
CA ASN A 29 7.25 -0.95 0.54
C ASN A 29 6.43 0.28 0.94
N THR A 30 7.05 1.45 1.09
CA THR A 30 6.31 2.63 1.53
C THR A 30 5.18 3.03 0.57
N LYS A 31 5.42 2.96 -0.73
CA LYS A 31 4.38 3.32 -1.69
C LYS A 31 3.21 2.34 -1.58
N GLU A 32 3.55 1.07 -1.43
CA GLU A 32 2.55 0.03 -1.35
C GLU A 32 1.70 0.18 -0.09
N GLY A 33 2.37 0.41 1.03
CA GLY A 33 1.67 0.55 2.31
C GLY A 33 0.82 1.82 2.38
N LEU A 34 1.38 2.93 1.90
CA LEU A 34 0.64 4.18 1.93
C LEU A 34 -0.60 4.09 1.04
N ALA A 35 -0.38 3.51 -0.13
CA ALA A 35 -1.45 3.40 -1.12
C ALA A 35 -2.62 2.58 -0.59
N GLU A 36 -2.32 1.50 0.12
CA GLU A 36 -3.38 0.70 0.69
C GLU A 36 -4.06 1.43 1.84
N LEU A 37 -3.27 2.12 2.66
CA LEU A 37 -3.84 2.86 3.78
C LEU A 37 -4.78 3.94 3.26
N TYR A 38 -4.36 4.63 2.20
CA TYR A 38 -5.21 5.66 1.61
C TYR A 38 -6.51 5.05 1.14
N GLU A 39 -6.41 3.92 0.43
CA GLU A 39 -7.61 3.24 -0.06
C GLU A 39 -8.48 2.78 1.11
N TYR A 40 -7.86 2.19 2.12
CA TYR A 40 -8.63 1.70 3.28
C TYR A 40 -9.34 2.88 3.95
N LYS A 41 -8.62 3.99 4.11
CA LYS A 41 -9.19 5.18 4.72
C LYS A 41 -10.37 5.66 3.89
N LYS A 42 -10.24 5.53 2.58
CA LYS A 42 -11.31 5.92 1.67
C LYS A 42 -12.55 5.05 1.92
N LYS A 43 -12.31 3.76 2.14
CA LYS A 43 -13.38 2.79 2.42
C LYS A 43 -14.11 3.13 3.73
N TYR A 44 -13.31 3.43 4.76
CA TYR A 44 -13.84 3.72 6.11
C TYR A 44 -13.77 5.20 6.47
N SER A 45 -13.46 6.04 5.49
CA SER A 45 -13.39 7.48 5.74
C SER A 45 -12.71 7.78 7.07
N ASP A 46 -11.77 6.93 7.45
CA ASP A 46 -11.06 7.09 8.72
C ASP A 46 -12.03 6.90 9.88
N ALA A 47 -12.92 5.93 9.73
CA ALA A 47 -13.93 5.63 10.74
C ALA A 47 -13.48 4.53 11.70
N ASP A 48 -12.19 4.16 11.70
CA ASP A 48 -11.74 3.12 12.61
C ASP A 48 -10.24 3.22 12.93
N ILE A 49 -9.49 3.89 12.06
CA ILE A 49 -8.03 3.94 12.25
C ILE A 49 -7.54 4.65 13.53
N GLU A 50 -8.08 5.83 13.90
CA GLU A 50 -7.55 6.58 15.05
C GLU A 50 -7.18 5.75 16.30
N PRO A 51 -8.00 4.86 16.80
CA PRO A 51 -7.60 4.07 18.01
C PRO A 51 -6.23 3.43 17.82
N PHE A 52 -5.96 2.93 16.63
CA PHE A 52 -4.68 2.30 16.31
C PHE A 52 -3.55 3.32 16.47
N LEU A 53 -3.79 4.53 15.94
CA LEU A 53 -2.72 5.54 15.93
C LEU A 53 -2.30 5.85 17.36
N LYS A 54 -3.28 6.03 18.26
CA LYS A 54 -2.99 6.34 19.67
C LYS A 54 -2.23 5.19 20.33
N ASN A 55 -2.60 3.98 19.93
CA ASN A 55 -2.00 2.77 20.46
C ASN A 55 -0.50 2.72 20.16
N SER A 56 -0.10 3.18 18.98
CA SER A 56 1.33 3.20 18.61
C SER A 56 1.99 4.47 19.17
N SER A 57 3.29 4.63 18.92
CA SER A 57 4.01 5.81 19.42
C SER A 57 3.44 7.09 18.79
N GLN A 58 3.40 8.17 19.58
CA GLN A 58 2.81 9.45 19.12
C GLN A 58 3.55 10.13 17.97
N PHE A 59 4.88 10.12 17.99
CA PHE A 59 5.66 10.80 16.95
C PHE A 59 5.43 10.22 15.55
N PHE A 60 5.37 8.90 15.49
CA PHE A 60 5.19 8.18 14.22
C PHE A 60 3.83 8.47 13.57
N GLN A 61 2.85 8.87 14.38
CA GLN A 61 1.51 9.14 13.87
C GLN A 61 1.43 10.34 12.93
N SER A 62 2.16 11.41 13.22
CA SER A 62 2.08 12.61 12.40
C SER A 62 2.53 12.35 10.96
N TYR A 63 3.63 11.63 10.78
CA TYR A 63 4.16 11.37 9.44
C TYR A 63 3.19 10.59 8.56
N VAL A 64 2.57 9.55 9.09
CA VAL A 64 1.66 8.75 8.29
C VAL A 64 0.49 9.62 7.82
N GLU A 65 -0.04 10.44 8.71
CA GLU A 65 -1.17 11.29 8.33
C GLU A 65 -0.75 12.26 7.22
N ARG A 66 0.42 12.85 7.36
CA ARG A 66 0.93 13.79 6.36
C ARG A 66 1.16 13.09 5.01
N GLY A 67 1.71 11.89 5.07
CA GLY A 67 2.03 11.14 3.85
C GLY A 67 0.80 10.82 3.03
N LEU A 68 -0.34 10.59 3.66
CA LEU A 68 -1.56 10.23 2.93
C LEU A 68 -2.05 11.31 1.98
N ARG A 69 -1.98 12.57 2.38
CA ARG A 69 -2.43 13.64 1.49
C ARG A 69 -1.61 13.69 0.20
N VAL A 70 -0.30 13.58 0.32
CA VAL A 70 0.56 13.64 -0.86
C VAL A 70 0.27 12.48 -1.82
N ILE A 71 -0.15 11.31 -1.30
CA ILE A 71 -0.42 10.20 -2.24
C ILE A 71 -1.55 10.67 -3.15
N GLU A 72 -2.58 11.28 -2.54
CA GLU A 72 -3.75 11.71 -3.29
C GLU A 72 -3.36 12.72 -4.36
N MET A 73 -2.37 13.55 -4.06
CA MET A 73 -1.93 14.57 -5.01
C MET A 73 -1.41 13.90 -6.29
N GLU A 74 -0.73 12.79 -6.16
CA GLU A 74 -0.23 12.05 -7.32
C GLU A 74 -1.40 11.53 -8.14
N ARG A 75 -2.44 11.08 -7.43
CA ARG A 75 -3.64 10.54 -8.05
C ARG A 75 -4.34 11.62 -8.85
N GLU A 76 -4.31 12.85 -8.34
CA GLU A 76 -4.93 13.98 -9.02
C GLU A 76 -4.22 14.27 -10.34
N GLY A 77 -2.90 14.06 -10.36
CA GLY A 77 -2.11 14.31 -11.58
C GLY A 77 -1.58 15.74 -11.64
N LYS A 78 -1.66 16.44 -10.51
CA LYS A 78 -1.23 17.84 -10.42
C LYS A 78 0.07 18.13 -11.18
N GLY A 79 0.77 17.08 -11.64
CA GLY A 79 2.02 17.30 -12.40
C GLY A 79 3.26 16.97 -11.57
N ARG A 80 3.05 16.65 -10.31
CA ARG A 80 4.16 16.27 -9.43
C ARG A 80 4.79 14.98 -9.95
N ILE A 81 3.93 14.11 -10.47
CA ILE A 81 4.37 12.83 -11.00
C ILE A 81 5.29 13.03 -12.21
N SER A 82 4.93 13.95 -13.09
CA SER A 82 5.73 14.20 -14.28
C SER A 82 5.67 12.99 -15.21
N THR A 83 4.73 13.02 -16.15
CA THR A 83 4.55 11.91 -17.09
C THR A 83 4.13 12.43 -18.46
N SER A 84 4.27 11.59 -19.49
CA SER A 84 3.90 11.98 -20.86
C SER A 84 3.24 10.83 -21.59
N THR A 85 2.53 11.15 -22.66
CA THR A 85 1.84 10.14 -23.46
C THR A 85 2.85 9.24 -24.13
N GLY A 86 4.00 9.80 -24.46
CA GLY A 86 5.06 9.04 -25.13
C GLY A 86 5.85 9.94 -26.07
N ILE A 87 6.76 10.75 -25.51
CA ILE A 87 7.56 11.67 -26.32
C ILE A 87 8.99 11.18 -26.41
N SER A 88 9.49 11.12 -27.63
CA SER A 88 10.86 10.69 -27.90
C SER A 88 11.70 11.93 -28.20
N PRO A 89 12.96 11.96 -27.85
CA PRO A 89 13.81 13.16 -28.12
C PRO A 89 13.92 13.44 -29.62
N GLN A 90 13.92 14.72 -29.96
CA GLN A 90 14.03 15.14 -31.35
C GLN A 90 15.08 16.25 -31.48
N MET A 91 16.00 16.11 -32.42
CA MET A 91 16.99 17.15 -32.61
C MET A 91 16.25 18.42 -33.04
N GLU A 92 15.33 18.22 -33.98
CA GLU A 92 14.49 19.29 -34.50
C GLU A 92 13.02 18.96 -34.25
N VAL A 93 12.40 18.26 -35.21
CA VAL A 93 11.01 17.85 -35.11
C VAL A 93 10.84 16.47 -35.73
N THR A 94 10.03 15.61 -35.11
CA THR A 94 9.78 14.27 -35.64
C THR A 94 8.30 14.05 -35.94
N CYS A 95 8.02 13.60 -37.15
CA CYS A 95 6.65 13.31 -37.56
C CYS A 95 6.12 12.15 -36.74
N VAL A 96 6.99 11.19 -36.50
CA VAL A 96 6.65 9.97 -35.75
C VAL A 96 7.84 9.56 -34.86
N PRO A 97 7.62 9.06 -33.66
CA PRO A 97 8.77 8.60 -32.83
C PRO A 97 9.53 7.49 -33.55
N THR A 98 10.85 7.48 -33.38
CA THR A 98 11.68 6.48 -34.05
C THR A 98 11.56 5.12 -33.34
N PRO A 99 11.14 4.06 -34.02
CA PRO A 99 11.02 2.71 -33.39
C PRO A 99 12.40 2.12 -33.10
N THR A 100 12.51 1.30 -32.06
CA THR A 100 13.78 0.68 -31.70
C THR A 100 13.59 -0.81 -31.46
N SER A 101 14.69 -1.57 -31.57
CA SER A 101 14.63 -3.03 -31.37
C SER A 101 13.26 -3.59 -31.77
N THR A 102 12.92 -3.43 -33.04
CA THR A 102 11.62 -3.88 -33.55
C THR A 102 10.51 -3.61 -32.54
N VAL A 103 10.20 -2.33 -32.40
CA VAL A 103 9.15 -1.88 -31.49
C VAL A 103 8.11 -1.07 -32.26
N SER A 104 6.84 -1.40 -32.04
CA SER A 104 5.75 -0.68 -32.71
C SER A 104 4.64 -0.38 -31.71
N SER A 105 3.81 -1.39 -31.43
CA SER A 105 2.71 -1.26 -30.49
C SER A 105 3.24 -1.21 -29.06
N ILE A 106 2.55 -0.48 -28.19
CA ILE A 106 2.95 -0.38 -26.78
C ILE A 106 2.53 -1.64 -26.03
N GLY A 107 1.63 -2.40 -26.67
CA GLY A 107 1.14 -3.66 -26.10
C GLY A 107 -0.20 -3.50 -25.39
N ASN A 108 -0.52 -2.27 -24.98
CA ASN A 108 -1.79 -2.01 -24.32
C ASN A 108 -1.94 -2.90 -23.10
N THR A 109 -0.87 -3.06 -22.36
CA THR A 109 -0.90 -3.91 -21.17
C THR A 109 -1.81 -3.30 -20.10
N ASN A 110 -1.82 -1.98 -20.03
CA ASN A 110 -2.69 -1.28 -19.09
C ASN A 110 -2.52 -1.81 -17.68
N GLY A 111 -1.30 -2.08 -17.27
CA GLY A 111 -1.08 -2.63 -15.94
C GLY A 111 -1.49 -4.11 -15.93
N GLU A 112 -1.09 -4.81 -16.98
CA GLU A 112 -1.41 -6.23 -17.13
C GLU A 112 -0.73 -7.06 -16.05
N GLU A 113 0.44 -6.62 -15.63
CA GLU A 113 1.22 -7.33 -14.61
C GLU A 113 0.43 -7.48 -13.29
N VAL A 114 -0.89 -7.34 -13.37
CA VAL A 114 -1.75 -7.52 -12.19
C VAL A 114 -1.19 -6.81 -10.96
N GLY A 115 -1.79 -5.66 -10.64
CA GLY A 115 -1.37 -4.86 -9.48
C GLY A 115 -1.56 -5.58 -8.15
N PRO A 116 -2.66 -6.27 -7.97
CA PRO A 116 -2.94 -7.04 -6.71
C PRO A 116 -1.79 -7.98 -6.35
N SER A 117 -1.13 -8.53 -7.37
CA SER A 117 -0.01 -9.44 -7.14
C SER A 117 1.10 -8.73 -6.35
N VAL A 118 1.25 -7.44 -6.56
CA VAL A 118 2.31 -6.70 -5.87
C VAL A 118 2.09 -6.86 -4.36
N TYR A 119 0.85 -6.66 -3.93
CA TYR A 119 0.49 -6.82 -2.53
C TYR A 119 0.74 -8.24 -2.02
N LEU A 120 0.35 -9.20 -2.81
CA LEU A 120 0.56 -10.58 -2.42
C LEU A 120 2.05 -10.87 -2.30
N GLU A 121 2.80 -10.40 -3.28
CA GLU A 121 4.24 -10.65 -3.31
C GLU A 121 5.02 -9.88 -2.25
N ARG A 122 4.78 -8.57 -2.11
CA ARG A 122 5.56 -7.80 -1.14
C ARG A 122 5.26 -8.27 0.28
N LEU A 123 3.99 -8.41 0.59
CA LEU A 123 3.58 -8.77 1.93
C LEU A 123 4.13 -10.14 2.32
N LYS A 124 4.09 -11.09 1.39
CA LYS A 124 4.60 -12.42 1.72
C LYS A 124 6.09 -12.28 2.08
N ILE A 125 6.81 -11.53 1.27
CA ILE A 125 8.26 -11.42 1.48
C ILE A 125 8.57 -10.78 2.85
N LEU A 126 7.87 -9.73 3.24
CA LEU A 126 8.13 -9.16 4.56
C LEU A 126 7.77 -10.23 5.62
N ARG A 127 6.64 -10.87 5.33
CA ARG A 127 6.04 -11.88 6.22
C ARG A 127 6.99 -13.07 6.46
N GLN A 128 7.66 -13.55 5.41
CA GLN A 128 8.59 -14.68 5.57
C GLN A 128 9.71 -14.28 6.52
N ARG A 129 10.15 -13.03 6.42
CA ARG A 129 11.21 -12.55 7.29
C ARG A 129 10.73 -12.65 8.73
N CYS A 130 9.46 -12.29 8.95
CA CYS A 130 8.87 -12.35 10.28
C CYS A 130 8.73 -13.81 10.74
N GLY A 131 8.40 -14.71 9.81
CA GLY A 131 8.25 -16.13 10.12
C GLY A 131 8.95 -16.97 9.06
N LEU A 132 9.80 -17.90 9.49
CA LEU A 132 10.51 -18.75 8.54
C LEU A 132 9.55 -19.61 7.72
N ASP A 133 8.55 -20.19 8.40
CA ASP A 133 7.58 -21.05 7.72
C ASP A 133 6.14 -20.61 8.03
N ASN A 134 5.52 -19.91 7.09
CA ASN A 134 4.13 -19.46 7.26
C ASN A 134 3.19 -20.42 6.54
N THR A 135 2.52 -21.28 7.30
CA THR A 135 1.59 -22.25 6.72
C THR A 135 0.30 -22.29 7.52
N LYS A 136 -0.76 -22.83 6.92
CA LYS A 136 -2.07 -22.94 7.59
C LYS A 136 -2.32 -24.41 7.94
N GLN A 137 -3.58 -24.78 8.10
CA GLN A 137 -3.89 -26.17 8.44
C GLN A 137 -3.42 -27.09 7.32
N ASP A 138 -2.67 -28.12 7.69
CA ASP A 138 -2.14 -29.05 6.69
C ASP A 138 -3.26 -29.78 5.96
N ASP A 139 -4.31 -30.16 6.70
CA ASP A 139 -5.44 -30.88 6.11
C ASP A 139 -4.95 -32.13 5.36
N ARG A 140 -5.73 -33.21 5.44
CA ARG A 140 -5.37 -34.48 4.77
C ARG A 140 -4.59 -34.24 3.47
N PRO A 141 -3.28 -34.29 3.48
CA PRO A 141 -2.46 -34.06 2.25
C PRO A 141 -2.86 -35.00 1.12
N ALA A 1 -16.81 -20.37 24.01
CA ALA A 1 -16.47 -19.52 22.83
C ALA A 1 -16.35 -18.07 23.27
N SER A 2 -16.11 -17.87 24.56
CA SER A 2 -15.97 -16.53 25.11
C SER A 2 -14.54 -16.02 24.95
N ARG A 3 -13.66 -16.89 24.49
CA ARG A 3 -12.26 -16.51 24.33
C ARG A 3 -12.14 -15.40 23.29
N ILE A 4 -12.92 -15.52 22.21
CA ILE A 4 -12.90 -14.52 21.15
C ILE A 4 -13.65 -13.27 21.56
N ASP A 5 -14.52 -13.39 22.56
CA ASP A 5 -15.28 -12.25 23.03
C ASP A 5 -14.34 -11.19 23.60
N GLU A 6 -13.29 -11.65 24.25
CA GLU A 6 -12.31 -10.76 24.83
C GLU A 6 -11.58 -10.01 23.72
N LYS A 7 -11.31 -10.73 22.62
CA LYS A 7 -10.64 -10.14 21.47
C LYS A 7 -11.47 -10.36 20.20
N SER A 8 -12.05 -9.28 19.70
CA SER A 8 -12.89 -9.36 18.49
C SER A 8 -12.96 -7.99 17.81
N SER A 9 -13.19 -7.99 16.49
CA SER A 9 -13.31 -6.75 15.71
C SER A 9 -11.99 -6.02 15.63
N LYS A 10 -11.63 -5.32 16.70
CA LYS A 10 -10.39 -4.56 16.73
C LYS A 10 -9.17 -5.46 16.65
N ALA A 11 -9.25 -6.63 17.26
CA ALA A 11 -8.10 -7.53 17.25
C ALA A 11 -7.71 -7.95 15.81
N LYS A 12 -8.70 -8.38 15.03
CA LYS A 12 -8.42 -8.81 13.65
C LYS A 12 -7.93 -7.66 12.76
N VAL A 13 -8.64 -6.54 12.87
CA VAL A 13 -8.36 -5.37 12.04
C VAL A 13 -6.98 -4.79 12.33
N ASN A 14 -6.61 -4.81 13.59
CA ASN A 14 -5.32 -4.26 13.97
C ASN A 14 -4.22 -5.04 13.27
N ASP A 15 -4.35 -6.35 13.24
CA ASP A 15 -3.34 -7.19 12.59
C ASP A 15 -3.22 -6.86 11.11
N PHE A 16 -4.36 -6.68 10.44
CA PHE A 16 -4.37 -6.34 9.03
C PHE A 16 -3.66 -5.00 8.81
N LEU A 17 -3.99 -4.05 9.67
CA LEU A 17 -3.40 -2.73 9.62
C LEU A 17 -1.91 -2.82 9.89
N ALA A 18 -1.55 -3.67 10.82
CA ALA A 18 -0.18 -3.85 11.22
C ALA A 18 0.66 -4.26 10.03
N GLU A 19 0.09 -5.05 9.12
CA GLU A 19 0.82 -5.45 7.93
C GLU A 19 1.09 -4.25 7.04
N ILE A 20 0.09 -3.38 6.95
CA ILE A 20 0.21 -2.17 6.16
C ILE A 20 1.30 -1.26 6.74
N PHE A 21 1.32 -1.13 8.06
CA PHE A 21 2.34 -0.29 8.70
C PHE A 21 3.73 -0.85 8.41
N LYS A 22 3.90 -2.16 8.50
CA LYS A 22 5.21 -2.76 8.28
C LYS A 22 5.70 -2.41 6.88
N LYS A 23 4.79 -2.39 5.93
CA LYS A 23 5.16 -1.97 4.59
C LYS A 23 5.58 -0.51 4.61
N ILE A 24 4.87 0.31 5.37
CA ILE A 24 5.21 1.73 5.49
C ILE A 24 6.58 1.91 6.14
N GLY A 25 6.82 1.12 7.18
CA GLY A 25 8.08 1.20 7.92
C GLY A 25 9.27 0.91 7.01
N SER A 26 9.14 -0.07 6.11
CA SER A 26 10.23 -0.37 5.19
C SER A 26 10.30 0.75 4.15
N LYS A 27 11.51 1.10 3.72
CA LYS A 27 11.68 2.12 2.71
C LYS A 27 11.17 1.64 1.35
N GLU A 28 11.51 0.39 1.05
CA GLU A 28 11.14 -0.21 -0.23
C GLU A 28 9.63 -0.30 -0.41
N ASN A 29 8.93 -0.73 0.64
CA ASN A 29 7.48 -0.93 0.55
C ASN A 29 6.66 0.30 0.95
N THR A 30 7.31 1.47 1.14
CA THR A 30 6.58 2.66 1.57
C THR A 30 5.47 3.09 0.62
N LYS A 31 5.72 3.06 -0.68
CA LYS A 31 4.69 3.46 -1.64
C LYS A 31 3.50 2.50 -1.57
N GLU A 32 3.83 1.23 -1.46
CA GLU A 32 2.82 0.18 -1.41
C GLU A 32 1.96 0.29 -0.16
N GLY A 33 2.62 0.50 0.98
CA GLY A 33 1.93 0.60 2.25
C GLY A 33 1.06 1.85 2.35
N LEU A 34 1.59 2.98 1.88
CA LEU A 34 0.84 4.22 1.91
C LEU A 34 -0.39 4.13 1.03
N ALA A 35 -0.18 3.54 -0.14
CA ALA A 35 -1.25 3.40 -1.13
C ALA A 35 -2.41 2.57 -0.59
N GLU A 36 -2.11 1.49 0.11
CA GLU A 36 -3.17 0.68 0.68
C GLU A 36 -3.85 1.40 1.82
N LEU A 37 -3.06 2.10 2.63
CA LEU A 37 -3.63 2.83 3.76
C LEU A 37 -4.58 3.90 3.25
N TYR A 38 -4.16 4.58 2.20
CA TYR A 38 -5.01 5.62 1.60
C TYR A 38 -6.31 4.98 1.11
N GLU A 39 -6.19 3.86 0.41
CA GLU A 39 -7.38 3.19 -0.10
C GLU A 39 -8.26 2.73 1.06
N TYR A 40 -7.66 2.14 2.08
CA TYR A 40 -8.43 1.67 3.23
C TYR A 40 -9.13 2.85 3.89
N LYS A 41 -8.42 3.96 4.05
CA LYS A 41 -8.97 5.14 4.68
C LYS A 41 -10.14 5.64 3.85
N LYS A 42 -10.02 5.51 2.54
CA LYS A 42 -11.07 5.90 1.62
C LYS A 42 -12.32 5.04 1.86
N LYS A 43 -12.09 3.75 2.11
CA LYS A 43 -13.18 2.82 2.39
C LYS A 43 -13.92 3.19 3.68
N TYR A 44 -13.13 3.50 4.71
CA TYR A 44 -13.68 3.83 6.05
C TYR A 44 -13.60 5.30 6.39
N SER A 45 -13.28 6.13 5.41
CA SER A 45 -13.19 7.58 5.64
C SER A 45 -12.51 7.89 6.98
N ASP A 46 -11.56 7.05 7.35
CA ASP A 46 -10.83 7.23 8.61
C ASP A 46 -11.80 7.06 9.79
N ALA A 47 -12.70 6.11 9.63
CA ALA A 47 -13.72 5.83 10.63
C ALA A 47 -13.31 4.71 11.58
N ASP A 48 -12.04 4.29 11.56
CA ASP A 48 -11.59 3.22 12.48
C ASP A 48 -10.08 3.32 12.81
N ILE A 49 -9.32 3.98 11.94
CA ILE A 49 -7.86 4.01 12.14
C ILE A 49 -7.39 4.70 13.44
N GLU A 50 -7.92 5.87 13.79
CA GLU A 50 -7.42 6.62 14.98
C GLU A 50 -6.98 5.76 16.19
N PRO A 51 -7.79 4.91 16.77
CA PRO A 51 -7.33 4.11 17.95
C PRO A 51 -6.00 3.42 17.69
N PHE A 52 -5.80 2.92 16.48
CA PHE A 52 -4.55 2.28 16.16
C PHE A 52 -3.42 3.29 16.32
N LEU A 53 -3.65 4.50 15.80
CA LEU A 53 -2.59 5.51 15.80
C LEU A 53 -2.16 5.86 17.25
N LYS A 54 -3.10 6.07 18.17
CA LYS A 54 -2.71 6.43 19.55
C LYS A 54 -2.00 5.27 20.23
N ASN A 55 -2.34 4.07 19.82
CA ASN A 55 -1.79 2.84 20.37
C ASN A 55 -0.28 2.76 20.14
N SER A 56 0.16 3.20 18.97
CA SER A 56 1.58 3.21 18.61
C SER A 56 2.26 4.47 19.18
N SER A 57 3.56 4.64 18.91
CA SER A 57 4.25 5.83 19.41
C SER A 57 3.61 7.06 18.78
N GLN A 58 3.49 8.14 19.55
CA GLN A 58 2.80 9.35 19.10
C GLN A 58 3.51 10.07 17.93
N PHE A 59 4.84 10.14 17.96
CA PHE A 59 5.60 10.85 16.92
C PHE A 59 5.39 10.27 15.52
N PHE A 60 5.46 8.95 15.44
CA PHE A 60 5.33 8.23 14.17
C PHE A 60 3.98 8.50 13.50
N GLN A 61 2.99 8.88 14.29
CA GLN A 61 1.64 9.14 13.79
C GLN A 61 1.56 10.36 12.86
N SER A 62 2.29 11.42 13.15
CA SER A 62 2.21 12.62 12.32
C SER A 62 2.65 12.38 10.87
N TYR A 63 3.76 11.67 10.70
CA TYR A 63 4.31 11.40 9.37
C TYR A 63 3.35 10.61 8.48
N VAL A 64 2.74 9.56 9.04
CA VAL A 64 1.85 8.74 8.22
C VAL A 64 0.68 9.59 7.74
N GLU A 65 0.14 10.41 8.62
CA GLU A 65 -1.01 11.25 8.25
C GLU A 65 -0.60 12.23 7.13
N ARG A 66 0.58 12.83 7.26
CA ARG A 66 1.07 13.78 6.25
C ARG A 66 1.28 13.10 4.89
N GLY A 67 1.84 11.91 4.94
CA GLY A 67 2.16 11.16 3.72
C GLY A 67 0.91 10.82 2.91
N LEU A 68 -0.20 10.55 3.58
CA LEU A 68 -1.42 10.17 2.88
C LEU A 68 -1.95 11.27 1.95
N ARG A 69 -1.89 12.54 2.36
CA ARG A 69 -2.39 13.60 1.49
C ARG A 69 -1.59 13.67 0.19
N VAL A 70 -0.27 13.57 0.28
CA VAL A 70 0.56 13.65 -0.92
C VAL A 70 0.27 12.49 -1.87
N ILE A 71 -0.10 11.32 -1.35
CA ILE A 71 -0.40 10.21 -2.26
C ILE A 71 -1.58 10.60 -3.14
N GLU A 72 -2.61 11.18 -2.51
CA GLU A 72 -3.83 11.56 -3.23
C GLU A 72 -3.54 12.60 -4.30
N MET A 73 -2.60 13.48 -4.03
CA MET A 73 -2.24 14.52 -4.97
C MET A 73 -1.78 13.87 -6.28
N GLU A 74 -1.02 12.79 -6.17
CA GLU A 74 -0.55 12.08 -7.37
C GLU A 74 -1.76 11.48 -8.09
N ARG A 75 -2.71 10.98 -7.32
CA ARG A 75 -3.92 10.37 -7.88
C ARG A 75 -4.72 11.42 -8.65
N GLU A 76 -4.75 12.63 -8.09
CA GLU A 76 -5.45 13.73 -8.74
C GLU A 76 -4.75 14.09 -10.05
N GLY A 77 -3.42 13.96 -10.05
CA GLY A 77 -2.63 14.24 -11.23
C GLY A 77 -2.29 15.72 -11.35
N LYS A 78 -2.71 16.49 -10.33
CA LYS A 78 -2.50 17.95 -10.31
C LYS A 78 -1.40 18.40 -11.25
N GLY A 79 -0.17 18.59 -10.76
CA GLY A 79 0.90 19.05 -11.65
C GLY A 79 2.27 18.48 -11.29
N ARG A 80 2.35 17.74 -10.19
CA ARG A 80 3.63 17.18 -9.77
C ARG A 80 4.14 16.17 -10.78
N ILE A 81 3.22 15.36 -11.27
CA ILE A 81 3.57 14.33 -12.24
C ILE A 81 4.07 14.91 -13.57
N SER A 82 3.40 15.93 -14.08
CA SER A 82 3.80 16.53 -15.35
C SER A 82 3.19 17.91 -15.53
N THR A 83 3.70 18.66 -16.48
CA THR A 83 3.17 20.00 -16.77
C THR A 83 1.72 19.89 -17.22
N SER A 84 1.47 18.93 -18.13
CA SER A 84 0.11 18.70 -18.64
C SER A 84 -0.70 17.96 -17.60
N THR A 85 -0.36 18.15 -16.33
CA THR A 85 -1.07 17.48 -15.25
C THR A 85 -1.08 15.97 -15.48
N GLY A 86 -0.29 15.52 -16.46
CA GLY A 86 -0.17 14.10 -16.76
C GLY A 86 -1.28 13.55 -17.66
N ILE A 87 -1.90 14.41 -18.47
CA ILE A 87 -2.96 13.96 -19.36
C ILE A 87 -2.39 13.33 -20.62
N SER A 88 -2.88 12.14 -20.93
CA SER A 88 -2.46 11.40 -22.11
C SER A 88 -2.34 12.36 -23.31
N PRO A 89 -1.15 12.67 -23.77
CA PRO A 89 -1.00 13.62 -24.92
C PRO A 89 -1.71 13.14 -26.20
N GLN A 90 -2.25 14.11 -26.93
CA GLN A 90 -2.93 13.85 -28.20
C GLN A 90 -2.36 14.77 -29.27
N MET A 91 -2.10 14.22 -30.44
CA MET A 91 -1.52 15.02 -31.52
C MET A 91 -2.44 16.17 -31.91
N GLU A 92 -3.74 15.87 -32.03
CA GLU A 92 -4.73 16.89 -32.33
C GLU A 92 -5.82 16.89 -31.27
N VAL A 93 -6.88 16.13 -31.57
CA VAL A 93 -8.00 15.97 -30.66
C VAL A 93 -8.61 14.58 -30.84
N THR A 94 -8.95 13.90 -29.75
CA THR A 94 -9.56 12.58 -29.88
C THR A 94 -10.76 12.44 -28.94
N CYS A 95 -11.72 11.61 -29.33
CA CYS A 95 -12.90 11.37 -28.50
C CYS A 95 -12.48 10.63 -27.24
N VAL A 96 -11.55 9.71 -27.42
CA VAL A 96 -11.04 8.87 -26.35
C VAL A 96 -9.51 8.83 -26.44
N PRO A 97 -8.78 8.81 -25.35
CA PRO A 97 -7.30 8.71 -25.46
C PRO A 97 -6.94 7.40 -26.18
N THR A 98 -5.90 7.47 -27.00
CA THR A 98 -5.48 6.31 -27.77
C THR A 98 -5.28 5.09 -26.86
N PRO A 99 -5.93 3.96 -27.10
CA PRO A 99 -5.74 2.75 -26.25
C PRO A 99 -4.35 2.13 -26.43
N THR A 100 -3.84 1.50 -25.39
CA THR A 100 -2.51 0.88 -25.44
C THR A 100 -2.58 -0.53 -24.87
N SER A 101 -1.59 -1.34 -25.18
CA SER A 101 -1.58 -2.71 -24.68
C SER A 101 -1.58 -2.71 -23.15
N THR A 102 -0.76 -1.86 -22.58
CA THR A 102 -0.66 -1.77 -21.12
C THR A 102 -1.95 -1.26 -20.48
N VAL A 103 -2.68 -0.37 -21.19
CA VAL A 103 -3.91 0.19 -20.65
C VAL A 103 -5.10 -0.12 -21.56
N SER A 104 -6.17 -0.62 -20.96
CA SER A 104 -7.39 -0.95 -21.70
C SER A 104 -8.29 0.26 -21.84
N SER A 105 -9.38 0.10 -22.57
CA SER A 105 -10.34 1.18 -22.78
C SER A 105 -10.99 1.53 -21.46
N ILE A 106 -10.89 0.61 -20.50
CA ILE A 106 -11.46 0.81 -19.16
C ILE A 106 -10.39 0.65 -18.10
N GLY A 107 -10.60 1.34 -16.99
CA GLY A 107 -9.66 1.32 -15.87
C GLY A 107 -9.50 -0.06 -15.22
N ASN A 108 -10.60 -0.81 -15.13
CA ASN A 108 -10.56 -2.13 -14.48
C ASN A 108 -10.14 -3.22 -15.46
N THR A 109 -8.93 -3.75 -15.25
CA THR A 109 -8.40 -4.83 -16.10
C THR A 109 -7.75 -5.91 -15.23
N ASN A 110 -6.45 -5.74 -14.99
CA ASN A 110 -5.71 -6.71 -14.19
C ASN A 110 -5.91 -8.09 -14.81
N GLY A 111 -5.57 -8.18 -16.09
CA GLY A 111 -5.69 -9.43 -16.84
C GLY A 111 -4.76 -10.51 -16.30
N GLU A 112 -3.55 -10.08 -15.92
CA GLU A 112 -2.52 -10.98 -15.40
C GLU A 112 -2.44 -10.83 -13.88
N GLU A 113 -3.40 -10.12 -13.32
CA GLU A 113 -3.47 -9.91 -11.88
C GLU A 113 -2.21 -9.26 -11.36
N VAL A 114 -1.76 -8.27 -12.10
CA VAL A 114 -0.56 -7.53 -11.77
C VAL A 114 -0.67 -6.84 -10.42
N GLY A 115 -1.51 -5.81 -10.34
CA GLY A 115 -1.67 -5.07 -9.09
C GLY A 115 -1.64 -6.00 -7.87
N PRO A 116 -2.54 -6.94 -7.80
CA PRO A 116 -2.61 -7.91 -6.66
C PRO A 116 -1.28 -8.66 -6.46
N SER A 117 -0.59 -8.98 -7.55
CA SER A 117 0.67 -9.72 -7.46
C SER A 117 1.72 -8.97 -6.64
N VAL A 118 1.82 -7.66 -6.85
CA VAL A 118 2.85 -6.91 -6.11
C VAL A 118 2.58 -7.06 -4.61
N TYR A 119 1.32 -6.86 -4.24
CA TYR A 119 0.91 -6.98 -2.83
C TYR A 119 1.14 -8.38 -2.29
N LEU A 120 0.77 -9.36 -3.09
CA LEU A 120 0.97 -10.73 -2.66
C LEU A 120 2.46 -11.03 -2.50
N GLU A 121 3.24 -10.58 -3.46
CA GLU A 121 4.68 -10.85 -3.42
C GLU A 121 5.43 -10.08 -2.35
N ARG A 122 5.22 -8.77 -2.26
CA ARG A 122 5.97 -8.00 -1.26
C ARG A 122 5.61 -8.43 0.16
N LEU A 123 4.33 -8.55 0.43
CA LEU A 123 3.88 -8.85 1.78
C LEU A 123 4.39 -10.21 2.22
N LYS A 124 4.36 -11.20 1.34
CA LYS A 124 4.86 -12.52 1.72
C LYS A 124 6.34 -12.37 2.13
N ILE A 125 7.07 -11.62 1.34
CA ILE A 125 8.51 -11.47 1.58
C ILE A 125 8.79 -10.85 2.96
N LEU A 126 8.06 -9.83 3.36
CA LEU A 126 8.29 -9.27 4.70
C LEU A 126 7.97 -10.39 5.72
N ARG A 127 6.87 -11.08 5.43
CA ARG A 127 6.37 -12.15 6.32
C ARG A 127 7.37 -13.30 6.48
N GLN A 128 8.05 -13.70 5.41
CA GLN A 128 9.02 -14.79 5.52
C GLN A 128 10.14 -14.38 6.47
N ARG A 129 10.54 -13.12 6.39
CA ARG A 129 11.57 -12.59 7.26
C ARG A 129 11.11 -12.71 8.71
N CYS A 130 9.84 -12.38 8.95
CA CYS A 130 9.28 -12.44 10.29
C CYS A 130 9.21 -13.89 10.76
N GLY A 131 8.92 -14.81 9.84
CA GLY A 131 8.86 -16.24 10.17
C GLY A 131 7.51 -16.85 9.79
N LEU A 132 7.20 -17.99 10.41
CA LEU A 132 5.96 -18.70 10.16
C LEU A 132 5.09 -18.68 11.41
N ASP A 133 3.81 -18.34 11.25
CA ASP A 133 2.90 -18.30 12.39
C ASP A 133 2.67 -19.70 12.93
N ASN A 134 2.60 -19.82 14.25
CA ASN A 134 2.37 -21.12 14.88
C ASN A 134 1.71 -20.93 16.24
N THR A 135 1.09 -22.00 16.72
CA THR A 135 0.38 -21.95 18.00
C THR A 135 1.37 -22.00 19.17
N LYS A 136 0.86 -21.69 20.36
CA LYS A 136 1.66 -21.68 21.58
C LYS A 136 0.93 -22.39 22.70
N GLN A 137 1.67 -22.78 23.73
CA GLN A 137 1.10 -23.48 24.86
C GLN A 137 0.40 -24.75 24.42
N ASP A 138 0.48 -25.04 23.13
CA ASP A 138 -0.11 -26.25 22.59
C ASP A 138 -1.53 -26.41 23.13
N ASP A 139 -2.22 -25.30 23.32
CA ASP A 139 -3.60 -25.31 23.80
C ASP A 139 -4.44 -24.44 22.86
N ARG A 140 -5.66 -24.86 22.54
CA ARG A 140 -6.52 -24.07 21.64
C ARG A 140 -6.40 -22.56 21.96
N PRO A 141 -5.68 -21.79 21.18
CA PRO A 141 -5.55 -20.32 21.45
C PRO A 141 -6.91 -19.65 21.57
N ALA A 1 -9.97 -4.18 34.74
CA ALA A 1 -9.79 -4.52 33.30
C ALA A 1 -10.39 -5.90 33.03
N SER A 2 -10.89 -6.08 31.81
CA SER A 2 -11.48 -7.36 31.44
C SER A 2 -10.40 -8.44 31.39
N ARG A 3 -10.75 -9.64 31.83
CA ARG A 3 -9.81 -10.75 31.85
C ARG A 3 -9.41 -11.12 30.43
N ILE A 4 -10.37 -11.09 29.51
CA ILE A 4 -10.09 -11.44 28.12
C ILE A 4 -9.10 -10.43 27.54
N ASP A 5 -9.36 -9.15 27.82
CA ASP A 5 -8.51 -8.04 27.36
C ASP A 5 -8.53 -7.88 25.85
N GLU A 6 -8.51 -8.99 25.13
CA GLU A 6 -8.53 -8.94 23.67
C GLU A 6 -9.84 -8.36 23.17
N LYS A 7 -10.92 -8.70 23.86
CA LYS A 7 -12.25 -8.22 23.49
C LYS A 7 -12.47 -8.38 21.98
N SER A 8 -11.61 -9.19 21.36
CA SER A 8 -11.69 -9.44 19.91
C SER A 8 -12.19 -8.21 19.15
N SER A 9 -12.69 -8.46 17.94
CA SER A 9 -13.19 -7.37 17.08
C SER A 9 -12.07 -6.44 16.64
N LYS A 10 -11.40 -5.82 17.61
CA LYS A 10 -10.31 -4.91 17.31
C LYS A 10 -9.02 -5.67 17.01
N ALA A 11 -8.93 -6.89 17.53
CA ALA A 11 -7.75 -7.71 17.34
C ALA A 11 -7.47 -8.08 15.87
N LYS A 12 -8.51 -8.55 15.17
CA LYS A 12 -8.34 -8.96 13.76
C LYS A 12 -7.97 -7.79 12.85
N VAL A 13 -8.71 -6.71 13.01
CA VAL A 13 -8.55 -5.52 12.18
C VAL A 13 -7.19 -4.87 12.40
N ASN A 14 -6.76 -4.83 13.64
CA ASN A 14 -5.50 -4.22 13.98
C ASN A 14 -4.37 -4.95 13.26
N ASP A 15 -4.45 -6.27 13.25
CA ASP A 15 -3.40 -7.08 12.62
C ASP A 15 -3.33 -6.77 11.12
N PHE A 16 -4.48 -6.60 10.49
CA PHE A 16 -4.52 -6.28 9.06
C PHE A 16 -3.83 -4.94 8.84
N LEU A 17 -4.15 -3.99 9.70
CA LEU A 17 -3.55 -2.67 9.64
C LEU A 17 -2.05 -2.76 9.89
N ALA A 18 -1.69 -3.61 10.83
CA ALA A 18 -0.31 -3.79 11.21
C ALA A 18 0.52 -4.20 10.01
N GLU A 19 -0.07 -4.98 9.12
CA GLU A 19 0.65 -5.41 7.91
C GLU A 19 0.90 -4.21 7.01
N ILE A 20 -0.08 -3.34 6.94
CA ILE A 20 0.03 -2.14 6.14
C ILE A 20 1.14 -1.23 6.68
N PHE A 21 1.18 -1.07 8.00
CA PHE A 21 2.20 -0.25 8.63
C PHE A 21 3.60 -0.80 8.33
N LYS A 22 3.78 -2.11 8.44
CA LYS A 22 5.09 -2.69 8.20
C LYS A 22 5.56 -2.34 6.79
N LYS A 23 4.64 -2.33 5.85
CA LYS A 23 4.99 -1.91 4.49
C LYS A 23 5.41 -0.45 4.49
N ILE A 24 4.71 0.36 5.26
CA ILE A 24 5.03 1.78 5.37
C ILE A 24 6.42 1.97 6.01
N GLY A 25 6.66 1.19 7.05
CA GLY A 25 7.92 1.27 7.78
C GLY A 25 9.10 0.99 6.86
N SER A 26 8.96 0.01 5.97
CA SER A 26 10.03 -0.26 5.02
C SER A 26 10.03 0.85 3.98
N LYS A 27 11.20 1.20 3.44
CA LYS A 27 11.25 2.26 2.44
C LYS A 27 10.89 1.67 1.07
N GLU A 28 11.22 0.40 0.90
CA GLU A 28 10.93 -0.28 -0.35
C GLU A 28 9.42 -0.34 -0.57
N ASN A 29 8.68 -0.72 0.47
CA ASN A 29 7.23 -0.90 0.37
C ASN A 29 6.43 0.35 0.75
N THR A 30 7.07 1.50 0.92
CA THR A 30 6.35 2.70 1.35
C THR A 30 5.21 3.11 0.40
N LYS A 31 5.44 3.04 -0.89
CA LYS A 31 4.40 3.40 -1.85
C LYS A 31 3.21 2.44 -1.75
N GLU A 32 3.55 1.17 -1.61
CA GLU A 32 2.52 0.12 -1.53
C GLU A 32 1.69 0.28 -0.26
N GLY A 33 2.37 0.49 0.86
CA GLY A 33 1.67 0.63 2.15
C GLY A 33 0.82 1.89 2.22
N LEU A 34 1.37 3.00 1.73
CA LEU A 34 0.63 4.25 1.76
C LEU A 34 -0.60 4.16 0.88
N ALA A 35 -0.41 3.56 -0.29
CA ALA A 35 -1.50 3.45 -1.26
C ALA A 35 -2.66 2.64 -0.71
N GLU A 36 -2.36 1.57 -0.01
CA GLU A 36 -3.42 0.75 0.57
C GLU A 36 -4.11 1.49 1.72
N LEU A 37 -3.31 2.18 2.53
CA LEU A 37 -3.86 2.92 3.66
C LEU A 37 -4.80 4.00 3.15
N TYR A 38 -4.38 4.68 2.08
CA TYR A 38 -5.22 5.72 1.50
C TYR A 38 -6.53 5.12 1.03
N GLU A 39 -6.43 3.98 0.32
CA GLU A 39 -7.65 3.33 -0.19
C GLU A 39 -8.52 2.88 0.99
N TYR A 40 -7.91 2.27 2.00
CA TYR A 40 -8.68 1.79 3.16
C TYR A 40 -9.36 2.98 3.83
N LYS A 41 -8.63 4.08 3.99
CA LYS A 41 -9.17 5.27 4.63
C LYS A 41 -10.35 5.77 3.82
N LYS A 42 -10.24 5.64 2.50
CA LYS A 42 -11.30 6.03 1.59
C LYS A 42 -12.56 5.18 1.83
N LYS A 43 -12.32 3.88 2.07
CA LYS A 43 -13.42 2.95 2.33
C LYS A 43 -14.15 3.31 3.63
N TYR A 44 -13.37 3.60 4.67
CA TYR A 44 -13.91 3.91 6.01
C TYR A 44 -13.82 5.39 6.37
N SER A 45 -13.47 6.22 5.41
CA SER A 45 -13.35 7.65 5.65
C SER A 45 -12.70 7.93 7.01
N ASP A 46 -11.77 7.06 7.39
CA ASP A 46 -11.09 7.20 8.68
C ASP A 46 -12.07 7.03 9.82
N ALA A 47 -12.99 6.08 9.65
CA ALA A 47 -14.02 5.80 10.63
C ALA A 47 -13.60 4.69 11.60
N ASP A 48 -12.32 4.30 11.60
CA ASP A 48 -11.89 3.24 12.51
C ASP A 48 -10.38 3.34 12.84
N ILE A 49 -9.59 3.98 11.97
CA ILE A 49 -8.14 3.99 12.19
C ILE A 49 -7.69 4.70 13.49
N GLU A 50 -8.22 5.90 13.83
CA GLU A 50 -7.74 6.66 14.99
C GLU A 50 -7.28 5.84 16.22
N PRO A 51 -8.07 4.95 16.78
CA PRO A 51 -7.61 4.18 17.97
C PRO A 51 -6.25 3.52 17.75
N PHE A 52 -6.03 3.02 16.55
CA PHE A 52 -4.76 2.39 16.22
C PHE A 52 -3.60 3.40 16.35
N LEU A 53 -3.83 4.61 15.83
CA LEU A 53 -2.74 5.60 15.79
C LEU A 53 -2.28 5.93 17.23
N LYS A 54 -3.21 6.15 18.15
CA LYS A 54 -2.87 6.45 19.54
C LYS A 54 -2.13 5.26 20.17
N ASN A 55 -2.56 4.08 19.80
CA ASN A 55 -2.00 2.84 20.33
C ASN A 55 -0.52 2.72 19.98
N SER A 56 -0.13 3.13 18.78
CA SER A 56 1.27 3.11 18.37
C SER A 56 1.97 4.36 18.94
N SER A 57 3.28 4.51 18.70
CA SER A 57 3.98 5.69 19.22
C SER A 57 3.35 6.93 18.62
N GLN A 58 3.22 7.98 19.42
CA GLN A 58 2.56 9.22 18.99
C GLN A 58 3.30 9.98 17.87
N PHE A 59 4.62 10.04 17.93
CA PHE A 59 5.41 10.79 16.93
C PHE A 59 5.23 10.20 15.52
N PHE A 60 5.27 8.89 15.44
CA PHE A 60 5.14 8.19 14.16
C PHE A 60 3.80 8.48 13.47
N GLN A 61 2.81 8.85 14.26
CA GLN A 61 1.47 9.13 13.74
C GLN A 61 1.40 10.35 12.82
N SER A 62 2.11 11.42 13.14
CA SER A 62 2.04 12.62 12.30
C SER A 62 2.49 12.36 10.87
N TYR A 63 3.59 11.64 10.71
CA TYR A 63 4.12 11.37 9.36
C TYR A 63 3.15 10.60 8.48
N VAL A 64 2.55 9.55 9.01
CA VAL A 64 1.64 8.76 8.19
C VAL A 64 0.48 9.62 7.72
N GLU A 65 -0.06 10.44 8.62
CA GLU A 65 -1.19 11.29 8.24
C GLU A 65 -0.77 12.27 7.14
N ARG A 66 0.42 12.86 7.28
CA ARG A 66 0.93 13.79 6.29
C ARG A 66 1.15 13.12 4.94
N GLY A 67 1.71 11.91 4.98
CA GLY A 67 2.02 11.17 3.77
C GLY A 67 0.78 10.83 2.94
N LEU A 68 -0.34 10.59 3.58
CA LEU A 68 -1.56 10.23 2.87
C LEU A 68 -2.06 11.32 1.93
N ARG A 69 -2.00 12.58 2.34
CA ARG A 69 -2.47 13.67 1.46
C ARG A 69 -1.66 13.72 0.17
N VAL A 70 -0.34 13.61 0.27
CA VAL A 70 0.50 13.68 -0.91
C VAL A 70 0.19 12.53 -1.88
N ILE A 71 -0.18 11.34 -1.37
CA ILE A 71 -0.47 10.25 -2.33
C ILE A 71 -1.64 10.72 -3.18
N GLU A 72 -2.67 11.31 -2.56
CA GLU A 72 -3.85 11.74 -3.32
C GLU A 72 -3.47 12.77 -4.38
N MET A 73 -2.59 13.69 -4.03
CA MET A 73 -2.15 14.68 -4.99
C MET A 73 -1.70 14.01 -6.29
N GLU A 74 -1.00 12.89 -6.18
CA GLU A 74 -0.53 12.17 -7.38
C GLU A 74 -1.74 11.66 -8.16
N ARG A 75 -2.73 11.19 -7.43
CA ARG A 75 -3.97 10.65 -8.04
C ARG A 75 -4.69 11.76 -8.78
N GLU A 76 -4.63 12.97 -8.24
CA GLU A 76 -5.28 14.11 -8.87
C GLU A 76 -4.63 14.43 -10.22
N GLY A 77 -3.32 14.23 -10.30
CA GLY A 77 -2.58 14.48 -11.54
C GLY A 77 -2.05 15.91 -11.61
N LYS A 78 -2.09 16.61 -10.47
CA LYS A 78 -1.67 18.00 -10.40
C LYS A 78 -0.38 18.29 -11.21
N GLY A 79 0.31 17.27 -11.71
CA GLY A 79 1.52 17.49 -12.51
C GLY A 79 2.80 17.14 -11.75
N ARG A 80 2.65 16.77 -10.50
CA ARG A 80 3.79 16.37 -9.70
C ARG A 80 4.38 15.09 -10.28
N ILE A 81 3.49 14.25 -10.77
CA ILE A 81 3.88 12.97 -11.37
C ILE A 81 4.73 13.20 -12.62
N SER A 82 4.32 14.15 -13.47
CA SER A 82 5.08 14.41 -14.70
C SER A 82 5.27 13.08 -15.45
N THR A 83 6.30 12.97 -16.28
CA THR A 83 6.53 11.72 -17.03
C THR A 83 7.79 11.03 -16.52
N SER A 84 7.65 9.79 -16.06
CA SER A 84 8.80 9.03 -15.55
C SER A 84 9.68 8.54 -16.69
N THR A 85 10.97 8.45 -16.41
CA THR A 85 11.94 7.97 -17.38
C THR A 85 11.63 6.52 -17.78
N GLY A 86 11.29 5.72 -16.78
CA GLY A 86 11.03 4.30 -17.00
C GLY A 86 9.85 4.04 -17.93
N ILE A 87 8.82 4.89 -17.89
CA ILE A 87 7.65 4.67 -18.73
C ILE A 87 7.94 5.08 -20.16
N SER A 88 7.62 4.19 -21.09
CA SER A 88 7.83 4.43 -22.50
C SER A 88 6.84 5.47 -23.04
N PRO A 89 7.00 5.93 -24.26
CA PRO A 89 6.06 6.92 -24.86
C PRO A 89 4.64 6.34 -24.94
N GLN A 90 3.65 7.19 -24.73
CA GLN A 90 2.25 6.80 -24.80
C GLN A 90 1.49 7.80 -25.67
N MET A 91 0.36 7.40 -26.26
CA MET A 91 -0.38 8.33 -27.10
C MET A 91 -0.84 9.52 -26.27
N GLU A 92 -1.72 9.26 -25.30
CA GLU A 92 -2.23 10.32 -24.41
C GLU A 92 -1.73 10.07 -23.00
N VAL A 93 -2.51 9.32 -22.22
CA VAL A 93 -2.13 8.98 -20.86
C VAL A 93 -2.53 7.54 -20.57
N THR A 94 -1.65 6.80 -19.91
CA THR A 94 -1.93 5.41 -19.56
C THR A 94 -1.50 5.11 -18.14
N CYS A 95 -2.15 4.13 -17.53
CA CYS A 95 -1.78 3.71 -16.18
C CYS A 95 -0.38 3.10 -16.25
N VAL A 96 -0.15 2.37 -17.35
CA VAL A 96 1.11 1.69 -17.60
C VAL A 96 1.10 1.17 -19.04
N PRO A 97 2.21 1.16 -19.76
CA PRO A 97 2.20 0.63 -21.14
C PRO A 97 1.76 -0.84 -21.13
N THR A 98 1.03 -1.24 -22.16
CA THR A 98 0.52 -2.61 -22.27
C THR A 98 1.27 -3.38 -23.37
N PRO A 99 2.23 -4.21 -23.05
CA PRO A 99 2.97 -4.98 -24.09
C PRO A 99 2.10 -6.06 -24.73
N THR A 100 2.32 -6.32 -26.01
CA THR A 100 1.56 -7.34 -26.73
C THR A 100 2.50 -8.22 -27.53
N SER A 101 2.07 -9.42 -27.86
CA SER A 101 2.93 -10.29 -28.66
C SER A 101 3.17 -9.62 -30.01
N THR A 102 2.11 -9.04 -30.55
CA THR A 102 2.19 -8.34 -31.82
C THR A 102 3.13 -7.15 -31.74
N VAL A 103 2.97 -6.35 -30.67
CA VAL A 103 3.81 -5.17 -30.48
C VAL A 103 4.54 -5.23 -29.14
N SER A 104 5.85 -4.99 -29.17
CA SER A 104 6.65 -5.00 -27.96
C SER A 104 7.92 -4.18 -28.16
N SER A 105 7.86 -2.90 -27.84
CA SER A 105 9.02 -2.02 -28.00
C SER A 105 10.17 -2.53 -27.14
N ILE A 106 9.86 -2.93 -25.92
CA ILE A 106 10.87 -3.43 -24.98
C ILE A 106 10.43 -4.78 -24.40
N GLY A 107 11.41 -5.58 -24.04
CA GLY A 107 11.15 -6.90 -23.45
C GLY A 107 11.11 -6.84 -21.93
N ASN A 108 11.14 -5.64 -21.37
CA ASN A 108 11.13 -5.48 -19.92
C ASN A 108 9.84 -6.00 -19.30
N THR A 109 8.70 -5.75 -19.95
CA THR A 109 7.40 -6.21 -19.41
C THR A 109 6.75 -7.23 -20.34
N ASN A 110 6.31 -8.34 -19.75
CA ASN A 110 5.65 -9.41 -20.49
C ASN A 110 4.44 -9.90 -19.70
N GLY A 111 3.74 -8.96 -19.09
CA GLY A 111 2.56 -9.29 -18.29
C GLY A 111 2.96 -9.75 -16.89
N GLU A 112 4.26 -9.63 -16.59
CA GLU A 112 4.79 -10.03 -15.29
C GLU A 112 4.65 -8.90 -14.27
N GLU A 113 4.31 -7.72 -14.76
CA GLU A 113 4.16 -6.55 -13.90
C GLU A 113 2.98 -6.71 -12.94
N VAL A 114 1.89 -7.34 -13.43
CA VAL A 114 0.67 -7.57 -12.63
C VAL A 114 0.66 -6.79 -11.32
N GLY A 115 -0.06 -5.68 -11.32
CA GLY A 115 -0.13 -4.81 -10.13
C GLY A 115 -0.57 -5.56 -8.89
N PRO A 116 -1.66 -6.27 -8.95
CA PRO A 116 -2.20 -7.03 -7.78
C PRO A 116 -1.16 -7.96 -7.14
N SER A 117 -0.32 -8.59 -7.97
CA SER A 117 0.68 -9.51 -7.45
C SER A 117 1.70 -8.79 -6.57
N VAL A 118 1.78 -7.49 -6.73
CA VAL A 118 2.75 -6.73 -5.94
C VAL A 118 2.44 -6.91 -4.46
N TYR A 119 1.17 -6.74 -4.10
CA TYR A 119 0.73 -6.90 -2.71
C TYR A 119 0.97 -8.32 -2.22
N LEU A 120 0.62 -9.28 -3.04
CA LEU A 120 0.81 -10.67 -2.63
C LEU A 120 2.29 -10.97 -2.45
N GLU A 121 3.09 -10.50 -3.40
CA GLU A 121 4.53 -10.76 -3.35
C GLU A 121 5.26 -9.99 -2.27
N ARG A 122 5.03 -8.70 -2.17
CA ARG A 122 5.77 -7.92 -1.17
C ARG A 122 5.40 -8.35 0.24
N LEU A 123 4.09 -8.46 0.48
CA LEU A 123 3.61 -8.78 1.81
C LEU A 123 4.11 -10.15 2.26
N LYS A 124 4.10 -11.13 1.37
CA LYS A 124 4.57 -12.45 1.75
C LYS A 124 6.04 -12.32 2.18
N ILE A 125 6.82 -11.63 1.37
CA ILE A 125 8.25 -11.53 1.64
C ILE A 125 8.51 -10.84 2.99
N LEU A 126 7.82 -9.76 3.30
CA LEU A 126 8.03 -9.14 4.61
C LEU A 126 7.61 -10.14 5.69
N ARG A 127 6.47 -10.76 5.39
CA ARG A 127 5.81 -11.71 6.29
C ARG A 127 6.69 -12.90 6.65
N GLN A 128 7.39 -13.47 5.66
CA GLN A 128 8.27 -14.62 5.93
C GLN A 128 9.38 -14.20 6.89
N ARG A 129 9.89 -12.99 6.72
CA ARG A 129 10.95 -12.50 7.60
C ARG A 129 10.44 -12.47 9.03
N CYS A 130 9.20 -11.99 9.20
CA CYS A 130 8.59 -11.93 10.52
C CYS A 130 8.34 -13.33 11.07
N GLY A 131 7.97 -14.25 10.20
CA GLY A 131 7.71 -15.63 10.62
C GLY A 131 9.02 -16.42 10.67
N LEU A 132 9.18 -17.23 11.70
CA LEU A 132 10.37 -18.06 11.84
C LEU A 132 10.13 -19.19 12.83
N ASP A 133 10.05 -20.44 12.33
CA ASP A 133 9.83 -21.58 13.21
C ASP A 133 10.80 -22.71 12.90
N ASN A 134 10.45 -23.55 11.93
CA ASN A 134 11.31 -24.67 11.54
C ASN A 134 12.26 -24.26 10.42
N THR A 135 13.53 -24.08 10.76
CA THR A 135 14.54 -23.69 9.78
C THR A 135 15.32 -24.93 9.32
N LYS A 136 15.88 -25.66 10.29
CA LYS A 136 16.67 -26.83 10.00
C LYS A 136 16.00 -27.74 8.98
N GLN A 137 16.70 -28.81 8.66
CA GLN A 137 16.26 -29.82 7.69
C GLN A 137 16.36 -29.24 6.28
N ASP A 138 16.38 -27.93 6.18
CA ASP A 138 16.47 -27.25 4.90
C ASP A 138 15.26 -27.63 4.04
N ASP A 139 14.13 -27.82 4.71
CA ASP A 139 12.89 -28.17 4.02
C ASP A 139 11.69 -27.50 4.67
N ARG A 140 11.40 -26.27 4.25
CA ARG A 140 10.28 -25.52 4.78
C ARG A 140 8.99 -25.76 3.97
N PRO A 141 9.09 -26.00 2.68
CA PRO A 141 7.88 -26.24 1.83
C PRO A 141 7.03 -27.39 2.37
N ALA A 1 -6.28 -8.20 32.26
CA ALA A 1 -7.61 -8.80 31.98
C ALA A 1 -8.64 -7.71 31.75
N SER A 2 -8.96 -7.45 30.49
CA SER A 2 -9.94 -6.43 30.17
C SER A 2 -11.33 -6.89 30.61
N ARG A 3 -12.14 -5.96 31.09
CA ARG A 3 -13.49 -6.30 31.58
C ARG A 3 -14.36 -6.83 30.45
N ILE A 4 -14.29 -6.21 29.29
CA ILE A 4 -15.09 -6.62 28.14
C ILE A 4 -14.68 -8.03 27.73
N ASP A 5 -13.38 -8.26 27.69
CA ASP A 5 -12.81 -9.57 27.35
C ASP A 5 -13.26 -10.07 25.96
N GLU A 6 -14.32 -9.48 25.43
CA GLU A 6 -14.81 -9.86 24.11
C GLU A 6 -13.96 -9.21 23.03
N LYS A 7 -13.07 -8.33 23.47
CA LYS A 7 -12.20 -7.61 22.56
C LYS A 7 -11.64 -8.51 21.45
N SER A 8 -12.40 -8.62 20.37
CA SER A 8 -12.00 -9.44 19.23
C SER A 8 -12.24 -8.68 17.92
N SER A 9 -13.18 -7.75 17.95
CA SER A 9 -13.49 -6.97 16.75
C SER A 9 -12.30 -6.16 16.26
N LYS A 10 -11.59 -5.52 17.18
CA LYS A 10 -10.43 -4.72 16.80
C LYS A 10 -9.21 -5.60 16.66
N ALA A 11 -9.26 -6.77 17.24
CA ALA A 11 -8.14 -7.70 17.18
C ALA A 11 -7.81 -8.07 15.73
N LYS A 12 -8.83 -8.47 14.97
CA LYS A 12 -8.60 -8.86 13.58
C LYS A 12 -8.14 -7.70 12.70
N VAL A 13 -8.82 -6.58 12.87
CA VAL A 13 -8.56 -5.39 12.06
C VAL A 13 -7.16 -4.82 12.32
N ASN A 14 -6.76 -4.86 13.58
CA ASN A 14 -5.46 -4.32 13.94
C ASN A 14 -4.37 -5.10 13.22
N ASP A 15 -4.51 -6.41 13.17
CA ASP A 15 -3.51 -7.26 12.51
C ASP A 15 -3.40 -6.92 11.03
N PHE A 16 -4.55 -6.72 10.38
CA PHE A 16 -4.56 -6.36 8.96
C PHE A 16 -3.83 -5.03 8.77
N LEU A 17 -4.14 -4.09 9.64
CA LEU A 17 -3.52 -2.77 9.62
C LEU A 17 -2.03 -2.90 9.87
N ALA A 18 -1.68 -3.77 10.79
CA ALA A 18 -0.31 -3.98 11.17
C ALA A 18 0.52 -4.38 9.97
N GLU A 19 -0.06 -5.15 9.07
CA GLU A 19 0.65 -5.57 7.87
C GLU A 19 0.92 -4.37 6.98
N ILE A 20 -0.07 -3.49 6.90
CA ILE A 20 0.04 -2.28 6.11
C ILE A 20 1.14 -1.38 6.68
N PHE A 21 1.18 -1.25 8.00
CA PHE A 21 2.21 -0.42 8.64
C PHE A 21 3.61 -0.96 8.33
N LYS A 22 3.79 -2.27 8.41
CA LYS A 22 5.10 -2.85 8.18
C LYS A 22 5.58 -2.49 6.78
N LYS A 23 4.66 -2.46 5.84
CA LYS A 23 5.00 -2.02 4.48
C LYS A 23 5.41 -0.56 4.51
N ILE A 24 4.71 0.25 5.30
CA ILE A 24 5.04 1.66 5.43
C ILE A 24 6.43 1.85 6.06
N GLY A 25 6.69 1.06 7.07
CA GLY A 25 7.95 1.15 7.81
C GLY A 25 9.14 0.92 6.88
N SER A 26 9.04 -0.06 5.98
CA SER A 26 10.14 -0.32 5.06
C SER A 26 10.18 0.80 4.02
N LYS A 27 11.39 1.17 3.59
CA LYS A 27 11.52 2.22 2.58
C LYS A 27 10.98 1.72 1.23
N GLU A 28 11.32 0.48 0.92
CA GLU A 28 10.94 -0.14 -0.36
C GLU A 28 9.42 -0.25 -0.50
N ASN A 29 8.76 -0.69 0.56
CA ASN A 29 7.31 -0.92 0.50
C ASN A 29 6.47 0.30 0.91
N THR A 30 7.10 1.46 1.08
CA THR A 30 6.40 2.68 1.51
C THR A 30 5.25 3.10 0.57
N LYS A 31 5.47 3.05 -0.73
CA LYS A 31 4.41 3.43 -1.68
C LYS A 31 3.21 2.48 -1.60
N GLU A 32 3.52 1.20 -1.50
CA GLU A 32 2.49 0.17 -1.43
C GLU A 32 1.69 0.27 -0.14
N GLY A 33 2.40 0.48 0.96
CA GLY A 33 1.76 0.58 2.27
C GLY A 33 0.87 1.83 2.38
N LEU A 34 1.38 2.95 1.89
CA LEU A 34 0.60 4.18 1.92
C LEU A 34 -0.65 4.06 1.05
N ALA A 35 -0.46 3.46 -0.11
CA ALA A 35 -1.55 3.32 -1.07
C ALA A 35 -2.69 2.50 -0.49
N GLU A 36 -2.38 1.43 0.21
CA GLU A 36 -3.42 0.61 0.82
C GLU A 36 -4.09 1.36 1.97
N LEU A 37 -3.29 2.08 2.75
CA LEU A 37 -3.85 2.83 3.86
C LEU A 37 -4.79 3.89 3.33
N TYR A 38 -4.39 4.54 2.25
CA TYR A 38 -5.24 5.56 1.63
C TYR A 38 -6.54 4.92 1.17
N GLU A 39 -6.43 3.78 0.48
CA GLU A 39 -7.64 3.12 -0.01
C GLU A 39 -8.52 2.69 1.16
N TYR A 40 -7.91 2.10 2.17
CA TYR A 40 -8.67 1.64 3.34
C TYR A 40 -9.37 2.84 3.99
N LYS A 41 -8.63 3.93 4.13
CA LYS A 41 -9.17 5.14 4.77
C LYS A 41 -10.35 5.64 3.93
N LYS A 42 -10.23 5.49 2.63
CA LYS A 42 -11.29 5.86 1.71
C LYS A 42 -12.55 5.02 1.96
N LYS A 43 -12.31 3.72 2.22
CA LYS A 43 -13.41 2.79 2.49
C LYS A 43 -14.15 3.17 3.78
N TYR A 44 -13.36 3.49 4.82
CA TYR A 44 -13.91 3.82 6.15
C TYR A 44 -13.83 5.31 6.46
N SER A 45 -13.48 6.12 5.47
CA SER A 45 -13.37 7.57 5.67
C SER A 45 -12.73 7.89 7.02
N ASP A 46 -11.78 7.04 7.43
CA ASP A 46 -11.08 7.21 8.70
C ASP A 46 -12.05 7.06 9.85
N ALA A 47 -12.95 6.10 9.70
CA ALA A 47 -13.98 5.83 10.69
C ALA A 47 -13.55 4.72 11.64
N ASP A 48 -12.27 4.35 11.65
CA ASP A 48 -11.82 3.29 12.55
C ASP A 48 -10.31 3.40 12.86
N ILE A 49 -9.54 4.06 11.99
CA ILE A 49 -8.08 4.07 12.17
C ILE A 49 -7.61 4.78 13.47
N GLU A 50 -8.16 5.95 13.84
CA GLU A 50 -7.67 6.70 15.01
C GLU A 50 -7.24 5.85 16.23
N PRO A 51 -8.04 4.97 16.78
CA PRO A 51 -7.59 4.17 17.97
C PRO A 51 -6.23 3.52 17.75
N PHE A 52 -6.00 3.03 16.54
CA PHE A 52 -4.72 2.39 16.20
C PHE A 52 -3.58 3.41 16.36
N LEU A 53 -3.82 4.62 15.86
CA LEU A 53 -2.74 5.62 15.86
C LEU A 53 -2.30 5.91 17.30
N LYS A 54 -3.25 6.09 18.21
CA LYS A 54 -2.94 6.36 19.63
C LYS A 54 -2.17 5.20 20.25
N ASN A 55 -2.54 4.00 19.83
CA ASN A 55 -1.94 2.77 20.34
C ASN A 55 -0.43 2.75 20.06
N SER A 56 -0.01 3.22 18.88
CA SER A 56 1.41 3.28 18.53
C SER A 56 2.04 4.57 19.09
N SER A 57 3.35 4.77 18.85
CA SER A 57 4.05 5.96 19.35
C SER A 57 3.49 7.22 18.67
N GLN A 58 3.44 8.32 19.42
CA GLN A 58 2.87 9.59 18.93
C GLN A 58 3.64 10.23 17.76
N PHE A 59 4.96 10.21 17.79
CA PHE A 59 5.76 10.84 16.72
C PHE A 59 5.48 10.24 15.35
N PHE A 60 5.44 8.92 15.31
CA PHE A 60 5.22 8.18 14.06
C PHE A 60 3.86 8.47 13.43
N GLN A 61 2.90 8.88 14.24
CA GLN A 61 1.55 9.16 13.74
C GLN A 61 1.48 10.35 12.77
N SER A 62 2.22 11.43 13.06
CA SER A 62 2.16 12.61 12.19
C SER A 62 2.58 12.32 10.75
N TYR A 63 3.66 11.57 10.59
CA TYR A 63 4.19 11.29 9.24
C TYR A 63 3.18 10.53 8.38
N VAL A 64 2.56 9.50 8.95
CA VAL A 64 1.59 8.75 8.18
C VAL A 64 0.44 9.64 7.77
N GLU A 65 -0.02 10.48 8.69
CA GLU A 65 -1.11 11.38 8.37
C GLU A 65 -0.73 12.35 7.25
N ARG A 66 0.47 12.91 7.32
CA ARG A 66 0.94 13.84 6.29
C ARG A 66 1.11 13.15 4.93
N GLY A 67 1.66 11.94 4.97
CA GLY A 67 1.94 11.19 3.75
C GLY A 67 0.68 10.88 2.94
N LEU A 68 -0.43 10.62 3.60
CA LEU A 68 -1.65 10.24 2.90
C LEU A 68 -2.17 11.33 1.95
N ARG A 69 -2.12 12.59 2.36
CA ARG A 69 -2.60 13.65 1.46
C ARG A 69 -1.80 13.71 0.17
N VAL A 70 -0.48 13.61 0.27
CA VAL A 70 0.37 13.66 -0.92
C VAL A 70 0.07 12.48 -1.84
N ILE A 71 -0.36 11.34 -1.30
CA ILE A 71 -0.67 10.21 -2.19
C ILE A 71 -1.82 10.65 -3.09
N GLU A 72 -2.82 11.27 -2.51
CA GLU A 72 -3.99 11.68 -3.28
C GLU A 72 -3.60 12.64 -4.40
N MET A 73 -2.65 13.53 -4.11
CA MET A 73 -2.21 14.53 -5.08
C MET A 73 -1.61 13.87 -6.35
N GLU A 74 -0.82 12.81 -6.19
CA GLU A 74 -0.24 12.13 -7.34
C GLU A 74 -1.34 11.44 -8.15
N ARG A 75 -2.35 10.95 -7.45
CA ARG A 75 -3.48 10.29 -8.11
C ARG A 75 -4.19 11.29 -9.01
N GLU A 76 -4.24 12.53 -8.56
CA GLU A 76 -4.87 13.60 -9.32
C GLU A 76 -4.07 13.87 -10.60
N GLY A 77 -2.76 13.68 -10.50
CA GLY A 77 -1.85 13.87 -11.64
C GLY A 77 -1.33 15.30 -11.73
N LYS A 78 -1.52 16.05 -10.66
CA LYS A 78 -1.10 17.45 -10.61
C LYS A 78 0.31 17.66 -11.19
N GLY A 79 1.08 16.59 -11.42
CA GLY A 79 2.44 16.74 -11.96
C GLY A 79 3.48 16.83 -10.85
N ARG A 80 3.10 16.33 -9.68
CA ARG A 80 3.97 16.34 -8.50
C ARG A 80 4.72 15.02 -8.39
N ILE A 81 4.63 14.21 -9.43
CA ILE A 81 5.26 12.89 -9.41
C ILE A 81 6.59 12.88 -10.15
N SER A 82 7.64 12.64 -9.39
CA SER A 82 8.99 12.52 -9.92
C SER A 82 9.56 11.15 -9.51
N THR A 83 8.81 10.48 -8.64
CA THR A 83 9.19 9.17 -8.12
C THR A 83 9.18 8.07 -9.18
N SER A 84 8.27 8.16 -10.15
CA SER A 84 8.20 7.13 -11.17
C SER A 84 9.42 7.19 -12.08
N THR A 85 9.88 6.03 -12.53
CA THR A 85 11.06 5.96 -13.40
C THR A 85 10.65 6.10 -14.86
N GLY A 86 9.38 5.87 -15.17
CA GLY A 86 8.90 5.94 -16.55
C GLY A 86 8.62 7.37 -17.00
N ILE A 87 9.04 8.35 -16.22
CA ILE A 87 8.82 9.74 -16.58
C ILE A 87 9.68 10.11 -17.77
N SER A 88 9.05 10.74 -18.74
CA SER A 88 9.71 11.19 -19.96
C SER A 88 9.84 12.71 -19.93
N PRO A 89 11.03 13.27 -19.77
CA PRO A 89 11.17 14.75 -19.73
C PRO A 89 10.66 15.39 -21.02
N GLN A 90 10.03 16.55 -20.85
CA GLN A 90 9.48 17.30 -21.97
C GLN A 90 9.92 18.76 -21.93
N MET A 91 10.38 19.26 -23.06
CA MET A 91 10.81 20.65 -23.11
C MET A 91 9.64 21.58 -22.85
N GLU A 92 8.49 21.22 -23.43
CA GLU A 92 7.26 21.98 -23.25
C GLU A 92 6.16 21.09 -22.65
N VAL A 93 5.36 20.50 -23.53
CA VAL A 93 4.29 19.61 -23.11
C VAL A 93 4.14 18.43 -24.07
N THR A 94 3.87 17.25 -23.54
CA THR A 94 3.66 16.05 -24.36
C THR A 94 2.28 15.47 -24.10
N CYS A 95 1.56 15.20 -25.18
CA CYS A 95 0.23 14.61 -25.06
C CYS A 95 0.33 13.22 -24.47
N VAL A 96 1.39 12.51 -24.87
CA VAL A 96 1.64 11.16 -24.41
C VAL A 96 3.16 10.93 -24.34
N PRO A 97 3.69 10.19 -23.39
CA PRO A 97 5.15 9.93 -23.37
C PRO A 97 5.54 9.19 -24.66
N THR A 98 6.72 9.50 -25.16
CA THR A 98 7.20 8.93 -26.40
C THR A 98 7.51 7.42 -26.22
N PRO A 99 6.93 6.53 -27.01
CA PRO A 99 7.23 5.08 -26.88
C PRO A 99 8.66 4.76 -27.31
N THR A 100 9.26 3.72 -26.73
CA THR A 100 10.64 3.36 -27.05
C THR A 100 10.73 1.86 -27.32
N SER A 101 11.80 1.45 -27.97
CA SER A 101 11.97 0.03 -28.27
C SER A 101 12.05 -0.74 -26.95
N THR A 102 12.65 -0.08 -25.96
CA THR A 102 12.80 -0.66 -24.64
C THR A 102 11.44 -0.97 -24.01
N VAL A 103 10.50 -0.03 -24.12
CA VAL A 103 9.17 -0.22 -23.53
C VAL A 103 8.10 -0.18 -24.63
N SER A 104 7.24 -1.19 -24.61
CA SER A 104 6.15 -1.29 -25.58
C SER A 104 5.05 -2.18 -25.02
N SER A 105 3.81 -1.97 -25.47
CA SER A 105 2.71 -2.78 -24.99
C SER A 105 2.84 -4.21 -25.53
N ILE A 106 2.41 -5.20 -24.75
CA ILE A 106 2.49 -6.59 -25.15
C ILE A 106 1.16 -7.31 -24.98
N GLY A 107 0.97 -8.35 -25.78
CA GLY A 107 -0.25 -9.17 -25.73
C GLY A 107 0.04 -10.54 -25.16
N ASN A 108 0.99 -10.58 -24.21
CA ASN A 108 1.41 -11.84 -23.58
C ASN A 108 0.68 -12.09 -22.27
N THR A 109 -0.39 -11.33 -22.00
CA THR A 109 -1.17 -11.49 -20.77
C THR A 109 -2.66 -11.63 -21.09
N ASN A 110 -3.40 -12.22 -20.14
CA ASN A 110 -4.85 -12.41 -20.31
C ASN A 110 -5.57 -12.27 -18.97
N GLY A 111 -4.82 -12.51 -17.89
CA GLY A 111 -5.38 -12.41 -16.54
C GLY A 111 -5.01 -11.06 -15.92
N GLU A 112 -4.47 -10.16 -16.75
CA GLU A 112 -4.07 -8.84 -16.28
C GLU A 112 -3.35 -8.98 -14.93
N GLU A 113 -2.53 -10.02 -14.84
CA GLU A 113 -1.81 -10.30 -13.60
C GLU A 113 -0.67 -9.31 -13.41
N VAL A 114 -0.97 -8.27 -12.63
CA VAL A 114 0.02 -7.22 -12.34
C VAL A 114 -0.20 -6.65 -10.94
N GLY A 115 -1.15 -5.73 -10.84
CA GLY A 115 -1.45 -5.08 -9.57
C GLY A 115 -1.35 -6.02 -8.37
N PRO A 116 -2.14 -7.08 -8.32
CA PRO A 116 -2.12 -8.02 -7.15
C PRO A 116 -0.77 -8.70 -6.93
N SER A 117 -0.02 -8.93 -8.00
CA SER A 117 1.25 -9.61 -7.90
C SER A 117 2.23 -8.84 -7.01
N VAL A 118 2.26 -7.53 -7.15
CA VAL A 118 3.18 -6.75 -6.35
C VAL A 118 2.85 -6.94 -4.87
N TYR A 119 1.58 -6.80 -4.55
CA TYR A 119 1.08 -6.98 -3.19
C TYR A 119 1.33 -8.38 -2.65
N LEU A 120 1.06 -9.36 -3.48
CA LEU A 120 1.27 -10.73 -3.05
C LEU A 120 2.74 -10.98 -2.77
N GLU A 121 3.59 -10.49 -3.67
CA GLU A 121 5.02 -10.71 -3.53
C GLU A 121 5.64 -9.92 -2.38
N ARG A 122 5.37 -8.61 -2.32
CA ARG A 122 5.99 -7.82 -1.26
C ARG A 122 5.50 -8.24 0.12
N LEU A 123 4.20 -8.37 0.28
CA LEU A 123 3.69 -8.70 1.59
C LEU A 123 4.22 -10.06 2.05
N LYS A 124 4.25 -11.03 1.16
CA LYS A 124 4.76 -12.33 1.56
C LYS A 124 6.24 -12.22 1.99
N ILE A 125 7.03 -11.52 1.17
CA ILE A 125 8.48 -11.48 1.44
C ILE A 125 8.76 -10.85 2.82
N LEU A 126 8.06 -9.77 3.16
CA LEU A 126 8.25 -9.17 4.48
C LEU A 126 7.83 -10.20 5.54
N ARG A 127 6.70 -10.82 5.24
CA ARG A 127 6.02 -11.79 6.11
C ARG A 127 6.91 -13.02 6.40
N GLN A 128 7.60 -13.54 5.39
CA GLN A 128 8.46 -14.72 5.60
C GLN A 128 9.55 -14.40 6.61
N ARG A 129 10.08 -13.19 6.57
CA ARG A 129 11.10 -12.79 7.52
C ARG A 129 10.51 -12.82 8.93
N CYS A 130 9.25 -12.40 9.05
CA CYS A 130 8.57 -12.41 10.34
C CYS A 130 8.34 -13.85 10.78
N GLY A 131 8.05 -14.70 9.80
CA GLY A 131 7.81 -16.12 10.04
C GLY A 131 7.03 -16.71 8.87
N LEU A 132 7.50 -17.82 8.31
CA LEU A 132 6.83 -18.33 7.12
C LEU A 132 5.38 -18.70 7.45
N ASP A 133 5.14 -19.39 8.56
CA ASP A 133 3.78 -19.75 8.94
C ASP A 133 3.62 -19.74 10.45
N ASN A 134 4.64 -19.25 11.16
CA ASN A 134 4.63 -19.22 12.62
C ASN A 134 4.14 -17.88 13.17
N THR A 135 3.67 -16.99 12.30
CA THR A 135 3.22 -15.69 12.78
C THR A 135 2.06 -15.85 13.76
N LYS A 136 1.13 -16.75 13.43
CA LYS A 136 -0.01 -17.01 14.30
C LYS A 136 -0.34 -18.50 14.31
N GLN A 137 -0.82 -18.99 15.45
CA GLN A 137 -1.19 -20.40 15.57
C GLN A 137 -2.45 -20.54 16.40
N ASP A 138 -3.50 -21.06 15.78
CA ASP A 138 -4.78 -21.27 16.47
C ASP A 138 -5.30 -19.98 17.11
N ASP A 139 -4.48 -18.93 17.13
CA ASP A 139 -4.89 -17.66 17.73
C ASP A 139 -5.39 -16.69 16.65
N ARG A 140 -6.69 -16.45 16.62
CA ARG A 140 -7.27 -15.53 15.65
C ARG A 140 -6.70 -15.80 14.26
N PRO A 141 -7.02 -16.95 13.67
CA PRO A 141 -6.52 -17.32 12.32
C PRO A 141 -6.86 -16.25 11.28
N ALA A 1 -16.79 -5.13 33.97
CA ALA A 1 -16.60 -5.19 32.50
C ALA A 1 -16.25 -6.63 32.11
N SER A 2 -16.58 -7.00 30.87
CA SER A 2 -16.28 -8.34 30.41
C SER A 2 -14.77 -8.47 30.18
N ARG A 3 -14.24 -9.66 30.47
CA ARG A 3 -12.81 -9.91 30.31
C ARG A 3 -12.38 -9.74 28.85
N ILE A 4 -13.17 -10.29 27.94
CA ILE A 4 -12.87 -10.19 26.52
C ILE A 4 -12.89 -8.73 26.08
N ASP A 5 -13.93 -8.03 26.49
CA ASP A 5 -14.09 -6.61 26.15
C ASP A 5 -14.17 -6.42 24.65
N GLU A 6 -14.76 -7.39 23.98
CA GLU A 6 -14.92 -7.31 22.53
C GLU A 6 -13.61 -6.99 21.86
N LYS A 7 -12.54 -7.40 22.51
CA LYS A 7 -11.20 -7.16 21.97
C LYS A 7 -10.98 -7.96 20.70
N SER A 8 -11.78 -9.01 20.52
CA SER A 8 -11.66 -9.85 19.34
C SER A 8 -11.96 -9.07 18.06
N SER A 9 -12.91 -8.14 18.14
CA SER A 9 -13.29 -7.34 16.98
C SER A 9 -12.13 -6.49 16.47
N LYS A 10 -11.38 -5.89 17.38
CA LYS A 10 -10.25 -5.06 17.00
C LYS A 10 -9.01 -5.90 16.76
N ALA A 11 -9.03 -7.12 17.29
CA ALA A 11 -7.90 -8.01 17.14
C ALA A 11 -7.60 -8.33 15.68
N LYS A 12 -8.64 -8.72 14.93
CA LYS A 12 -8.45 -9.06 13.52
C LYS A 12 -8.03 -7.85 12.68
N VAL A 13 -8.74 -6.76 12.89
CA VAL A 13 -8.51 -5.54 12.12
C VAL A 13 -7.14 -4.95 12.37
N ASN A 14 -6.72 -5.00 13.62
CA ASN A 14 -5.42 -4.44 13.97
C ASN A 14 -4.32 -5.19 13.23
N ASP A 15 -4.43 -6.51 13.18
CA ASP A 15 -3.42 -7.31 12.52
C ASP A 15 -3.32 -6.95 11.03
N PHE A 16 -4.48 -6.79 10.39
CA PHE A 16 -4.51 -6.44 8.98
C PHE A 16 -3.81 -5.09 8.77
N LEU A 17 -4.14 -4.15 9.64
CA LEU A 17 -3.55 -2.82 9.60
C LEU A 17 -2.05 -2.91 9.85
N ALA A 18 -1.70 -3.77 10.79
CA ALA A 18 -0.31 -3.94 11.17
C ALA A 18 0.52 -4.35 9.97
N GLU A 19 -0.05 -5.14 9.08
CA GLU A 19 0.68 -5.54 7.88
C GLU A 19 0.93 -4.33 6.99
N ILE A 20 -0.06 -3.46 6.91
CA ILE A 20 0.06 -2.24 6.13
C ILE A 20 1.14 -1.34 6.70
N PHE A 21 1.17 -1.20 8.03
CA PHE A 21 2.17 -0.36 8.66
C PHE A 21 3.58 -0.90 8.38
N LYS A 22 3.76 -2.21 8.48
CA LYS A 22 5.08 -2.78 8.26
C LYS A 22 5.55 -2.45 6.85
N LYS A 23 4.62 -2.42 5.90
CA LYS A 23 4.97 -1.99 4.55
C LYS A 23 5.40 -0.52 4.58
N ILE A 24 4.71 0.29 5.36
CA ILE A 24 5.05 1.70 5.51
C ILE A 24 6.43 1.88 6.15
N GLY A 25 6.69 1.08 7.18
CA GLY A 25 7.95 1.16 7.91
C GLY A 25 9.14 0.90 6.98
N SER A 26 9.01 -0.07 6.08
CA SER A 26 10.11 -0.33 5.16
C SER A 26 10.16 0.79 4.12
N LYS A 27 11.37 1.14 3.69
CA LYS A 27 11.52 2.18 2.67
C LYS A 27 11.02 1.69 1.32
N GLU A 28 11.36 0.44 1.01
CA GLU A 28 10.97 -0.15 -0.27
C GLU A 28 9.45 -0.25 -0.40
N ASN A 29 8.77 -0.69 0.66
CA ASN A 29 7.33 -0.91 0.59
C ASN A 29 6.51 0.32 1.00
N THR A 30 7.15 1.47 1.16
CA THR A 30 6.45 2.68 1.60
C THR A 30 5.33 3.11 0.63
N LYS A 31 5.58 3.07 -0.66
CA LYS A 31 4.55 3.46 -1.63
C LYS A 31 3.36 2.50 -1.56
N GLU A 32 3.68 1.23 -1.44
CA GLU A 32 2.66 0.18 -1.40
C GLU A 32 1.82 0.30 -0.13
N GLY A 33 2.50 0.50 0.98
CA GLY A 33 1.83 0.60 2.27
C GLY A 33 0.94 1.83 2.37
N LEU A 34 1.43 2.95 1.88
CA LEU A 34 0.65 4.18 1.90
C LEU A 34 -0.59 4.05 1.03
N ALA A 35 -0.39 3.45 -0.12
CA ALA A 35 -1.46 3.29 -1.09
C ALA A 35 -2.62 2.49 -0.53
N GLU A 36 -2.32 1.43 0.20
CA GLU A 36 -3.39 0.64 0.80
C GLU A 36 -4.08 1.41 1.92
N LEU A 37 -3.29 2.13 2.71
CA LEU A 37 -3.86 2.88 3.83
C LEU A 37 -4.80 3.94 3.28
N TYR A 38 -4.38 4.60 2.20
CA TYR A 38 -5.23 5.62 1.59
C TYR A 38 -6.53 4.99 1.12
N GLU A 39 -6.42 3.84 0.43
CA GLU A 39 -7.62 3.17 -0.07
C GLU A 39 -8.50 2.74 1.11
N TYR A 40 -7.89 2.16 2.14
CA TYR A 40 -8.66 1.69 3.30
C TYR A 40 -9.36 2.88 3.94
N LYS A 41 -8.65 4.00 4.07
CA LYS A 41 -9.20 5.21 4.67
C LYS A 41 -10.39 5.69 3.83
N LYS A 42 -10.27 5.52 2.52
CA LYS A 42 -11.32 5.90 1.60
C LYS A 42 -12.57 5.04 1.87
N LYS A 43 -12.34 3.75 2.12
CA LYS A 43 -13.42 2.82 2.42
C LYS A 43 -14.12 3.18 3.74
N TYR A 44 -13.31 3.48 4.76
CA TYR A 44 -13.84 3.78 6.10
C TYR A 44 -13.77 5.26 6.46
N SER A 45 -13.48 6.10 5.47
CA SER A 45 -13.38 7.54 5.69
C SER A 45 -12.67 7.85 7.02
N ASP A 46 -11.74 6.99 7.39
CA ASP A 46 -10.99 7.17 8.62
C ASP A 46 -11.90 6.99 9.85
N ALA A 47 -12.74 5.98 9.82
CA ALA A 47 -13.64 5.73 10.93
C ALA A 47 -12.94 5.14 12.16
N ASP A 48 -12.35 3.95 11.99
CA ASP A 48 -11.69 3.26 13.10
C ASP A 48 -10.16 3.42 13.19
N ILE A 49 -9.52 4.14 12.25
CA ILE A 49 -8.05 4.18 12.32
C ILE A 49 -7.49 4.87 13.60
N GLU A 50 -8.02 6.02 14.03
CA GLU A 50 -7.45 6.74 15.19
C GLU A 50 -6.99 5.86 16.37
N PRO A 51 -7.81 5.01 16.93
CA PRO A 51 -7.36 4.18 18.09
C PRO A 51 -6.05 3.46 17.79
N PHE A 52 -5.89 2.97 16.58
CA PHE A 52 -4.66 2.31 16.22
C PHE A 52 -3.51 3.32 16.36
N LEU A 53 -3.75 4.54 15.88
CA LEU A 53 -2.68 5.55 15.87
C LEU A 53 -2.21 5.86 17.32
N LYS A 54 -3.13 6.04 18.29
CA LYS A 54 -2.69 6.37 19.66
C LYS A 54 -1.98 5.19 20.31
N ASN A 55 -2.32 4.01 19.84
CA ASN A 55 -1.75 2.77 20.37
C ASN A 55 -0.24 2.74 20.12
N SER A 56 0.18 3.23 18.96
CA SER A 56 1.60 3.29 18.61
C SER A 56 2.23 4.57 19.16
N SER A 57 3.51 4.80 18.87
CA SER A 57 4.19 6.01 19.35
C SER A 57 3.55 7.24 18.72
N GLN A 58 3.44 8.33 19.48
CA GLN A 58 2.80 9.57 19.02
C GLN A 58 3.53 10.27 17.86
N PHE A 59 4.85 10.31 17.89
CA PHE A 59 5.63 10.99 16.85
C PHE A 59 5.39 10.39 15.46
N PHE A 60 5.42 9.07 15.40
CA PHE A 60 5.25 8.35 14.14
C PHE A 60 3.88 8.60 13.48
N GLN A 61 2.90 8.99 14.28
CA GLN A 61 1.56 9.21 13.78
C GLN A 61 1.46 10.42 12.82
N SER A 62 2.21 11.49 13.10
CA SER A 62 2.14 12.68 12.28
C SER A 62 2.58 12.41 10.83
N TYR A 63 3.67 11.68 10.66
CA TYR A 63 4.19 11.39 9.31
C TYR A 63 3.19 10.64 8.46
N VAL A 64 2.55 9.62 9.00
CA VAL A 64 1.59 8.85 8.21
C VAL A 64 0.47 9.78 7.77
N GLU A 65 -0.01 10.61 8.67
CA GLU A 65 -1.09 11.53 8.35
C GLU A 65 -0.68 12.48 7.22
N ARG A 66 0.53 13.03 7.32
CA ARG A 66 1.02 13.95 6.29
C ARG A 66 1.19 13.27 4.94
N GLY A 67 1.72 12.05 4.97
CA GLY A 67 1.98 11.29 3.76
C GLY A 67 0.73 10.97 2.95
N LEU A 68 -0.40 10.74 3.61
CA LEU A 68 -1.62 10.37 2.89
C LEU A 68 -2.11 11.46 1.93
N ARG A 69 -2.05 12.73 2.33
CA ARG A 69 -2.51 13.80 1.43
C ARG A 69 -1.66 13.82 0.15
N VAL A 70 -0.35 13.70 0.28
CA VAL A 70 0.48 13.74 -0.92
C VAL A 70 0.19 12.56 -1.85
N ILE A 71 -0.25 11.43 -1.32
CA ILE A 71 -0.53 10.30 -2.21
C ILE A 71 -1.66 10.70 -3.16
N GLU A 72 -2.69 11.33 -2.59
CA GLU A 72 -3.86 11.73 -3.37
C GLU A 72 -3.48 12.75 -4.45
N MET A 73 -2.56 13.62 -4.13
CA MET A 73 -2.10 14.62 -5.09
C MET A 73 -1.51 13.94 -6.33
N GLU A 74 -0.77 12.86 -6.13
CA GLU A 74 -0.15 12.17 -7.25
C GLU A 74 -1.25 11.59 -8.14
N ARG A 75 -2.31 11.10 -7.50
CA ARG A 75 -3.46 10.50 -8.17
C ARG A 75 -4.18 11.54 -9.03
N GLU A 76 -4.23 12.77 -8.51
CA GLU A 76 -4.88 13.88 -9.20
C GLU A 76 -4.16 14.22 -10.51
N GLY A 77 -2.85 14.05 -10.52
CA GLY A 77 -2.06 14.36 -11.74
C GLY A 77 -1.60 15.81 -11.76
N LYS A 78 -1.76 16.49 -10.64
CA LYS A 78 -1.38 17.90 -10.51
C LYS A 78 -0.07 18.22 -11.22
N GLY A 79 0.70 17.20 -11.63
CA GLY A 79 1.96 17.42 -12.34
C GLY A 79 3.14 16.83 -11.59
N ARG A 80 2.88 16.26 -10.42
CA ARG A 80 3.94 15.64 -9.64
C ARG A 80 4.47 14.43 -10.42
N ILE A 81 3.57 13.73 -11.08
CA ILE A 81 3.92 12.55 -11.87
C ILE A 81 4.38 12.96 -13.27
N SER A 82 5.52 12.43 -13.64
CA SER A 82 6.07 12.66 -14.98
C SER A 82 5.95 11.36 -15.77
N THR A 83 5.53 11.43 -17.04
CA THR A 83 5.37 10.22 -17.82
C THR A 83 6.70 9.51 -18.05
N SER A 84 7.71 10.27 -18.44
CA SER A 84 9.03 9.70 -18.71
C SER A 84 10.14 10.69 -18.40
N THR A 85 11.30 10.19 -18.00
CA THR A 85 12.42 11.07 -17.76
C THR A 85 12.76 11.66 -19.11
N GLY A 86 12.56 10.82 -20.13
CA GLY A 86 12.76 11.18 -21.52
C GLY A 86 11.61 10.60 -22.34
N ILE A 87 10.92 11.47 -23.06
CA ILE A 87 9.76 11.07 -23.87
C ILE A 87 10.21 10.28 -25.10
N SER A 88 9.57 9.13 -25.31
CA SER A 88 9.88 8.29 -26.45
C SER A 88 9.31 8.92 -27.71
N PRO A 89 9.84 8.61 -28.88
CA PRO A 89 9.31 9.18 -30.15
C PRO A 89 7.88 8.74 -30.39
N GLN A 90 7.07 9.64 -30.94
CA GLN A 90 5.66 9.37 -31.22
C GLN A 90 5.32 9.80 -32.65
N MET A 91 4.24 9.24 -33.19
CA MET A 91 3.86 9.57 -34.56
C MET A 91 3.58 11.06 -34.72
N GLU A 92 2.54 11.56 -34.04
CA GLU A 92 2.23 12.99 -34.12
C GLU A 92 2.78 13.71 -32.91
N VAL A 93 1.97 13.81 -31.85
CA VAL A 93 2.40 14.48 -30.64
C VAL A 93 1.44 14.21 -29.49
N THR A 94 1.91 13.49 -28.49
CA THR A 94 1.11 13.19 -27.31
C THR A 94 1.94 13.32 -26.05
N CYS A 95 1.29 13.60 -24.93
CA CYS A 95 1.98 13.67 -23.65
C CYS A 95 2.52 12.30 -23.27
N VAL A 96 1.69 11.29 -23.56
CA VAL A 96 2.00 9.89 -23.24
C VAL A 96 1.62 9.02 -24.46
N PRO A 97 2.30 7.92 -24.72
CA PRO A 97 1.89 7.06 -25.87
C PRO A 97 0.45 6.57 -25.70
N THR A 98 -0.27 6.48 -26.81
CA THR A 98 -1.68 6.09 -26.81
C THR A 98 -1.91 4.69 -27.42
N PRO A 99 -2.70 3.83 -26.80
CA PRO A 99 -3.03 2.50 -27.39
C PRO A 99 -3.93 2.70 -28.59
N THR A 100 -3.93 1.77 -29.55
CA THR A 100 -4.75 1.94 -30.76
C THR A 100 -5.58 0.70 -31.02
N SER A 101 -6.65 0.87 -31.78
CA SER A 101 -7.53 -0.24 -32.09
C SER A 101 -6.75 -1.27 -32.90
N THR A 102 -5.69 -0.80 -33.55
CA THR A 102 -4.83 -1.68 -34.32
C THR A 102 -4.14 -2.67 -33.40
N VAL A 103 -3.62 -2.16 -32.28
CA VAL A 103 -2.90 -2.98 -31.30
C VAL A 103 -3.58 -2.86 -29.93
N SER A 104 -3.88 -4.00 -29.30
CA SER A 104 -4.50 -3.99 -27.97
C SER A 104 -3.89 -5.05 -27.07
N SER A 105 -3.81 -6.28 -27.60
CA SER A 105 -3.26 -7.40 -26.83
C SER A 105 -2.76 -8.49 -27.78
N ILE A 106 -1.94 -9.40 -27.25
CA ILE A 106 -1.41 -10.48 -28.08
C ILE A 106 -2.55 -11.36 -28.56
N GLY A 107 -3.47 -11.68 -27.67
CA GLY A 107 -4.63 -12.49 -28.03
C GLY A 107 -5.08 -13.36 -26.86
N ASN A 108 -4.42 -14.51 -26.72
CA ASN A 108 -4.75 -15.45 -25.65
C ASN A 108 -3.82 -15.29 -24.46
N THR A 109 -4.33 -14.68 -23.40
CA THR A 109 -3.54 -14.49 -22.18
C THR A 109 -4.46 -14.51 -20.95
N ASN A 110 -3.89 -14.89 -19.81
CA ASN A 110 -4.68 -14.98 -18.59
C ASN A 110 -5.25 -13.63 -18.21
N GLY A 111 -4.45 -12.58 -18.35
CA GLY A 111 -4.90 -11.25 -18.02
C GLY A 111 -3.73 -10.31 -17.83
N GLU A 112 -3.79 -9.52 -16.77
CA GLU A 112 -2.76 -8.55 -16.45
C GLU A 112 -2.43 -8.61 -14.96
N GLU A 113 -2.11 -9.81 -14.48
CA GLU A 113 -1.78 -9.98 -13.07
C GLU A 113 -0.60 -9.10 -12.69
N VAL A 114 -0.90 -7.83 -12.49
CA VAL A 114 0.13 -6.84 -12.12
C VAL A 114 -0.05 -6.39 -10.69
N GLY A 115 -1.03 -5.53 -10.45
CA GLY A 115 -1.27 -5.00 -9.12
C GLY A 115 -1.17 -6.08 -8.05
N PRO A 116 -1.95 -7.12 -8.15
CA PRO A 116 -1.95 -8.23 -7.14
C PRO A 116 -0.56 -8.82 -6.91
N SER A 117 0.22 -8.96 -7.97
CA SER A 117 1.56 -9.56 -7.86
C SER A 117 2.49 -8.78 -6.92
N VAL A 118 2.48 -7.47 -7.00
CA VAL A 118 3.37 -6.71 -6.12
C VAL A 118 2.97 -6.94 -4.67
N TYR A 119 1.68 -6.82 -4.40
CA TYR A 119 1.15 -7.03 -3.05
C TYR A 119 1.43 -8.45 -2.55
N LEU A 120 1.16 -9.41 -3.41
CA LEU A 120 1.39 -10.79 -3.01
C LEU A 120 2.86 -11.06 -2.79
N GLU A 121 3.69 -10.56 -3.69
CA GLU A 121 5.12 -10.80 -3.60
C GLU A 121 5.80 -10.05 -2.47
N ARG A 122 5.59 -8.75 -2.40
CA ARG A 122 6.27 -7.99 -1.36
C ARG A 122 5.79 -8.40 0.04
N LEU A 123 4.49 -8.52 0.19
CA LEU A 123 3.92 -8.80 1.48
C LEU A 123 4.39 -10.16 2.00
N LYS A 124 4.45 -11.18 1.16
CA LYS A 124 4.89 -12.49 1.63
C LYS A 124 6.30 -12.33 2.20
N ILE A 125 7.12 -11.60 1.48
CA ILE A 125 8.51 -11.43 1.89
C ILE A 125 8.58 -10.75 3.27
N LEU A 126 7.79 -9.72 3.50
CA LEU A 126 7.78 -9.09 4.83
C LEU A 126 7.27 -10.14 5.86
N ARG A 127 6.24 -10.85 5.41
CA ARG A 127 5.54 -11.87 6.26
C ARG A 127 6.48 -13.01 6.69
N GLN A 128 7.39 -13.46 5.85
CA GLN A 128 8.27 -14.56 6.26
C GLN A 128 8.95 -14.19 7.57
N ARG A 129 9.35 -12.93 7.69
CA ARG A 129 9.99 -12.44 8.91
C ARG A 129 9.01 -12.53 10.08
N CYS A 130 7.74 -12.23 9.80
CA CYS A 130 6.67 -12.31 10.80
C CYS A 130 6.41 -13.76 11.20
N GLY A 131 6.62 -14.65 10.23
CA GLY A 131 6.35 -16.08 10.38
C GLY A 131 7.12 -16.72 11.55
N LEU A 132 8.35 -16.29 11.82
CA LEU A 132 9.10 -16.90 12.92
C LEU A 132 8.89 -16.06 14.19
N ASP A 133 8.37 -16.71 15.24
CA ASP A 133 8.09 -16.05 16.51
C ASP A 133 9.22 -16.29 17.52
N ASN A 134 9.04 -15.78 18.73
CA ASN A 134 10.02 -15.95 19.81
C ASN A 134 9.67 -17.18 20.66
N THR A 135 8.78 -18.01 20.12
CA THR A 135 8.33 -19.22 20.81
C THR A 135 9.37 -20.32 20.72
N LYS A 136 9.16 -21.41 21.46
CA LYS A 136 10.08 -22.54 21.47
C LYS A 136 9.31 -23.82 21.20
N GLN A 137 10.01 -24.85 20.75
CA GLN A 137 9.34 -26.11 20.42
C GLN A 137 8.67 -26.74 21.64
N ASP A 138 7.39 -27.01 21.45
CA ASP A 138 6.55 -27.61 22.49
C ASP A 138 6.53 -29.13 22.38
N ASP A 139 7.27 -29.68 21.42
CA ASP A 139 7.31 -31.13 21.23
C ASP A 139 8.38 -31.77 22.12
N ARG A 140 7.99 -32.12 23.34
CA ARG A 140 8.92 -32.73 24.29
C ARG A 140 8.18 -33.65 25.26
N PRO A 141 7.24 -34.43 24.79
CA PRO A 141 6.48 -35.38 25.66
C PRO A 141 7.37 -36.48 26.23
N ALA A 1 -17.04 -7.71 33.21
CA ALA A 1 -16.91 -7.15 31.84
C ALA A 1 -15.90 -7.97 31.04
N SER A 2 -16.27 -9.22 30.74
CA SER A 2 -15.39 -10.11 29.98
C SER A 2 -15.56 -9.89 28.49
N ARG A 3 -16.53 -9.08 28.12
CA ARG A 3 -16.78 -8.82 26.71
C ARG A 3 -15.57 -8.14 26.07
N ILE A 4 -14.98 -7.21 26.81
CA ILE A 4 -13.81 -6.49 26.31
C ILE A 4 -12.56 -7.36 26.38
N ASP A 5 -12.61 -8.39 27.20
CA ASP A 5 -11.46 -9.27 27.34
C ASP A 5 -11.17 -9.93 25.99
N GLU A 6 -12.24 -10.32 25.31
CA GLU A 6 -12.11 -10.96 24.00
C GLU A 6 -11.56 -9.97 22.98
N LYS A 7 -12.02 -8.71 23.09
CA LYS A 7 -11.59 -7.63 22.18
C LYS A 7 -11.15 -8.15 20.81
N SER A 8 -11.82 -9.18 20.37
CA SER A 8 -11.54 -9.84 19.10
C SER A 8 -11.79 -8.91 17.92
N SER A 9 -12.80 -8.04 18.04
CA SER A 9 -13.14 -7.15 16.94
C SER A 9 -11.98 -6.24 16.55
N LYS A 10 -11.28 -5.68 17.52
CA LYS A 10 -10.13 -4.83 17.22
C LYS A 10 -8.89 -5.67 16.98
N ALA A 11 -8.88 -6.86 17.54
CA ALA A 11 -7.72 -7.72 17.40
C ALA A 11 -7.46 -8.09 15.93
N LYS A 12 -8.50 -8.50 15.22
CA LYS A 12 -8.35 -8.89 13.81
C LYS A 12 -7.96 -7.72 12.92
N VAL A 13 -8.65 -6.61 13.11
CA VAL A 13 -8.43 -5.42 12.29
C VAL A 13 -7.04 -4.83 12.50
N ASN A 14 -6.59 -4.83 13.74
CA ASN A 14 -5.29 -4.27 14.06
C ASN A 14 -4.19 -5.06 13.34
N ASP A 15 -4.32 -6.36 13.32
CA ASP A 15 -3.31 -7.21 12.69
C ASP A 15 -3.21 -6.90 11.19
N PHE A 16 -4.35 -6.74 10.55
CA PHE A 16 -4.37 -6.40 9.13
C PHE A 16 -3.65 -5.08 8.90
N LEU A 17 -3.99 -4.11 9.75
CA LEU A 17 -3.38 -2.79 9.69
C LEU A 17 -1.88 -2.87 9.94
N ALA A 18 -1.54 -3.71 10.89
CA ALA A 18 -0.16 -3.88 11.29
C ALA A 18 0.68 -4.31 10.10
N GLU A 19 0.11 -5.11 9.21
CA GLU A 19 0.82 -5.53 8.02
C GLU A 19 1.08 -4.36 7.11
N ILE A 20 0.10 -3.48 7.02
CA ILE A 20 0.21 -2.29 6.20
C ILE A 20 1.30 -1.37 6.74
N PHE A 21 1.35 -1.21 8.06
CA PHE A 21 2.37 -0.37 8.67
C PHE A 21 3.76 -0.92 8.39
N LYS A 22 3.95 -2.22 8.51
CA LYS A 22 5.26 -2.80 8.28
C LYS A 22 5.75 -2.48 6.87
N LYS A 23 4.83 -2.47 5.92
CA LYS A 23 5.18 -2.07 4.57
C LYS A 23 5.61 -0.60 4.57
N ILE A 24 4.89 0.22 5.34
CA ILE A 24 5.23 1.64 5.46
C ILE A 24 6.61 1.82 6.10
N GLY A 25 6.85 1.04 7.13
CA GLY A 25 8.11 1.13 7.87
C GLY A 25 9.30 0.86 6.96
N SER A 26 9.19 -0.12 6.07
CA SER A 26 10.29 -0.39 5.15
C SER A 26 10.33 0.72 4.09
N LYS A 27 11.54 1.09 3.66
CA LYS A 27 11.68 2.12 2.62
C LYS A 27 11.16 1.59 1.28
N GLU A 28 11.53 0.35 1.00
CA GLU A 28 11.16 -0.28 -0.27
C GLU A 28 9.64 -0.40 -0.41
N ASN A 29 8.96 -0.83 0.64
CA ASN A 29 7.53 -1.06 0.57
C ASN A 29 6.69 0.17 0.95
N THR A 30 7.31 1.33 1.11
CA THR A 30 6.59 2.54 1.53
C THR A 30 5.48 2.99 0.56
N LYS A 31 5.75 2.96 -0.73
CA LYS A 31 4.73 3.35 -1.71
C LYS A 31 3.53 2.40 -1.66
N GLU A 32 3.86 1.13 -1.53
CA GLU A 32 2.84 0.08 -1.49
C GLU A 32 1.98 0.21 -0.24
N GLY A 33 2.63 0.41 0.90
CA GLY A 33 1.93 0.55 2.16
C GLY A 33 1.08 1.82 2.24
N LEU A 34 1.62 2.93 1.78
CA LEU A 34 0.88 4.18 1.80
C LEU A 34 -0.34 4.08 0.91
N ALA A 35 -0.13 3.51 -0.26
CA ALA A 35 -1.19 3.39 -1.25
C ALA A 35 -2.35 2.55 -0.75
N GLU A 36 -2.06 1.47 -0.05
CA GLU A 36 -3.12 0.65 0.50
C GLU A 36 -3.82 1.35 1.66
N LEU A 37 -3.05 2.04 2.49
CA LEU A 37 -3.63 2.74 3.62
C LEU A 37 -4.57 3.83 3.11
N TYR A 38 -4.14 4.52 2.06
CA TYR A 38 -4.98 5.57 1.48
C TYR A 38 -6.28 4.95 0.98
N GLU A 39 -6.16 3.85 0.25
CA GLU A 39 -7.35 3.18 -0.29
C GLU A 39 -8.24 2.68 0.85
N TYR A 40 -7.65 2.03 1.85
CA TYR A 40 -8.44 1.51 2.98
C TYR A 40 -9.17 2.66 3.66
N LYS A 41 -8.45 3.76 3.89
CA LYS A 41 -9.02 4.92 4.54
C LYS A 41 -10.16 5.47 3.69
N LYS A 42 -9.99 5.42 2.38
CA LYS A 42 -11.00 5.88 1.45
C LYS A 42 -12.26 5.00 1.59
N LYS A 43 -12.03 3.70 1.75
CA LYS A 43 -13.13 2.75 1.93
C LYS A 43 -13.91 3.01 3.23
N TYR A 44 -13.17 3.23 4.31
CA TYR A 44 -13.77 3.45 5.64
C TYR A 44 -13.72 4.90 6.12
N SER A 45 -13.32 5.80 5.24
CA SER A 45 -13.22 7.23 5.58
C SER A 45 -12.86 7.48 7.06
N ASP A 46 -11.57 7.38 7.35
CA ASP A 46 -11.02 7.64 8.69
C ASP A 46 -11.94 7.17 9.83
N ALA A 47 -12.61 6.04 9.64
CA ALA A 47 -13.52 5.57 10.68
C ALA A 47 -12.82 5.07 11.95
N ASP A 48 -12.19 3.89 11.89
CA ASP A 48 -11.55 3.31 13.08
C ASP A 48 -10.01 3.45 13.13
N ILE A 49 -9.40 4.13 12.17
CA ILE A 49 -7.93 4.16 12.20
C ILE A 49 -7.35 4.89 13.44
N GLU A 50 -7.89 6.05 13.85
CA GLU A 50 -7.31 6.80 14.97
C GLU A 50 -6.91 5.96 16.20
N PRO A 51 -7.76 5.15 16.78
CA PRO A 51 -7.35 4.36 17.99
C PRO A 51 -6.05 3.61 17.75
N PHE A 52 -5.87 3.06 16.56
CA PHE A 52 -4.64 2.37 16.27
C PHE A 52 -3.48 3.38 16.40
N LEU A 53 -3.71 4.56 15.84
CA LEU A 53 -2.65 5.57 15.81
C LEU A 53 -2.20 5.95 17.24
N LYS A 54 -3.13 6.20 18.18
CA LYS A 54 -2.73 6.59 19.55
C LYS A 54 -2.05 5.42 20.26
N ASN A 55 -2.43 4.23 19.87
CA ASN A 55 -1.90 3.00 20.46
C ASN A 55 -0.39 2.91 20.22
N SER A 56 0.04 3.31 19.03
CA SER A 56 1.46 3.31 18.69
C SER A 56 2.12 4.58 19.22
N SER A 57 3.41 4.77 18.98
CA SER A 57 4.09 5.97 19.45
C SER A 57 3.51 7.19 18.74
N GLN A 58 3.38 8.30 19.47
CA GLN A 58 2.79 9.53 18.93
C GLN A 58 3.57 10.18 17.79
N PHE A 59 4.90 10.18 17.88
CA PHE A 59 5.73 10.82 16.85
C PHE A 59 5.52 10.21 15.46
N PHE A 60 5.51 8.88 15.41
CA PHE A 60 5.35 8.16 14.14
C PHE A 60 4.00 8.43 13.47
N GLN A 61 3.00 8.79 14.26
CA GLN A 61 1.65 9.04 13.73
C GLN A 61 1.57 10.25 12.81
N SER A 62 2.29 11.32 13.11
CA SER A 62 2.19 12.52 12.30
C SER A 62 2.64 12.26 10.86
N TYR A 63 3.75 11.54 10.70
CA TYR A 63 4.28 11.29 9.35
C TYR A 63 3.30 10.49 8.48
N VAL A 64 2.71 9.43 9.01
CA VAL A 64 1.78 8.65 8.21
C VAL A 64 0.58 9.51 7.80
N GLU A 65 0.06 10.28 8.74
CA GLU A 65 -1.09 11.12 8.44
C GLU A 65 -0.72 12.14 7.36
N ARG A 66 0.44 12.77 7.50
CA ARG A 66 0.90 13.74 6.51
C ARG A 66 1.11 13.08 5.15
N GLY A 67 1.70 11.88 5.16
CA GLY A 67 2.02 11.17 3.92
C GLY A 67 0.78 10.85 3.10
N LEU A 68 -0.34 10.53 3.73
CA LEU A 68 -1.54 10.14 2.99
C LEU A 68 -2.06 11.27 2.10
N ARG A 69 -2.04 12.50 2.56
CA ARG A 69 -2.53 13.59 1.71
C ARG A 69 -1.73 13.73 0.42
N VAL A 70 -0.39 13.64 0.50
CA VAL A 70 0.44 13.78 -0.68
C VAL A 70 0.19 12.67 -1.68
N ILE A 71 -0.14 11.44 -1.22
CA ILE A 71 -0.35 10.38 -2.21
C ILE A 71 -1.51 10.84 -3.09
N GLU A 72 -2.57 11.33 -2.47
CA GLU A 72 -3.75 11.74 -3.23
C GLU A 72 -3.42 12.83 -4.24
N MET A 73 -2.59 13.75 -3.85
CA MET A 73 -2.20 14.84 -4.76
C MET A 73 -1.60 14.27 -6.05
N GLU A 74 -0.81 13.22 -5.93
CA GLU A 74 -0.22 12.60 -7.12
C GLU A 74 -1.33 12.00 -7.98
N ARG A 75 -2.32 11.40 -7.31
CA ARG A 75 -3.45 10.78 -7.99
C ARG A 75 -4.26 11.83 -8.73
N GLU A 76 -4.38 13.01 -8.13
CA GLU A 76 -5.11 14.11 -8.74
C GLU A 76 -4.36 14.58 -9.99
N GLY A 77 -3.03 14.58 -9.88
CA GLY A 77 -2.18 14.98 -11.00
C GLY A 77 -2.02 16.49 -11.04
N LYS A 78 -2.53 17.17 -10.02
CA LYS A 78 -2.47 18.63 -9.94
C LYS A 78 -1.27 19.21 -10.70
N GLY A 79 -0.19 19.53 -10.01
CA GLY A 79 0.99 20.11 -10.66
C GLY A 79 2.26 19.32 -10.38
N ARG A 80 2.15 18.32 -9.51
CA ARG A 80 3.32 17.50 -9.17
C ARG A 80 3.77 16.71 -10.38
N ILE A 81 2.79 16.25 -11.14
CA ILE A 81 3.04 15.43 -12.31
C ILE A 81 2.78 16.18 -13.61
N SER A 82 3.78 16.14 -14.45
CA SER A 82 3.73 16.78 -15.77
C SER A 82 2.80 16.01 -16.70
N THR A 83 2.20 16.69 -17.66
CA THR A 83 1.29 16.04 -18.59
C THR A 83 2.05 14.96 -19.38
N SER A 84 1.39 13.81 -19.57
CA SER A 84 2.04 12.69 -20.26
C SER A 84 2.44 13.05 -21.69
N THR A 85 1.56 13.76 -22.38
CA THR A 85 1.82 14.13 -23.78
C THR A 85 1.87 12.85 -24.61
N GLY A 86 1.77 11.72 -23.91
CA GLY A 86 1.81 10.41 -24.54
C GLY A 86 0.64 10.22 -25.48
N ILE A 87 -0.51 10.80 -25.13
CA ILE A 87 -1.70 10.65 -25.97
C ILE A 87 -1.59 11.56 -27.18
N SER A 88 -1.86 10.99 -28.34
CA SER A 88 -1.80 11.75 -29.59
C SER A 88 -2.98 12.71 -29.66
N PRO A 89 -2.86 13.81 -30.37
CA PRO A 89 -3.97 14.79 -30.50
C PRO A 89 -5.17 14.19 -31.22
N GLN A 90 -6.37 14.60 -30.81
CA GLN A 90 -7.61 14.13 -31.40
C GLN A 90 -8.51 15.30 -31.74
N MET A 91 -9.49 15.07 -32.61
CA MET A 91 -10.37 16.16 -33.01
C MET A 91 -11.09 16.72 -31.79
N GLU A 92 -11.93 15.90 -31.15
CA GLU A 92 -12.64 16.32 -29.95
C GLU A 92 -12.22 15.44 -28.78
N VAL A 93 -12.95 14.35 -28.57
CA VAL A 93 -12.64 13.41 -27.51
C VAL A 93 -12.88 11.98 -28.00
N THR A 94 -11.96 11.06 -27.70
CA THR A 94 -12.11 9.67 -28.09
C THR A 94 -11.72 8.74 -26.95
N CYS A 95 -12.28 7.54 -26.95
CA CYS A 95 -11.93 6.56 -25.94
C CYS A 95 -10.48 6.15 -26.13
N VAL A 96 -10.11 6.05 -27.39
CA VAL A 96 -8.75 5.66 -27.79
C VAL A 96 -8.40 6.39 -29.09
N PRO A 97 -7.16 6.81 -29.31
CA PRO A 97 -6.82 7.45 -30.59
C PRO A 97 -7.10 6.48 -31.73
N THR A 98 -7.58 7.00 -32.85
CA THR A 98 -7.90 6.16 -34.00
C THR A 98 -6.68 5.40 -34.52
N PRO A 99 -6.60 4.08 -34.36
CA PRO A 99 -5.43 3.32 -34.86
C PRO A 99 -5.44 3.22 -36.39
N THR A 100 -4.26 3.08 -37.00
CA THR A 100 -4.17 2.98 -38.46
C THR A 100 -3.30 1.78 -38.83
N SER A 101 -3.39 1.35 -40.08
CA SER A 101 -2.62 0.19 -40.52
C SER A 101 -1.14 0.56 -40.64
N THR A 102 -0.28 -0.46 -40.60
CA THR A 102 1.16 -0.25 -40.66
C THR A 102 1.66 0.47 -39.41
N VAL A 103 0.74 1.05 -38.66
CA VAL A 103 1.08 1.77 -37.42
C VAL A 103 0.30 1.18 -36.25
N SER A 104 0.99 0.90 -35.16
CA SER A 104 0.34 0.36 -33.97
C SER A 104 1.19 0.64 -32.73
N SER A 105 0.58 0.57 -31.56
CA SER A 105 1.31 0.81 -30.31
C SER A 105 0.70 0.00 -29.17
N ILE A 106 1.57 -0.51 -28.31
CA ILE A 106 1.11 -1.29 -27.15
C ILE A 106 0.31 -0.40 -26.22
N GLY A 107 0.80 0.79 -26.00
CA GLY A 107 0.11 1.71 -25.13
C GLY A 107 0.01 1.13 -23.73
N ASN A 108 -1.21 1.11 -23.22
CA ASN A 108 -1.48 0.58 -21.89
C ASN A 108 -2.81 -0.16 -21.86
N THR A 109 -2.78 -1.48 -22.01
CA THR A 109 -3.99 -2.28 -21.98
C THR A 109 -4.66 -2.21 -20.61
N ASN A 110 -3.85 -2.43 -19.59
CA ASN A 110 -4.32 -2.39 -18.20
C ASN A 110 -3.26 -1.74 -17.32
N GLY A 111 -2.03 -1.79 -17.81
CA GLY A 111 -0.91 -1.19 -17.09
C GLY A 111 -0.34 -2.15 -16.04
N GLU A 112 0.39 -3.14 -16.53
CA GLU A 112 1.02 -4.14 -15.67
C GLU A 112 -0.03 -4.96 -14.92
N GLU A 113 -0.68 -5.86 -15.64
CA GLU A 113 -1.73 -6.71 -15.06
C GLU A 113 -1.20 -7.48 -13.87
N VAL A 114 0.12 -7.56 -13.75
CA VAL A 114 0.79 -8.26 -12.66
C VAL A 114 0.62 -7.52 -11.33
N GLY A 115 -0.07 -6.39 -11.38
CA GLY A 115 -0.31 -5.56 -10.20
C GLY A 115 -0.56 -6.35 -8.92
N PRO A 116 -1.53 -7.23 -8.92
CA PRO A 116 -1.90 -8.06 -7.71
C PRO A 116 -0.73 -8.85 -7.13
N SER A 117 0.15 -9.31 -8.01
CA SER A 117 1.31 -10.12 -7.61
C SER A 117 2.23 -9.34 -6.66
N VAL A 118 2.44 -8.06 -6.95
CA VAL A 118 3.38 -7.29 -6.14
C VAL A 118 2.93 -7.33 -4.67
N TYR A 119 1.66 -7.08 -4.42
CA TYR A 119 1.12 -7.12 -3.05
C TYR A 119 1.27 -8.50 -2.43
N LEU A 120 0.96 -9.52 -3.22
CA LEU A 120 1.08 -10.87 -2.73
C LEU A 120 2.54 -11.19 -2.40
N GLU A 121 3.43 -10.79 -3.30
CA GLU A 121 4.85 -11.06 -3.12
C GLU A 121 5.51 -10.24 -2.02
N ARG A 122 5.27 -8.93 -1.99
CA ARG A 122 5.93 -8.11 -0.98
C ARG A 122 5.48 -8.50 0.42
N LEU A 123 4.18 -8.60 0.59
CA LEU A 123 3.64 -8.91 1.90
C LEU A 123 4.10 -10.28 2.38
N LYS A 124 4.10 -11.27 1.50
CA LYS A 124 4.54 -12.59 1.90
C LYS A 124 6.00 -12.48 2.38
N ILE A 125 6.81 -11.80 1.59
CA ILE A 125 8.24 -11.71 1.88
C ILE A 125 8.48 -11.03 3.23
N LEU A 126 7.82 -9.95 3.52
CA LEU A 126 8.04 -9.32 4.84
C LEU A 126 7.57 -10.34 5.91
N ARG A 127 6.42 -10.93 5.59
CA ARG A 127 5.71 -11.87 6.48
C ARG A 127 6.51 -13.14 6.82
N GLN A 128 7.17 -13.74 5.85
CA GLN A 128 7.93 -14.98 6.11
C GLN A 128 9.07 -14.69 7.08
N ARG A 129 9.65 -13.51 6.95
CA ARG A 129 10.73 -13.10 7.84
C ARG A 129 10.20 -13.04 9.28
N CYS A 130 8.95 -12.59 9.42
CA CYS A 130 8.34 -12.47 10.74
C CYS A 130 8.19 -13.84 11.39
N GLY A 131 7.87 -14.86 10.59
CA GLY A 131 7.74 -16.24 11.11
C GLY A 131 6.31 -16.77 11.05
N LEU A 132 5.94 -17.35 9.93
CA LEU A 132 4.57 -17.86 9.77
C LEU A 132 4.32 -18.94 10.82
N ASP A 133 5.25 -19.86 11.01
CA ASP A 133 5.08 -20.92 12.01
C ASP A 133 6.42 -21.33 12.60
N ASN A 134 6.76 -20.78 13.77
CA ASN A 134 8.03 -21.12 14.41
C ASN A 134 7.85 -22.25 15.44
N THR A 135 6.65 -22.82 15.51
CA THR A 135 6.39 -23.91 16.45
C THR A 135 6.76 -25.26 15.85
N LYS A 136 6.86 -26.27 16.72
CA LYS A 136 7.21 -27.62 16.28
C LYS A 136 6.11 -28.24 15.41
N GLN A 137 4.94 -27.60 15.37
CA GLN A 137 3.83 -28.13 14.58
C GLN A 137 4.20 -28.17 13.10
N ASP A 138 3.86 -29.27 12.46
CA ASP A 138 4.13 -29.47 11.03
C ASP A 138 3.00 -28.89 10.18
N ASP A 139 1.98 -28.35 10.84
CA ASP A 139 0.84 -27.77 10.12
C ASP A 139 1.27 -26.56 9.30
N ARG A 140 2.21 -25.77 9.84
CA ARG A 140 2.71 -24.59 9.14
C ARG A 140 1.63 -23.91 8.32
N PRO A 141 0.67 -23.30 8.98
CA PRO A 141 -0.45 -22.59 8.31
C PRO A 141 -0.15 -21.10 8.07
N ALA A 1 -6.64 -10.62 31.13
CA ALA A 1 -7.67 -10.62 30.05
C ALA A 1 -8.83 -9.72 30.46
N SER A 2 -9.45 -9.09 29.47
CA SER A 2 -10.58 -8.23 29.76
C SER A 2 -11.82 -9.07 30.06
N ARG A 3 -12.76 -8.47 30.78
CA ARG A 3 -13.99 -9.17 31.14
C ARG A 3 -14.81 -9.50 29.90
N ILE A 4 -14.86 -8.55 28.96
CA ILE A 4 -15.62 -8.71 27.74
C ILE A 4 -15.09 -9.87 26.90
N ASP A 5 -13.77 -9.93 26.80
CA ASP A 5 -13.09 -11.00 26.03
C ASP A 5 -13.43 -10.92 24.53
N GLU A 6 -14.61 -10.41 24.22
CA GLU A 6 -15.05 -10.26 22.84
C GLU A 6 -14.32 -9.12 22.16
N LYS A 7 -13.45 -8.47 22.92
CA LYS A 7 -12.67 -7.34 22.41
C LYS A 7 -11.73 -7.77 21.30
N SER A 8 -11.72 -9.06 21.04
CA SER A 8 -10.88 -9.63 20.00
C SER A 8 -11.29 -9.09 18.64
N SER A 9 -12.48 -8.51 18.57
CA SER A 9 -12.96 -7.98 17.29
C SER A 9 -12.04 -6.87 16.76
N LYS A 10 -11.55 -6.01 17.64
CA LYS A 10 -10.63 -4.96 17.20
C LYS A 10 -9.23 -5.54 17.06
N ALA A 11 -9.02 -6.66 17.73
CA ALA A 11 -7.71 -7.31 17.68
C ALA A 11 -7.35 -7.83 16.28
N LYS A 12 -8.33 -8.43 15.58
CA LYS A 12 -8.06 -8.99 14.25
C LYS A 12 -7.71 -7.91 13.23
N VAL A 13 -8.50 -6.85 13.23
CA VAL A 13 -8.33 -5.76 12.27
C VAL A 13 -7.00 -5.05 12.47
N ASN A 14 -6.60 -5.00 13.72
CA ASN A 14 -5.34 -4.34 14.06
C ASN A 14 -4.22 -5.07 13.34
N ASP A 15 -4.28 -6.39 13.33
CA ASP A 15 -3.24 -7.19 12.69
C ASP A 15 -3.18 -6.88 11.19
N PHE A 16 -4.34 -6.74 10.56
CA PHE A 16 -4.38 -6.42 9.14
C PHE A 16 -3.70 -5.08 8.91
N LEU A 17 -4.03 -4.13 9.76
CA LEU A 17 -3.44 -2.80 9.69
C LEU A 17 -1.94 -2.87 9.94
N ALA A 18 -1.58 -3.73 10.88
CA ALA A 18 -0.19 -3.90 11.26
C ALA A 18 0.63 -4.29 10.05
N GLU A 19 0.04 -5.08 9.15
CA GLU A 19 0.76 -5.49 7.95
C GLU A 19 1.02 -4.28 7.06
N ILE A 20 0.04 -3.41 6.99
CA ILE A 20 0.16 -2.21 6.19
C ILE A 20 1.26 -1.32 6.75
N PHE A 21 1.31 -1.18 8.06
CA PHE A 21 2.35 -0.37 8.69
C PHE A 21 3.73 -0.94 8.39
N LYS A 22 3.89 -2.26 8.47
CA LYS A 22 5.18 -2.89 8.21
C LYS A 22 5.66 -2.53 6.81
N LYS A 23 4.75 -2.51 5.86
CA LYS A 23 5.10 -2.08 4.51
C LYS A 23 5.54 -0.62 4.52
N ILE A 24 4.84 0.20 5.30
CA ILE A 24 5.18 1.62 5.41
C ILE A 24 6.57 1.79 6.04
N GLY A 25 6.82 1.00 7.09
CA GLY A 25 8.07 1.09 7.82
C GLY A 25 9.25 0.80 6.88
N SER A 26 9.10 -0.19 6.00
CA SER A 26 10.16 -0.46 5.04
C SER A 26 10.15 0.66 4.01
N LYS A 27 11.32 1.03 3.48
CA LYS A 27 11.35 2.09 2.48
C LYS A 27 10.98 1.51 1.11
N GLU A 28 11.33 0.24 0.93
CA GLU A 28 11.04 -0.43 -0.33
C GLU A 28 9.55 -0.51 -0.56
N ASN A 29 8.82 -0.92 0.47
CA ASN A 29 7.37 -1.12 0.36
C ASN A 29 6.56 0.12 0.76
N THR A 30 7.22 1.27 0.98
CA THR A 30 6.52 2.46 1.41
C THR A 30 5.40 2.91 0.46
N LYS A 31 5.65 2.89 -0.84
CA LYS A 31 4.62 3.30 -1.79
C LYS A 31 3.44 2.34 -1.71
N GLU A 32 3.77 1.06 -1.59
CA GLU A 32 2.77 0.01 -1.52
C GLU A 32 1.92 0.17 -0.26
N GLY A 33 2.58 0.39 0.86
CA GLY A 33 1.89 0.54 2.13
C GLY A 33 1.04 1.80 2.21
N LEU A 34 1.60 2.92 1.75
CA LEU A 34 0.84 4.17 1.78
C LEU A 34 -0.39 4.07 0.89
N ALA A 35 -0.17 3.50 -0.29
CA ALA A 35 -1.25 3.39 -1.27
C ALA A 35 -2.40 2.57 -0.75
N GLU A 36 -2.10 1.49 -0.04
CA GLU A 36 -3.16 0.67 0.52
C GLU A 36 -3.86 1.39 1.66
N LEU A 37 -3.07 2.08 2.49
CA LEU A 37 -3.66 2.81 3.61
C LEU A 37 -4.61 3.89 3.09
N TYR A 38 -4.18 4.58 2.03
CA TYR A 38 -5.02 5.62 1.44
C TYR A 38 -6.32 4.98 0.94
N GLU A 39 -6.20 3.86 0.24
CA GLU A 39 -7.39 3.19 -0.28
C GLU A 39 -8.27 2.73 0.88
N TYR A 40 -7.68 2.12 1.89
CA TYR A 40 -8.46 1.64 3.05
C TYR A 40 -9.18 2.82 3.70
N LYS A 41 -8.46 3.92 3.86
CA LYS A 41 -9.02 5.13 4.48
C LYS A 41 -10.20 5.61 3.64
N LYS A 42 -10.06 5.49 2.33
CA LYS A 42 -11.12 5.88 1.40
C LYS A 42 -12.37 5.01 1.63
N LYS A 43 -12.11 3.73 1.85
CA LYS A 43 -13.20 2.76 2.11
C LYS A 43 -13.94 3.09 3.41
N TYR A 44 -13.17 3.38 4.45
CA TYR A 44 -13.74 3.66 5.79
C TYR A 44 -13.65 5.14 6.17
N SER A 45 -13.32 5.99 5.23
CA SER A 45 -13.22 7.43 5.48
C SER A 45 -12.63 7.70 6.88
N ASP A 46 -11.71 6.82 7.27
CA ASP A 46 -11.04 6.92 8.57
C ASP A 46 -12.05 6.72 9.69
N ALA A 47 -12.96 5.80 9.48
CA ALA A 47 -14.00 5.48 10.45
C ALA A 47 -13.55 4.42 11.45
N ASP A 48 -12.26 4.07 11.47
CA ASP A 48 -11.81 3.04 12.42
C ASP A 48 -10.31 3.17 12.74
N ILE A 49 -9.55 3.84 11.87
CA ILE A 49 -8.09 3.89 12.08
C ILE A 49 -7.65 4.61 13.39
N GLU A 50 -8.22 5.77 13.74
CA GLU A 50 -7.75 6.52 14.93
C GLU A 50 -7.29 5.68 16.14
N PRO A 51 -8.07 4.78 16.67
CA PRO A 51 -7.60 3.98 17.85
C PRO A 51 -6.24 3.35 17.59
N PHE A 52 -6.01 2.88 16.37
CA PHE A 52 -4.74 2.27 16.05
C PHE A 52 -3.61 3.31 16.21
N LEU A 53 -3.85 4.52 15.69
CA LEU A 53 -2.78 5.52 15.69
C LEU A 53 -2.35 5.86 17.12
N LYS A 54 -3.30 6.07 18.03
CA LYS A 54 -2.98 6.40 19.43
C LYS A 54 -2.31 5.21 20.13
N ASN A 55 -2.66 4.02 19.68
CA ASN A 55 -2.12 2.79 20.24
C ASN A 55 -0.61 2.72 20.04
N SER A 56 -0.15 3.18 18.87
CA SER A 56 1.29 3.20 18.55
C SER A 56 1.94 4.47 19.13
N SER A 57 3.25 4.63 18.87
CA SER A 57 3.95 5.83 19.37
C SER A 57 3.37 7.08 18.69
N GLN A 58 3.26 8.16 19.44
CA GLN A 58 2.65 9.41 18.94
C GLN A 58 3.44 10.09 17.80
N PHE A 59 4.77 10.11 17.88
CA PHE A 59 5.57 10.79 16.85
C PHE A 59 5.38 10.19 15.45
N PHE A 60 5.36 8.87 15.40
CA PHE A 60 5.21 8.14 14.13
C PHE A 60 3.86 8.41 13.45
N GLN A 61 2.88 8.81 14.24
CA GLN A 61 1.53 9.08 13.71
C GLN A 61 1.47 10.30 12.78
N SER A 62 2.19 11.35 13.09
CA SER A 62 2.12 12.57 12.26
C SER A 62 2.59 12.32 10.83
N TYR A 63 3.69 11.61 10.67
CA TYR A 63 4.25 11.35 9.33
C TYR A 63 3.29 10.57 8.44
N VAL A 64 2.68 9.53 8.98
CA VAL A 64 1.76 8.74 8.16
C VAL A 64 0.60 9.60 7.70
N GLU A 65 0.06 10.41 8.60
CA GLU A 65 -1.06 11.26 8.23
C GLU A 65 -0.65 12.25 7.13
N ARG A 66 0.53 12.84 7.28
CA ARG A 66 1.03 13.80 6.28
C ARG A 66 1.25 13.13 4.93
N GLY A 67 1.83 11.94 4.95
CA GLY A 67 2.15 11.21 3.74
C GLY A 67 0.92 10.88 2.90
N LEU A 68 -0.21 10.63 3.53
CA LEU A 68 -1.42 10.25 2.82
C LEU A 68 -1.92 11.34 1.87
N ARG A 69 -1.85 12.59 2.28
CA ARG A 69 -2.33 13.67 1.40
C ARG A 69 -1.52 13.73 0.11
N VAL A 70 -0.21 13.63 0.24
CA VAL A 70 0.66 13.72 -0.94
C VAL A 70 0.40 12.57 -1.92
N ILE A 71 0.00 11.39 -1.42
CA ILE A 71 -0.29 10.30 -2.40
C ILE A 71 -1.46 10.76 -3.27
N GLU A 72 -2.51 11.28 -2.62
CA GLU A 72 -3.69 11.69 -3.35
C GLU A 72 -3.37 12.76 -4.40
N MET A 73 -2.44 13.65 -4.08
CA MET A 73 -2.07 14.71 -5.00
C MET A 73 -1.55 14.10 -6.31
N GLU A 74 -0.78 13.03 -6.22
CA GLU A 74 -0.27 12.36 -7.41
C GLU A 74 -1.43 11.76 -8.20
N ARG A 75 -2.40 11.23 -7.47
CA ARG A 75 -3.58 10.60 -8.07
C ARG A 75 -4.38 11.65 -8.84
N GLU A 76 -4.44 12.86 -8.27
CA GLU A 76 -5.16 13.95 -8.91
C GLU A 76 -4.48 14.33 -10.21
N GLY A 77 -3.16 14.24 -10.22
CA GLY A 77 -2.39 14.56 -11.41
C GLY A 77 -2.02 16.04 -11.46
N LYS A 78 -2.38 16.78 -10.40
CA LYS A 78 -2.09 18.21 -10.31
C LYS A 78 -0.92 18.62 -11.21
N GLY A 79 0.28 18.76 -10.67
CA GLY A 79 1.41 19.18 -11.50
C GLY A 79 2.75 18.58 -11.06
N ARG A 80 2.77 17.88 -9.92
CA ARG A 80 4.04 17.31 -9.44
C ARG A 80 4.55 16.26 -10.43
N ILE A 81 3.63 15.45 -10.91
CA ILE A 81 3.97 14.40 -11.87
C ILE A 81 4.49 14.97 -13.18
N SER A 82 3.81 16.00 -13.68
CA SER A 82 4.19 16.63 -14.94
C SER A 82 3.62 18.05 -15.03
N THR A 83 4.04 18.79 -16.04
CA THR A 83 3.53 20.15 -16.23
C THR A 83 2.02 20.08 -16.44
N SER A 84 1.61 19.15 -17.29
CA SER A 84 0.19 18.92 -17.57
C SER A 84 -0.42 18.14 -16.41
N THR A 85 -1.74 18.10 -16.36
CA THR A 85 -2.43 17.38 -15.31
C THR A 85 -2.07 15.88 -15.38
N GLY A 86 -1.06 15.53 -16.17
CA GLY A 86 -0.65 14.14 -16.31
C GLY A 86 -1.53 13.40 -17.32
N ILE A 87 -1.81 14.06 -18.46
CA ILE A 87 -2.68 13.46 -19.46
C ILE A 87 -2.00 12.30 -20.18
N SER A 88 -2.70 11.18 -20.23
CA SER A 88 -2.19 9.99 -20.91
C SER A 88 -2.16 10.25 -22.42
N PRO A 89 -1.12 9.85 -23.12
CA PRO A 89 -1.02 10.11 -24.59
C PRO A 89 -2.09 9.36 -25.38
N GLN A 90 -2.58 10.01 -26.44
CA GLN A 90 -3.61 9.43 -27.31
C GLN A 90 -3.13 9.53 -28.75
N MET A 91 -3.34 8.51 -29.56
CA MET A 91 -2.84 8.58 -30.93
C MET A 91 -3.52 9.73 -31.66
N GLU A 92 -4.83 9.86 -31.49
CA GLU A 92 -5.56 10.97 -32.08
C GLU A 92 -6.27 11.72 -30.95
N VAL A 93 -7.51 11.33 -30.70
CA VAL A 93 -8.29 11.90 -29.60
C VAL A 93 -9.18 10.80 -29.00
N THR A 94 -9.23 10.72 -27.67
CA THR A 94 -10.07 9.73 -27.02
C THR A 94 -10.74 10.32 -25.79
N CYS A 95 -11.89 9.79 -25.39
CA CYS A 95 -12.55 10.24 -24.18
C CYS A 95 -11.66 9.87 -23.01
N VAL A 96 -11.07 8.69 -23.15
CA VAL A 96 -10.16 8.12 -22.15
C VAL A 96 -9.45 6.93 -22.80
N PRO A 97 -8.14 6.81 -22.75
CA PRO A 97 -7.49 5.64 -23.41
C PRO A 97 -7.99 4.31 -22.84
N THR A 98 -8.14 3.33 -23.71
CA THR A 98 -8.61 2.00 -23.31
C THR A 98 -7.49 0.96 -23.47
N PRO A 99 -6.79 0.57 -22.44
CA PRO A 99 -5.71 -0.45 -22.59
C PRO A 99 -6.28 -1.81 -22.95
N THR A 100 -5.57 -2.57 -23.78
CA THR A 100 -6.03 -3.89 -24.19
C THR A 100 -4.89 -4.91 -24.12
N SER A 101 -5.22 -6.18 -24.03
CA SER A 101 -4.20 -7.20 -24.01
C SER A 101 -3.42 -7.15 -25.32
N THR A 102 -4.15 -6.85 -26.38
CA THR A 102 -3.57 -6.73 -27.71
C THR A 102 -2.56 -5.58 -27.78
N VAL A 103 -2.93 -4.43 -27.21
CA VAL A 103 -2.07 -3.25 -27.21
C VAL A 103 -1.78 -2.80 -25.79
N SER A 104 -0.51 -2.57 -25.50
CA SER A 104 -0.08 -2.13 -24.17
C SER A 104 1.21 -1.32 -24.27
N SER A 105 1.41 -0.41 -23.32
CA SER A 105 2.62 0.41 -23.33
C SER A 105 3.83 -0.43 -22.97
N ILE A 106 4.98 -0.08 -23.52
CA ILE A 106 6.20 -0.81 -23.26
C ILE A 106 6.58 -0.72 -21.78
N GLY A 107 6.48 0.49 -21.22
CA GLY A 107 6.79 0.69 -19.81
C GLY A 107 5.52 0.63 -18.96
N ASN A 108 5.31 -0.52 -18.31
CA ASN A 108 4.13 -0.71 -17.44
C ASN A 108 4.55 -0.93 -16.00
N THR A 109 3.96 -0.18 -15.08
CA THR A 109 4.26 -0.33 -13.65
C THR A 109 2.99 -0.39 -12.84
N ASN A 110 3.08 -0.96 -11.64
CA ASN A 110 1.92 -1.06 -10.78
C ASN A 110 0.82 -1.75 -11.53
N GLY A 111 1.20 -2.69 -12.39
CA GLY A 111 0.25 -3.45 -13.18
C GLY A 111 0.90 -4.76 -13.56
N GLU A 112 1.40 -5.44 -12.55
CA GLU A 112 2.04 -6.74 -12.76
C GLU A 112 0.98 -7.73 -13.20
N GLU A 113 -0.17 -7.62 -12.58
CA GLU A 113 -1.31 -8.49 -12.89
C GLU A 113 -2.63 -7.87 -12.41
N VAL A 114 -2.83 -7.81 -11.10
CA VAL A 114 -4.03 -7.19 -10.55
C VAL A 114 -3.69 -6.56 -9.19
N GLY A 115 -4.45 -5.56 -8.77
CA GLY A 115 -4.19 -4.89 -7.49
C GLY A 115 -3.77 -5.86 -6.38
N PRO A 116 -4.56 -6.87 -6.12
CA PRO A 116 -4.28 -7.88 -5.05
C PRO A 116 -2.91 -8.57 -5.20
N SER A 117 -2.44 -8.72 -6.43
CA SER A 117 -1.15 -9.38 -6.67
C SER A 117 -0.01 -8.65 -5.97
N VAL A 118 -0.01 -7.33 -6.05
CA VAL A 118 1.08 -6.58 -5.43
C VAL A 118 1.06 -6.87 -3.92
N TYR A 119 -0.12 -6.79 -3.32
CA TYR A 119 -0.29 -7.05 -1.89
C TYR A 119 0.12 -8.47 -1.52
N LEU A 120 -0.32 -9.40 -2.34
CA LEU A 120 0.03 -10.79 -2.07
C LEU A 120 1.53 -11.01 -2.20
N GLU A 121 2.11 -10.44 -3.23
CA GLU A 121 3.54 -10.62 -3.48
C GLU A 121 4.45 -9.89 -2.49
N ARG A 122 4.22 -8.60 -2.28
CA ARG A 122 5.10 -7.86 -1.39
C ARG A 122 4.98 -8.37 0.04
N LEU A 123 3.74 -8.54 0.48
CA LEU A 123 3.48 -8.93 1.85
C LEU A 123 4.07 -10.30 2.17
N LYS A 124 3.97 -11.24 1.25
CA LYS A 124 4.55 -12.56 1.49
C LYS A 124 6.04 -12.39 1.73
N ILE A 125 6.66 -11.58 0.90
CA ILE A 125 8.12 -11.41 0.96
C ILE A 125 8.55 -10.86 2.31
N LEU A 126 7.87 -9.88 2.86
CA LEU A 126 8.27 -9.41 4.18
C LEU A 126 8.08 -10.57 5.18
N ARG A 127 6.93 -11.24 5.02
CA ARG A 127 6.54 -12.34 5.94
C ARG A 127 7.50 -13.54 5.93
N GLN A 128 7.99 -13.96 4.76
CA GLN A 128 8.90 -15.12 4.74
C GLN A 128 10.20 -14.81 5.48
N ARG A 129 10.72 -13.61 5.28
CA ARG A 129 11.96 -13.21 5.96
C ARG A 129 11.72 -13.21 7.47
N CYS A 130 10.57 -12.68 7.85
CA CYS A 130 10.18 -12.62 9.26
C CYS A 130 9.89 -14.02 9.80
N GLY A 131 9.32 -14.86 8.94
CA GLY A 131 8.95 -16.22 9.31
C GLY A 131 9.86 -16.81 10.37
N LEU A 132 9.27 -17.00 11.56
CA LEU A 132 9.97 -17.57 12.69
C LEU A 132 11.44 -17.17 12.71
N ASP A 133 12.21 -17.94 13.46
CA ASP A 133 13.65 -17.72 13.62
C ASP A 133 14.44 -18.52 12.59
N ASN A 134 13.73 -19.26 11.74
CA ASN A 134 14.38 -20.09 10.74
C ASN A 134 14.69 -19.29 9.48
N THR A 135 15.99 -19.03 9.30
CA THR A 135 16.48 -18.25 8.17
C THR A 135 16.48 -19.07 6.89
N LYS A 136 16.70 -18.39 5.76
CA LYS A 136 16.79 -19.05 4.46
C LYS A 136 17.90 -18.40 3.64
N GLN A 137 18.63 -19.22 2.89
CA GLN A 137 19.73 -18.74 2.03
C GLN A 137 20.41 -17.49 2.60
N ASP A 138 21.18 -16.82 1.76
CA ASP A 138 21.87 -15.62 2.20
C ASP A 138 22.53 -15.90 3.54
N ASP A 139 23.09 -17.09 3.69
CA ASP A 139 23.73 -17.48 4.92
C ASP A 139 24.98 -16.63 5.18
N ARG A 140 25.18 -16.30 6.45
CA ARG A 140 26.32 -15.51 6.87
C ARG A 140 26.54 -14.33 5.92
N PRO A 141 25.64 -13.37 5.92
CA PRO A 141 25.74 -12.18 5.05
C PRO A 141 26.52 -11.04 5.72
N ALA A 1 -10.24 -8.18 32.81
CA ALA A 1 -10.92 -9.49 33.04
C ALA A 1 -12.07 -9.64 32.05
N SER A 2 -11.74 -9.59 30.77
CA SER A 2 -12.75 -9.73 29.72
C SER A 2 -13.87 -8.71 29.91
N ARG A 3 -13.55 -7.62 30.59
CA ARG A 3 -14.53 -6.56 30.83
C ARG A 3 -14.97 -5.91 29.53
N ILE A 4 -14.02 -5.72 28.61
CA ILE A 4 -14.30 -5.09 27.33
C ILE A 4 -15.29 -5.90 26.51
N ASP A 5 -15.06 -7.21 26.48
CA ASP A 5 -15.93 -8.11 25.71
C ASP A 5 -15.93 -7.72 24.23
N GLU A 6 -15.94 -8.72 23.36
CA GLU A 6 -15.93 -8.49 21.92
C GLU A 6 -14.73 -7.65 21.52
N LYS A 7 -13.66 -7.83 22.27
CA LYS A 7 -12.42 -7.11 22.03
C LYS A 7 -11.66 -7.71 20.85
N SER A 8 -12.05 -8.89 20.43
CA SER A 8 -11.42 -9.56 19.32
C SER A 8 -11.69 -8.82 18.02
N SER A 9 -12.70 -7.97 18.05
CA SER A 9 -13.08 -7.21 16.86
C SER A 9 -11.95 -6.31 16.40
N LYS A 10 -11.27 -5.64 17.33
CA LYS A 10 -10.16 -4.78 16.96
C LYS A 10 -8.90 -5.61 16.80
N ALA A 11 -8.90 -6.78 17.42
CA ALA A 11 -7.74 -7.65 17.36
C ALA A 11 -7.42 -8.06 15.91
N LYS A 12 -8.44 -8.49 15.18
CA LYS A 12 -8.22 -8.92 13.79
C LYS A 12 -7.81 -7.76 12.89
N VAL A 13 -8.52 -6.65 13.04
CA VAL A 13 -8.30 -5.48 12.20
C VAL A 13 -6.93 -4.87 12.41
N ASN A 14 -6.49 -4.87 13.66
CA ASN A 14 -5.20 -4.28 13.99
C ASN A 14 -4.10 -5.04 13.27
N ASP A 15 -4.21 -6.35 13.25
CA ASP A 15 -3.19 -7.18 12.61
C ASP A 15 -3.09 -6.85 11.12
N PHE A 16 -4.24 -6.69 10.47
CA PHE A 16 -4.26 -6.35 9.06
C PHE A 16 -3.57 -5.01 8.85
N LEU A 17 -3.91 -4.06 9.71
CA LEU A 17 -3.32 -2.73 9.65
C LEU A 17 -1.83 -2.80 9.89
N ALA A 18 -1.46 -3.63 10.84
CA ALA A 18 -0.08 -3.80 11.24
C ALA A 18 0.75 -4.21 10.04
N GLU A 19 0.19 -5.01 9.16
CA GLU A 19 0.91 -5.44 7.97
C GLU A 19 1.16 -4.26 7.05
N ILE A 20 0.18 -3.39 6.96
CA ILE A 20 0.28 -2.20 6.14
C ILE A 20 1.38 -1.29 6.68
N PHE A 21 1.42 -1.12 8.00
CA PHE A 21 2.45 -0.28 8.61
C PHE A 21 3.83 -0.83 8.35
N LYS A 22 4.02 -2.13 8.47
CA LYS A 22 5.34 -2.71 8.25
C LYS A 22 5.84 -2.41 6.84
N LYS A 23 4.92 -2.41 5.88
CA LYS A 23 5.28 -2.03 4.53
C LYS A 23 5.71 -0.57 4.50
N ILE A 24 5.00 0.27 5.25
CA ILE A 24 5.33 1.69 5.35
C ILE A 24 6.71 1.87 5.99
N GLY A 25 6.95 1.09 7.04
CA GLY A 25 8.21 1.17 7.76
C GLY A 25 9.38 0.88 6.82
N SER A 26 9.22 -0.11 5.95
CA SER A 26 10.27 -0.41 4.98
C SER A 26 10.26 0.70 3.92
N LYS A 27 11.42 1.02 3.37
CA LYS A 27 11.49 2.06 2.35
C LYS A 27 11.13 1.49 0.99
N GLU A 28 11.44 0.21 0.81
CA GLU A 28 11.17 -0.46 -0.46
C GLU A 28 9.67 -0.46 -0.75
N ASN A 29 8.89 -0.83 0.26
CA ASN A 29 7.45 -0.96 0.13
C ASN A 29 6.66 0.25 0.60
N THR A 30 7.31 1.38 0.83
CA THR A 30 6.60 2.56 1.33
C THR A 30 5.47 2.99 0.41
N LYS A 31 5.71 2.96 -0.89
CA LYS A 31 4.68 3.31 -1.86
C LYS A 31 3.51 2.33 -1.76
N GLU A 32 3.86 1.06 -1.61
CA GLU A 32 2.86 0.00 -1.53
C GLU A 32 2.01 0.17 -0.27
N GLY A 33 2.67 0.39 0.86
CA GLY A 33 1.98 0.52 2.13
C GLY A 33 1.13 1.80 2.21
N LEU A 34 1.67 2.91 1.73
CA LEU A 34 0.92 4.16 1.77
C LEU A 34 -0.31 4.05 0.88
N ALA A 35 -0.11 3.46 -0.28
CA ALA A 35 -1.18 3.32 -1.25
C ALA A 35 -2.34 2.51 -0.69
N GLU A 36 -2.03 1.44 0.02
CA GLU A 36 -3.10 0.63 0.61
C GLU A 36 -3.79 1.36 1.74
N LEU A 37 -3.00 2.07 2.55
CA LEU A 37 -3.57 2.80 3.67
C LEU A 37 -4.51 3.88 3.15
N TYR A 38 -4.09 4.57 2.08
CA TYR A 38 -4.93 5.61 1.50
C TYR A 38 -6.24 4.99 1.02
N GLU A 39 -6.13 3.86 0.30
CA GLU A 39 -7.33 3.19 -0.20
C GLU A 39 -8.21 2.74 0.98
N TYR A 40 -7.60 2.14 2.00
CA TYR A 40 -8.38 1.68 3.15
C TYR A 40 -9.08 2.87 3.80
N LYS A 41 -8.36 3.98 3.97
CA LYS A 41 -8.91 5.18 4.56
C LYS A 41 -10.10 5.67 3.73
N LYS A 42 -9.97 5.55 2.41
CA LYS A 42 -11.02 5.94 1.50
C LYS A 42 -12.28 5.08 1.73
N LYS A 43 -12.05 3.79 1.98
CA LYS A 43 -13.15 2.86 2.24
C LYS A 43 -13.89 3.20 3.54
N TYR A 44 -13.11 3.51 4.58
CA TYR A 44 -13.65 3.82 5.92
C TYR A 44 -13.57 5.30 6.28
N SER A 45 -13.22 6.13 5.31
CA SER A 45 -13.11 7.57 5.56
C SER A 45 -12.44 7.85 6.91
N ASP A 46 -11.53 6.97 7.27
CA ASP A 46 -10.82 7.10 8.56
C ASP A 46 -11.80 6.91 9.72
N ALA A 47 -12.73 5.99 9.52
CA ALA A 47 -13.75 5.70 10.51
C ALA A 47 -13.36 4.57 11.46
N ASP A 48 -12.10 4.10 11.38
CA ASP A 48 -11.66 3.01 12.26
C ASP A 48 -10.17 3.12 12.64
N ILE A 49 -9.38 3.82 11.82
CA ILE A 49 -7.93 3.86 12.06
C ILE A 49 -7.51 4.54 13.39
N GLU A 50 -8.08 5.71 13.75
CA GLU A 50 -7.64 6.44 14.96
C GLU A 50 -7.17 5.59 16.15
N PRO A 51 -7.95 4.67 16.66
CA PRO A 51 -7.49 3.87 17.83
C PRO A 51 -6.11 3.25 17.60
N PHE A 52 -5.86 2.79 16.39
CA PHE A 52 -4.58 2.18 16.06
C PHE A 52 -3.44 3.20 16.24
N LEU A 53 -3.67 4.42 15.74
CA LEU A 53 -2.61 5.43 15.75
C LEU A 53 -2.18 5.71 17.20
N LYS A 54 -3.15 5.87 18.10
CA LYS A 54 -2.86 6.12 19.52
C LYS A 54 -2.09 4.96 20.14
N ASN A 55 -2.45 3.77 19.71
CA ASN A 55 -1.86 2.54 20.20
C ASN A 55 -0.35 2.51 19.90
N SER A 56 0.04 2.98 18.72
CA SER A 56 1.45 3.03 18.34
C SER A 56 2.12 4.27 18.94
N SER A 57 3.43 4.46 18.69
CA SER A 57 4.14 5.63 19.23
C SER A 57 3.59 6.92 18.63
N GLN A 58 3.54 7.98 19.43
CA GLN A 58 2.97 9.26 19.00
C GLN A 58 3.74 9.97 17.86
N PHE A 59 5.06 9.94 17.89
CA PHE A 59 5.87 10.62 16.87
C PHE A 59 5.62 10.06 15.46
N PHE A 60 5.55 8.76 15.37
CA PHE A 60 5.35 8.09 14.08
C PHE A 60 3.99 8.40 13.43
N GLN A 61 3.01 8.78 14.25
CA GLN A 61 1.67 9.06 13.74
C GLN A 61 1.60 10.30 12.82
N SER A 62 2.32 11.36 13.14
CA SER A 62 2.26 12.57 12.33
C SER A 62 2.70 12.33 10.88
N TYR A 63 3.78 11.59 10.70
CA TYR A 63 4.31 11.33 9.36
C TYR A 63 3.33 10.58 8.46
N VAL A 64 2.70 9.54 8.98
CA VAL A 64 1.78 8.78 8.14
C VAL A 64 0.63 9.67 7.68
N GLU A 65 0.10 10.49 8.58
CA GLU A 65 -1.00 11.36 8.22
C GLU A 65 -0.57 12.33 7.10
N ARG A 66 0.63 12.89 7.23
CA ARG A 66 1.14 13.82 6.23
C ARG A 66 1.35 13.12 4.88
N GLY A 67 1.91 11.93 4.92
CA GLY A 67 2.23 11.18 3.71
C GLY A 67 0.97 10.86 2.88
N LEU A 68 -0.14 10.61 3.52
CA LEU A 68 -1.36 10.22 2.80
C LEU A 68 -1.87 11.32 1.87
N ARG A 69 -1.81 12.57 2.30
CA ARG A 69 -2.28 13.65 1.44
C ARG A 69 -1.50 13.72 0.13
N VAL A 70 -0.18 13.61 0.22
CA VAL A 70 0.64 13.70 -0.99
C VAL A 70 0.38 12.57 -1.97
N ILE A 71 0.01 11.35 -1.49
CA ILE A 71 -0.34 10.32 -2.44
C ILE A 71 -1.51 10.81 -3.31
N GLU A 72 -2.58 11.30 -2.62
CA GLU A 72 -3.81 11.70 -3.35
C GLU A 72 -3.49 12.77 -4.35
N MET A 73 -2.59 13.70 -4.01
CA MET A 73 -2.23 14.74 -4.94
C MET A 73 -1.84 14.12 -6.29
N GLU A 74 -1.11 13.02 -6.26
CA GLU A 74 -0.70 12.34 -7.48
C GLU A 74 -1.92 11.78 -8.21
N ARG A 75 -2.86 11.24 -7.45
CA ARG A 75 -4.09 10.66 -8.01
C ARG A 75 -4.87 11.77 -8.71
N GLU A 76 -4.85 12.95 -8.11
CA GLU A 76 -5.55 14.10 -8.67
C GLU A 76 -4.93 14.52 -9.99
N GLY A 77 -3.60 14.44 -10.04
CA GLY A 77 -2.86 14.82 -11.24
C GLY A 77 -2.55 16.31 -11.25
N LYS A 78 -2.91 16.99 -10.15
CA LYS A 78 -2.69 18.43 -10.01
C LYS A 78 -1.61 18.97 -10.96
N GLY A 79 -0.39 19.13 -10.49
CA GLY A 79 0.68 19.66 -11.35
C GLY A 79 2.04 19.00 -11.12
N ARG A 80 2.16 18.18 -10.08
CA ARG A 80 3.45 17.54 -9.82
C ARG A 80 3.81 16.62 -10.98
N ILE A 81 2.82 15.90 -11.45
CA ILE A 81 2.98 14.98 -12.58
C ILE A 81 3.31 15.75 -13.86
N SER A 82 2.60 16.86 -14.07
CA SER A 82 2.80 17.70 -15.26
C SER A 82 2.25 17.07 -16.53
N THR A 83 2.66 15.83 -16.80
CA THR A 83 2.20 15.13 -18.00
C THR A 83 0.80 14.59 -17.77
N SER A 84 0.13 14.18 -18.85
CA SER A 84 -1.23 13.66 -18.74
C SER A 84 -1.21 12.24 -18.17
N THR A 85 -2.34 11.84 -17.59
CA THR A 85 -2.50 10.51 -17.00
C THR A 85 -3.55 9.73 -17.78
N GLY A 86 -4.09 10.40 -18.79
CA GLY A 86 -5.12 9.84 -19.64
C GLY A 86 -6.39 10.67 -19.53
N ILE A 87 -6.47 11.73 -20.34
CA ILE A 87 -7.63 12.60 -20.31
C ILE A 87 -8.78 11.98 -21.10
N SER A 88 -9.95 11.92 -20.47
CA SER A 88 -11.14 11.36 -21.11
C SER A 88 -11.58 12.24 -22.27
N PRO A 89 -12.07 11.67 -23.35
CA PRO A 89 -12.51 12.47 -24.53
C PRO A 89 -13.70 13.38 -24.21
N GLN A 90 -13.72 14.56 -24.81
CA GLN A 90 -14.81 15.52 -24.64
C GLN A 90 -15.26 16.03 -26.01
N MET A 91 -16.54 16.02 -26.29
CA MET A 91 -17.01 16.51 -27.58
C MET A 91 -16.65 17.99 -27.69
N GLU A 92 -17.27 18.81 -26.84
CA GLU A 92 -16.98 20.23 -26.76
C GLU A 92 -16.53 20.52 -25.34
N VAL A 93 -17.50 20.89 -24.51
CA VAL A 93 -17.26 21.14 -23.09
C VAL A 93 -18.32 20.39 -22.29
N THR A 94 -17.93 19.62 -21.28
CA THR A 94 -18.89 18.90 -20.46
C THR A 94 -18.55 18.99 -18.98
N CYS A 95 -19.58 18.87 -18.14
CA CYS A 95 -19.38 18.88 -16.70
C CYS A 95 -18.61 17.62 -16.31
N VAL A 96 -18.96 16.53 -16.97
CA VAL A 96 -18.34 15.23 -16.74
C VAL A 96 -18.50 14.37 -18.01
N PRO A 97 -17.47 13.72 -18.52
CA PRO A 97 -17.63 12.88 -19.74
C PRO A 97 -18.64 11.75 -19.51
N THR A 98 -19.40 11.43 -20.56
CA THR A 98 -20.42 10.38 -20.49
C THR A 98 -19.91 9.11 -21.20
N PRO A 99 -19.42 8.11 -20.49
CA PRO A 99 -18.90 6.88 -21.17
C PRO A 99 -19.98 6.09 -21.91
N THR A 100 -19.58 5.53 -23.06
CA THR A 100 -20.48 4.72 -23.88
C THR A 100 -19.71 3.48 -24.34
N SER A 101 -20.40 2.47 -24.85
CA SER A 101 -19.68 1.27 -25.29
C SER A 101 -18.70 1.69 -26.38
N THR A 102 -19.17 2.54 -27.27
CA THR A 102 -18.33 2.98 -28.38
C THR A 102 -17.08 3.68 -27.83
N VAL A 103 -17.25 4.55 -26.85
CA VAL A 103 -16.10 5.23 -26.24
C VAL A 103 -15.93 4.71 -24.81
N SER A 104 -15.11 3.68 -24.67
CA SER A 104 -14.83 3.07 -23.37
C SER A 104 -13.55 2.24 -23.44
N SER A 105 -13.01 1.89 -22.28
CA SER A 105 -11.80 1.08 -22.24
C SER A 105 -12.15 -0.35 -22.62
N ILE A 106 -11.14 -1.13 -23.01
CA ILE A 106 -11.36 -2.52 -23.43
C ILE A 106 -10.84 -3.50 -22.41
N GLY A 107 -11.73 -4.41 -22.04
CA GLY A 107 -11.43 -5.45 -21.09
C GLY A 107 -10.72 -6.60 -21.78
N ASN A 108 -11.34 -7.78 -21.74
CA ASN A 108 -10.75 -8.96 -22.38
C ASN A 108 -9.36 -9.22 -21.83
N THR A 109 -9.23 -9.05 -20.52
CA THR A 109 -7.93 -9.25 -19.85
C THR A 109 -8.12 -9.83 -18.44
N ASN A 110 -7.07 -10.48 -17.94
CA ASN A 110 -7.08 -11.06 -16.59
C ASN A 110 -6.38 -10.10 -15.65
N GLY A 111 -5.82 -9.05 -16.24
CA GLY A 111 -5.09 -8.03 -15.52
C GLY A 111 -3.79 -7.75 -16.27
N GLU A 112 -3.09 -8.83 -16.60
CA GLU A 112 -1.82 -8.75 -17.33
C GLU A 112 -0.76 -8.06 -16.50
N GLU A 113 -1.16 -7.04 -15.78
CA GLU A 113 -0.25 -6.29 -14.94
C GLU A 113 0.23 -7.10 -13.76
N VAL A 114 1.50 -6.92 -13.46
CA VAL A 114 2.18 -7.58 -12.38
C VAL A 114 1.79 -6.94 -11.04
N GLY A 115 0.93 -5.93 -11.12
CA GLY A 115 0.48 -5.20 -9.93
C GLY A 115 0.17 -6.11 -8.75
N PRO A 116 -0.77 -7.02 -8.90
CA PRO A 116 -1.16 -7.95 -7.78
C PRO A 116 0.04 -8.73 -7.20
N SER A 117 0.95 -9.13 -8.07
CA SER A 117 2.13 -9.89 -7.65
C SER A 117 2.99 -9.13 -6.64
N VAL A 118 3.14 -7.84 -6.84
CA VAL A 118 4.01 -7.09 -5.93
C VAL A 118 3.47 -7.19 -4.51
N TYR A 119 2.17 -6.98 -4.34
CA TYR A 119 1.55 -7.09 -3.02
C TYR A 119 1.68 -8.49 -2.44
N LEU A 120 1.41 -9.48 -3.27
CA LEU A 120 1.51 -10.86 -2.80
C LEU A 120 2.93 -11.21 -2.42
N GLU A 121 3.87 -10.80 -3.27
CA GLU A 121 5.27 -11.11 -3.05
C GLU A 121 5.91 -10.34 -1.91
N ARG A 122 5.72 -9.03 -1.89
CA ARG A 122 6.35 -8.25 -0.84
C ARG A 122 5.80 -8.61 0.52
N LEU A 123 4.49 -8.67 0.63
CA LEU A 123 3.88 -8.94 1.91
C LEU A 123 4.26 -10.32 2.43
N LYS A 124 4.28 -11.33 1.57
CA LYS A 124 4.66 -12.65 2.03
C LYS A 124 6.09 -12.57 2.57
N ILE A 125 6.96 -11.95 1.80
CA ILE A 125 8.37 -11.90 2.16
C ILE A 125 8.59 -11.17 3.49
N LEU A 126 7.94 -10.05 3.72
CA LEU A 126 8.10 -9.38 5.01
C LEU A 126 7.57 -10.34 6.10
N ARG A 127 6.42 -10.91 5.74
CA ARG A 127 5.65 -11.82 6.62
C ARG A 127 6.45 -13.05 7.06
N GLN A 128 7.19 -13.67 6.14
CA GLN A 128 7.97 -14.87 6.51
C GLN A 128 8.92 -14.55 7.67
N ARG A 129 9.55 -13.39 7.60
CA ARG A 129 10.46 -12.99 8.67
C ARG A 129 9.70 -12.81 9.98
N CYS A 130 8.49 -12.26 9.90
CA CYS A 130 7.66 -12.06 11.08
C CYS A 130 7.19 -13.39 11.65
N GLY A 131 6.90 -14.33 10.76
CA GLY A 131 6.42 -15.64 11.17
C GLY A 131 7.56 -16.62 11.45
N LEU A 132 7.34 -17.48 12.45
CA LEU A 132 8.32 -18.47 12.84
C LEU A 132 9.70 -17.84 13.08
N ASP A 133 9.96 -17.52 14.34
CA ASP A 133 11.25 -16.93 14.73
C ASP A 133 11.72 -17.54 16.05
N ASN A 134 12.59 -18.54 15.96
CA ASN A 134 13.11 -19.19 17.16
C ASN A 134 11.97 -19.70 18.04
N THR A 135 10.90 -20.14 17.41
CA THR A 135 9.73 -20.65 18.12
C THR A 135 10.02 -21.97 18.84
N LYS A 136 11.08 -22.66 18.41
CA LYS A 136 11.45 -23.93 19.03
C LYS A 136 12.97 -24.07 19.10
N GLN A 137 13.46 -24.79 20.10
CA GLN A 137 14.90 -24.98 20.28
C GLN A 137 15.42 -26.06 19.34
N ASP A 138 14.50 -26.77 18.69
CA ASP A 138 14.91 -27.83 17.79
C ASP A 138 15.72 -27.22 16.65
N ASP A 139 16.97 -26.93 16.95
CA ASP A 139 17.89 -26.33 15.97
C ASP A 139 18.68 -27.41 15.24
N ARG A 140 18.40 -28.68 15.56
CA ARG A 140 19.11 -29.80 14.93
C ARG A 140 18.14 -30.92 14.55
N PRO A 141 17.06 -30.60 13.89
CA PRO A 141 16.04 -31.62 13.47
C PRO A 141 16.57 -32.49 12.32
N ALA A 1 -23.99 -12.42 29.11
CA ALA A 1 -23.08 -12.31 27.92
C ALA A 1 -21.73 -11.78 28.37
N SER A 2 -20.69 -12.16 27.64
CA SER A 2 -19.34 -11.70 27.97
C SER A 2 -19.19 -10.24 27.63
N ARG A 3 -18.39 -9.54 28.42
CA ARG A 3 -18.14 -8.12 28.20
C ARG A 3 -16.64 -7.87 28.20
N ILE A 4 -16.22 -6.93 27.34
CA ILE A 4 -14.82 -6.51 27.23
C ILE A 4 -13.89 -7.66 26.87
N ASP A 5 -14.06 -8.79 27.51
CA ASP A 5 -13.20 -9.94 27.27
C ASP A 5 -13.42 -10.44 25.85
N GLU A 6 -14.53 -10.03 25.28
CA GLU A 6 -14.84 -10.38 23.91
C GLU A 6 -13.80 -9.72 23.02
N LYS A 7 -13.33 -8.55 23.48
CA LYS A 7 -12.33 -7.76 22.74
C LYS A 7 -11.58 -8.56 21.66
N SER A 8 -12.25 -8.76 20.53
CA SER A 8 -11.67 -9.50 19.41
C SER A 8 -11.92 -8.77 18.10
N SER A 9 -12.93 -7.88 18.09
CA SER A 9 -13.26 -7.16 16.87
C SER A 9 -12.10 -6.29 16.40
N LYS A 10 -11.42 -5.65 17.34
CA LYS A 10 -10.28 -4.80 17.00
C LYS A 10 -9.03 -5.65 16.84
N ALA A 11 -9.07 -6.83 17.42
CA ALA A 11 -7.92 -7.72 17.34
C ALA A 11 -7.58 -8.11 15.91
N LYS A 12 -8.59 -8.53 15.15
CA LYS A 12 -8.37 -8.93 13.75
C LYS A 12 -7.92 -7.77 12.87
N VAL A 13 -8.63 -6.66 13.02
CA VAL A 13 -8.37 -5.47 12.20
C VAL A 13 -7.00 -4.88 12.46
N ASN A 14 -6.59 -4.90 13.71
CA ASN A 14 -5.31 -4.34 14.08
C ASN A 14 -4.20 -5.10 13.37
N ASP A 15 -4.31 -6.42 13.32
CA ASP A 15 -3.29 -7.24 12.68
C ASP A 15 -3.18 -6.88 11.19
N PHE A 16 -4.32 -6.71 10.55
CA PHE A 16 -4.34 -6.35 9.13
C PHE A 16 -3.63 -5.02 8.93
N LEU A 17 -3.95 -4.07 9.80
CA LEU A 17 -3.35 -2.76 9.78
C LEU A 17 -1.85 -2.85 10.03
N ALA A 18 -1.50 -3.72 10.96
CA ALA A 18 -0.14 -3.91 11.35
C ALA A 18 0.70 -4.30 10.14
N GLU A 19 0.12 -5.08 9.23
CA GLU A 19 0.83 -5.47 8.03
C GLU A 19 1.10 -4.26 7.15
N ILE A 20 0.11 -3.38 7.09
CA ILE A 20 0.22 -2.17 6.30
C ILE A 20 1.33 -1.29 6.86
N PHE A 21 1.37 -1.15 8.18
CA PHE A 21 2.40 -0.34 8.82
C PHE A 21 3.79 -0.91 8.52
N LYS A 22 3.96 -2.22 8.58
CA LYS A 22 5.26 -2.82 8.34
C LYS A 22 5.73 -2.48 6.93
N LYS A 23 4.81 -2.46 5.99
CA LYS A 23 5.16 -2.05 4.62
C LYS A 23 5.59 -0.59 4.63
N ILE A 24 4.88 0.23 5.39
CA ILE A 24 5.21 1.66 5.51
C ILE A 24 6.58 1.84 6.13
N GLY A 25 6.85 1.05 7.17
CA GLY A 25 8.10 1.13 7.89
C GLY A 25 9.28 0.84 6.96
N SER A 26 9.14 -0.14 6.08
CA SER A 26 10.22 -0.42 5.14
C SER A 26 10.27 0.68 4.07
N LYS A 27 11.48 1.03 3.64
CA LYS A 27 11.62 2.06 2.61
C LYS A 27 11.08 1.53 1.27
N GLU A 28 11.43 0.29 0.97
CA GLU A 28 11.05 -0.34 -0.29
C GLU A 28 9.53 -0.43 -0.44
N ASN A 29 8.85 -0.86 0.62
CA ASN A 29 7.41 -1.07 0.56
C ASN A 29 6.58 0.17 0.94
N THR A 30 7.21 1.32 1.09
CA THR A 30 6.49 2.53 1.52
C THR A 30 5.36 2.95 0.58
N LYS A 31 5.60 2.90 -0.73
CA LYS A 31 4.57 3.27 -1.68
C LYS A 31 3.39 2.32 -1.59
N GLU A 32 3.72 1.04 -1.45
CA GLU A 32 2.71 -0.01 -1.38
C GLU A 32 1.86 0.16 -0.13
N GLY A 33 2.53 0.38 1.00
CA GLY A 33 1.83 0.54 2.27
C GLY A 33 1.00 1.82 2.35
N LEU A 34 1.56 2.93 1.89
CA LEU A 34 0.83 4.19 1.91
C LEU A 34 -0.40 4.12 1.01
N ALA A 35 -0.19 3.54 -0.16
CA ALA A 35 -1.25 3.44 -1.16
C ALA A 35 -2.42 2.62 -0.64
N GLU A 36 -2.13 1.54 0.04
CA GLU A 36 -3.19 0.71 0.60
C GLU A 36 -3.87 1.43 1.75
N LEU A 37 -3.08 2.13 2.57
CA LEU A 37 -3.64 2.85 3.70
C LEU A 37 -4.59 3.93 3.19
N TYR A 38 -4.17 4.62 2.13
CA TYR A 38 -5.00 5.67 1.53
C TYR A 38 -6.32 5.05 1.05
N GLU A 39 -6.22 3.92 0.34
CA GLU A 39 -7.41 3.25 -0.15
C GLU A 39 -8.29 2.79 1.01
N TYR A 40 -7.68 2.19 2.03
CA TYR A 40 -8.45 1.72 3.19
C TYR A 40 -9.16 2.91 3.84
N LYS A 41 -8.44 3.99 4.00
CA LYS A 41 -9.01 5.22 4.60
C LYS A 41 -10.19 5.71 3.77
N LYS A 42 -10.07 5.57 2.46
CA LYS A 42 -11.12 5.95 1.54
C LYS A 42 -12.37 5.11 1.80
N LYS A 43 -12.14 3.82 2.05
CA LYS A 43 -13.23 2.88 2.33
C LYS A 43 -13.97 3.24 3.63
N TYR A 44 -13.18 3.56 4.67
CA TYR A 44 -13.74 3.89 6.00
C TYR A 44 -13.67 5.38 6.34
N SER A 45 -13.32 6.20 5.35
CA SER A 45 -13.21 7.64 5.52
C SER A 45 -12.76 8.04 6.94
N ASP A 46 -11.47 8.40 7.03
CA ASP A 46 -10.82 8.84 8.27
C ASP A 46 -11.50 8.31 9.53
N ALA A 47 -12.01 7.09 9.46
CA ALA A 47 -12.66 6.46 10.61
C ALA A 47 -11.77 5.33 11.10
N ASP A 48 -12.35 4.41 11.90
CA ASP A 48 -11.69 3.22 12.46
C ASP A 48 -10.18 3.33 12.79
N ILE A 49 -9.38 3.95 11.93
CA ILE A 49 -7.92 3.97 12.15
C ILE A 49 -7.48 4.71 13.44
N GLU A 50 -8.03 5.90 13.76
CA GLU A 50 -7.54 6.68 14.92
C GLU A 50 -7.15 5.87 16.18
N PRO A 51 -7.96 4.99 16.73
CA PRO A 51 -7.54 4.23 17.95
C PRO A 51 -6.18 3.57 17.76
N PHE A 52 -5.94 3.04 16.57
CA PHE A 52 -4.66 2.39 16.28
C PHE A 52 -3.52 3.40 16.43
N LEU A 53 -3.74 4.61 15.90
CA LEU A 53 -2.65 5.59 15.87
C LEU A 53 -2.23 5.91 17.32
N LYS A 54 -3.19 6.11 18.23
CA LYS A 54 -2.90 6.40 19.64
C LYS A 54 -2.14 5.24 20.28
N ASN A 55 -2.53 4.03 19.88
CA ASN A 55 -1.95 2.80 20.41
C ASN A 55 -0.44 2.75 20.10
N SER A 56 -0.06 3.19 18.92
CA SER A 56 1.36 3.24 18.54
C SER A 56 2.01 4.51 19.10
N SER A 57 3.33 4.68 18.89
CA SER A 57 4.02 5.87 19.40
C SER A 57 3.43 7.12 18.73
N GLN A 58 3.31 8.21 19.49
CA GLN A 58 2.71 9.45 18.99
C GLN A 58 3.49 10.14 17.85
N PHE A 59 4.81 10.17 17.93
CA PHE A 59 5.63 10.85 16.91
C PHE A 59 5.40 10.25 15.51
N PHE A 60 5.42 8.93 15.46
CA PHE A 60 5.26 8.19 14.21
C PHE A 60 3.90 8.47 13.53
N GLN A 61 2.93 8.86 14.32
CA GLN A 61 1.58 9.12 13.80
C GLN A 61 1.50 10.34 12.87
N SER A 62 2.24 11.40 13.16
CA SER A 62 2.16 12.59 12.34
C SER A 62 2.60 12.33 10.89
N TYR A 63 3.71 11.62 10.73
CA TYR A 63 4.25 11.35 9.39
C TYR A 63 3.27 10.57 8.53
N VAL A 64 2.66 9.52 9.06
CA VAL A 64 1.74 8.73 8.27
C VAL A 64 0.57 9.59 7.84
N GLU A 65 0.05 10.41 8.73
CA GLU A 65 -1.09 11.25 8.38
C GLU A 65 -0.69 12.23 7.28
N ARG A 66 0.48 12.84 7.41
CA ARG A 66 0.97 13.79 6.42
C ARG A 66 1.18 13.11 5.06
N GLY A 67 1.75 11.92 5.10
CA GLY A 67 2.08 11.21 3.86
C GLY A 67 0.84 10.91 3.03
N LEU A 68 -0.28 10.63 3.66
CA LEU A 68 -1.49 10.26 2.93
C LEU A 68 -2.01 11.35 2.01
N ARG A 69 -1.97 12.60 2.43
CA ARG A 69 -2.46 13.67 1.54
C ARG A 69 -1.64 13.76 0.26
N VAL A 70 -0.32 13.67 0.38
CA VAL A 70 0.53 13.79 -0.80
C VAL A 70 0.30 12.66 -1.81
N ILE A 71 -0.09 11.45 -1.28
CA ILE A 71 -0.36 10.34 -2.21
C ILE A 71 -1.52 10.79 -3.12
N GLU A 72 -2.61 11.25 -2.48
CA GLU A 72 -3.82 11.63 -3.25
C GLU A 72 -3.46 12.73 -4.30
N MET A 73 -2.56 13.58 -3.98
CA MET A 73 -2.16 14.66 -4.91
C MET A 73 -1.59 14.03 -6.20
N GLU A 74 -0.81 12.98 -6.06
CA GLU A 74 -0.22 12.33 -7.23
C GLU A 74 -1.34 11.75 -8.07
N ARG A 75 -2.33 11.18 -7.36
CA ARG A 75 -3.49 10.55 -7.98
C ARG A 75 -4.31 11.57 -8.73
N GLU A 76 -4.42 12.78 -8.16
CA GLU A 76 -5.15 13.86 -8.80
C GLU A 76 -4.39 14.28 -10.05
N GLY A 77 -3.06 14.27 -9.94
CA GLY A 77 -2.21 14.62 -11.06
C GLY A 77 -1.97 16.13 -11.14
N LYS A 78 -2.51 16.86 -10.14
CA LYS A 78 -2.39 18.31 -10.10
C LYS A 78 -1.18 18.84 -10.87
N GLY A 79 -0.10 19.19 -10.18
CA GLY A 79 1.09 19.73 -10.85
C GLY A 79 2.34 18.89 -10.61
N ARG A 80 2.23 17.90 -9.74
CA ARG A 80 3.37 17.06 -9.44
C ARG A 80 3.77 16.32 -10.70
N ILE A 81 2.76 15.84 -11.38
CA ILE A 81 2.93 15.08 -12.63
C ILE A 81 2.48 15.92 -13.81
N SER A 82 3.43 16.19 -14.71
CA SER A 82 3.15 17.00 -15.89
C SER A 82 2.10 16.37 -16.81
N THR A 83 2.21 15.06 -17.06
CA THR A 83 1.25 14.35 -17.91
C THR A 83 0.88 13.00 -17.31
N SER A 84 -0.29 12.48 -17.68
CA SER A 84 -0.72 11.18 -17.17
C SER A 84 0.29 10.09 -17.57
N THR A 85 0.74 10.16 -18.82
CA THR A 85 1.71 9.20 -19.35
C THR A 85 1.11 7.79 -19.39
N GLY A 86 0.40 7.41 -18.35
CA GLY A 86 -0.20 6.09 -18.28
C GLY A 86 -1.20 5.86 -19.40
N ILE A 87 -2.00 6.89 -19.72
CA ILE A 87 -3.01 6.76 -20.77
C ILE A 87 -2.59 7.54 -22.01
N SER A 88 -2.63 6.87 -23.16
CA SER A 88 -2.27 7.52 -24.42
C SER A 88 -2.87 8.93 -24.46
N PRO A 89 -2.07 9.99 -24.58
CA PRO A 89 -2.64 11.37 -24.55
C PRO A 89 -3.55 11.69 -25.73
N GLN A 90 -4.59 12.47 -25.42
CA GLN A 90 -5.56 12.92 -26.42
C GLN A 90 -5.69 14.43 -26.28
N MET A 91 -5.70 15.17 -27.38
CA MET A 91 -5.79 16.62 -27.25
C MET A 91 -7.10 17.01 -26.59
N GLU A 92 -8.20 16.40 -27.01
CA GLU A 92 -9.51 16.65 -26.41
C GLU A 92 -10.11 15.33 -25.91
N VAL A 93 -10.90 14.71 -26.79
CA VAL A 93 -11.53 13.43 -26.51
C VAL A 93 -11.56 12.60 -27.79
N THR A 94 -11.32 11.30 -27.70
CA THR A 94 -11.35 10.43 -28.87
C THR A 94 -12.17 9.17 -28.60
N CYS A 95 -12.76 8.62 -29.65
CA CYS A 95 -13.54 7.39 -29.51
C CYS A 95 -12.61 6.25 -29.14
N VAL A 96 -11.44 6.29 -29.76
CA VAL A 96 -10.40 5.28 -29.55
C VAL A 96 -9.04 5.98 -29.49
N PRO A 97 -8.11 5.54 -28.67
CA PRO A 97 -6.78 6.21 -28.68
C PRO A 97 -6.17 6.10 -30.07
N THR A 98 -5.47 7.14 -30.46
CA THR A 98 -4.85 7.17 -31.78
C THR A 98 -4.04 5.88 -32.00
N PRO A 99 -4.23 5.17 -33.10
CA PRO A 99 -3.47 3.90 -33.33
C PRO A 99 -1.96 4.16 -33.45
N THR A 100 -1.18 3.22 -32.92
CA THR A 100 0.28 3.32 -32.95
C THR A 100 0.86 1.98 -33.36
N SER A 101 2.13 1.96 -33.74
CA SER A 101 2.74 0.69 -34.13
C SER A 101 2.68 -0.26 -32.94
N THR A 102 3.01 0.27 -31.76
CA THR A 102 2.99 -0.50 -30.53
C THR A 102 1.57 -0.99 -30.20
N VAL A 103 0.59 -0.09 -30.33
CA VAL A 103 -0.81 -0.43 -30.03
C VAL A 103 -1.68 -0.21 -31.27
N SER A 104 -2.48 -1.21 -31.60
CA SER A 104 -3.35 -1.12 -32.77
C SER A 104 -4.67 -1.88 -32.52
N SER A 105 -5.31 -2.32 -33.59
CA SER A 105 -6.58 -3.04 -33.49
C SER A 105 -6.41 -4.33 -32.69
N ILE A 106 -5.33 -5.06 -32.95
CA ILE A 106 -5.07 -6.31 -32.27
C ILE A 106 -3.94 -6.16 -31.27
N GLY A 107 -4.23 -6.58 -30.06
CA GLY A 107 -3.27 -6.52 -28.95
C GLY A 107 -4.03 -6.47 -27.63
N ASN A 108 -4.00 -7.57 -26.89
CA ASN A 108 -4.69 -7.65 -25.61
C ASN A 108 -3.94 -8.56 -24.64
N THR A 109 -4.33 -8.51 -23.36
CA THR A 109 -3.70 -9.34 -22.34
C THR A 109 -4.78 -10.05 -21.50
N ASN A 110 -4.40 -11.15 -20.87
CA ASN A 110 -5.35 -11.87 -20.02
C ASN A 110 -5.78 -11.01 -18.83
N GLY A 111 -4.79 -10.30 -18.25
CA GLY A 111 -5.04 -9.47 -17.09
C GLY A 111 -5.05 -10.33 -15.85
N GLU A 112 -4.80 -11.62 -16.07
CA GLU A 112 -4.78 -12.65 -15.01
C GLU A 112 -4.81 -12.06 -13.62
N GLU A 113 -3.76 -11.38 -13.26
CA GLU A 113 -3.68 -10.78 -11.94
C GLU A 113 -2.58 -9.74 -11.87
N VAL A 114 -2.96 -8.52 -11.49
CA VAL A 114 -1.99 -7.41 -11.41
C VAL A 114 -1.97 -6.79 -10.01
N GLY A 115 -2.83 -5.80 -9.78
CA GLY A 115 -2.87 -5.13 -8.48
C GLY A 115 -2.67 -6.10 -7.32
N PRO A 116 -3.48 -7.12 -7.24
CA PRO A 116 -3.39 -8.14 -6.14
C PRO A 116 -2.00 -8.76 -6.00
N SER A 117 -1.31 -8.96 -7.11
CA SER A 117 0.02 -9.58 -7.10
C SER A 117 1.03 -8.78 -6.26
N VAL A 118 1.02 -7.46 -6.39
CA VAL A 118 2.01 -6.69 -5.63
C VAL A 118 1.80 -6.91 -4.13
N TYR A 119 0.55 -6.78 -3.69
CA TYR A 119 0.23 -6.98 -2.28
C TYR A 119 0.56 -8.39 -1.81
N LEU A 120 0.17 -9.34 -2.63
CA LEU A 120 0.43 -10.72 -2.26
C LEU A 120 1.94 -10.97 -2.21
N GLU A 121 2.65 -10.47 -3.20
CA GLU A 121 4.08 -10.69 -3.28
C GLU A 121 4.89 -9.92 -2.25
N ARG A 122 4.66 -8.62 -2.11
CA ARG A 122 5.47 -7.86 -1.16
C ARG A 122 5.22 -8.33 0.26
N LEU A 123 3.95 -8.47 0.60
CA LEU A 123 3.59 -8.82 1.97
C LEU A 123 4.14 -10.19 2.38
N LYS A 124 4.07 -11.16 1.48
CA LYS A 124 4.59 -12.50 1.81
C LYS A 124 6.09 -12.38 2.12
N ILE A 125 6.77 -11.63 1.27
CA ILE A 125 8.24 -11.50 1.38
C ILE A 125 8.64 -10.90 2.72
N LEU A 126 7.98 -9.86 3.20
CA LEU A 126 8.37 -9.32 4.50
C LEU A 126 8.16 -10.44 5.54
N ARG A 127 7.02 -11.09 5.39
CA ARG A 127 6.60 -12.16 6.34
C ARG A 127 7.59 -13.36 6.37
N GLN A 128 8.08 -13.80 5.22
CA GLN A 128 8.98 -14.97 5.22
C GLN A 128 10.28 -14.68 5.96
N ARG A 129 10.86 -13.50 5.73
CA ARG A 129 12.09 -13.14 6.40
C ARG A 129 11.87 -13.01 7.91
N CYS A 130 10.74 -12.44 8.29
CA CYS A 130 10.41 -12.24 9.69
C CYS A 130 10.19 -13.55 10.42
N GLY A 131 9.57 -14.53 9.74
CA GLY A 131 9.29 -15.82 10.36
C GLY A 131 10.16 -16.93 9.77
N LEU A 132 10.84 -17.69 10.64
CA LEU A 132 11.64 -18.83 10.21
C LEU A 132 11.16 -20.07 10.96
N ASP A 133 10.59 -21.03 10.26
CA ASP A 133 10.10 -22.24 10.91
C ASP A 133 11.25 -23.03 11.55
N ASN A 134 12.33 -23.16 10.79
CA ASN A 134 13.50 -23.94 11.23
C ASN A 134 14.64 -23.08 11.76
N THR A 135 14.88 -23.17 13.06
CA THR A 135 15.98 -22.47 13.68
C THR A 135 17.25 -23.27 13.40
N LYS A 136 18.43 -22.71 13.64
CA LYS A 136 19.67 -23.44 13.37
C LYS A 136 20.73 -23.17 14.43
N GLN A 137 21.60 -24.16 14.60
CA GLN A 137 22.71 -24.07 15.56
C GLN A 137 23.98 -23.77 14.79
N ASP A 138 25.02 -23.32 15.49
CA ASP A 138 26.28 -22.99 14.85
C ASP A 138 27.06 -24.24 14.45
N ASP A 139 26.55 -25.40 14.83
CA ASP A 139 27.20 -26.66 14.48
C ASP A 139 27.21 -26.81 12.97
N ARG A 140 28.27 -27.39 12.45
CA ARG A 140 28.43 -27.60 11.01
C ARG A 140 28.92 -29.01 10.71
N PRO A 141 28.09 -30.01 10.92
CA PRO A 141 28.47 -31.43 10.67
C PRO A 141 28.15 -31.86 9.24
N ALA A 1 -10.67 -12.77 27.40
CA ALA A 1 -11.95 -12.52 26.68
C ALA A 1 -12.73 -11.42 27.38
N SER A 2 -12.66 -10.20 26.85
CA SER A 2 -13.37 -9.10 27.45
C SER A 2 -14.87 -9.27 27.24
N ARG A 3 -15.64 -8.92 28.25
CA ARG A 3 -17.09 -9.06 28.19
C ARG A 3 -17.75 -8.14 27.15
N ILE A 4 -17.26 -6.91 27.03
CA ILE A 4 -17.88 -5.94 26.13
C ILE A 4 -17.81 -6.34 24.66
N ASP A 5 -16.66 -6.80 24.21
CA ASP A 5 -16.48 -7.21 22.80
C ASP A 5 -15.43 -8.29 22.65
N GLU A 6 -14.95 -8.85 23.76
CA GLU A 6 -13.91 -9.86 23.68
C GLU A 6 -12.74 -9.29 22.89
N LYS A 7 -12.78 -7.98 22.75
CA LYS A 7 -11.74 -7.23 22.03
C LYS A 7 -11.41 -7.91 20.69
N SER A 8 -12.24 -8.89 20.31
CA SER A 8 -12.04 -9.63 19.07
C SER A 8 -12.26 -8.74 17.85
N SER A 9 -13.18 -7.79 17.95
CA SER A 9 -13.51 -6.93 16.82
C SER A 9 -12.31 -6.12 16.34
N LYS A 10 -11.55 -5.52 17.25
CA LYS A 10 -10.39 -4.75 16.82
C LYS A 10 -9.16 -5.63 16.69
N ALA A 11 -9.25 -6.83 17.24
CA ALA A 11 -8.13 -7.75 17.18
C ALA A 11 -7.76 -8.12 15.74
N LYS A 12 -8.76 -8.52 14.95
CA LYS A 12 -8.48 -8.91 13.56
C LYS A 12 -8.01 -7.74 12.71
N VAL A 13 -8.71 -6.63 12.85
CA VAL A 13 -8.44 -5.42 12.05
C VAL A 13 -7.08 -4.85 12.37
N ASN A 14 -6.70 -4.90 13.62
CA ASN A 14 -5.41 -4.35 14.01
C ASN A 14 -4.30 -5.11 13.30
N ASP A 15 -4.44 -6.43 13.23
CA ASP A 15 -3.42 -7.25 12.57
C ASP A 15 -3.31 -6.87 11.10
N PHE A 16 -4.45 -6.70 10.44
CA PHE A 16 -4.48 -6.32 9.03
C PHE A 16 -3.77 -4.98 8.84
N LEU A 17 -4.11 -4.05 9.70
CA LEU A 17 -3.51 -2.72 9.69
C LEU A 17 -2.01 -2.82 9.96
N ALA A 18 -1.66 -3.70 10.86
CA ALA A 18 -0.29 -3.89 11.25
C ALA A 18 0.54 -4.25 10.04
N GLU A 19 -0.03 -5.02 9.12
CA GLU A 19 0.70 -5.38 7.90
C GLU A 19 0.93 -4.16 7.03
N ILE A 20 -0.07 -3.30 6.99
CA ILE A 20 0.03 -2.08 6.21
C ILE A 20 1.13 -1.20 6.80
N PHE A 21 1.15 -1.10 8.13
CA PHE A 21 2.18 -0.31 8.79
C PHE A 21 3.54 -0.91 8.47
N LYS A 22 3.65 -2.23 8.51
CA LYS A 22 4.91 -2.91 8.23
C LYS A 22 5.43 -2.54 6.86
N LYS A 23 4.54 -2.48 5.88
CA LYS A 23 4.97 -2.04 4.56
C LYS A 23 5.44 -0.59 4.61
N ILE A 24 4.73 0.22 5.38
CA ILE A 24 5.09 1.63 5.51
C ILE A 24 6.45 1.77 6.18
N GLY A 25 6.66 0.99 7.21
CA GLY A 25 7.91 1.05 7.97
C GLY A 25 9.10 0.79 7.06
N SER A 26 8.97 -0.17 6.15
CA SER A 26 10.07 -0.43 5.22
C SER A 26 10.13 0.72 4.21
N LYS A 27 11.32 1.11 3.79
CA LYS A 27 11.44 2.19 2.80
C LYS A 27 10.92 1.72 1.45
N GLU A 28 11.29 0.50 1.10
CA GLU A 28 10.92 -0.08 -0.21
C GLU A 28 9.41 -0.25 -0.36
N ASN A 29 8.74 -0.74 0.67
CA ASN A 29 7.30 -1.02 0.56
C ASN A 29 6.44 0.20 0.94
N THR A 30 7.06 1.36 1.10
CA THR A 30 6.35 2.57 1.48
C THR A 30 5.27 3.02 0.48
N LYS A 31 5.54 2.99 -0.81
CA LYS A 31 4.51 3.40 -1.78
C LYS A 31 3.32 2.45 -1.69
N GLU A 32 3.66 1.19 -1.55
CA GLU A 32 2.65 0.14 -1.51
C GLU A 32 1.80 0.26 -0.25
N GLY A 33 2.48 0.47 0.88
CA GLY A 33 1.78 0.59 2.15
C GLY A 33 0.90 1.84 2.24
N LEU A 34 1.43 2.96 1.78
CA LEU A 34 0.66 4.20 1.82
C LEU A 34 -0.57 4.08 0.94
N ALA A 35 -0.38 3.51 -0.23
CA ALA A 35 -1.45 3.37 -1.20
C ALA A 35 -2.60 2.53 -0.65
N GLU A 36 -2.28 1.47 0.07
CA GLU A 36 -3.34 0.65 0.64
C GLU A 36 -4.04 1.39 1.78
N LEU A 37 -3.25 2.09 2.60
CA LEU A 37 -3.84 2.82 3.71
C LEU A 37 -4.79 3.88 3.19
N TYR A 38 -4.38 4.56 2.12
CA TYR A 38 -5.24 5.58 1.52
C TYR A 38 -6.55 4.94 1.06
N GLU A 39 -6.42 3.81 0.35
CA GLU A 39 -7.61 3.12 -0.15
C GLU A 39 -8.49 2.66 1.01
N TYR A 40 -7.87 2.06 2.03
CA TYR A 40 -8.64 1.58 3.18
C TYR A 40 -9.36 2.75 3.83
N LYS A 41 -8.66 3.86 4.01
CA LYS A 41 -9.22 5.04 4.64
C LYS A 41 -10.40 5.53 3.81
N LYS A 42 -10.27 5.41 2.49
CA LYS A 42 -11.33 5.79 1.57
C LYS A 42 -12.58 4.93 1.80
N LYS A 43 -12.34 3.65 2.04
CA LYS A 43 -13.42 2.68 2.30
C LYS A 43 -14.16 3.01 3.61
N TYR A 44 -13.38 3.32 4.65
CA TYR A 44 -13.92 3.61 5.99
C TYR A 44 -13.87 5.08 6.35
N SER A 45 -13.54 5.92 5.37
CA SER A 45 -13.47 7.36 5.59
C SER A 45 -12.83 7.67 6.94
N ASP A 46 -11.86 6.84 7.32
CA ASP A 46 -11.16 7.01 8.59
C ASP A 46 -12.13 6.84 9.75
N ALA A 47 -13.00 5.84 9.64
CA ALA A 47 -14.00 5.57 10.68
C ALA A 47 -13.51 4.51 11.66
N ASP A 48 -12.20 4.37 11.82
CA ASP A 48 -11.68 3.37 12.75
C ASP A 48 -10.17 3.46 12.95
N ILE A 49 -9.45 4.12 12.04
CA ILE A 49 -8.00 4.13 12.15
C ILE A 49 -7.48 4.82 13.44
N GLU A 50 -8.02 6.00 13.81
CA GLU A 50 -7.49 6.75 14.99
C GLU A 50 -7.10 5.89 16.21
N PRO A 51 -7.95 5.04 16.76
CA PRO A 51 -7.56 4.24 17.95
C PRO A 51 -6.21 3.54 17.73
N PHE A 52 -5.99 3.04 16.53
CA PHE A 52 -4.73 2.38 16.21
C PHE A 52 -3.57 3.38 16.35
N LEU A 53 -3.79 4.59 15.83
CA LEU A 53 -2.71 5.58 15.81
C LEU A 53 -2.27 5.88 17.26
N LYS A 54 -3.22 6.08 18.17
CA LYS A 54 -2.90 6.35 19.59
C LYS A 54 -2.16 5.17 20.22
N ASN A 55 -2.55 3.99 19.79
CA ASN A 55 -1.98 2.75 20.31
C ASN A 55 -0.47 2.69 20.02
N SER A 56 -0.07 3.15 18.84
CA SER A 56 1.35 3.18 18.47
C SER A 56 2.00 4.46 19.03
N SER A 57 3.31 4.63 18.81
CA SER A 57 4.00 5.82 19.31
C SER A 57 3.45 7.08 18.64
N GLN A 58 3.37 8.18 19.40
CA GLN A 58 2.80 9.44 18.91
C GLN A 58 3.57 10.12 17.77
N PHE A 59 4.90 10.12 17.82
CA PHE A 59 5.69 10.79 16.77
C PHE A 59 5.46 10.18 15.39
N PHE A 60 5.42 8.86 15.35
CA PHE A 60 5.25 8.13 14.09
C PHE A 60 3.89 8.41 13.45
N GLN A 61 2.92 8.82 14.25
CA GLN A 61 1.57 9.09 13.73
C GLN A 61 1.49 10.30 12.80
N SER A 62 2.22 11.37 13.09
CA SER A 62 2.14 12.57 12.26
C SER A 62 2.57 12.30 10.81
N TYR A 63 3.66 11.57 10.63
CA TYR A 63 4.16 11.30 9.28
C TYR A 63 3.18 10.52 8.41
N VAL A 64 2.55 9.50 8.97
CA VAL A 64 1.63 8.71 8.18
C VAL A 64 0.46 9.57 7.73
N GLU A 65 -0.06 10.39 8.64
CA GLU A 65 -1.18 11.24 8.31
C GLU A 65 -0.80 12.23 7.19
N ARG A 66 0.39 12.83 7.31
CA ARG A 66 0.87 13.79 6.31
C ARG A 66 1.05 13.12 4.95
N GLY A 67 1.62 11.92 4.96
CA GLY A 67 1.90 11.19 3.74
C GLY A 67 0.65 10.86 2.93
N LEU A 68 -0.46 10.61 3.60
CA LEU A 68 -1.68 10.24 2.88
C LEU A 68 -2.19 11.33 1.95
N ARG A 69 -2.14 12.60 2.38
CA ARG A 69 -2.63 13.67 1.50
C ARG A 69 -1.83 13.75 0.21
N VAL A 70 -0.50 13.64 0.30
CA VAL A 70 0.32 13.73 -0.90
C VAL A 70 0.03 12.57 -1.86
N ILE A 71 -0.38 11.40 -1.34
CA ILE A 71 -0.66 10.29 -2.25
C ILE A 71 -1.82 10.70 -3.14
N GLU A 72 -2.84 11.29 -2.53
CA GLU A 72 -4.04 11.70 -3.26
C GLU A 72 -3.72 12.74 -4.32
N MET A 73 -2.78 13.62 -4.01
CA MET A 73 -2.39 14.67 -4.94
C MET A 73 -1.86 14.06 -6.23
N GLU A 74 -1.11 12.97 -6.10
CA GLU A 74 -0.55 12.31 -7.29
C GLU A 74 -1.69 11.76 -8.14
N ARG A 75 -2.69 11.23 -7.47
CA ARG A 75 -3.87 10.66 -8.13
C ARG A 75 -4.63 11.74 -8.87
N GLU A 76 -4.67 12.94 -8.28
CA GLU A 76 -5.37 14.08 -8.89
C GLU A 76 -4.70 14.52 -10.18
N GLY A 77 -3.37 14.46 -10.22
CA GLY A 77 -2.62 14.87 -11.42
C GLY A 77 -2.23 16.35 -11.37
N LYS A 78 -2.45 16.98 -10.21
CA LYS A 78 -2.20 18.42 -10.02
C LYS A 78 -0.94 18.95 -10.72
N GLY A 79 -0.12 18.07 -11.31
CA GLY A 79 1.08 18.51 -12.04
C GLY A 79 2.37 18.00 -11.42
N ARG A 80 2.28 17.36 -10.27
CA ARG A 80 3.49 16.83 -9.65
C ARG A 80 4.04 15.75 -10.57
N ILE A 81 3.12 14.98 -11.15
CA ILE A 81 3.46 13.94 -12.09
C ILE A 81 2.97 14.33 -13.48
N SER A 82 3.87 14.30 -14.44
CA SER A 82 3.54 14.64 -15.82
C SER A 82 3.28 13.38 -16.63
N THR A 83 4.26 12.49 -16.66
CA THR A 83 4.18 11.23 -17.40
C THR A 83 4.75 10.08 -16.58
N SER A 84 4.49 8.85 -17.02
CA SER A 84 5.02 7.69 -16.30
C SER A 84 6.53 7.66 -16.51
N THR A 85 7.25 7.16 -15.52
CA THR A 85 8.70 7.11 -15.60
C THR A 85 9.20 6.25 -16.75
N GLY A 86 8.61 5.09 -16.94
CA GLY A 86 9.09 4.19 -18.00
C GLY A 86 8.96 4.85 -19.39
N ILE A 87 7.78 5.34 -19.73
CA ILE A 87 7.57 5.91 -21.06
C ILE A 87 8.23 7.27 -21.20
N SER A 88 8.92 7.45 -22.31
CA SER A 88 9.57 8.72 -22.61
C SER A 88 8.52 9.64 -23.23
N PRO A 89 8.40 10.90 -22.84
CA PRO A 89 7.36 11.78 -23.45
C PRO A 89 7.51 11.90 -24.96
N GLN A 90 6.39 11.92 -25.65
CA GLN A 90 6.36 12.07 -27.11
C GLN A 90 5.33 13.12 -27.52
N MET A 91 5.71 14.00 -28.44
CA MET A 91 4.77 15.03 -28.86
C MET A 91 3.57 14.36 -29.53
N GLU A 92 3.87 13.37 -30.38
CA GLU A 92 2.83 12.62 -31.09
C GLU A 92 2.89 11.14 -30.75
N VAL A 93 3.62 10.39 -31.58
CA VAL A 93 3.77 8.95 -31.38
C VAL A 93 5.20 8.52 -31.66
N THR A 94 5.60 7.37 -31.14
CA THR A 94 6.93 6.83 -31.40
C THR A 94 6.82 5.34 -31.73
N CYS A 95 7.77 4.84 -32.50
CA CYS A 95 7.79 3.44 -32.84
C CYS A 95 8.04 2.66 -31.55
N VAL A 96 8.91 3.25 -30.74
CA VAL A 96 9.30 2.69 -29.47
C VAL A 96 10.21 3.69 -28.76
N PRO A 97 10.17 3.84 -27.45
CA PRO A 97 11.08 4.80 -26.78
C PRO A 97 12.53 4.40 -27.07
N THR A 98 13.38 5.40 -27.25
CA THR A 98 14.78 5.16 -27.59
C THR A 98 15.72 5.39 -26.40
N PRO A 99 16.25 4.34 -25.78
CA PRO A 99 17.19 4.51 -24.63
C PRO A 99 18.53 5.08 -25.11
N THR A 100 19.21 5.85 -24.27
CA THR A 100 20.48 6.45 -24.65
C THR A 100 21.54 6.25 -23.57
N SER A 101 22.79 6.33 -23.95
CA SER A 101 23.87 6.19 -22.98
C SER A 101 23.73 7.29 -21.95
N THR A 102 23.35 8.47 -22.44
CA THR A 102 23.13 9.63 -21.56
C THR A 102 21.98 9.35 -20.59
N VAL A 103 20.87 8.82 -21.12
CA VAL A 103 19.69 8.52 -20.32
C VAL A 103 19.27 7.06 -20.50
N SER A 104 19.05 6.34 -19.41
CA SER A 104 18.62 4.93 -19.49
C SER A 104 17.21 4.76 -18.93
N SER A 105 16.31 4.29 -19.78
CA SER A 105 14.92 4.07 -19.37
C SER A 105 14.81 2.82 -18.50
N ILE A 106 13.88 2.83 -17.55
CA ILE A 106 13.66 1.68 -16.67
C ILE A 106 12.19 1.30 -16.68
N GLY A 107 11.91 0.03 -16.48
CA GLY A 107 10.52 -0.43 -16.45
C GLY A 107 9.85 -0.29 -17.82
N ASN A 108 10.65 -0.36 -18.89
CA ASN A 108 10.11 -0.20 -20.23
C ASN A 108 9.10 -1.29 -20.59
N THR A 109 9.36 -2.54 -20.20
CA THR A 109 8.44 -3.64 -20.50
C THR A 109 7.92 -4.30 -19.22
N ASN A 110 6.59 -4.42 -19.15
CA ASN A 110 5.93 -5.06 -18.00
C ASN A 110 4.66 -5.78 -18.47
N GLY A 111 4.07 -5.24 -19.52
CA GLY A 111 2.85 -5.81 -20.07
C GLY A 111 1.78 -5.89 -18.99
N GLU A 112 1.34 -4.71 -18.54
CA GLU A 112 0.32 -4.60 -17.49
C GLU A 112 0.60 -5.59 -16.35
N GLU A 113 1.87 -5.95 -16.21
CA GLU A 113 2.30 -6.91 -15.17
C GLU A 113 1.41 -6.85 -13.94
N VAL A 114 0.60 -7.89 -13.78
CA VAL A 114 -0.36 -8.01 -12.68
C VAL A 114 0.12 -7.29 -11.43
N GLY A 115 -0.42 -6.08 -11.25
CA GLY A 115 -0.07 -5.24 -10.11
C GLY A 115 -0.48 -5.85 -8.78
N PRO A 116 -1.66 -6.42 -8.69
CA PRO A 116 -2.16 -7.06 -7.44
C PRO A 116 -1.17 -8.09 -6.87
N SER A 117 -0.48 -8.81 -7.74
CA SER A 117 0.47 -9.83 -7.29
C SER A 117 1.60 -9.17 -6.52
N VAL A 118 1.77 -7.88 -6.75
CA VAL A 118 2.83 -7.14 -6.06
C VAL A 118 2.55 -7.26 -4.56
N TYR A 119 1.31 -7.03 -4.18
CA TYR A 119 0.86 -7.14 -2.79
C TYR A 119 1.08 -8.55 -2.24
N LEU A 120 0.71 -9.52 -3.04
CA LEU A 120 0.89 -10.90 -2.59
C LEU A 120 2.36 -11.18 -2.37
N GLU A 121 3.18 -10.74 -3.32
CA GLU A 121 4.61 -10.97 -3.22
C GLU A 121 5.32 -10.19 -2.12
N ARG A 122 5.08 -8.88 -2.06
CA ARG A 122 5.77 -8.09 -1.05
C ARG A 122 5.38 -8.48 0.36
N LEU A 123 4.08 -8.57 0.59
CA LEU A 123 3.60 -8.87 1.93
C LEU A 123 4.08 -10.24 2.39
N LYS A 124 4.06 -11.21 1.50
CA LYS A 124 4.53 -12.53 1.90
C LYS A 124 5.99 -12.43 2.31
N ILE A 125 6.77 -11.75 1.47
CA ILE A 125 8.20 -11.66 1.71
C ILE A 125 8.54 -10.96 3.03
N LEU A 126 7.88 -9.88 3.36
CA LEU A 126 8.17 -9.23 4.65
C LEU A 126 7.76 -10.23 5.75
N ARG A 127 6.61 -10.84 5.49
CA ARG A 127 5.96 -11.79 6.40
C ARG A 127 6.88 -12.99 6.70
N GLN A 128 7.55 -13.53 5.68
CA GLN A 128 8.43 -14.68 5.90
C GLN A 128 9.46 -14.34 6.97
N ARG A 129 10.00 -13.12 6.92
CA ARG A 129 10.98 -12.69 7.91
C ARG A 129 10.33 -12.62 9.29
N CYS A 130 9.08 -12.15 9.34
CA CYS A 130 8.38 -12.05 10.62
C CYS A 130 8.09 -13.44 11.18
N GLY A 131 7.79 -14.39 10.30
CA GLY A 131 7.51 -15.76 10.73
C GLY A 131 8.81 -16.54 10.89
N LEU A 132 8.85 -17.43 11.89
CA LEU A 132 10.05 -18.22 12.15
C LEU A 132 10.38 -19.12 10.95
N ASP A 133 9.37 -19.75 10.35
CA ASP A 133 9.59 -20.62 9.21
C ASP A 133 10.69 -21.65 9.53
N ASN A 134 10.86 -22.60 8.61
CA ASN A 134 11.86 -23.64 8.77
C ASN A 134 12.43 -24.05 7.42
N THR A 135 13.57 -24.74 7.45
CA THR A 135 14.21 -25.18 6.22
C THR A 135 13.31 -26.14 5.44
N LYS A 136 12.72 -27.10 6.14
CA LYS A 136 11.83 -28.07 5.50
C LYS A 136 10.65 -28.38 6.40
N GLN A 137 9.52 -28.74 5.79
CA GLN A 137 8.31 -29.06 6.54
C GLN A 137 8.11 -30.57 6.61
N ASP A 138 7.79 -31.03 7.80
CA ASP A 138 7.57 -32.45 8.04
C ASP A 138 6.38 -32.95 7.25
N ASP A 139 5.37 -32.08 7.10
CA ASP A 139 4.16 -32.42 6.34
C ASP A 139 3.83 -33.92 6.42
N ARG A 140 3.40 -34.36 7.60
CA ARG A 140 3.06 -35.76 7.80
C ARG A 140 2.10 -35.92 8.98
N PRO A 141 0.90 -35.41 8.89
CA PRO A 141 -0.10 -35.49 9.99
C PRO A 141 -0.33 -36.93 10.44
N ALA A 1 -13.34 -14.32 18.71
CA ALA A 1 -12.12 -14.81 19.41
C ALA A 1 -11.95 -14.05 20.73
N SER A 2 -12.94 -14.19 21.60
CA SER A 2 -12.93 -13.54 22.90
C SER A 2 -12.01 -14.29 23.85
N ARG A 3 -11.51 -15.41 23.38
CA ARG A 3 -10.63 -16.23 24.20
C ARG A 3 -9.36 -15.42 24.51
N ILE A 4 -8.88 -14.66 23.53
CA ILE A 4 -7.67 -13.88 23.75
C ILE A 4 -7.92 -12.85 24.83
N ASP A 5 -9.08 -12.19 24.73
CA ASP A 5 -9.48 -11.15 25.67
C ASP A 5 -10.83 -10.58 25.19
N GLU A 6 -11.17 -9.38 25.63
CA GLU A 6 -12.43 -8.75 25.25
C GLU A 6 -12.27 -7.86 24.02
N LYS A 7 -11.03 -7.68 23.58
CA LYS A 7 -10.74 -6.82 22.41
C LYS A 7 -10.59 -7.65 21.14
N SER A 8 -11.41 -8.66 21.03
CA SER A 8 -11.39 -9.54 19.88
C SER A 8 -11.84 -8.83 18.59
N SER A 9 -12.79 -7.92 18.73
CA SER A 9 -13.34 -7.21 17.58
C SER A 9 -12.28 -6.38 16.84
N LYS A 10 -11.39 -5.75 17.60
CA LYS A 10 -10.33 -4.94 17.01
C LYS A 10 -9.08 -5.77 16.81
N ALA A 11 -9.07 -6.95 17.37
CA ALA A 11 -7.90 -7.81 17.26
C ALA A 11 -7.60 -8.18 15.81
N LYS A 12 -8.62 -8.62 15.08
CA LYS A 12 -8.42 -9.04 13.69
C LYS A 12 -8.02 -7.86 12.80
N VAL A 13 -8.73 -6.76 12.96
CA VAL A 13 -8.51 -5.58 12.13
C VAL A 13 -7.14 -4.96 12.36
N ASN A 14 -6.72 -4.98 13.61
CA ASN A 14 -5.44 -4.39 13.95
C ASN A 14 -4.32 -5.14 13.23
N ASP A 15 -4.43 -6.46 13.19
CA ASP A 15 -3.42 -7.29 12.55
C ASP A 15 -3.33 -6.95 11.05
N PHE A 16 -4.48 -6.78 10.41
CA PHE A 16 -4.52 -6.44 9.00
C PHE A 16 -3.82 -5.11 8.77
N LEU A 17 -4.13 -4.16 9.64
CA LEU A 17 -3.54 -2.83 9.59
C LEU A 17 -2.04 -2.91 9.83
N ALA A 18 -1.68 -3.77 10.76
CA ALA A 18 -0.30 -3.94 11.16
C ALA A 18 0.53 -4.35 9.97
N GLU A 19 -0.05 -5.14 9.06
CA GLU A 19 0.69 -5.56 7.87
C GLU A 19 0.94 -4.36 6.98
N ILE A 20 -0.05 -3.48 6.89
CA ILE A 20 0.06 -2.28 6.10
C ILE A 20 1.16 -1.37 6.66
N PHE A 21 1.18 -1.22 7.98
CA PHE A 21 2.20 -0.37 8.60
C PHE A 21 3.60 -0.91 8.32
N LYS A 22 3.79 -2.22 8.42
CA LYS A 22 5.10 -2.79 8.20
C LYS A 22 5.57 -2.45 6.79
N LYS A 23 4.65 -2.45 5.85
CA LYS A 23 4.99 -2.04 4.50
C LYS A 23 5.41 -0.56 4.49
N ILE A 24 4.70 0.25 5.26
CA ILE A 24 5.02 1.67 5.36
C ILE A 24 6.41 1.87 6.00
N GLY A 25 6.66 1.10 7.05
CA GLY A 25 7.92 1.21 7.78
C GLY A 25 9.11 0.93 6.88
N SER A 26 9.00 -0.07 6.01
CA SER A 26 10.10 -0.35 5.09
C SER A 26 10.17 0.75 4.04
N LYS A 27 11.38 1.09 3.61
CA LYS A 27 11.54 2.11 2.58
C LYS A 27 11.02 1.58 1.23
N GLU A 28 11.35 0.33 0.96
CA GLU A 28 10.97 -0.28 -0.32
C GLU A 28 9.46 -0.36 -0.47
N ASN A 29 8.77 -0.79 0.58
CA ASN A 29 7.33 -0.99 0.51
C ASN A 29 6.50 0.23 0.90
N THR A 30 7.15 1.39 1.06
CA THR A 30 6.44 2.60 1.47
C THR A 30 5.32 3.02 0.50
N LYS A 31 5.56 2.97 -0.79
CA LYS A 31 4.54 3.34 -1.76
C LYS A 31 3.34 2.39 -1.68
N GLU A 32 3.67 1.12 -1.55
CA GLU A 32 2.65 0.07 -1.48
C GLU A 32 1.79 0.20 -0.24
N GLY A 33 2.46 0.42 0.89
CA GLY A 33 1.76 0.53 2.17
C GLY A 33 0.89 1.79 2.26
N LEU A 34 1.41 2.91 1.77
CA LEU A 34 0.65 4.15 1.81
C LEU A 34 -0.58 4.03 0.92
N ALA A 35 -0.37 3.44 -0.25
CA ALA A 35 -1.45 3.31 -1.22
C ALA A 35 -2.60 2.49 -0.66
N GLU A 36 -2.30 1.43 0.05
CA GLU A 36 -3.36 0.62 0.63
C GLU A 36 -4.04 1.36 1.78
N LEU A 37 -3.26 2.07 2.58
CA LEU A 37 -3.82 2.82 3.70
C LEU A 37 -4.77 3.89 3.17
N TYR A 38 -4.36 4.55 2.10
CA TYR A 38 -5.20 5.59 1.50
C TYR A 38 -6.50 4.96 1.03
N GLU A 39 -6.39 3.83 0.33
CA GLU A 39 -7.59 3.15 -0.16
C GLU A 39 -8.48 2.71 1.01
N TYR A 40 -7.88 2.11 2.03
CA TYR A 40 -8.65 1.64 3.19
C TYR A 40 -9.36 2.84 3.82
N LYS A 41 -8.63 3.95 3.96
CA LYS A 41 -9.20 5.17 4.54
C LYS A 41 -10.38 5.64 3.70
N LYS A 42 -10.26 5.49 2.40
CA LYS A 42 -11.31 5.85 1.49
C LYS A 42 -12.57 5.00 1.74
N LYS A 43 -12.32 3.71 1.96
CA LYS A 43 -13.41 2.76 2.25
C LYS A 43 -14.13 3.10 3.57
N TYR A 44 -13.33 3.39 4.59
CA TYR A 44 -13.87 3.69 5.94
C TYR A 44 -13.80 5.17 6.29
N SER A 45 -13.48 5.99 5.33
CA SER A 45 -13.39 7.44 5.57
C SER A 45 -12.69 7.74 6.90
N ASP A 46 -11.75 6.88 7.27
CA ASP A 46 -11.01 7.07 8.51
C ASP A 46 -11.94 6.91 9.72
N ALA A 47 -12.80 5.91 9.67
CA ALA A 47 -13.74 5.66 10.77
C ALA A 47 -13.04 5.06 11.99
N ASP A 48 -12.43 3.88 11.82
CA ASP A 48 -11.77 3.18 12.94
C ASP A 48 -10.24 3.36 13.02
N ILE A 49 -9.59 4.07 12.11
CA ILE A 49 -8.13 4.13 12.20
C ILE A 49 -7.61 4.82 13.50
N GLU A 50 -8.16 5.97 13.91
CA GLU A 50 -7.64 6.71 15.08
C GLU A 50 -7.20 5.84 16.28
N PRO A 51 -8.01 4.96 16.82
CA PRO A 51 -7.57 4.15 17.99
C PRO A 51 -6.21 3.47 17.73
N PHE A 52 -6.01 2.98 16.52
CA PHE A 52 -4.74 2.34 16.18
C PHE A 52 -3.59 3.36 16.33
N LEU A 53 -3.81 4.57 15.81
CA LEU A 53 -2.75 5.57 15.80
C LEU A 53 -2.29 5.87 17.24
N LYS A 54 -3.24 6.05 18.16
CA LYS A 54 -2.91 6.33 19.57
C LYS A 54 -2.15 5.16 20.19
N ASN A 55 -2.53 3.97 19.78
CA ASN A 55 -1.93 2.74 20.30
C ASN A 55 -0.42 2.69 19.99
N SER A 56 -0.04 3.15 18.80
CA SER A 56 1.38 3.18 18.43
C SER A 56 2.05 4.44 18.99
N SER A 57 3.35 4.61 18.74
CA SER A 57 4.08 5.79 19.25
C SER A 57 3.49 7.07 18.64
N GLN A 58 3.46 8.15 19.43
CA GLN A 58 2.87 9.42 19.00
C GLN A 58 3.60 10.12 17.84
N PHE A 59 4.93 10.10 17.85
CA PHE A 59 5.72 10.78 16.81
C PHE A 59 5.46 10.19 15.43
N PHE A 60 5.41 8.87 15.38
CA PHE A 60 5.22 8.15 14.12
C PHE A 60 3.87 8.45 13.45
N GLN A 61 2.89 8.85 14.25
CA GLN A 61 1.56 9.12 13.74
C GLN A 61 1.48 10.34 12.80
N SER A 62 2.20 11.40 13.10
CA SER A 62 2.13 12.61 12.27
C SER A 62 2.55 12.35 10.83
N TYR A 63 3.65 11.61 10.65
CA TYR A 63 4.17 11.33 9.30
C TYR A 63 3.19 10.56 8.44
N VAL A 64 2.55 9.53 8.98
CA VAL A 64 1.62 8.75 8.17
C VAL A 64 0.47 9.62 7.71
N GLU A 65 -0.06 10.45 8.60
CA GLU A 65 -1.17 11.31 8.23
C GLU A 65 -0.75 12.28 7.12
N ARG A 66 0.45 12.85 7.25
CA ARG A 66 0.96 13.79 6.25
C ARG A 66 1.17 13.11 4.89
N GLY A 67 1.73 11.90 4.93
CA GLY A 67 2.03 11.17 3.71
C GLY A 67 0.79 10.84 2.89
N LEU A 68 -0.34 10.60 3.54
CA LEU A 68 -1.54 10.22 2.82
C LEU A 68 -2.04 11.32 1.88
N ARG A 69 -1.98 12.57 2.29
CA ARG A 69 -2.44 13.66 1.42
C ARG A 69 -1.65 13.73 0.13
N VAL A 70 -0.32 13.63 0.22
CA VAL A 70 0.51 13.69 -0.98
C VAL A 70 0.22 12.54 -1.94
N ILE A 71 -0.22 11.38 -1.44
CA ILE A 71 -0.52 10.28 -2.35
C ILE A 71 -1.67 10.71 -3.26
N GLU A 72 -2.68 11.34 -2.64
CA GLU A 72 -3.87 11.77 -3.38
C GLU A 72 -3.52 12.80 -4.43
N MET A 73 -2.56 13.65 -4.13
CA MET A 73 -2.16 14.68 -5.06
C MET A 73 -1.69 14.04 -6.37
N GLU A 74 -0.97 12.93 -6.28
CA GLU A 74 -0.51 12.23 -7.48
C GLU A 74 -1.71 11.67 -8.23
N ARG A 75 -2.68 11.16 -7.48
CA ARG A 75 -3.90 10.60 -8.07
C ARG A 75 -4.67 11.70 -8.81
N GLU A 76 -4.66 12.90 -8.24
CA GLU A 76 -5.32 14.05 -8.85
C GLU A 76 -4.62 14.40 -10.17
N GLY A 77 -3.29 14.28 -10.15
CA GLY A 77 -2.48 14.53 -11.34
C GLY A 77 -2.08 15.99 -11.42
N LYS A 78 -2.43 16.75 -10.38
CA LYS A 78 -2.14 18.19 -10.32
C LYS A 78 -0.96 18.58 -11.22
N GLY A 79 0.23 18.73 -10.65
CA GLY A 79 1.39 19.13 -11.46
C GLY A 79 2.70 18.42 -11.07
N ARG A 80 2.66 17.57 -10.04
CA ARG A 80 3.87 16.88 -9.62
C ARG A 80 4.35 15.95 -10.72
N ILE A 81 3.39 15.29 -11.34
CA ILE A 81 3.68 14.34 -12.41
C ILE A 81 4.29 15.03 -13.63
N SER A 82 3.75 16.18 -14.00
CA SER A 82 4.27 16.93 -15.15
C SER A 82 5.73 17.29 -14.93
N THR A 83 6.08 17.53 -13.67
CA THR A 83 7.44 17.90 -13.31
C THR A 83 8.41 16.75 -13.67
N SER A 84 8.02 15.53 -13.37
CA SER A 84 8.89 14.37 -13.65
C SER A 84 9.09 14.20 -15.15
N THR A 85 10.30 13.77 -15.53
CA THR A 85 10.66 13.55 -16.92
C THR A 85 10.56 12.07 -17.27
N GLY A 86 10.32 11.27 -16.25
CA GLY A 86 10.21 9.83 -16.39
C GLY A 86 9.03 9.46 -17.29
N ILE A 87 7.97 10.25 -17.21
CA ILE A 87 6.78 10.01 -17.99
C ILE A 87 6.98 10.46 -19.43
N SER A 88 6.64 9.59 -20.37
CA SER A 88 6.77 9.91 -21.78
C SER A 88 6.20 11.31 -22.04
N PRO A 89 7.02 12.29 -22.33
CA PRO A 89 6.49 13.66 -22.61
C PRO A 89 5.54 13.68 -23.80
N GLN A 90 4.51 14.52 -23.70
CA GLN A 90 3.52 14.67 -24.77
C GLN A 90 3.74 15.99 -25.48
N MET A 91 3.77 15.95 -26.80
CA MET A 91 4.05 17.16 -27.58
C MET A 91 2.96 18.20 -27.35
N GLU A 92 1.70 17.77 -27.34
CA GLU A 92 0.59 18.69 -27.10
C GLU A 92 -0.19 18.26 -25.86
N VAL A 93 -1.24 17.48 -26.08
CA VAL A 93 -2.07 16.97 -24.99
C VAL A 93 -2.52 15.54 -25.29
N THR A 94 -2.51 14.69 -24.27
CA THR A 94 -2.97 13.31 -24.44
C THR A 94 -3.88 12.92 -23.28
N CYS A 95 -4.77 11.98 -23.53
CA CYS A 95 -5.65 11.49 -22.48
C CYS A 95 -4.80 10.76 -21.46
N VAL A 96 -3.81 10.06 -21.99
CA VAL A 96 -2.88 9.28 -21.20
C VAL A 96 -1.77 8.77 -22.13
N PRO A 97 -0.53 8.65 -21.70
CA PRO A 97 0.52 8.12 -22.61
C PRO A 97 0.14 6.72 -23.09
N THR A 98 0.47 6.42 -24.33
CA THR A 98 0.12 5.13 -24.93
C THR A 98 1.28 4.13 -24.84
N PRO A 99 1.28 3.20 -23.92
CA PRO A 99 2.38 2.19 -23.82
C PRO A 99 2.34 1.19 -24.97
N THR A 100 3.49 0.66 -25.35
CA THR A 100 3.58 -0.30 -26.45
C THR A 100 4.44 -1.48 -25.97
N SER A 101 4.37 -2.60 -26.68
CA SER A 101 5.14 -3.76 -26.24
C SER A 101 6.62 -3.46 -26.21
N THR A 102 7.12 -2.80 -27.25
CA THR A 102 8.53 -2.43 -27.29
C THR A 102 8.85 -1.45 -26.16
N VAL A 103 8.02 -0.41 -26.05
CA VAL A 103 8.22 0.62 -25.02
C VAL A 103 8.07 0.03 -23.61
N SER A 104 7.03 -0.78 -23.40
CA SER A 104 6.79 -1.37 -22.09
C SER A 104 7.91 -2.36 -21.73
N SER A 105 8.30 -2.38 -20.46
CA SER A 105 9.33 -3.30 -20.01
C SER A 105 8.88 -4.74 -20.19
N ILE A 106 7.59 -4.97 -19.97
CA ILE A 106 7.01 -6.30 -20.10
C ILE A 106 6.05 -6.35 -21.29
N GLY A 107 6.25 -7.35 -22.12
CA GLY A 107 5.45 -7.51 -23.35
C GLY A 107 3.98 -7.18 -23.09
N ASN A 108 3.21 -8.16 -22.61
CA ASN A 108 1.79 -7.95 -22.34
C ASN A 108 1.63 -7.32 -20.96
N THR A 109 1.09 -6.10 -20.94
CA THR A 109 0.88 -5.39 -19.68
C THR A 109 -0.16 -6.08 -18.80
N ASN A 110 -1.15 -6.68 -19.45
CA ASN A 110 -2.24 -7.38 -18.76
C ASN A 110 -2.90 -6.51 -17.69
N GLY A 111 -2.16 -6.15 -16.66
CA GLY A 111 -2.67 -5.30 -15.59
C GLY A 111 -3.62 -6.04 -14.64
N GLU A 112 -4.22 -7.13 -15.13
CA GLU A 112 -5.19 -7.87 -14.33
C GLU A 112 -4.55 -8.77 -13.27
N GLU A 113 -3.22 -8.93 -13.29
CA GLU A 113 -2.55 -9.75 -12.29
C GLU A 113 -1.26 -9.08 -11.83
N VAL A 114 -0.78 -8.11 -12.61
CA VAL A 114 0.44 -7.39 -12.27
C VAL A 114 0.27 -6.64 -10.95
N GLY A 115 -0.53 -5.58 -10.98
CA GLY A 115 -0.74 -4.76 -9.80
C GLY A 115 -0.99 -5.63 -8.56
N PRO A 116 -2.01 -6.45 -8.59
CA PRO A 116 -2.36 -7.33 -7.43
C PRO A 116 -1.19 -8.18 -6.92
N SER A 117 -0.38 -8.70 -7.84
CA SER A 117 0.75 -9.56 -7.45
C SER A 117 1.76 -8.81 -6.59
N VAL A 118 1.80 -7.50 -6.72
CA VAL A 118 2.76 -6.75 -5.92
C VAL A 118 2.47 -6.98 -4.43
N TYR A 119 1.21 -6.85 -4.06
CA TYR A 119 0.78 -7.06 -2.69
C TYR A 119 1.06 -8.47 -2.21
N LEU A 120 0.73 -9.42 -3.04
CA LEU A 120 0.96 -10.81 -2.67
C LEU A 120 2.44 -11.07 -2.50
N GLU A 121 3.22 -10.56 -3.45
CA GLU A 121 4.66 -10.78 -3.43
C GLU A 121 5.40 -10.02 -2.33
N ARG A 122 5.16 -8.73 -2.20
CA ARG A 122 5.89 -7.96 -1.19
C ARG A 122 5.52 -8.43 0.21
N LEU A 123 4.21 -8.56 0.44
CA LEU A 123 3.74 -8.92 1.77
C LEU A 123 4.26 -10.29 2.19
N LYS A 124 4.27 -11.25 1.29
CA LYS A 124 4.77 -12.57 1.67
C LYS A 124 6.22 -12.41 2.13
N ILE A 125 7.00 -11.70 1.35
CA ILE A 125 8.43 -11.58 1.65
C ILE A 125 8.66 -10.91 3.01
N LEU A 126 7.94 -9.84 3.33
CA LEU A 126 8.10 -9.23 4.66
C LEU A 126 7.67 -10.28 5.71
N ARG A 127 6.56 -10.91 5.36
CA ARG A 127 5.88 -11.89 6.22
C ARG A 127 6.78 -13.08 6.58
N GLN A 128 7.53 -13.60 5.61
CA GLN A 128 8.42 -14.74 5.90
C GLN A 128 9.40 -14.36 6.99
N ARG A 129 9.90 -13.12 6.95
CA ARG A 129 10.84 -12.67 7.97
C ARG A 129 10.12 -12.67 9.32
N CYS A 130 8.85 -12.28 9.33
CA CYS A 130 8.06 -12.28 10.55
C CYS A 130 7.84 -13.71 11.03
N GLY A 131 7.68 -14.62 10.07
CA GLY A 131 7.44 -16.02 10.36
C GLY A 131 6.07 -16.24 10.99
N LEU A 132 6.03 -17.01 12.07
CA LEU A 132 4.75 -17.26 12.74
C LEU A 132 4.18 -15.95 13.30
N ASP A 133 5.06 -15.14 13.91
CA ASP A 133 4.66 -13.86 14.49
C ASP A 133 5.89 -13.15 15.08
N ASN A 134 5.68 -11.93 15.58
CA ASN A 134 6.74 -11.17 16.21
C ASN A 134 6.55 -11.29 17.72
N THR A 135 7.65 -11.47 18.45
CA THR A 135 7.59 -11.58 19.91
C THR A 135 8.30 -10.42 20.57
N LYS A 136 9.09 -9.71 19.79
CA LYS A 136 9.86 -8.57 20.30
C LYS A 136 9.99 -7.46 19.26
N GLN A 137 10.10 -6.24 19.75
CA GLN A 137 10.26 -5.06 18.90
C GLN A 137 11.04 -4.01 19.66
N ASP A 138 11.22 -4.27 20.95
CA ASP A 138 11.88 -3.35 21.84
C ASP A 138 13.25 -2.95 21.30
N ASP A 139 13.22 -2.02 20.36
CA ASP A 139 14.42 -1.49 19.73
C ASP A 139 15.52 -2.54 19.62
N ARG A 140 15.66 -3.09 18.41
CA ARG A 140 16.67 -4.11 18.13
C ARG A 140 17.42 -3.80 16.84
N PRO A 141 18.04 -2.66 16.73
CA PRO A 141 18.79 -2.27 15.49
C PRO A 141 20.18 -2.90 15.46
N ALA A 1 -5.52 -15.21 29.05
CA ALA A 1 -5.99 -13.87 28.63
C ALA A 1 -7.25 -14.04 27.76
N SER A 2 -8.36 -14.38 28.40
CA SER A 2 -9.62 -14.57 27.69
C SER A 2 -10.30 -13.23 27.43
N ARG A 3 -9.75 -12.18 28.02
CA ARG A 3 -10.31 -10.84 27.84
C ARG A 3 -10.29 -10.49 26.35
N ILE A 4 -9.19 -10.82 25.71
CA ILE A 4 -9.01 -10.58 24.28
C ILE A 4 -10.03 -11.39 23.49
N ASP A 5 -10.21 -12.64 23.89
CA ASP A 5 -11.13 -13.54 23.19
C ASP A 5 -12.53 -12.94 23.25
N GLU A 6 -12.85 -12.31 24.37
CA GLU A 6 -14.15 -11.67 24.50
C GLU A 6 -14.23 -10.55 23.47
N LYS A 7 -13.09 -9.89 23.21
CA LYS A 7 -13.05 -8.82 22.21
C LYS A 7 -11.99 -9.11 21.14
N SER A 8 -12.43 -9.64 20.00
CA SER A 8 -11.55 -9.98 18.90
C SER A 8 -11.86 -9.11 17.69
N SER A 9 -12.86 -8.26 17.84
CA SER A 9 -13.27 -7.39 16.75
C SER A 9 -12.13 -6.47 16.33
N LYS A 10 -11.40 -5.94 17.30
CA LYS A 10 -10.27 -5.07 17.00
C LYS A 10 -9.04 -5.91 16.73
N ALA A 11 -9.05 -7.15 17.23
CA ALA A 11 -7.92 -8.03 17.04
C ALA A 11 -7.64 -8.32 15.56
N LYS A 12 -8.70 -8.68 14.83
CA LYS A 12 -8.53 -8.99 13.40
C LYS A 12 -8.11 -7.77 12.58
N VAL A 13 -8.80 -6.68 12.82
CA VAL A 13 -8.56 -5.44 12.07
C VAL A 13 -7.17 -4.88 12.33
N ASN A 14 -6.75 -4.94 13.57
CA ASN A 14 -5.45 -4.40 13.93
C ASN A 14 -4.35 -5.14 13.20
N ASP A 15 -4.48 -6.46 13.13
CA ASP A 15 -3.47 -7.27 12.45
C ASP A 15 -3.38 -6.90 10.98
N PHE A 16 -4.53 -6.70 10.34
CA PHE A 16 -4.56 -6.33 8.93
C PHE A 16 -3.84 -5.00 8.74
N LEU A 17 -4.17 -4.06 9.63
CA LEU A 17 -3.56 -2.73 9.61
C LEU A 17 -2.06 -2.83 9.86
N ALA A 18 -1.70 -3.70 10.78
CA ALA A 18 -0.33 -3.90 11.17
C ALA A 18 0.51 -4.29 9.96
N GLU A 19 -0.08 -5.05 9.05
CA GLU A 19 0.63 -5.45 7.85
C GLU A 19 0.89 -4.25 6.96
N ILE A 20 -0.10 -3.37 6.91
CA ILE A 20 0.01 -2.16 6.13
C ILE A 20 1.12 -1.26 6.70
N PHE A 21 1.16 -1.14 8.03
CA PHE A 21 2.19 -0.33 8.66
C PHE A 21 3.57 -0.88 8.37
N LYS A 22 3.74 -2.19 8.44
CA LYS A 22 5.05 -2.78 8.21
C LYS A 22 5.52 -2.43 6.80
N LYS A 23 4.59 -2.41 5.86
CA LYS A 23 4.94 -1.99 4.51
C LYS A 23 5.38 -0.54 4.51
N ILE A 24 4.68 0.29 5.28
CA ILE A 24 5.02 1.70 5.40
C ILE A 24 6.39 1.87 6.04
N GLY A 25 6.63 1.09 7.07
CA GLY A 25 7.89 1.16 7.80
C GLY A 25 9.06 0.89 6.86
N SER A 26 8.90 -0.08 5.96
CA SER A 26 9.96 -0.33 5.00
C SER A 26 9.93 0.80 3.97
N LYS A 27 11.08 1.13 3.41
CA LYS A 27 11.11 2.21 2.42
C LYS A 27 10.71 1.63 1.07
N GLU A 28 11.06 0.36 0.87
CA GLU A 28 10.74 -0.30 -0.38
C GLU A 28 9.24 -0.40 -0.57
N ASN A 29 8.53 -0.80 0.48
CA ASN A 29 7.09 -1.01 0.40
C ASN A 29 6.27 0.24 0.79
N THR A 30 6.92 1.39 0.96
CA THR A 30 6.23 2.60 1.38
C THR A 30 5.09 3.04 0.45
N LYS A 31 5.30 2.99 -0.85
CA LYS A 31 4.27 3.37 -1.80
C LYS A 31 3.07 2.44 -1.71
N GLU A 32 3.38 1.16 -1.58
CA GLU A 32 2.34 0.14 -1.49
C GLU A 32 1.52 0.28 -0.22
N GLY A 33 2.21 0.45 0.90
CA GLY A 33 1.55 0.57 2.20
C GLY A 33 0.71 1.83 2.30
N LEU A 34 1.26 2.95 1.82
CA LEU A 34 0.53 4.21 1.87
C LEU A 34 -0.73 4.12 1.00
N ALA A 35 -0.57 3.53 -0.17
CA ALA A 35 -1.67 3.42 -1.12
C ALA A 35 -2.81 2.60 -0.55
N GLU A 36 -2.49 1.53 0.14
CA GLU A 36 -3.54 0.71 0.74
C GLU A 36 -4.20 1.46 1.90
N LEU A 37 -3.40 2.16 2.69
CA LEU A 37 -3.93 2.89 3.81
C LEU A 37 -4.88 3.97 3.31
N TYR A 38 -4.47 4.64 2.23
CA TYR A 38 -5.32 5.67 1.63
C TYR A 38 -6.63 5.04 1.17
N GLU A 39 -6.54 3.91 0.48
CA GLU A 39 -7.75 3.26 0.00
C GLU A 39 -8.62 2.83 1.17
N TYR A 40 -8.01 2.22 2.19
CA TYR A 40 -8.77 1.78 3.36
C TYR A 40 -9.46 2.97 4.02
N LYS A 41 -8.72 4.06 4.17
CA LYS A 41 -9.26 5.27 4.79
C LYS A 41 -10.43 5.78 3.96
N LYS A 42 -10.33 5.63 2.65
CA LYS A 42 -11.38 6.00 1.74
C LYS A 42 -12.64 5.16 2.01
N LYS A 43 -12.42 3.86 2.27
CA LYS A 43 -13.51 2.94 2.56
C LYS A 43 -14.23 3.33 3.86
N TYR A 44 -13.44 3.65 4.88
CA TYR A 44 -13.98 3.99 6.22
C TYR A 44 -13.89 5.48 6.55
N SER A 45 -13.52 6.29 5.56
CA SER A 45 -13.42 7.74 5.78
C SER A 45 -12.76 8.06 7.12
N ASP A 46 -11.81 7.21 7.52
CA ASP A 46 -11.12 7.40 8.79
C ASP A 46 -12.10 7.19 9.95
N ALA A 47 -12.98 6.23 9.77
CA ALA A 47 -14.00 5.91 10.78
C ALA A 47 -13.60 4.75 11.68
N ASP A 48 -12.33 4.32 11.63
CA ASP A 48 -11.88 3.22 12.49
C ASP A 48 -10.40 3.34 12.87
N ILE A 49 -9.59 4.00 12.01
CA ILE A 49 -8.14 4.02 12.25
C ILE A 49 -7.70 4.73 13.55
N GLU A 50 -8.26 5.92 13.90
CA GLU A 50 -7.77 6.66 15.09
C GLU A 50 -7.31 5.80 16.29
N PRO A 51 -8.11 4.92 16.83
CA PRO A 51 -7.64 4.11 17.99
C PRO A 51 -6.29 3.43 17.71
N PHE A 52 -6.08 2.96 16.51
CA PHE A 52 -4.81 2.32 16.19
C PHE A 52 -3.69 3.35 16.39
N LEU A 53 -3.93 4.55 15.89
CA LEU A 53 -2.87 5.58 15.92
C LEU A 53 -2.46 5.90 17.37
N LYS A 54 -3.42 6.09 18.31
CA LYS A 54 -3.06 6.44 19.69
C LYS A 54 -2.32 5.29 20.36
N ASN A 55 -2.63 4.08 19.92
CA ASN A 55 -2.04 2.88 20.47
C ASN A 55 -0.53 2.86 20.27
N SER A 56 -0.07 3.35 19.12
CA SER A 56 1.36 3.42 18.80
C SER A 56 1.97 4.72 19.35
N SER A 57 3.27 4.91 19.13
CA SER A 57 3.95 6.12 19.60
C SER A 57 3.40 7.35 18.87
N GLN A 58 3.33 8.49 19.57
CA GLN A 58 2.76 9.73 19.02
C GLN A 58 3.53 10.33 17.84
N PHE A 59 4.85 10.30 17.88
CA PHE A 59 5.66 10.90 16.80
C PHE A 59 5.40 10.27 15.43
N PHE A 60 5.36 8.96 15.41
CA PHE A 60 5.14 8.21 14.16
C PHE A 60 3.78 8.49 13.52
N GLN A 61 2.82 8.91 14.34
CA GLN A 61 1.47 9.18 13.86
C GLN A 61 1.38 10.39 12.91
N SER A 62 2.10 11.45 13.20
CA SER A 62 2.02 12.65 12.35
C SER A 62 2.44 12.38 10.90
N TYR A 63 3.54 11.65 10.72
CA TYR A 63 4.05 11.37 9.38
C TYR A 63 3.07 10.58 8.52
N VAL A 64 2.46 9.56 9.08
CA VAL A 64 1.53 8.76 8.29
C VAL A 64 0.37 9.62 7.81
N GLU A 65 -0.16 10.46 8.69
CA GLU A 65 -1.27 11.32 8.31
C GLU A 65 -0.86 12.29 7.19
N ARG A 66 0.33 12.87 7.32
CA ARG A 66 0.83 13.82 6.31
C ARG A 66 1.05 13.15 4.96
N GLY A 67 1.60 11.95 4.99
CA GLY A 67 1.91 11.20 3.78
C GLY A 67 0.66 10.87 2.97
N LEU A 68 -0.45 10.62 3.62
CA LEU A 68 -1.66 10.24 2.91
C LEU A 68 -2.18 11.33 1.96
N ARG A 69 -2.12 12.60 2.37
CA ARG A 69 -2.60 13.67 1.48
C ARG A 69 -1.80 13.71 0.18
N VAL A 70 -0.47 13.61 0.29
CA VAL A 70 0.37 13.68 -0.90
C VAL A 70 0.08 12.51 -1.85
N ILE A 71 -0.36 11.37 -1.31
CA ILE A 71 -0.66 10.24 -2.21
C ILE A 71 -1.80 10.66 -3.13
N GLU A 72 -2.81 11.29 -2.55
CA GLU A 72 -3.97 11.74 -3.32
C GLU A 72 -3.57 12.73 -4.40
N MET A 73 -2.64 13.59 -4.11
CA MET A 73 -2.18 14.59 -5.06
C MET A 73 -1.61 13.90 -6.31
N GLU A 74 -0.90 12.80 -6.11
CA GLU A 74 -0.33 12.07 -7.25
C GLU A 74 -1.46 11.52 -8.11
N ARG A 75 -2.51 11.06 -7.44
CA ARG A 75 -3.69 10.49 -8.09
C ARG A 75 -4.38 11.55 -8.94
N GLU A 76 -4.36 12.78 -8.45
CA GLU A 76 -4.97 13.89 -9.16
C GLU A 76 -4.26 14.15 -10.49
N GLY A 77 -2.95 13.91 -10.51
CA GLY A 77 -2.16 14.12 -11.73
C GLY A 77 -1.57 15.53 -11.79
N LYS A 78 -1.68 16.25 -10.68
CA LYS A 78 -1.19 17.63 -10.60
C LYS A 78 0.14 17.82 -11.34
N GLY A 79 0.85 16.72 -11.68
CA GLY A 79 2.13 16.82 -12.40
C GLY A 79 3.30 16.40 -11.52
N ARG A 80 2.99 16.09 -10.28
CA ARG A 80 4.00 15.65 -9.33
C ARG A 80 4.57 14.32 -9.78
N ILE A 81 3.71 13.49 -10.35
CA ILE A 81 4.12 12.17 -10.80
C ILE A 81 5.18 12.27 -11.90
N SER A 82 4.97 13.17 -12.87
CA SER A 82 5.95 13.30 -13.94
C SER A 82 7.18 14.06 -13.46
N THR A 83 8.33 13.76 -14.06
CA THR A 83 9.59 14.42 -13.70
C THR A 83 10.71 13.98 -14.62
N SER A 84 10.62 14.31 -15.90
CA SER A 84 11.67 13.91 -16.82
C SER A 84 12.90 14.78 -16.62
N THR A 85 14.08 14.25 -16.90
CA THR A 85 15.29 15.04 -16.78
C THR A 85 15.18 16.18 -17.79
N GLY A 86 14.77 15.79 -18.99
CA GLY A 86 14.59 16.72 -20.09
C GLY A 86 14.75 15.98 -21.40
N ILE A 87 13.65 15.44 -21.92
CA ILE A 87 13.65 14.66 -23.15
C ILE A 87 14.73 15.12 -24.13
N SER A 88 15.26 14.15 -24.88
CA SER A 88 16.30 14.41 -25.87
C SER A 88 15.81 15.45 -26.87
N PRO A 89 16.65 15.89 -27.78
CA PRO A 89 16.23 16.89 -28.79
C PRO A 89 15.08 16.37 -29.66
N GLN A 90 14.18 17.27 -30.01
CA GLN A 90 13.02 16.93 -30.83
C GLN A 90 12.89 17.92 -31.99
N MET A 91 12.39 17.44 -33.14
CA MET A 91 12.23 18.34 -34.28
C MET A 91 11.23 19.42 -33.92
N GLU A 92 9.98 19.01 -33.67
CA GLU A 92 8.92 19.94 -33.27
C GLU A 92 8.44 19.54 -31.88
N VAL A 93 7.42 18.67 -31.84
CA VAL A 93 6.89 18.18 -30.58
C VAL A 93 6.56 16.70 -30.69
N THR A 94 6.93 15.92 -29.68
CA THR A 94 6.62 14.49 -29.67
C THR A 94 6.13 14.08 -28.30
N CYS A 95 5.31 13.03 -28.27
CA CYS A 95 4.83 12.52 -27.00
C CYS A 95 6.00 11.93 -26.23
N VAL A 96 6.89 11.31 -27.01
CA VAL A 96 8.08 10.66 -26.47
C VAL A 96 9.01 10.33 -27.64
N PRO A 97 10.33 10.34 -27.49
CA PRO A 97 11.20 9.97 -28.63
C PRO A 97 10.87 8.55 -29.08
N THR A 98 10.94 8.33 -30.38
CA THR A 98 10.61 7.03 -30.94
C THR A 98 11.69 6.00 -30.65
N PRO A 99 11.44 4.97 -29.85
CA PRO A 99 12.47 3.93 -29.55
C PRO A 99 12.65 2.98 -30.74
N THR A 100 13.87 2.43 -30.90
CA THR A 100 14.17 1.52 -31.98
C THR A 100 14.91 0.30 -31.44
N SER A 101 14.89 -0.80 -32.17
CA SER A 101 15.59 -1.98 -31.69
C SER A 101 17.07 -1.65 -31.56
N THR A 102 17.58 -0.90 -32.53
CA THR A 102 18.99 -0.52 -32.53
C THR A 102 19.29 0.33 -31.31
N VAL A 103 18.43 1.31 -31.00
CA VAL A 103 18.64 2.18 -29.83
C VAL A 103 17.37 2.24 -28.95
N SER A 104 17.30 1.36 -27.96
CA SER A 104 16.14 1.37 -27.05
C SER A 104 16.48 0.67 -25.74
N SER A 105 15.68 0.95 -24.72
CA SER A 105 15.86 0.32 -23.41
C SER A 105 15.38 -1.14 -23.47
N ILE A 106 15.98 -2.01 -22.65
CA ILE A 106 15.60 -3.42 -22.61
C ILE A 106 15.02 -3.80 -21.26
N GLY A 107 13.86 -4.41 -21.34
CA GLY A 107 13.13 -4.84 -20.16
C GLY A 107 11.65 -4.97 -20.49
N ASN A 108 11.30 -5.99 -21.26
CA ASN A 108 9.90 -6.19 -21.64
C ASN A 108 9.08 -6.62 -20.43
N THR A 109 7.88 -6.07 -20.32
CA THR A 109 6.99 -6.38 -19.19
C THR A 109 5.57 -6.66 -19.71
N ASN A 110 4.77 -7.35 -18.90
CA ASN A 110 3.37 -7.61 -19.29
C ASN A 110 2.64 -6.26 -19.39
N GLY A 111 2.93 -5.41 -18.41
CA GLY A 111 2.34 -4.08 -18.31
C GLY A 111 1.12 -4.09 -17.40
N GLU A 112 0.20 -5.01 -17.67
CA GLU A 112 -1.02 -5.13 -16.88
C GLU A 112 -0.74 -5.80 -15.54
N GLU A 113 0.54 -6.11 -15.29
CA GLU A 113 0.96 -6.79 -14.05
C GLU A 113 -0.02 -6.54 -12.92
N VAL A 114 -0.96 -7.46 -12.80
CA VAL A 114 -2.04 -7.39 -11.79
C VAL A 114 -1.51 -6.84 -10.47
N GLY A 115 -2.17 -5.80 -10.02
CA GLY A 115 -1.82 -5.10 -8.78
C GLY A 115 -1.82 -6.02 -7.57
N PRO A 116 -2.83 -6.81 -7.39
CA PRO A 116 -2.92 -7.77 -6.23
C PRO A 116 -1.66 -8.63 -6.10
N SER A 117 -1.07 -9.02 -7.23
CA SER A 117 0.13 -9.85 -7.21
C SER A 117 1.27 -9.15 -6.44
N VAL A 118 1.42 -7.86 -6.67
CA VAL A 118 2.50 -7.14 -5.99
C VAL A 118 2.27 -7.26 -4.47
N TYR A 119 1.04 -7.03 -4.06
CA TYR A 119 0.65 -7.14 -2.65
C TYR A 119 0.87 -8.55 -2.11
N LEU A 120 0.48 -9.53 -2.90
CA LEU A 120 0.67 -10.90 -2.46
C LEU A 120 2.16 -11.20 -2.32
N GLU A 121 2.92 -10.76 -3.29
CA GLU A 121 4.36 -11.03 -3.27
C GLU A 121 5.13 -10.25 -2.19
N ARG A 122 4.95 -8.94 -2.14
CA ARG A 122 5.70 -8.16 -1.15
C ARG A 122 5.31 -8.54 0.27
N LEU A 123 4.02 -8.63 0.52
CA LEU A 123 3.55 -8.91 1.87
C LEU A 123 4.04 -10.28 2.33
N LYS A 124 4.02 -11.28 1.46
CA LYS A 124 4.48 -12.59 1.88
C LYS A 124 5.94 -12.47 2.31
N ILE A 125 6.73 -11.79 1.49
CA ILE A 125 8.17 -11.69 1.76
C ILE A 125 8.42 -10.99 3.10
N LEU A 126 7.72 -9.90 3.40
CA LEU A 126 7.94 -9.26 4.69
C LEU A 126 7.52 -10.26 5.79
N ARG A 127 6.38 -10.88 5.50
CA ARG A 127 5.72 -11.83 6.41
C ARG A 127 6.61 -13.04 6.75
N GLN A 128 7.30 -13.61 5.77
CA GLN A 128 8.17 -14.75 6.04
C GLN A 128 9.28 -14.34 7.00
N ARG A 129 9.78 -13.13 6.82
CA ARG A 129 10.83 -12.62 7.70
C ARG A 129 10.29 -12.61 9.13
N CYS A 130 9.05 -12.16 9.28
CA CYS A 130 8.42 -12.12 10.60
C CYS A 130 8.21 -13.53 11.15
N GLY A 131 7.86 -14.46 10.27
CA GLY A 131 7.66 -15.85 10.66
C GLY A 131 8.82 -16.72 10.17
N LEU A 132 9.71 -17.09 11.09
CA LEU A 132 10.86 -17.91 10.73
C LEU A 132 10.47 -19.38 10.59
N ASP A 133 10.95 -20.01 9.53
CA ASP A 133 10.68 -21.43 9.28
C ASP A 133 11.76 -22.29 9.90
N ASN A 134 11.37 -23.10 10.90
CA ASN A 134 12.33 -23.97 11.59
C ASN A 134 12.94 -25.00 10.64
N THR A 135 12.11 -25.55 9.74
CA THR A 135 12.61 -26.53 8.78
C THR A 135 11.88 -26.44 7.45
N LYS A 136 12.56 -26.90 6.39
CA LYS A 136 12.00 -26.83 5.04
C LYS A 136 12.26 -28.12 4.27
N GLN A 137 11.38 -28.39 3.32
CA GLN A 137 11.45 -29.60 2.49
C GLN A 137 12.74 -29.60 1.66
N ASP A 138 13.31 -30.77 1.47
CA ASP A 138 14.57 -30.91 0.72
C ASP A 138 14.36 -30.49 -0.74
N ASP A 139 13.21 -30.88 -1.27
CA ASP A 139 12.84 -30.56 -2.65
C ASP A 139 14.08 -30.54 -3.58
N ARG A 140 14.62 -31.73 -3.85
CA ARG A 140 15.81 -31.84 -4.70
C ARG A 140 15.45 -31.72 -6.19
N PRO A 141 14.28 -32.18 -6.61
CA PRO A 141 13.87 -32.09 -8.05
C PRO A 141 13.97 -30.67 -8.58
N ALA A 1 -8.11 -2.51 31.72
CA ALA A 1 -8.64 -3.35 30.61
C ALA A 1 -10.10 -3.00 30.37
N SER A 2 -10.55 -3.19 29.13
CA SER A 2 -11.93 -2.91 28.79
C SER A 2 -12.83 -4.02 29.35
N ARG A 3 -14.10 -3.72 29.51
CA ARG A 3 -15.04 -4.70 30.04
C ARG A 3 -15.20 -5.88 29.10
N ILE A 4 -15.22 -5.60 27.79
CA ILE A 4 -15.41 -6.64 26.78
C ILE A 4 -14.25 -7.65 26.80
N ASP A 5 -13.03 -7.14 26.87
CA ASP A 5 -11.81 -7.97 26.91
C ASP A 5 -11.65 -8.87 25.69
N GLU A 6 -12.74 -9.24 25.05
CA GLU A 6 -12.66 -10.09 23.87
C GLU A 6 -11.98 -9.33 22.74
N LYS A 7 -12.27 -8.03 22.71
CA LYS A 7 -11.74 -7.10 21.70
C LYS A 7 -11.39 -7.81 20.39
N SER A 8 -12.21 -8.79 20.06
CA SER A 8 -12.04 -9.57 18.85
C SER A 8 -12.14 -8.73 17.57
N SER A 9 -13.11 -7.82 17.54
CA SER A 9 -13.34 -7.00 16.35
C SER A 9 -12.13 -6.15 15.99
N LYS A 10 -11.51 -5.49 16.96
CA LYS A 10 -10.35 -4.67 16.68
C LYS A 10 -9.09 -5.53 16.60
N ALA A 11 -9.16 -6.70 17.22
CA ALA A 11 -8.00 -7.58 17.21
C ALA A 11 -7.61 -8.00 15.79
N LYS A 12 -8.59 -8.45 15.00
CA LYS A 12 -8.31 -8.88 13.63
C LYS A 12 -7.85 -7.74 12.73
N VAL A 13 -8.58 -6.64 12.84
CA VAL A 13 -8.32 -5.47 12.00
C VAL A 13 -6.95 -4.87 12.28
N ASN A 14 -6.57 -4.87 13.53
CA ASN A 14 -5.29 -4.30 13.91
C ASN A 14 -4.17 -5.07 13.21
N ASP A 15 -4.29 -6.39 13.19
CA ASP A 15 -3.26 -7.22 12.56
C ASP A 15 -3.15 -6.89 11.08
N PHE A 16 -4.28 -6.73 10.41
CA PHE A 16 -4.29 -6.40 8.99
C PHE A 16 -3.59 -5.06 8.78
N LEU A 17 -3.92 -4.11 9.62
CA LEU A 17 -3.33 -2.79 9.57
C LEU A 17 -1.84 -2.86 9.84
N ALA A 18 -1.49 -3.72 10.79
CA ALA A 18 -0.12 -3.90 11.18
C ALA A 18 0.72 -4.30 9.99
N GLU A 19 0.16 -5.09 9.09
CA GLU A 19 0.89 -5.48 7.89
C GLU A 19 1.16 -4.29 7.00
N ILE A 20 0.17 -3.42 6.92
CA ILE A 20 0.28 -2.22 6.11
C ILE A 20 1.38 -1.32 6.67
N PHE A 21 1.40 -1.18 7.99
CA PHE A 21 2.43 -0.35 8.63
C PHE A 21 3.82 -0.91 8.34
N LYS A 22 4.01 -2.22 8.42
CA LYS A 22 5.33 -2.79 8.19
C LYS A 22 5.81 -2.44 6.78
N LYS A 23 4.89 -2.43 5.82
CA LYS A 23 5.25 -2.00 4.47
C LYS A 23 5.69 -0.55 4.49
N ILE A 24 4.97 0.28 5.26
CA ILE A 24 5.31 1.69 5.39
C ILE A 24 6.68 1.86 6.06
N GLY A 25 6.92 1.07 7.09
CA GLY A 25 8.18 1.14 7.82
C GLY A 25 9.35 0.88 6.88
N SER A 26 9.20 -0.09 5.98
CA SER A 26 10.26 -0.35 5.02
C SER A 26 10.24 0.78 3.98
N LYS A 27 11.40 1.15 3.46
CA LYS A 27 11.43 2.23 2.45
C LYS A 27 11.06 1.65 1.10
N GLU A 28 11.41 0.39 0.92
CA GLU A 28 11.13 -0.28 -0.35
C GLU A 28 9.62 -0.37 -0.57
N ASN A 29 8.89 -0.78 0.47
CA ASN A 29 7.46 -1.02 0.37
C ASN A 29 6.63 0.21 0.76
N THR A 30 7.25 1.37 0.95
CA THR A 30 6.55 2.58 1.40
C THR A 30 5.44 3.03 0.43
N LYS A 31 5.69 3.03 -0.86
CA LYS A 31 4.66 3.41 -1.81
C LYS A 31 3.48 2.44 -1.74
N GLU A 32 3.83 1.17 -1.63
CA GLU A 32 2.82 0.12 -1.57
C GLU A 32 1.99 0.24 -0.31
N GLY A 33 2.65 0.46 0.82
CA GLY A 33 1.97 0.58 2.09
C GLY A 33 1.09 1.83 2.19
N LEU A 34 1.62 2.95 1.73
CA LEU A 34 0.85 4.20 1.76
C LEU A 34 -0.38 4.09 0.88
N ALA A 35 -0.16 3.53 -0.30
CA ALA A 35 -1.22 3.40 -1.30
C ALA A 35 -2.37 2.55 -0.77
N GLU A 36 -2.07 1.47 -0.07
CA GLU A 36 -3.12 0.66 0.49
C GLU A 36 -3.82 1.38 1.65
N LEU A 37 -3.04 2.06 2.47
CA LEU A 37 -3.62 2.79 3.61
C LEU A 37 -4.57 3.86 3.09
N TYR A 38 -4.16 4.56 2.04
CA TYR A 38 -5.01 5.59 1.45
C TYR A 38 -6.30 4.95 0.95
N GLU A 39 -6.17 3.83 0.23
CA GLU A 39 -7.37 3.15 -0.29
C GLU A 39 -8.25 2.68 0.86
N TYR A 40 -7.64 2.06 1.88
CA TYR A 40 -8.41 1.57 3.02
C TYR A 40 -9.13 2.72 3.70
N LYS A 41 -8.42 3.84 3.89
CA LYS A 41 -9.00 5.00 4.54
C LYS A 41 -10.18 5.49 3.71
N LYS A 42 -10.05 5.39 2.39
CA LYS A 42 -11.10 5.77 1.49
C LYS A 42 -12.34 4.89 1.71
N LYS A 43 -12.09 3.61 1.93
CA LYS A 43 -13.18 2.64 2.18
C LYS A 43 -13.94 2.98 3.47
N TYR A 44 -13.16 3.28 4.52
CA TYR A 44 -13.73 3.58 5.85
C TYR A 44 -13.68 5.05 6.22
N SER A 45 -13.34 5.89 5.25
CA SER A 45 -13.28 7.33 5.50
C SER A 45 -12.64 7.63 6.85
N ASP A 46 -11.68 6.79 7.25
CA ASP A 46 -10.99 6.94 8.52
C ASP A 46 -11.97 6.75 9.67
N ALA A 47 -12.84 5.76 9.54
CA ALA A 47 -13.85 5.49 10.55
C ALA A 47 -13.37 4.44 11.56
N ASP A 48 -12.05 4.28 11.70
CA ASP A 48 -11.54 3.29 12.65
C ASP A 48 -10.02 3.39 12.86
N ILE A 49 -9.31 4.06 11.96
CA ILE A 49 -7.85 4.09 12.08
C ILE A 49 -7.35 4.78 13.36
N GLU A 50 -7.89 5.97 13.74
CA GLU A 50 -7.38 6.71 14.90
C GLU A 50 -6.98 5.86 16.14
N PRO A 51 -7.81 5.01 16.67
CA PRO A 51 -7.41 4.21 17.87
C PRO A 51 -6.07 3.52 17.66
N PHE A 52 -5.83 3.01 16.46
CA PHE A 52 -4.57 2.36 16.15
C PHE A 52 -3.42 3.36 16.30
N LEU A 53 -3.64 4.57 15.77
CA LEU A 53 -2.57 5.56 15.76
C LEU A 53 -2.14 5.87 17.21
N LYS A 54 -3.10 6.05 18.11
CA LYS A 54 -2.81 6.35 19.52
C LYS A 54 -2.06 5.19 20.18
N ASN A 55 -2.44 3.99 19.77
CA ASN A 55 -1.86 2.76 20.31
C ASN A 55 -0.36 2.71 20.02
N SER A 56 0.06 3.17 18.84
CA SER A 56 1.47 3.21 18.48
C SER A 56 2.13 4.47 19.04
N SER A 57 3.44 4.64 18.80
CA SER A 57 4.15 5.82 19.32
C SER A 57 3.58 7.09 18.68
N GLN A 58 3.54 8.18 19.44
CA GLN A 58 2.96 9.46 18.99
C GLN A 58 3.73 10.13 17.82
N PHE A 59 5.05 10.10 17.86
CA PHE A 59 5.85 10.77 16.82
C PHE A 59 5.60 10.18 15.43
N PHE A 60 5.54 8.86 15.38
CA PHE A 60 5.36 8.15 14.12
C PHE A 60 3.99 8.45 13.46
N GLN A 61 3.02 8.85 14.26
CA GLN A 61 1.68 9.13 13.75
C GLN A 61 1.59 10.34 12.83
N SER A 62 2.32 11.42 13.13
CA SER A 62 2.24 12.62 12.32
C SER A 62 2.66 12.35 10.86
N TYR A 63 3.76 11.63 10.68
CA TYR A 63 4.28 11.37 9.33
C TYR A 63 3.30 10.59 8.46
N VAL A 64 2.70 9.54 9.00
CA VAL A 64 1.77 8.75 8.20
C VAL A 64 0.59 9.60 7.76
N GLU A 65 0.07 10.41 8.66
CA GLU A 65 -1.08 11.25 8.33
C GLU A 65 -0.69 12.25 7.23
N ARG A 66 0.49 12.85 7.35
CA ARG A 66 0.97 13.81 6.35
C ARG A 66 1.17 13.14 4.99
N GLY A 67 1.74 11.94 5.02
CA GLY A 67 2.06 11.21 3.80
C GLY A 67 0.82 10.87 2.98
N LEU A 68 -0.29 10.59 3.63
CA LEU A 68 -1.51 10.20 2.91
C LEU A 68 -2.03 11.28 1.97
N ARG A 69 -1.99 12.55 2.38
CA ARG A 69 -2.48 13.62 1.51
C ARG A 69 -1.67 13.69 0.22
N VAL A 70 -0.35 13.59 0.32
CA VAL A 70 0.50 13.70 -0.87
C VAL A 70 0.26 12.54 -1.85
N ILE A 71 -0.11 11.36 -1.35
CA ILE A 71 -0.38 10.25 -2.30
C ILE A 71 -1.52 10.68 -3.22
N GLU A 72 -2.62 11.16 -2.58
CA GLU A 72 -3.80 11.56 -3.36
C GLU A 72 -3.43 12.62 -4.38
N MET A 73 -2.57 13.56 -4.03
CA MET A 73 -2.17 14.61 -4.98
C MET A 73 -1.58 13.98 -6.26
N GLU A 74 -0.81 12.93 -6.10
CA GLU A 74 -0.22 12.26 -7.26
C GLU A 74 -1.35 11.65 -8.10
N ARG A 75 -2.34 11.09 -7.42
CA ARG A 75 -3.48 10.45 -8.09
C ARG A 75 -4.25 11.49 -8.88
N GLU A 76 -4.34 12.69 -8.33
CA GLU A 76 -5.03 13.78 -9.00
C GLU A 76 -4.26 14.19 -10.26
N GLY A 77 -2.93 14.14 -10.14
CA GLY A 77 -2.06 14.48 -11.27
C GLY A 77 -1.84 15.98 -11.37
N LYS A 78 -2.35 16.72 -10.38
CA LYS A 78 -2.23 18.18 -10.35
C LYS A 78 -1.04 18.69 -11.16
N GLY A 79 0.07 19.01 -10.49
CA GLY A 79 1.26 19.52 -11.19
C GLY A 79 2.53 18.77 -10.80
N ARG A 80 2.40 17.82 -9.88
CA ARG A 80 3.55 17.05 -9.43
C ARG A 80 4.09 16.20 -10.58
N ILE A 81 3.18 15.66 -11.37
CA ILE A 81 3.57 14.80 -12.48
C ILE A 81 3.48 15.57 -13.79
N SER A 82 4.62 16.12 -14.17
CA SER A 82 4.72 16.86 -15.43
C SER A 82 4.63 15.91 -16.62
N THR A 83 5.18 14.71 -16.44
CA THR A 83 5.22 13.69 -17.49
C THR A 83 4.56 12.38 -17.00
N SER A 84 3.67 11.81 -17.81
CA SER A 84 2.99 10.56 -17.43
C SER A 84 3.01 9.60 -18.62
N THR A 85 2.95 8.30 -18.34
CA THR A 85 2.94 7.34 -19.42
C THR A 85 1.68 7.54 -20.22
N GLY A 86 0.60 7.81 -19.49
CA GLY A 86 -0.70 8.05 -20.10
C GLY A 86 -1.79 7.85 -19.07
N ILE A 87 -2.33 8.96 -18.53
CA ILE A 87 -3.37 8.85 -17.52
C ILE A 87 -4.66 8.30 -18.11
N SER A 88 -5.19 7.33 -17.38
CA SER A 88 -6.43 6.65 -17.77
C SER A 88 -7.62 7.33 -17.07
N PRO A 89 -8.49 8.01 -17.78
CA PRO A 89 -9.66 8.67 -17.15
C PRO A 89 -10.55 7.65 -16.45
N GLN A 90 -11.12 8.06 -15.31
CA GLN A 90 -12.05 7.22 -14.56
C GLN A 90 -13.27 8.05 -14.19
N MET A 91 -14.46 7.49 -14.28
CA MET A 91 -15.64 8.27 -13.92
C MET A 91 -15.56 8.67 -12.46
N GLU A 92 -15.60 7.67 -11.57
CA GLU A 92 -15.51 7.90 -10.13
C GLU A 92 -14.23 7.26 -9.60
N VAL A 93 -14.35 6.01 -9.16
CA VAL A 93 -13.22 5.25 -8.63
C VAL A 93 -13.31 3.81 -9.11
N THR A 94 -12.17 3.23 -9.49
CA THR A 94 -12.14 1.85 -9.94
C THR A 94 -10.98 1.10 -9.29
N CYS A 95 -11.12 -0.22 -9.18
CA CYS A 95 -10.06 -1.05 -8.61
C CYS A 95 -8.85 -0.99 -9.54
N VAL A 96 -9.14 -0.99 -10.83
CA VAL A 96 -8.11 -0.95 -11.87
C VAL A 96 -8.72 -0.35 -13.15
N PRO A 97 -8.07 0.58 -13.84
CA PRO A 97 -8.65 1.12 -15.09
C PRO A 97 -8.87 0.02 -16.11
N THR A 98 -9.95 0.12 -16.89
CA THR A 98 -10.27 -0.90 -17.89
C THR A 98 -9.84 -0.46 -19.29
N PRO A 99 -8.73 -0.92 -19.81
CA PRO A 99 -8.28 -0.52 -21.18
C PRO A 99 -9.16 -1.14 -22.26
N THR A 100 -9.31 -0.46 -23.39
CA THR A 100 -10.15 -0.97 -24.49
C THR A 100 -9.40 -0.86 -25.81
N SER A 101 -9.78 -1.67 -26.77
CA SER A 101 -9.16 -1.61 -28.09
C SER A 101 -9.44 -0.24 -28.70
N THR A 102 -10.65 0.24 -28.45
CA THR A 102 -11.08 1.54 -28.95
C THR A 102 -10.22 2.66 -28.38
N VAL A 103 -9.97 2.61 -27.06
CA VAL A 103 -9.17 3.64 -26.39
C VAL A 103 -7.97 3.00 -25.68
N SER A 104 -6.79 3.55 -25.91
CA SER A 104 -5.57 3.03 -25.27
C SER A 104 -4.79 4.17 -24.60
N SER A 105 -4.87 4.22 -23.28
CA SER A 105 -4.16 5.26 -22.53
C SER A 105 -2.65 5.11 -22.70
N ILE A 106 -2.18 3.87 -22.65
CA ILE A 106 -0.75 3.58 -22.79
C ILE A 106 -0.52 2.53 -23.87
N GLY A 107 0.65 2.57 -24.47
CA GLY A 107 1.00 1.62 -25.52
C GLY A 107 1.06 0.20 -24.99
N ASN A 108 2.04 -0.08 -24.12
CA ASN A 108 2.18 -1.42 -23.56
C ASN A 108 3.19 -1.45 -22.40
N THR A 109 2.77 -0.99 -21.24
CA THR A 109 3.64 -1.03 -20.05
C THR A 109 3.90 -2.48 -19.65
N ASN A 110 2.89 -3.31 -19.86
CA ASN A 110 2.96 -4.75 -19.55
C ASN A 110 3.10 -4.99 -18.05
N GLY A 111 3.78 -4.09 -17.35
CA GLY A 111 4.00 -4.24 -15.92
C GLY A 111 2.73 -4.02 -15.11
N GLU A 112 1.61 -3.79 -15.78
CA GLU A 112 0.35 -3.59 -15.09
C GLU A 112 -0.26 -4.95 -14.79
N GLU A 113 0.27 -5.97 -15.45
CA GLU A 113 -0.21 -7.33 -15.29
C GLU A 113 -0.56 -7.63 -13.83
N VAL A 114 -1.85 -7.51 -13.54
CA VAL A 114 -2.36 -7.78 -12.20
C VAL A 114 -1.51 -7.13 -11.12
N GLY A 115 -2.03 -6.03 -10.56
CA GLY A 115 -1.33 -5.28 -9.52
C GLY A 115 -1.39 -5.98 -8.16
N PRO A 116 -2.46 -6.67 -7.83
CA PRO A 116 -2.60 -7.39 -6.54
C PRO A 116 -1.44 -8.37 -6.30
N SER A 117 -0.87 -8.89 -7.38
CA SER A 117 0.26 -9.82 -7.26
C SER A 117 1.40 -9.15 -6.49
N VAL A 118 1.59 -7.86 -6.75
CA VAL A 118 2.69 -7.15 -6.09
C VAL A 118 2.46 -7.23 -4.58
N TYR A 119 1.23 -6.97 -4.16
CA TYR A 119 0.84 -7.06 -2.75
C TYR A 119 1.04 -8.45 -2.19
N LEU A 120 0.62 -9.42 -2.96
CA LEU A 120 0.77 -10.80 -2.51
C LEU A 120 2.24 -11.14 -2.36
N GLU A 121 3.04 -10.72 -3.33
CA GLU A 121 4.47 -11.01 -3.30
C GLU A 121 5.24 -10.22 -2.23
N ARG A 122 5.05 -8.92 -2.17
CA ARG A 122 5.80 -8.13 -1.19
C ARG A 122 5.44 -8.52 0.23
N LEU A 123 4.14 -8.60 0.49
CA LEU A 123 3.66 -8.89 1.83
C LEU A 123 4.14 -10.26 2.29
N LYS A 124 4.10 -11.25 1.42
CA LYS A 124 4.55 -12.57 1.83
C LYS A 124 6.01 -12.45 2.28
N ILE A 125 6.81 -11.78 1.46
CA ILE A 125 8.25 -11.70 1.76
C ILE A 125 8.51 -11.00 3.09
N LEU A 126 7.83 -9.90 3.39
CA LEU A 126 8.04 -9.25 4.69
C LEU A 126 7.58 -10.25 5.78
N ARG A 127 6.44 -10.86 5.46
CA ARG A 127 5.73 -11.79 6.37
C ARG A 127 6.61 -13.01 6.74
N GLN A 128 7.31 -13.58 5.77
CA GLN A 128 8.15 -14.75 6.07
C GLN A 128 9.13 -14.41 7.18
N ARG A 129 9.66 -13.19 7.16
CA ARG A 129 10.59 -12.77 8.20
C ARG A 129 9.87 -12.77 9.55
N CYS A 130 8.60 -12.39 9.56
CA CYS A 130 7.83 -12.39 10.80
C CYS A 130 7.64 -13.82 11.30
N GLY A 131 7.42 -14.73 10.35
CA GLY A 131 7.21 -16.14 10.67
C GLY A 131 7.86 -17.03 9.60
N LEU A 132 8.63 -18.02 10.04
CA LEU A 132 9.29 -18.92 9.10
C LEU A 132 8.25 -19.69 8.27
N ASP A 133 7.20 -20.17 8.93
CA ASP A 133 6.13 -20.92 8.25
C ASP A 133 4.77 -20.51 8.78
N ASN A 134 3.76 -20.49 7.89
CA ASN A 134 2.40 -20.12 8.28
C ASN A 134 1.54 -21.37 8.35
N THR A 135 0.72 -21.45 9.39
CA THR A 135 -0.19 -22.59 9.58
C THR A 135 -1.44 -22.16 10.31
N LYS A 136 -2.52 -22.90 10.12
CA LYS A 136 -3.79 -22.59 10.77
C LYS A 136 -3.73 -22.86 12.28
N GLN A 137 -2.65 -23.48 12.74
CA GLN A 137 -2.53 -23.79 14.16
C GLN A 137 -2.60 -22.53 15.00
N ASP A 138 -3.21 -22.68 16.17
CA ASP A 138 -3.38 -21.57 17.09
C ASP A 138 -2.03 -21.06 17.60
N ASP A 139 -1.08 -21.96 17.78
CA ASP A 139 0.23 -21.57 18.27
C ASP A 139 0.97 -20.70 17.27
N ARG A 140 1.67 -19.71 17.79
CA ARG A 140 2.42 -18.77 16.97
C ARG A 140 3.65 -18.25 17.72
N PRO A 141 4.60 -19.11 17.99
CA PRO A 141 5.85 -18.72 18.72
C PRO A 141 6.56 -17.54 18.06
N ALA A 1 -16.33 -15.69 31.09
CA ALA A 1 -15.19 -14.86 30.60
C ALA A 1 -14.35 -15.70 29.65
N SER A 2 -13.59 -15.02 28.79
CA SER A 2 -12.73 -15.71 27.84
C SER A 2 -11.57 -14.80 27.44
N ARG A 3 -10.51 -15.40 26.92
CA ARG A 3 -9.34 -14.63 26.52
C ARG A 3 -9.72 -13.66 25.40
N ILE A 4 -10.50 -14.13 24.44
CA ILE A 4 -10.93 -13.31 23.32
C ILE A 4 -11.94 -12.25 23.77
N ASP A 5 -12.62 -12.51 24.86
CA ASP A 5 -13.60 -11.55 25.37
C ASP A 5 -12.91 -10.25 25.75
N GLU A 6 -11.72 -10.39 26.32
CA GLU A 6 -10.93 -9.24 26.72
C GLU A 6 -10.51 -8.48 25.48
N LYS A 7 -10.16 -9.23 24.43
CA LYS A 7 -9.76 -8.63 23.16
C LYS A 7 -10.53 -9.27 22.00
N SER A 8 -11.34 -8.45 21.34
CA SER A 8 -12.14 -8.91 20.21
C SER A 8 -12.48 -7.76 19.27
N SER A 9 -12.90 -8.10 18.05
CA SER A 9 -13.27 -7.10 17.05
C SER A 9 -12.07 -6.26 16.61
N LYS A 10 -11.40 -5.62 17.55
CA LYS A 10 -10.24 -4.79 17.23
C LYS A 10 -9.00 -5.64 17.01
N ALA A 11 -9.00 -6.83 17.57
CA ALA A 11 -7.85 -7.71 17.44
C ALA A 11 -7.57 -8.04 15.98
N LYS A 12 -8.62 -8.45 15.24
CA LYS A 12 -8.44 -8.81 13.83
C LYS A 12 -8.03 -7.62 12.97
N VAL A 13 -8.73 -6.52 13.18
CA VAL A 13 -8.51 -5.31 12.38
C VAL A 13 -7.11 -4.74 12.59
N ASN A 14 -6.66 -4.76 13.82
CA ASN A 14 -5.36 -4.21 14.14
C ASN A 14 -4.28 -5.00 13.40
N ASP A 15 -4.41 -6.31 13.39
CA ASP A 15 -3.41 -7.16 12.75
C ASP A 15 -3.32 -6.84 11.26
N PHE A 16 -4.47 -6.66 10.61
CA PHE A 16 -4.50 -6.33 9.19
C PHE A 16 -3.79 -4.99 8.97
N LEU A 17 -4.12 -4.04 9.82
CA LEU A 17 -3.52 -2.72 9.75
C LEU A 17 -2.01 -2.79 9.99
N ALA A 18 -1.65 -3.64 10.94
CA ALA A 18 -0.27 -3.81 11.33
C ALA A 18 0.57 -4.22 10.13
N GLU A 19 0.00 -5.03 9.24
CA GLU A 19 0.74 -5.45 8.06
C GLU A 19 0.99 -4.26 7.15
N ILE A 20 -0.01 -3.40 7.06
CA ILE A 20 0.08 -2.21 6.24
C ILE A 20 1.17 -1.28 6.77
N PHE A 21 1.21 -1.11 8.10
CA PHE A 21 2.23 -0.26 8.71
C PHE A 21 3.63 -0.80 8.43
N LYS A 22 3.81 -2.11 8.53
CA LYS A 22 5.13 -2.69 8.32
C LYS A 22 5.61 -2.36 6.90
N LYS A 23 4.69 -2.35 5.96
CA LYS A 23 5.04 -1.94 4.61
C LYS A 23 5.45 -0.46 4.60
N ILE A 24 4.74 0.35 5.37
CA ILE A 24 5.07 1.76 5.47
C ILE A 24 6.45 1.96 6.11
N GLY A 25 6.69 1.19 7.15
CA GLY A 25 7.95 1.29 7.90
C GLY A 25 9.15 1.00 7.00
N SER A 26 9.02 0.00 6.12
CA SER A 26 10.14 -0.30 5.23
C SER A 26 10.25 0.80 4.17
N LYS A 27 11.47 1.13 3.76
CA LYS A 27 11.67 2.15 2.74
C LYS A 27 11.18 1.65 1.39
N GLU A 28 11.47 0.38 1.10
CA GLU A 28 11.09 -0.21 -0.18
C GLU A 28 9.57 -0.28 -0.36
N ASN A 29 8.85 -0.70 0.68
CA ASN A 29 7.41 -0.90 0.59
C ASN A 29 6.59 0.34 0.95
N THR A 30 7.21 1.50 1.11
CA THR A 30 6.48 2.70 1.51
C THR A 30 5.35 3.08 0.54
N LYS A 31 5.60 3.01 -0.76
CA LYS A 31 4.58 3.35 -1.74
C LYS A 31 3.39 2.39 -1.64
N GLU A 32 3.73 1.12 -1.48
CA GLU A 32 2.72 0.06 -1.42
C GLU A 32 1.85 0.21 -0.17
N GLY A 33 2.51 0.44 0.96
CA GLY A 33 1.80 0.59 2.23
C GLY A 33 0.94 1.85 2.28
N LEU A 34 1.48 2.95 1.81
CA LEU A 34 0.73 4.20 1.81
C LEU A 34 -0.50 4.10 0.92
N ALA A 35 -0.28 3.50 -0.25
CA ALA A 35 -1.35 3.37 -1.23
C ALA A 35 -2.52 2.57 -0.70
N GLU A 36 -2.23 1.49 0.01
CA GLU A 36 -3.29 0.69 0.59
C GLU A 36 -3.96 1.42 1.75
N LEU A 37 -3.18 2.12 2.54
CA LEU A 37 -3.74 2.85 3.67
C LEU A 37 -4.68 3.93 3.17
N TYR A 38 -4.28 4.61 2.11
CA TYR A 38 -5.13 5.66 1.54
C TYR A 38 -6.45 5.03 1.07
N GLU A 39 -6.32 3.91 0.38
CA GLU A 39 -7.54 3.21 -0.11
C GLU A 39 -8.40 2.76 1.07
N TYR A 40 -7.80 2.16 2.09
CA TYR A 40 -8.58 1.69 3.25
C TYR A 40 -9.28 2.88 3.90
N LYS A 41 -8.55 3.97 4.08
CA LYS A 41 -9.07 5.19 4.68
C LYS A 41 -10.23 5.72 3.85
N LYS A 42 -10.10 5.63 2.54
CA LYS A 42 -11.13 6.08 1.62
C LYS A 42 -12.41 5.24 1.79
N LYS A 43 -12.23 3.94 2.05
CA LYS A 43 -13.38 3.05 2.24
C LYS A 43 -14.20 3.42 3.49
N TYR A 44 -13.53 3.66 4.61
CA TYR A 44 -14.21 3.96 5.89
C TYR A 44 -13.83 5.33 6.48
N SER A 45 -13.19 6.18 5.71
CA SER A 45 -12.79 7.50 6.22
C SER A 45 -12.07 7.34 7.56
N ASP A 46 -11.23 8.32 7.93
CA ASP A 46 -10.43 8.26 9.16
C ASP A 46 -11.26 7.99 10.44
N ALA A 47 -12.02 6.92 10.44
CA ALA A 47 -12.85 6.56 11.58
C ALA A 47 -12.27 5.36 12.33
N ASP A 48 -12.16 4.24 11.62
CA ASP A 48 -11.64 3.00 12.18
C ASP A 48 -10.16 3.13 12.58
N ILE A 49 -9.35 3.84 11.74
CA ILE A 49 -7.91 3.85 12.01
C ILE A 49 -7.49 4.52 13.35
N GLU A 50 -7.98 5.73 13.64
CA GLU A 50 -7.49 6.50 14.85
C GLU A 50 -7.15 5.67 16.11
N PRO A 51 -7.98 4.79 16.60
CA PRO A 51 -7.60 4.02 17.83
C PRO A 51 -6.22 3.38 17.67
N PHE A 52 -5.94 2.86 16.48
CA PHE A 52 -4.65 2.23 16.21
C PHE A 52 -3.50 3.25 16.37
N LEU A 53 -3.72 4.46 15.83
CA LEU A 53 -2.63 5.46 15.81
C LEU A 53 -2.19 5.79 17.24
N LYS A 54 -3.13 5.98 18.16
CA LYS A 54 -2.78 6.29 19.56
C LYS A 54 -2.01 5.12 20.19
N ASN A 55 -2.42 3.93 19.82
CA ASN A 55 -1.85 2.69 20.34
C ASN A 55 -0.36 2.58 20.00
N SER A 56 0.03 3.00 18.80
CA SER A 56 1.43 2.98 18.39
C SER A 56 2.15 4.21 18.97
N SER A 57 3.44 4.36 18.70
CA SER A 57 4.16 5.52 19.22
C SER A 57 3.51 6.79 18.69
N GLN A 58 3.40 7.81 19.52
CA GLN A 58 2.71 9.05 19.17
C GLN A 58 3.40 9.83 18.03
N PHE A 59 4.72 9.90 18.04
CA PHE A 59 5.47 10.67 17.03
C PHE A 59 5.27 10.16 15.61
N PHE A 60 5.32 8.85 15.45
CA PHE A 60 5.18 8.21 14.14
C PHE A 60 3.82 8.50 13.49
N GLN A 61 2.84 8.85 14.30
CA GLN A 61 1.50 9.10 13.82
C GLN A 61 1.39 10.34 12.92
N SER A 62 2.11 11.40 13.23
CA SER A 62 2.03 12.63 12.43
C SER A 62 2.47 12.41 10.98
N TYR A 63 3.57 11.69 10.79
CA TYR A 63 4.11 11.46 9.44
C TYR A 63 3.15 10.70 8.54
N VAL A 64 2.54 9.64 9.04
CA VAL A 64 1.64 8.86 8.22
C VAL A 64 0.47 9.70 7.75
N GLU A 65 -0.08 10.51 8.65
CA GLU A 65 -1.20 11.36 8.28
C GLU A 65 -0.80 12.33 7.17
N ARG A 66 0.39 12.91 7.29
CA ARG A 66 0.90 13.85 6.28
C ARG A 66 1.12 13.16 4.94
N GLY A 67 1.67 11.96 4.98
CA GLY A 67 1.98 11.20 3.77
C GLY A 67 0.75 10.86 2.96
N LEU A 68 -0.38 10.62 3.61
CA LEU A 68 -1.61 10.24 2.90
C LEU A 68 -2.12 11.33 1.95
N ARG A 69 -2.03 12.60 2.34
CA ARG A 69 -2.51 13.66 1.45
C ARG A 69 -1.71 13.70 0.15
N VAL A 70 -0.37 13.58 0.25
CA VAL A 70 0.46 13.64 -0.93
C VAL A 70 0.20 12.48 -1.90
N ILE A 71 -0.23 11.31 -1.41
CA ILE A 71 -0.55 10.24 -2.34
C ILE A 71 -1.71 10.69 -3.23
N GLU A 72 -2.75 11.26 -2.59
CA GLU A 72 -3.93 11.70 -3.33
C GLU A 72 -3.57 12.74 -4.38
N MET A 73 -2.62 13.60 -4.08
CA MET A 73 -2.20 14.63 -5.02
C MET A 73 -1.71 13.99 -6.33
N GLU A 74 -0.99 12.87 -6.21
CA GLU A 74 -0.50 12.18 -7.40
C GLU A 74 -1.69 11.66 -8.21
N ARG A 75 -2.71 11.19 -7.48
CA ARG A 75 -3.93 10.66 -8.09
C ARG A 75 -4.67 11.75 -8.83
N GLU A 76 -4.64 12.96 -8.27
CA GLU A 76 -5.31 14.11 -8.89
C GLU A 76 -4.64 14.51 -10.20
N GLY A 77 -3.31 14.37 -10.25
CA GLY A 77 -2.57 14.74 -11.46
C GLY A 77 -2.21 16.23 -11.48
N LYS A 78 -2.28 16.87 -10.32
CA LYS A 78 -2.01 18.30 -10.19
C LYS A 78 -0.77 18.76 -10.97
N GLY A 79 -0.01 17.82 -11.53
CA GLY A 79 1.19 18.17 -12.32
C GLY A 79 2.47 17.67 -11.69
N ARG A 80 2.35 17.02 -10.54
CA ARG A 80 3.53 16.47 -9.88
C ARG A 80 4.11 15.38 -10.78
N ILE A 81 3.20 14.66 -11.41
CA ILE A 81 3.55 13.59 -12.34
C ILE A 81 3.26 14.02 -13.76
N SER A 82 4.27 13.88 -14.59
CA SER A 82 4.16 14.27 -16.00
C SER A 82 3.26 13.33 -16.78
N THR A 83 2.53 13.89 -17.75
CA THR A 83 1.64 13.12 -18.62
C THR A 83 1.87 13.54 -20.07
N SER A 84 1.46 12.70 -21.02
CA SER A 84 1.65 13.07 -22.43
C SER A 84 0.74 14.23 -22.79
N THR A 85 1.24 15.13 -23.64
CA THR A 85 0.41 16.22 -24.10
C THR A 85 -0.73 15.58 -24.85
N GLY A 86 -0.36 14.58 -25.64
CA GLY A 86 -1.30 13.80 -26.41
C GLY A 86 -0.63 12.50 -26.87
N ILE A 87 -1.35 11.41 -26.71
CA ILE A 87 -0.86 10.09 -27.11
C ILE A 87 -0.80 10.03 -28.63
N SER A 88 0.32 9.55 -29.14
CA SER A 88 0.51 9.43 -30.58
C SER A 88 -0.70 8.74 -31.21
N PRO A 89 -1.53 9.43 -31.96
CA PRO A 89 -2.71 8.78 -32.60
C PRO A 89 -2.25 7.68 -33.56
N GLN A 90 -3.03 6.60 -33.62
CA GLN A 90 -2.71 5.49 -34.52
C GLN A 90 -3.19 5.84 -35.90
N MET A 91 -2.33 5.70 -36.89
CA MET A 91 -2.71 6.05 -38.24
C MET A 91 -3.84 5.16 -38.74
N GLU A 92 -3.77 3.88 -38.43
CA GLU A 92 -4.81 2.93 -38.83
C GLU A 92 -5.40 2.27 -37.59
N VAL A 93 -4.83 1.13 -37.21
CA VAL A 93 -5.28 0.41 -36.02
C VAL A 93 -4.13 -0.42 -35.45
N THR A 94 -3.69 -0.08 -34.24
CA THR A 94 -2.61 -0.84 -33.59
C THR A 94 -2.97 -1.10 -32.13
N CYS A 95 -2.40 -2.17 -31.59
CA CYS A 95 -2.63 -2.50 -30.19
C CYS A 95 -2.01 -1.42 -29.32
N VAL A 96 -0.85 -0.96 -29.77
CA VAL A 96 -0.08 0.07 -29.08
C VAL A 96 0.55 0.99 -30.12
N PRO A 97 0.67 2.28 -29.88
CA PRO A 97 1.33 3.14 -30.89
C PRO A 97 2.76 2.64 -31.12
N THR A 98 3.21 2.72 -32.36
CA THR A 98 4.54 2.24 -32.69
C THR A 98 5.58 2.84 -31.73
N PRO A 99 6.37 2.03 -31.03
CA PRO A 99 7.39 2.59 -30.09
C PRO A 99 8.48 3.35 -30.82
N THR A 100 8.99 4.41 -30.19
CA THR A 100 10.04 5.23 -30.77
C THR A 100 11.13 5.46 -29.75
N SER A 101 12.32 5.82 -30.19
CA SER A 101 13.40 6.05 -29.26
C SER A 101 13.04 7.20 -28.32
N THR A 102 12.40 8.21 -28.89
CA THR A 102 12.00 9.38 -28.11
C THR A 102 10.93 9.03 -27.08
N VAL A 103 10.04 8.10 -27.43
CA VAL A 103 8.96 7.70 -26.51
C VAL A 103 8.99 6.20 -26.24
N SER A 104 8.96 5.84 -24.97
CA SER A 104 8.94 4.43 -24.57
C SER A 104 7.52 3.86 -24.66
N SER A 105 7.41 2.54 -24.64
CA SER A 105 6.11 1.87 -24.69
C SER A 105 6.02 0.81 -23.59
N ILE A 106 4.81 0.57 -23.09
CA ILE A 106 4.60 -0.42 -22.03
C ILE A 106 4.06 -1.72 -22.61
N GLY A 107 3.79 -1.72 -23.90
CA GLY A 107 3.26 -2.91 -24.56
C GLY A 107 1.81 -3.17 -24.18
N ASN A 108 1.11 -2.12 -23.74
CA ASN A 108 -0.29 -2.23 -23.31
C ASN A 108 -0.40 -3.00 -22.00
N THR A 109 0.50 -3.98 -21.81
CA THR A 109 0.52 -4.78 -20.59
C THR A 109 1.96 -4.93 -20.10
N ASN A 110 2.16 -5.14 -18.80
CA ASN A 110 3.54 -5.29 -18.27
C ASN A 110 3.89 -6.75 -18.00
N GLY A 111 2.91 -7.63 -18.13
CA GLY A 111 3.12 -9.06 -17.92
C GLY A 111 3.67 -9.38 -16.52
N GLU A 112 4.96 -9.12 -16.34
CA GLU A 112 5.65 -9.41 -15.08
C GLU A 112 5.15 -8.55 -13.92
N GLU A 113 4.47 -7.45 -14.23
CA GLU A 113 3.93 -6.57 -13.18
C GLU A 113 2.42 -6.60 -13.24
N VAL A 114 1.83 -7.10 -12.16
CA VAL A 114 0.38 -7.18 -12.03
C VAL A 114 -0.04 -6.58 -10.70
N GLY A 115 -1.00 -5.68 -10.73
CA GLY A 115 -1.45 -5.00 -9.51
C GLY A 115 -1.39 -5.89 -8.25
N PRO A 116 -2.14 -6.96 -8.21
CA PRO A 116 -2.16 -7.88 -7.03
C PRO A 116 -0.81 -8.54 -6.74
N SER A 117 -0.01 -8.75 -7.77
CA SER A 117 1.29 -9.41 -7.59
C SER A 117 2.20 -8.63 -6.63
N VAL A 118 2.23 -7.31 -6.75
CA VAL A 118 3.11 -6.56 -5.86
C VAL A 118 2.72 -6.79 -4.41
N TYR A 119 1.43 -6.66 -4.13
CA TYR A 119 0.92 -6.87 -2.78
C TYR A 119 1.17 -8.30 -2.29
N LEU A 120 0.85 -9.24 -3.15
CA LEU A 120 1.05 -10.63 -2.78
C LEU A 120 2.52 -10.95 -2.55
N GLU A 121 3.36 -10.45 -3.45
CA GLU A 121 4.80 -10.72 -3.35
C GLU A 121 5.48 -9.98 -2.22
N ARG A 122 5.28 -8.66 -2.14
CA ARG A 122 5.96 -7.90 -1.10
C ARG A 122 5.51 -8.34 0.28
N LEU A 123 4.20 -8.44 0.46
CA LEU A 123 3.67 -8.77 1.76
C LEU A 123 4.14 -10.13 2.23
N LYS A 124 4.17 -11.12 1.35
CA LYS A 124 4.62 -12.44 1.77
C LYS A 124 6.06 -12.31 2.27
N ILE A 125 6.88 -11.62 1.50
CA ILE A 125 8.30 -11.50 1.83
C ILE A 125 8.49 -10.80 3.18
N LEU A 126 7.78 -9.72 3.45
CA LEU A 126 7.92 -9.08 4.76
C LEU A 126 7.44 -10.09 5.82
N ARG A 127 6.32 -10.71 5.45
CA ARG A 127 5.61 -11.65 6.32
C ARG A 127 6.47 -12.84 6.73
N GLN A 128 7.53 -13.13 5.98
CA GLN A 128 8.40 -14.26 6.36
C GLN A 128 9.04 -13.93 7.71
N ARG A 129 9.41 -12.67 7.87
CA ARG A 129 10.02 -12.20 9.11
C ARG A 129 9.01 -12.31 10.26
N CYS A 130 7.75 -12.03 9.96
CA CYS A 130 6.69 -12.10 10.97
C CYS A 130 6.42 -13.54 11.39
N GLY A 131 6.53 -14.46 10.43
CA GLY A 131 6.28 -15.88 10.69
C GLY A 131 6.90 -16.74 9.59
N LEU A 132 6.86 -18.06 9.76
CA LEU A 132 7.40 -18.98 8.74
C LEU A 132 6.30 -19.94 8.28
N ASP A 133 6.08 -20.03 6.98
CA ASP A 133 5.06 -20.93 6.44
C ASP A 133 5.51 -22.38 6.65
N ASN A 134 6.74 -22.56 7.09
CA ASN A 134 7.29 -23.89 7.29
C ASN A 134 6.59 -24.58 8.44
N THR A 135 5.92 -25.68 8.11
CA THR A 135 5.19 -26.47 9.09
C THR A 135 6.11 -27.39 9.86
N LYS A 136 5.58 -27.98 10.92
CA LYS A 136 6.34 -28.90 11.76
C LYS A 136 5.49 -30.10 12.13
N GLN A 137 6.12 -31.25 12.34
CA GLN A 137 5.40 -32.47 12.66
C GLN A 137 4.46 -32.25 13.84
N ASP A 138 3.24 -31.88 13.52
CA ASP A 138 2.21 -31.64 14.53
C ASP A 138 1.39 -32.92 14.74
N ASP A 139 1.87 -34.02 14.16
CA ASP A 139 1.19 -35.31 14.27
C ASP A 139 1.72 -36.09 15.47
N ARG A 140 2.67 -35.51 16.19
CA ARG A 140 3.26 -36.16 17.36
C ARG A 140 3.44 -37.66 17.11
N PRO A 141 4.44 -38.02 16.34
CA PRO A 141 4.73 -39.45 16.03
C PRO A 141 5.73 -40.06 16.99
N ALA A 1 -24.48 -7.40 24.07
CA ALA A 1 -23.28 -8.09 23.51
C ALA A 1 -22.24 -8.26 24.60
N SER A 2 -21.44 -9.30 24.49
CA SER A 2 -20.40 -9.55 25.47
C SER A 2 -19.28 -8.51 25.32
N ARG A 3 -18.67 -8.14 26.44
CA ARG A 3 -17.62 -7.12 26.44
C ARG A 3 -16.43 -7.55 25.60
N ILE A 4 -16.03 -8.81 25.73
CA ILE A 4 -14.88 -9.32 24.99
C ILE A 4 -15.19 -9.47 23.51
N ASP A 5 -16.47 -9.51 23.16
CA ASP A 5 -16.84 -9.64 21.76
C ASP A 5 -16.32 -8.42 21.01
N GLU A 6 -16.40 -7.27 21.67
CA GLU A 6 -15.90 -6.02 21.11
C GLU A 6 -14.39 -6.10 20.93
N LYS A 7 -13.73 -6.78 21.85
CA LYS A 7 -12.27 -6.90 21.79
C LYS A 7 -11.84 -7.64 20.53
N SER A 8 -12.57 -8.69 20.20
CA SER A 8 -12.26 -9.50 19.03
C SER A 8 -12.40 -8.68 17.74
N SER A 9 -13.36 -7.76 17.71
CA SER A 9 -13.59 -6.97 16.50
C SER A 9 -12.38 -6.13 16.13
N LYS A 10 -11.71 -5.52 17.11
CA LYS A 10 -10.53 -4.71 16.81
C LYS A 10 -9.31 -5.62 16.68
N ALA A 11 -9.41 -6.81 17.24
CA ALA A 11 -8.30 -7.74 17.19
C ALA A 11 -7.92 -8.13 15.76
N LYS A 12 -8.91 -8.53 14.96
CA LYS A 12 -8.65 -8.93 13.57
C LYS A 12 -8.15 -7.76 12.71
N VAL A 13 -8.85 -6.65 12.85
CA VAL A 13 -8.57 -5.46 12.05
C VAL A 13 -7.19 -4.89 12.34
N ASN A 14 -6.81 -4.95 13.60
CA ASN A 14 -5.52 -4.41 13.98
C ASN A 14 -4.41 -5.19 13.28
N ASP A 15 -4.56 -6.50 13.21
CA ASP A 15 -3.54 -7.34 12.56
C ASP A 15 -3.42 -6.96 11.07
N PHE A 16 -4.55 -6.77 10.41
CA PHE A 16 -4.56 -6.40 9.00
C PHE A 16 -3.86 -5.07 8.82
N LEU A 17 -4.20 -4.12 9.67
CA LEU A 17 -3.61 -2.80 9.64
C LEU A 17 -2.11 -2.88 9.91
N ALA A 18 -1.78 -3.74 10.84
CA ALA A 18 -0.39 -3.93 11.26
C ALA A 18 0.45 -4.32 10.07
N GLU A 19 -0.10 -5.10 9.15
CA GLU A 19 0.65 -5.50 7.97
C GLU A 19 0.92 -4.30 7.09
N ILE A 20 -0.08 -3.44 6.99
CA ILE A 20 0.03 -2.22 6.20
C ILE A 20 1.12 -1.31 6.78
N PHE A 21 1.13 -1.18 8.11
CA PHE A 21 2.15 -0.35 8.76
C PHE A 21 3.54 -0.90 8.48
N LYS A 22 3.72 -2.22 8.56
CA LYS A 22 5.04 -2.81 8.36
C LYS A 22 5.54 -2.45 6.97
N LYS A 23 4.64 -2.44 6.00
CA LYS A 23 5.01 -1.99 4.66
C LYS A 23 5.43 -0.53 4.68
N ILE A 24 4.71 0.27 5.43
CA ILE A 24 5.03 1.69 5.56
C ILE A 24 6.40 1.89 6.22
N GLY A 25 6.63 1.12 7.26
CA GLY A 25 7.88 1.22 8.01
C GLY A 25 9.08 0.94 7.11
N SER A 26 8.95 -0.04 6.22
CA SER A 26 10.06 -0.32 5.30
C SER A 26 10.14 0.80 4.27
N LYS A 27 11.35 1.14 3.85
CA LYS A 27 11.53 2.18 2.83
C LYS A 27 11.04 1.70 1.47
N GLU A 28 11.37 0.45 1.16
CA GLU A 28 11.01 -0.14 -0.13
C GLU A 28 9.49 -0.26 -0.30
N ASN A 29 8.79 -0.70 0.73
CA ASN A 29 7.35 -0.94 0.62
C ASN A 29 6.51 0.28 0.98
N THR A 30 7.12 1.43 1.17
CA THR A 30 6.39 2.63 1.58
C THR A 30 5.28 3.04 0.60
N LYS A 31 5.53 2.99 -0.69
CA LYS A 31 4.50 3.34 -1.67
C LYS A 31 3.32 2.38 -1.59
N GLU A 32 3.66 1.10 -1.46
CA GLU A 32 2.65 0.05 -1.40
C GLU A 32 1.79 0.20 -0.15
N GLY A 33 2.45 0.40 0.98
CA GLY A 33 1.74 0.52 2.25
C GLY A 33 0.87 1.77 2.33
N LEU A 34 1.38 2.89 1.87
CA LEU A 34 0.62 4.13 1.89
C LEU A 34 -0.62 4.02 1.00
N ALA A 35 -0.40 3.44 -0.17
CA ALA A 35 -1.47 3.31 -1.15
C ALA A 35 -2.63 2.49 -0.60
N GLU A 36 -2.33 1.42 0.08
CA GLU A 36 -3.39 0.60 0.66
C GLU A 36 -4.06 1.32 1.82
N LEU A 37 -3.28 2.02 2.63
CA LEU A 37 -3.86 2.74 3.76
C LEU A 37 -4.82 3.81 3.25
N TYR A 38 -4.40 4.51 2.20
CA TYR A 38 -5.27 5.53 1.62
C TYR A 38 -6.57 4.91 1.14
N GLU A 39 -6.45 3.79 0.42
CA GLU A 39 -7.64 3.12 -0.08
C GLU A 39 -8.51 2.65 1.08
N TYR A 40 -7.90 2.04 2.09
CA TYR A 40 -8.67 1.56 3.23
C TYR A 40 -9.38 2.72 3.90
N LYS A 41 -8.65 3.81 4.09
CA LYS A 41 -9.18 5.01 4.74
C LYS A 41 -10.34 5.57 3.93
N LYS A 42 -10.22 5.49 2.61
CA LYS A 42 -11.24 5.96 1.71
C LYS A 42 -12.52 5.15 1.91
N LYS A 43 -12.33 3.87 2.14
CA LYS A 43 -13.47 2.95 2.38
C LYS A 43 -14.21 3.30 3.68
N TYR A 44 -13.43 3.59 4.75
CA TYR A 44 -14.01 3.90 6.07
C TYR A 44 -13.81 5.35 6.49
N SER A 45 -13.39 6.20 5.55
CA SER A 45 -13.15 7.63 5.86
C SER A 45 -12.57 7.80 7.26
N ASP A 46 -11.25 7.99 7.36
CA ASP A 46 -10.60 8.16 8.66
C ASP A 46 -11.30 7.32 9.69
N ALA A 47 -11.69 7.93 10.79
CA ALA A 47 -12.40 7.19 11.80
C ALA A 47 -11.60 5.94 12.23
N ASP A 48 -12.37 4.89 12.53
CA ASP A 48 -11.86 3.58 13.00
C ASP A 48 -10.33 3.52 13.17
N ILE A 49 -9.56 4.07 12.23
CA ILE A 49 -8.10 3.96 12.33
C ILE A 49 -7.54 4.67 13.60
N GLU A 50 -7.99 5.90 13.94
CA GLU A 50 -7.45 6.65 15.09
C GLU A 50 -7.02 5.81 16.31
N PRO A 51 -7.85 4.97 16.88
CA PRO A 51 -7.43 4.15 18.05
C PRO A 51 -6.09 3.45 17.78
N PHE A 52 -5.92 2.96 16.57
CA PHE A 52 -4.67 2.31 16.21
C PHE A 52 -3.52 3.32 16.33
N LEU A 53 -3.75 4.52 15.82
CA LEU A 53 -2.67 5.52 15.77
C LEU A 53 -2.18 5.87 17.19
N LYS A 54 -3.10 6.10 18.14
CA LYS A 54 -2.70 6.44 19.53
C LYS A 54 -2.04 5.24 20.22
N ASN A 55 -2.42 4.06 19.78
CA ASN A 55 -1.89 2.82 20.34
C ASN A 55 -0.37 2.74 20.09
N SER A 56 0.06 3.20 18.92
CA SER A 56 1.49 3.22 18.58
C SER A 56 2.14 4.50 19.12
N SER A 57 3.44 4.68 18.86
CA SER A 57 4.12 5.89 19.34
C SER A 57 3.53 7.13 18.67
N GLN A 58 3.43 8.23 19.43
CA GLN A 58 2.81 9.47 18.94
C GLN A 58 3.58 10.17 17.79
N PHE A 59 4.90 10.18 17.85
CA PHE A 59 5.69 10.87 16.82
C PHE A 59 5.46 10.28 15.43
N PHE A 60 5.45 8.96 15.38
CA PHE A 60 5.28 8.24 14.11
C PHE A 60 3.91 8.51 13.46
N GLN A 61 2.93 8.88 14.27
CA GLN A 61 1.58 9.12 13.75
C GLN A 61 1.48 10.32 12.80
N SER A 62 2.18 11.41 13.10
CA SER A 62 2.10 12.60 12.25
C SER A 62 2.55 12.34 10.81
N TYR A 63 3.65 11.61 10.64
CA TYR A 63 4.17 11.35 9.29
C TYR A 63 3.17 10.58 8.43
N VAL A 64 2.56 9.56 8.99
CA VAL A 64 1.62 8.78 8.19
C VAL A 64 0.46 9.66 7.78
N GLU A 65 -0.03 10.48 8.69
CA GLU A 65 -1.15 11.36 8.38
C GLU A 65 -0.79 12.33 7.25
N ARG A 66 0.40 12.92 7.35
CA ARG A 66 0.88 13.84 6.33
C ARG A 66 1.08 13.14 4.99
N GLY A 67 1.64 11.94 5.05
CA GLY A 67 1.95 11.18 3.85
C GLY A 67 0.70 10.84 3.02
N LEU A 68 -0.41 10.58 3.69
CA LEU A 68 -1.64 10.21 2.99
C LEU A 68 -2.16 11.31 2.06
N ARG A 69 -2.10 12.56 2.48
CA ARG A 69 -2.59 13.63 1.61
C ARG A 69 -1.81 13.71 0.30
N VAL A 70 -0.48 13.61 0.37
CA VAL A 70 0.32 13.68 -0.85
C VAL A 70 0.04 12.52 -1.80
N ILE A 71 -0.36 11.35 -1.29
CA ILE A 71 -0.65 10.25 -2.19
C ILE A 71 -1.82 10.64 -3.10
N GLU A 72 -2.86 11.20 -2.48
CA GLU A 72 -4.06 11.62 -3.21
C GLU A 72 -3.72 12.66 -4.27
N MET A 73 -2.75 13.50 -3.99
CA MET A 73 -2.36 14.52 -4.94
C MET A 73 -1.89 13.86 -6.25
N GLU A 74 -1.15 12.78 -6.13
CA GLU A 74 -0.66 12.08 -7.31
C GLU A 74 -1.85 11.52 -8.07
N ARG A 75 -2.84 11.06 -7.31
CA ARG A 75 -4.04 10.47 -7.89
C ARG A 75 -4.80 11.53 -8.69
N GLU A 76 -4.79 12.75 -8.17
CA GLU A 76 -5.44 13.87 -8.84
C GLU A 76 -4.78 14.16 -10.18
N GLY A 77 -3.46 13.98 -10.23
CA GLY A 77 -2.70 14.21 -11.46
C GLY A 77 -2.16 15.63 -11.53
N LYS A 78 -2.47 16.42 -10.50
CA LYS A 78 -2.04 17.83 -10.43
C LYS A 78 -0.84 18.13 -11.34
N GLY A 79 0.38 18.19 -10.80
CA GLY A 79 1.55 18.47 -11.64
C GLY A 79 2.83 17.85 -11.10
N ARG A 80 2.75 17.23 -9.93
CA ARG A 80 3.93 16.62 -9.32
C ARG A 80 4.43 15.46 -10.17
N ILE A 81 3.50 14.69 -10.69
CA ILE A 81 3.80 13.53 -11.51
C ILE A 81 4.53 13.88 -12.81
N SER A 82 4.07 14.93 -13.49
CA SER A 82 4.67 15.30 -14.77
C SER A 82 6.20 15.27 -14.75
N THR A 83 6.73 14.07 -14.94
CA THR A 83 8.18 13.82 -14.99
C THR A 83 8.47 12.82 -16.10
N SER A 84 9.74 12.69 -16.49
CA SER A 84 10.09 11.72 -17.54
C SER A 84 11.52 11.21 -17.38
N THR A 85 11.75 10.00 -17.91
CA THR A 85 13.09 9.39 -17.86
C THR A 85 13.74 9.46 -19.23
N GLY A 86 12.94 9.79 -20.24
CA GLY A 86 13.42 9.88 -21.61
C GLY A 86 12.33 9.47 -22.59
N ILE A 87 11.43 10.40 -22.89
CA ILE A 87 10.31 10.15 -23.81
C ILE A 87 10.54 10.87 -25.12
N SER A 88 10.39 10.14 -26.22
CA SER A 88 10.56 10.72 -27.55
C SER A 88 9.51 11.81 -27.78
N PRO A 89 9.83 12.86 -28.50
CA PRO A 89 8.85 13.95 -28.76
C PRO A 89 7.65 13.47 -29.58
N GLN A 90 6.48 14.03 -29.28
CA GLN A 90 5.26 13.68 -29.99
C GLN A 90 4.52 14.95 -30.42
N MET A 91 3.74 14.85 -31.49
CA MET A 91 3.01 16.01 -31.96
C MET A 91 2.04 16.49 -30.90
N GLU A 92 1.06 15.64 -30.56
CA GLU A 92 0.08 15.98 -29.53
C GLU A 92 0.20 15.00 -28.37
N VAL A 93 -0.57 13.92 -28.45
CA VAL A 93 -0.54 12.88 -27.43
C VAL A 93 -0.64 11.50 -28.08
N THR A 94 0.12 10.54 -27.58
CA THR A 94 0.08 9.17 -28.12
C THR A 94 0.00 8.16 -26.98
N CYS A 95 -0.56 7.00 -27.29
CA CYS A 95 -0.67 5.94 -26.28
C CYS A 95 0.74 5.46 -25.94
N VAL A 96 1.57 5.42 -26.98
CA VAL A 96 2.96 4.98 -26.85
C VAL A 96 3.78 5.66 -27.94
N PRO A 97 5.01 6.05 -27.70
CA PRO A 97 5.82 6.66 -28.79
C PRO A 97 5.99 5.66 -29.93
N THR A 98 5.98 6.17 -31.14
CA THR A 98 6.11 5.32 -32.32
C THR A 98 7.52 4.72 -32.38
N PRO A 99 7.69 3.40 -32.51
CA PRO A 99 9.04 2.80 -32.57
C PRO A 99 9.80 3.28 -33.81
N THR A 100 11.11 3.45 -33.66
CA THR A 100 11.96 3.93 -34.74
C THR A 100 13.21 3.08 -34.85
N SER A 101 13.92 3.22 -35.97
CA SER A 101 15.14 2.43 -36.17
C SER A 101 16.19 2.83 -35.14
N THR A 102 17.03 1.86 -34.78
CA THR A 102 18.07 2.06 -33.76
C THR A 102 17.42 2.15 -32.39
N VAL A 103 16.10 2.13 -32.38
CA VAL A 103 15.32 2.17 -31.13
C VAL A 103 14.39 0.96 -31.09
N SER A 104 14.40 0.25 -29.95
CA SER A 104 13.57 -0.95 -29.80
C SER A 104 12.78 -0.91 -28.49
N SER A 105 11.65 -1.61 -28.49
CA SER A 105 10.79 -1.67 -27.31
C SER A 105 11.50 -2.41 -26.18
N ILE A 106 11.19 -2.03 -24.94
CA ILE A 106 11.82 -2.63 -23.77
C ILE A 106 10.76 -3.17 -22.82
N GLY A 107 11.16 -4.14 -22.01
CA GLY A 107 10.24 -4.74 -21.06
C GLY A 107 10.22 -3.91 -19.78
N ASN A 108 9.37 -2.89 -19.78
CA ASN A 108 9.24 -2.01 -18.63
C ASN A 108 8.71 -2.78 -17.41
N THR A 109 7.76 -3.69 -17.64
CA THR A 109 7.17 -4.48 -16.56
C THR A 109 7.17 -5.96 -16.95
N ASN A 110 7.08 -6.84 -15.96
CA ASN A 110 7.08 -8.28 -16.22
C ASN A 110 5.86 -8.70 -17.02
N GLY A 111 4.69 -8.12 -16.71
CA GLY A 111 3.46 -8.46 -17.42
C GLY A 111 2.56 -9.39 -16.59
N GLU A 112 3.11 -10.53 -16.18
CA GLU A 112 2.36 -11.47 -15.37
C GLU A 112 2.13 -10.89 -13.98
N GLU A 113 3.14 -10.15 -13.49
CA GLU A 113 3.05 -9.52 -12.18
C GLU A 113 2.24 -8.25 -12.26
N VAL A 114 0.96 -8.36 -11.93
CA VAL A 114 0.05 -7.23 -12.00
C VAL A 114 -0.16 -6.64 -10.61
N GLY A 115 -1.01 -5.62 -10.55
CA GLY A 115 -1.29 -4.94 -9.27
C GLY A 115 -1.27 -5.90 -8.08
N PRO A 116 -2.11 -6.90 -8.08
CA PRO A 116 -2.19 -7.90 -6.98
C PRO A 116 -0.85 -8.57 -6.67
N SER A 117 -0.06 -8.82 -7.71
CA SER A 117 1.23 -9.49 -7.56
C SER A 117 2.19 -8.72 -6.64
N VAL A 118 2.23 -7.41 -6.77
CA VAL A 118 3.16 -6.66 -5.93
C VAL A 118 2.80 -6.85 -4.46
N TYR A 119 1.53 -6.71 -4.15
CA TYR A 119 1.04 -6.91 -2.78
C TYR A 119 1.28 -8.32 -2.28
N LEU A 120 0.95 -9.28 -3.12
CA LEU A 120 1.15 -10.67 -2.73
C LEU A 120 2.63 -10.96 -2.52
N GLU A 121 3.44 -10.49 -3.44
CA GLU A 121 4.87 -10.74 -3.37
C GLU A 121 5.57 -9.99 -2.25
N ARG A 122 5.35 -8.69 -2.15
CA ARG A 122 6.05 -7.93 -1.12
C ARG A 122 5.62 -8.36 0.27
N LEU A 123 4.32 -8.47 0.47
CA LEU A 123 3.80 -8.80 1.79
C LEU A 123 4.28 -10.17 2.23
N LYS A 124 4.28 -11.15 1.35
CA LYS A 124 4.74 -12.47 1.77
C LYS A 124 6.20 -12.36 2.22
N ILE A 125 6.99 -11.68 1.40
CA ILE A 125 8.43 -11.56 1.66
C ILE A 125 8.69 -10.87 3.00
N LEU A 126 7.99 -9.79 3.29
CA LEU A 126 8.20 -9.15 4.59
C LEU A 126 7.78 -10.15 5.67
N ARG A 127 6.66 -10.77 5.36
CA ARG A 127 5.99 -11.70 6.27
C ARG A 127 6.90 -12.91 6.59
N GLN A 128 7.89 -13.18 5.74
CA GLN A 128 8.81 -14.28 6.03
C GLN A 128 9.57 -13.95 7.31
N ARG A 129 9.94 -12.68 7.45
CA ARG A 129 10.66 -12.22 8.63
C ARG A 129 9.80 -12.36 9.87
N CYS A 130 8.49 -12.11 9.72
CA CYS A 130 7.57 -12.22 10.84
C CYS A 130 7.46 -13.67 11.29
N GLY A 131 7.50 -14.59 10.33
CA GLY A 131 7.42 -16.01 10.64
C GLY A 131 7.99 -16.85 9.50
N LEU A 132 8.80 -17.84 9.85
CA LEU A 132 9.40 -18.72 8.84
C LEU A 132 8.32 -19.52 8.10
N ASP A 133 7.33 -20.02 8.83
CA ASP A 133 6.26 -20.79 8.24
C ASP A 133 6.82 -22.01 7.49
N ASN A 134 7.94 -22.53 7.99
CA ASN A 134 8.57 -23.71 7.38
C ASN A 134 8.23 -24.95 8.19
N THR A 135 7.36 -25.80 7.64
CA THR A 135 6.96 -27.03 8.33
C THR A 135 6.70 -28.16 7.34
N LYS A 136 6.78 -29.39 7.82
CA LYS A 136 6.53 -30.57 6.99
C LYS A 136 5.78 -31.62 7.80
N GLN A 137 4.98 -32.43 7.10
CA GLN A 137 4.20 -33.49 7.74
C GLN A 137 4.53 -34.84 7.12
N ASP A 138 4.83 -35.78 7.99
CA ASP A 138 5.15 -37.13 7.57
C ASP A 138 3.93 -37.76 6.88
N ASP A 139 2.76 -37.49 7.43
CA ASP A 139 1.52 -38.03 6.89
C ASP A 139 0.35 -37.07 7.10
N ARG A 140 -0.70 -37.26 6.30
CA ARG A 140 -1.89 -36.44 6.40
C ARG A 140 -1.53 -34.97 6.59
N PRO A 141 -1.01 -34.34 5.57
CA PRO A 141 -0.62 -32.90 5.63
C PRO A 141 -1.80 -31.99 5.96
N ALA A 1 -7.24 -15.59 32.15
CA ALA A 1 -7.99 -15.16 30.93
C ALA A 1 -7.41 -13.87 30.40
N SER A 2 -7.50 -13.67 29.10
CA SER A 2 -6.99 -12.44 28.49
C SER A 2 -7.88 -11.27 28.88
N ARG A 3 -7.27 -10.10 29.07
CA ARG A 3 -8.03 -8.90 29.47
C ARG A 3 -9.02 -8.49 28.39
N ILE A 4 -8.61 -8.56 27.13
CA ILE A 4 -9.47 -8.18 26.04
C ILE A 4 -10.69 -9.10 25.99
N ASP A 5 -10.43 -10.40 26.13
CA ASP A 5 -11.48 -11.43 26.15
C ASP A 5 -12.25 -11.51 24.83
N GLU A 6 -12.47 -10.37 24.19
CA GLU A 6 -13.22 -10.34 22.95
C GLU A 6 -12.46 -11.08 21.86
N LYS A 7 -11.14 -10.94 21.88
CA LYS A 7 -10.27 -11.60 20.90
C LYS A 7 -10.90 -11.53 19.52
N SER A 8 -11.68 -10.48 19.28
CA SER A 8 -12.35 -10.30 17.99
C SER A 8 -12.62 -8.81 17.73
N SER A 9 -12.92 -8.49 16.46
CA SER A 9 -13.21 -7.11 16.04
C SER A 9 -11.93 -6.27 15.95
N LYS A 10 -11.60 -5.56 17.02
CA LYS A 10 -10.40 -4.74 17.02
C LYS A 10 -9.14 -5.58 16.87
N ALA A 11 -9.13 -6.75 17.49
CA ALA A 11 -7.95 -7.60 17.42
C ALA A 11 -7.63 -8.01 15.97
N LYS A 12 -8.66 -8.46 15.24
CA LYS A 12 -8.46 -8.89 13.86
C LYS A 12 -8.04 -7.75 12.94
N VAL A 13 -8.74 -6.64 13.08
CA VAL A 13 -8.50 -5.47 12.22
C VAL A 13 -7.12 -4.87 12.44
N ASN A 14 -6.69 -4.87 13.69
CA ASN A 14 -5.40 -4.29 14.01
C ASN A 14 -4.30 -5.06 13.29
N ASP A 15 -4.41 -6.38 13.29
CA ASP A 15 -3.39 -7.22 12.66
C ASP A 15 -3.30 -6.90 11.16
N PHE A 16 -4.45 -6.75 10.53
CA PHE A 16 -4.48 -6.41 9.11
C PHE A 16 -3.78 -5.08 8.87
N LEU A 17 -4.11 -4.12 9.72
CA LEU A 17 -3.51 -2.79 9.64
C LEU A 17 -2.02 -2.87 9.89
N ALA A 18 -1.65 -3.70 10.84
CA ALA A 18 -0.27 -3.87 11.23
C ALA A 18 0.57 -4.28 10.02
N GLU A 19 0.00 -5.08 9.13
CA GLU A 19 0.72 -5.49 7.94
C GLU A 19 0.97 -4.30 7.03
N ILE A 20 -0.04 -3.43 6.95
CA ILE A 20 0.07 -2.23 6.15
C ILE A 20 1.16 -1.31 6.70
N PHE A 21 1.20 -1.17 8.02
CA PHE A 21 2.21 -0.32 8.64
C PHE A 21 3.61 -0.86 8.36
N LYS A 22 3.82 -2.15 8.45
CA LYS A 22 5.14 -2.71 8.23
C LYS A 22 5.61 -2.38 6.82
N LYS A 23 4.68 -2.37 5.88
CA LYS A 23 5.02 -1.95 4.53
C LYS A 23 5.43 -0.48 4.53
N ILE A 24 4.72 0.33 5.31
CA ILE A 24 5.04 1.75 5.42
C ILE A 24 6.43 1.94 6.05
N GLY A 25 6.68 1.15 7.08
CA GLY A 25 7.95 1.23 7.81
C GLY A 25 9.14 0.96 6.90
N SER A 26 9.01 -0.02 6.00
CA SER A 26 10.11 -0.30 5.08
C SER A 26 10.18 0.81 4.04
N LYS A 27 11.39 1.15 3.62
CA LYS A 27 11.55 2.18 2.59
C LYS A 27 11.02 1.67 1.25
N GLU A 28 11.37 0.43 0.95
CA GLU A 28 10.98 -0.20 -0.32
C GLU A 28 9.48 -0.28 -0.48
N ASN A 29 8.78 -0.69 0.58
CA ASN A 29 7.33 -0.91 0.49
C ASN A 29 6.51 0.33 0.89
N THR A 30 7.14 1.49 1.03
CA THR A 30 6.41 2.68 1.46
C THR A 30 5.29 3.10 0.51
N LYS A 31 5.53 3.03 -0.79
CA LYS A 31 4.49 3.39 -1.75
C LYS A 31 3.30 2.43 -1.65
N GLU A 32 3.64 1.17 -1.53
CA GLU A 32 2.63 0.11 -1.45
C GLU A 32 1.79 0.25 -0.19
N GLY A 33 2.47 0.46 0.94
CA GLY A 33 1.78 0.58 2.22
C GLY A 33 0.93 1.84 2.32
N LEU A 34 1.45 2.96 1.83
CA LEU A 34 0.72 4.21 1.86
C LEU A 34 -0.52 4.11 0.98
N ALA A 35 -0.34 3.52 -0.19
CA ALA A 35 -1.42 3.39 -1.16
C ALA A 35 -2.58 2.58 -0.62
N GLU A 36 -2.28 1.50 0.09
CA GLU A 36 -3.35 0.70 0.66
C GLU A 36 -4.03 1.44 1.81
N LEU A 37 -3.24 2.13 2.61
CA LEU A 37 -3.80 2.88 3.73
C LEU A 37 -4.73 3.96 3.22
N TYR A 38 -4.31 4.64 2.15
CA TYR A 38 -5.15 5.68 1.56
C TYR A 38 -6.45 5.05 1.07
N GLU A 39 -6.35 3.91 0.37
CA GLU A 39 -7.56 3.25 -0.13
C GLU A 39 -8.44 2.81 1.03
N TYR A 40 -7.83 2.20 2.06
CA TYR A 40 -8.60 1.72 3.21
C TYR A 40 -9.30 2.91 3.87
N LYS A 41 -8.57 4.00 4.04
CA LYS A 41 -9.11 5.20 4.68
C LYS A 41 -10.28 5.71 3.85
N LYS A 42 -10.16 5.59 2.55
CA LYS A 42 -11.21 5.99 1.63
C LYS A 42 -12.47 5.14 1.87
N LYS A 43 -12.23 3.84 2.09
CA LYS A 43 -13.33 2.91 2.35
C LYS A 43 -14.05 3.25 3.66
N TYR A 44 -13.27 3.55 4.70
CA TYR A 44 -13.82 3.85 6.04
C TYR A 44 -13.74 5.33 6.39
N SER A 45 -13.41 6.16 5.42
CA SER A 45 -13.33 7.61 5.66
C SER A 45 -12.68 7.91 7.01
N ASP A 46 -11.73 7.06 7.39
CA ASP A 46 -11.02 7.20 8.66
C ASP A 46 -12.00 7.03 9.82
N ALA A 47 -12.90 6.08 9.65
CA ALA A 47 -13.93 5.79 10.63
C ALA A 47 -13.50 4.70 11.61
N ASP A 48 -12.22 4.30 11.60
CA ASP A 48 -11.78 3.25 12.52
C ASP A 48 -10.28 3.36 12.83
N ILE A 49 -9.52 4.03 11.97
CA ILE A 49 -8.05 4.06 12.17
C ILE A 49 -7.60 4.76 13.47
N GLU A 50 -8.16 5.92 13.84
CA GLU A 50 -7.68 6.67 15.03
C GLU A 50 -7.23 5.82 16.24
N PRO A 51 -8.02 4.93 16.78
CA PRO A 51 -7.57 4.13 17.96
C PRO A 51 -6.20 3.48 17.73
N PHE A 52 -5.97 2.99 16.53
CA PHE A 52 -4.69 2.35 16.21
C PHE A 52 -3.54 3.36 16.36
N LEU A 53 -3.77 4.58 15.85
CA LEU A 53 -2.69 5.58 15.84
C LEU A 53 -2.26 5.88 17.28
N LYS A 54 -3.21 6.06 18.19
CA LYS A 54 -2.91 6.34 19.60
C LYS A 54 -2.15 5.18 20.23
N ASN A 55 -2.54 3.98 19.84
CA ASN A 55 -1.95 2.75 20.35
C ASN A 55 -0.45 2.68 20.03
N SER A 56 -0.07 3.13 18.84
CA SER A 56 1.35 3.15 18.46
C SER A 56 2.01 4.42 19.03
N SER A 57 3.33 4.57 18.81
CA SER A 57 4.02 5.76 19.32
C SER A 57 3.44 7.01 18.69
N GLN A 58 3.34 8.08 19.47
CA GLN A 58 2.74 9.34 19.01
C GLN A 58 3.51 10.05 17.88
N PHE A 59 4.84 10.06 17.94
CA PHE A 59 5.64 10.76 16.92
C PHE A 59 5.43 10.18 15.53
N PHE A 60 5.39 8.86 15.45
CA PHE A 60 5.24 8.15 14.18
C PHE A 60 3.89 8.45 13.51
N GLN A 61 2.90 8.84 14.31
CA GLN A 61 1.57 9.12 13.80
C GLN A 61 1.49 10.34 12.87
N SER A 62 2.23 11.40 13.19
CA SER A 62 2.14 12.60 12.37
C SER A 62 2.58 12.35 10.91
N TYR A 63 3.69 11.63 10.74
CA TYR A 63 4.22 11.36 9.40
C TYR A 63 3.24 10.58 8.51
N VAL A 64 2.63 9.54 9.06
CA VAL A 64 1.71 8.76 8.25
C VAL A 64 0.55 9.62 7.80
N GLU A 65 0.02 10.43 8.69
CA GLU A 65 -1.11 11.28 8.33
C GLU A 65 -0.70 12.26 7.22
N ARG A 66 0.49 12.85 7.36
CA ARG A 66 1.00 13.78 6.36
C ARG A 66 1.21 13.10 5.01
N GLY A 67 1.77 11.90 5.06
CA GLY A 67 2.08 11.16 3.83
C GLY A 67 0.84 10.84 3.00
N LEU A 68 -0.28 10.59 3.65
CA LEU A 68 -1.50 10.22 2.94
C LEU A 68 -2.00 11.32 2.00
N ARG A 69 -1.94 12.57 2.41
CA ARG A 69 -2.41 13.64 1.54
C ARG A 69 -1.62 13.67 0.23
N VAL A 70 -0.29 13.56 0.33
CA VAL A 70 0.54 13.64 -0.87
C VAL A 70 0.24 12.49 -1.83
N ILE A 71 -0.14 11.31 -1.33
CA ILE A 71 -0.46 10.23 -2.27
C ILE A 71 -1.65 10.68 -3.11
N GLU A 72 -2.68 11.22 -2.45
CA GLU A 72 -3.88 11.66 -3.16
C GLU A 72 -3.56 12.69 -4.23
N MET A 73 -2.60 13.56 -3.97
CA MET A 73 -2.25 14.56 -4.97
C MET A 73 -1.86 13.86 -6.27
N GLU A 74 -1.14 12.75 -6.16
CA GLU A 74 -0.74 12.01 -7.36
C GLU A 74 -1.99 11.42 -8.02
N ARG A 75 -2.94 10.98 -7.19
CA ARG A 75 -4.18 10.39 -7.70
C ARG A 75 -4.96 11.44 -8.46
N GLU A 76 -4.93 12.66 -7.93
CA GLU A 76 -5.59 13.79 -8.57
C GLU A 76 -4.92 14.05 -9.89
N GLY A 77 -3.61 13.82 -9.93
CA GLY A 77 -2.87 14.01 -11.15
C GLY A 77 -2.75 15.49 -11.47
N LYS A 78 -2.58 16.31 -10.45
CA LYS A 78 -2.47 17.74 -10.64
C LYS A 78 -1.28 18.11 -11.54
N GLY A 79 -0.65 17.12 -12.18
CA GLY A 79 0.48 17.37 -13.07
C GLY A 79 1.82 17.05 -12.41
N ARG A 80 1.79 16.70 -11.13
CA ARG A 80 3.02 16.35 -10.43
C ARG A 80 3.61 15.09 -11.05
N ILE A 81 2.72 14.17 -11.41
CA ILE A 81 3.13 12.92 -12.01
C ILE A 81 3.80 13.15 -13.37
N SER A 82 3.22 14.03 -14.17
CA SER A 82 3.76 14.34 -15.49
C SER A 82 3.35 15.72 -15.96
N THR A 83 4.18 16.34 -16.79
CA THR A 83 3.89 17.69 -17.34
C THR A 83 3.70 17.59 -18.84
N SER A 84 3.81 16.36 -19.36
CA SER A 84 3.66 16.09 -20.79
C SER A 84 2.68 14.94 -21.01
N THR A 85 2.01 14.91 -22.16
CA THR A 85 1.04 13.85 -22.42
C THR A 85 1.70 12.48 -22.53
N GLY A 86 2.90 12.43 -23.08
CA GLY A 86 3.60 11.15 -23.20
C GLY A 86 4.83 11.23 -24.10
N ILE A 87 5.94 11.71 -23.53
CA ILE A 87 7.21 11.82 -24.26
C ILE A 87 8.20 10.81 -23.70
N SER A 88 8.81 10.04 -24.58
CA SER A 88 9.77 9.04 -24.17
C SER A 88 11.07 9.74 -23.73
N PRO A 89 11.86 9.13 -22.85
CA PRO A 89 13.14 9.76 -22.40
C PRO A 89 14.10 10.01 -23.58
N GLN A 90 14.83 11.11 -23.51
CA GLN A 90 15.81 11.47 -24.51
C GLN A 90 17.09 11.90 -23.79
N MET A 91 18.25 11.78 -24.42
CA MET A 91 19.46 12.23 -23.75
C MET A 91 19.33 13.73 -23.50
N GLU A 92 19.26 14.49 -24.59
CA GLU A 92 19.09 15.95 -24.52
C GLU A 92 17.76 16.31 -25.17
N VAL A 93 17.82 16.57 -26.48
CA VAL A 93 16.62 16.90 -27.26
C VAL A 93 16.71 16.22 -28.62
N THR A 94 15.60 15.65 -29.08
CA THR A 94 15.58 14.98 -30.38
C THR A 94 14.33 15.37 -31.17
N CYS A 95 14.41 15.24 -32.49
CA CYS A 95 13.27 15.54 -33.35
C CYS A 95 12.15 14.56 -33.08
N VAL A 96 12.55 13.30 -32.86
CA VAL A 96 11.61 12.21 -32.57
C VAL A 96 12.22 11.27 -31.51
N PRO A 97 11.52 10.92 -30.45
CA PRO A 97 12.11 9.99 -29.44
C PRO A 97 12.49 8.64 -30.06
N THR A 98 13.58 8.07 -29.57
CA THR A 98 14.07 6.77 -30.07
C THR A 98 13.88 5.71 -28.97
N PRO A 99 13.24 4.58 -29.23
CA PRO A 99 13.06 3.55 -28.17
C PRO A 99 14.40 2.98 -27.71
N THR A 100 14.50 2.67 -26.42
CA THR A 100 15.74 2.14 -25.85
C THR A 100 15.43 0.95 -24.95
N SER A 101 16.46 0.18 -24.61
CA SER A 101 16.28 -0.98 -23.76
C SER A 101 15.82 -0.53 -22.38
N THR A 102 15.18 -1.44 -21.63
CA THR A 102 14.66 -1.10 -20.30
C THR A 102 13.52 -0.09 -20.42
N VAL A 103 13.36 0.46 -21.63
CA VAL A 103 12.31 1.43 -21.91
C VAL A 103 11.45 0.91 -23.06
N SER A 104 10.13 0.96 -22.89
CA SER A 104 9.22 0.46 -23.92
C SER A 104 7.86 1.14 -23.82
N SER A 105 7.17 1.21 -24.95
CA SER A 105 5.85 1.83 -25.00
C SER A 105 4.82 0.92 -24.33
N ILE A 106 3.65 1.47 -23.99
CA ILE A 106 2.61 0.69 -23.32
C ILE A 106 1.47 0.38 -24.27
N GLY A 107 1.15 -0.91 -24.31
CA GLY A 107 0.09 -1.41 -25.15
C GLY A 107 0.18 -2.94 -25.26
N ASN A 108 -0.77 -3.62 -24.64
CA ASN A 108 -0.78 -5.08 -24.67
C ASN A 108 0.52 -5.66 -24.13
N THR A 109 1.09 -4.99 -23.13
CA THR A 109 2.34 -5.42 -22.51
C THR A 109 2.33 -5.14 -21.01
N ASN A 110 3.51 -5.08 -20.41
CA ASN A 110 3.62 -4.80 -18.99
C ASN A 110 2.71 -5.69 -18.17
N GLY A 111 2.09 -6.68 -18.81
CA GLY A 111 1.16 -7.56 -18.10
C GLY A 111 1.86 -8.33 -16.98
N GLU A 112 3.17 -8.16 -16.86
CA GLU A 112 3.91 -8.84 -15.79
C GLU A 112 3.88 -7.98 -14.55
N GLU A 113 3.40 -6.78 -14.76
CA GLU A 113 3.27 -5.79 -13.70
C GLU A 113 2.23 -6.25 -12.68
N VAL A 114 1.16 -6.89 -13.18
CA VAL A 114 0.06 -7.40 -12.33
C VAL A 114 0.03 -6.73 -10.95
N GLY A 115 -0.77 -5.69 -10.85
CA GLY A 115 -0.90 -4.94 -9.60
C GLY A 115 -1.00 -5.87 -8.39
N PRO A 116 -1.93 -6.78 -8.40
CA PRO A 116 -2.14 -7.73 -7.27
C PRO A 116 -0.87 -8.50 -6.87
N SER A 117 -0.05 -8.88 -7.84
CA SER A 117 1.16 -9.65 -7.55
C SER A 117 2.13 -8.87 -6.64
N VAL A 118 2.17 -7.57 -6.80
CA VAL A 118 3.10 -6.80 -5.97
C VAL A 118 2.75 -6.98 -4.49
N TYR A 119 1.48 -6.84 -4.18
CA TYR A 119 0.99 -7.02 -2.81
C TYR A 119 1.24 -8.43 -2.30
N LEU A 120 0.93 -9.39 -3.14
CA LEU A 120 1.12 -10.77 -2.73
C LEU A 120 2.60 -11.05 -2.50
N GLU A 121 3.42 -10.58 -3.42
CA GLU A 121 4.86 -10.82 -3.34
C GLU A 121 5.55 -10.05 -2.24
N ARG A 122 5.32 -8.75 -2.16
CA ARG A 122 6.02 -7.97 -1.14
C ARG A 122 5.58 -8.40 0.26
N LEU A 123 4.28 -8.51 0.44
CA LEU A 123 3.75 -8.83 1.75
C LEU A 123 4.22 -10.20 2.23
N LYS A 124 4.25 -11.18 1.35
CA LYS A 124 4.72 -12.50 1.77
C LYS A 124 6.15 -12.36 2.28
N ILE A 125 6.97 -11.68 1.51
CA ILE A 125 8.39 -11.56 1.85
C ILE A 125 8.57 -10.86 3.20
N LEU A 126 7.86 -9.78 3.46
CA LEU A 126 8.00 -9.12 4.77
C LEU A 126 7.51 -10.13 5.84
N ARG A 127 6.39 -10.76 5.48
CA ARG A 127 5.67 -11.70 6.35
C ARG A 127 6.55 -12.89 6.77
N GLN A 128 7.33 -13.45 5.85
CA GLN A 128 8.19 -14.59 6.22
C GLN A 128 9.08 -14.20 7.39
N ARG A 129 9.57 -12.96 7.39
CA ARG A 129 10.42 -12.50 8.48
C ARG A 129 9.61 -12.50 9.78
N CYS A 130 8.33 -12.15 9.70
CA CYS A 130 7.47 -12.13 10.88
C CYS A 130 7.28 -13.55 11.40
N GLY A 131 7.19 -14.51 10.48
CA GLY A 131 7.02 -15.90 10.86
C GLY A 131 5.82 -16.09 11.77
N LEU A 132 4.61 -15.97 11.20
CA LEU A 132 3.38 -16.21 11.95
C LEU A 132 2.58 -17.27 11.19
N ASP A 133 2.22 -18.38 11.82
CA ASP A 133 1.47 -19.43 11.11
C ASP A 133 -0.02 -19.32 11.37
N ASN A 134 -0.77 -18.91 10.34
CA ASN A 134 -2.23 -18.79 10.45
C ASN A 134 -2.89 -19.90 9.65
N THR A 135 -3.35 -20.94 10.35
CA THR A 135 -3.99 -22.08 9.71
C THR A 135 -5.07 -22.69 10.59
N LYS A 136 -5.97 -23.45 9.98
CA LYS A 136 -7.05 -24.12 10.70
C LYS A 136 -7.23 -25.51 10.12
N GLN A 137 -7.69 -26.45 10.93
CA GLN A 137 -7.86 -27.82 10.46
C GLN A 137 -8.92 -27.89 9.37
N ASP A 138 -8.49 -28.37 8.20
CA ASP A 138 -9.37 -28.51 7.04
C ASP A 138 -9.39 -29.97 6.58
N ASP A 139 -9.49 -30.90 7.52
CA ASP A 139 -9.50 -32.32 7.17
C ASP A 139 -10.91 -32.82 6.91
N ARG A 140 -11.18 -33.10 5.64
CA ARG A 140 -12.49 -33.57 5.22
C ARG A 140 -12.62 -35.09 5.34
N PRO A 141 -11.56 -35.85 5.10
CA PRO A 141 -11.61 -37.34 5.20
C PRO A 141 -12.20 -37.81 6.53
N ALA A 1 -14.25 -15.26 27.46
CA ALA A 1 -13.96 -13.81 27.35
C ALA A 1 -14.48 -13.28 26.02
N SER A 2 -15.22 -14.12 25.30
CA SER A 2 -15.78 -13.72 24.01
C SER A 2 -17.05 -12.90 24.19
N ARG A 3 -17.50 -12.80 25.44
CA ARG A 3 -18.71 -12.04 25.72
C ARG A 3 -18.46 -10.58 25.36
N ILE A 4 -17.27 -10.11 25.66
CA ILE A 4 -16.90 -8.75 25.35
C ILE A 4 -16.94 -8.56 23.83
N ASP A 5 -16.36 -9.52 23.13
CA ASP A 5 -16.33 -9.53 21.66
C ASP A 5 -15.75 -8.24 21.04
N GLU A 6 -15.66 -7.17 21.83
CA GLU A 6 -15.11 -5.93 21.31
C GLU A 6 -13.64 -6.12 21.01
N LYS A 7 -12.98 -6.89 21.87
CA LYS A 7 -11.55 -7.17 21.70
C LYS A 7 -11.31 -7.93 20.39
N SER A 8 -12.18 -8.90 20.12
CA SER A 8 -12.07 -9.70 18.92
C SER A 8 -12.21 -8.86 17.65
N SER A 9 -13.16 -7.94 17.67
CA SER A 9 -13.41 -7.08 16.50
C SER A 9 -12.19 -6.24 16.13
N LYS A 10 -11.56 -5.64 17.14
CA LYS A 10 -10.38 -4.83 16.89
C LYS A 10 -9.15 -5.70 16.70
N ALA A 11 -9.21 -6.91 17.23
CA ALA A 11 -8.07 -7.81 17.14
C ALA A 11 -7.72 -8.16 15.69
N LYS A 12 -8.73 -8.56 14.91
CA LYS A 12 -8.49 -8.93 13.51
C LYS A 12 -8.02 -7.75 12.67
N VAL A 13 -8.72 -6.64 12.84
CA VAL A 13 -8.46 -5.44 12.04
C VAL A 13 -7.08 -4.86 12.33
N ASN A 14 -6.69 -4.91 13.59
CA ASN A 14 -5.41 -4.36 13.96
C ASN A 14 -4.30 -5.13 13.25
N ASP A 15 -4.43 -6.44 13.19
CA ASP A 15 -3.41 -7.26 12.54
C ASP A 15 -3.28 -6.90 11.06
N PHE A 16 -4.43 -6.72 10.41
CA PHE A 16 -4.43 -6.35 8.99
C PHE A 16 -3.73 -5.02 8.80
N LEU A 17 -4.07 -4.07 9.66
CA LEU A 17 -3.48 -2.74 9.63
C LEU A 17 -1.98 -2.83 9.91
N ALA A 18 -1.64 -3.70 10.84
CA ALA A 18 -0.27 -3.89 11.25
C ALA A 18 0.58 -4.28 10.06
N GLU A 19 0.02 -5.06 9.15
CA GLU A 19 0.77 -5.46 7.96
C GLU A 19 1.04 -4.25 7.07
N ILE A 20 0.05 -3.39 6.98
CA ILE A 20 0.17 -2.18 6.19
C ILE A 20 1.25 -1.27 6.77
N PHE A 21 1.25 -1.13 8.10
CA PHE A 21 2.25 -0.31 8.76
C PHE A 21 3.65 -0.84 8.49
N LYS A 22 3.85 -2.15 8.56
CA LYS A 22 5.17 -2.71 8.35
C LYS A 22 5.66 -2.35 6.94
N LYS A 23 4.75 -2.35 5.99
CA LYS A 23 5.12 -1.91 4.64
C LYS A 23 5.53 -0.44 4.66
N ILE A 24 4.80 0.36 5.43
CA ILE A 24 5.12 1.78 5.57
C ILE A 24 6.49 1.96 6.22
N GLY A 25 6.72 1.16 7.25
CA GLY A 25 7.96 1.23 8.00
C GLY A 25 9.16 0.95 7.11
N SER A 26 9.05 -0.01 6.20
CA SER A 26 10.16 -0.29 5.29
C SER A 26 10.25 0.83 4.25
N LYS A 27 11.48 1.17 3.85
CA LYS A 27 11.67 2.21 2.84
C LYS A 27 11.16 1.73 1.49
N GLU A 28 11.49 0.49 1.17
CA GLU A 28 11.12 -0.11 -0.11
C GLU A 28 9.61 -0.20 -0.30
N ASN A 29 8.90 -0.63 0.74
CA ASN A 29 7.45 -0.85 0.62
C ASN A 29 6.62 0.38 0.99
N THR A 30 7.24 1.55 1.17
CA THR A 30 6.50 2.73 1.60
C THR A 30 5.38 3.15 0.63
N LYS A 31 5.63 3.10 -0.66
CA LYS A 31 4.59 3.46 -1.62
C LYS A 31 3.41 2.50 -1.54
N GLU A 32 3.75 1.24 -1.41
CA GLU A 32 2.74 0.17 -1.36
C GLU A 32 1.89 0.30 -0.09
N GLY A 33 2.55 0.49 1.04
CA GLY A 33 1.85 0.60 2.31
C GLY A 33 0.98 1.86 2.40
N LEU A 34 1.52 2.98 1.93
CA LEU A 34 0.76 4.23 1.97
C LEU A 34 -0.47 4.12 1.09
N ALA A 35 -0.27 3.53 -0.09
CA ALA A 35 -1.35 3.41 -1.04
C ALA A 35 -2.50 2.59 -0.50
N GLU A 36 -2.20 1.51 0.20
CA GLU A 36 -3.26 0.70 0.79
C GLU A 36 -3.94 1.43 1.93
N LEU A 37 -3.16 2.14 2.73
CA LEU A 37 -3.73 2.87 3.85
C LEU A 37 -4.68 3.94 3.33
N TYR A 38 -4.26 4.62 2.27
CA TYR A 38 -5.10 5.65 1.67
C TYR A 38 -6.41 5.03 1.19
N GLU A 39 -6.30 3.90 0.48
CA GLU A 39 -7.49 3.23 -0.02
C GLU A 39 -8.38 2.78 1.14
N TYR A 40 -7.77 2.19 2.16
CA TYR A 40 -8.55 1.71 3.31
C TYR A 40 -9.26 2.90 3.96
N LYS A 41 -8.54 4.00 4.14
CA LYS A 41 -9.10 5.18 4.76
C LYS A 41 -10.27 5.68 3.92
N LYS A 42 -10.13 5.55 2.61
CA LYS A 42 -11.19 5.94 1.69
C LYS A 42 -12.44 5.09 1.94
N LYS A 43 -12.22 3.80 2.15
CA LYS A 43 -13.31 2.86 2.41
C LYS A 43 -14.03 3.19 3.73
N TYR A 44 -13.25 3.49 4.76
CA TYR A 44 -13.78 3.78 6.10
C TYR A 44 -13.71 5.26 6.46
N SER A 45 -13.42 6.09 5.47
CA SER A 45 -13.33 7.54 5.70
C SER A 45 -12.69 7.85 7.04
N ASP A 46 -11.74 7.01 7.43
CA ASP A 46 -11.04 7.16 8.70
C ASP A 46 -12.01 6.98 9.86
N ALA A 47 -12.90 6.02 9.73
CA ALA A 47 -13.90 5.74 10.76
C ALA A 47 -13.43 4.67 11.73
N ASP A 48 -12.11 4.48 11.88
CA ASP A 48 -11.61 3.47 12.80
C ASP A 48 -10.11 3.53 13.03
N ILE A 49 -9.38 4.22 12.13
CA ILE A 49 -7.92 4.24 12.25
C ILE A 49 -7.38 4.91 13.53
N GLU A 50 -7.90 6.08 13.96
CA GLU A 50 -7.31 6.78 15.12
C GLU A 50 -6.97 5.92 16.35
N PRO A 51 -7.83 5.06 16.84
CA PRO A 51 -7.45 4.25 18.03
C PRO A 51 -6.10 3.55 17.83
N PHE A 52 -5.88 3.05 16.62
CA PHE A 52 -4.62 2.38 16.31
C PHE A 52 -3.46 3.37 16.45
N LEU A 53 -3.66 4.57 15.92
CA LEU A 53 -2.58 5.57 15.91
C LEU A 53 -2.15 5.88 17.35
N LYS A 54 -3.11 6.07 18.25
CA LYS A 54 -2.81 6.35 19.67
C LYS A 54 -2.06 5.17 20.30
N ASN A 55 -2.47 3.98 19.89
CA ASN A 55 -1.89 2.74 20.40
C ASN A 55 -0.39 2.67 20.10
N SER A 56 0.01 3.13 18.91
CA SER A 56 1.42 3.15 18.53
C SER A 56 2.08 4.41 19.10
N SER A 57 3.38 4.58 18.90
CA SER A 57 4.08 5.77 19.42
C SER A 57 3.51 7.03 18.75
N GLN A 58 3.41 8.10 19.52
CA GLN A 58 2.82 9.37 19.04
C GLN A 58 3.60 10.06 17.90
N PHE A 59 4.93 10.07 17.98
CA PHE A 59 5.75 10.76 16.97
C PHE A 59 5.51 10.19 15.56
N PHE A 60 5.51 8.88 15.46
CA PHE A 60 5.34 8.19 14.18
C PHE A 60 3.97 8.48 13.53
N GLN A 61 3.01 8.85 14.34
CA GLN A 61 1.66 9.13 13.84
C GLN A 61 1.57 10.36 12.92
N SER A 62 2.31 11.40 13.23
CA SER A 62 2.23 12.62 12.41
C SER A 62 2.67 12.38 10.96
N TYR A 63 3.76 11.66 10.77
CA TYR A 63 4.29 11.41 9.43
C TYR A 63 3.31 10.64 8.54
N VAL A 64 2.69 9.59 9.08
CA VAL A 64 1.78 8.80 8.27
C VAL A 64 0.62 9.66 7.80
N GLU A 65 0.09 10.48 8.69
CA GLU A 65 -1.04 11.33 8.33
C GLU A 65 -0.63 12.31 7.21
N ARG A 66 0.55 12.89 7.33
CA ARG A 66 1.05 13.82 6.32
C ARG A 66 1.25 13.14 4.97
N GLY A 67 1.81 11.93 5.01
CA GLY A 67 2.10 11.19 3.80
C GLY A 67 0.86 10.86 2.99
N LEU A 68 -0.26 10.61 3.64
CA LEU A 68 -1.47 10.23 2.93
C LEU A 68 -1.99 11.34 2.00
N ARG A 69 -1.92 12.59 2.41
CA ARG A 69 -2.41 13.68 1.54
C ARG A 69 -1.64 13.72 0.23
N VAL A 70 -0.32 13.60 0.30
CA VAL A 70 0.50 13.67 -0.90
C VAL A 70 0.19 12.52 -1.86
N ILE A 71 -0.19 11.34 -1.34
CA ILE A 71 -0.50 10.25 -2.24
C ILE A 71 -1.70 10.64 -3.08
N GLU A 72 -2.71 11.21 -2.42
CA GLU A 72 -3.94 11.62 -3.11
C GLU A 72 -3.67 12.64 -4.19
N MET A 73 -2.69 13.49 -3.96
CA MET A 73 -2.34 14.49 -4.97
C MET A 73 -1.97 13.77 -6.27
N GLU A 74 -1.26 12.65 -6.15
CA GLU A 74 -0.88 11.89 -7.35
C GLU A 74 -2.14 11.28 -8.00
N ARG A 75 -3.06 10.81 -7.14
CA ARG A 75 -4.31 10.21 -7.62
C ARG A 75 -5.12 11.27 -8.34
N GLU A 76 -5.09 12.48 -7.81
CA GLU A 76 -5.81 13.59 -8.41
C GLU A 76 -5.20 13.91 -9.75
N GLY A 77 -3.88 13.72 -9.84
CA GLY A 77 -3.22 13.96 -11.10
C GLY A 77 -3.21 15.44 -11.41
N LYS A 78 -2.96 16.25 -10.40
CA LYS A 78 -2.91 17.69 -10.58
C LYS A 78 -1.80 18.11 -11.55
N GLY A 79 -1.20 17.13 -12.25
CA GLY A 79 -0.15 17.41 -13.23
C GLY A 79 1.25 17.13 -12.68
N ARG A 80 1.34 16.78 -11.40
CA ARG A 80 2.64 16.48 -10.80
C ARG A 80 3.20 15.24 -11.49
N ILE A 81 2.31 14.29 -11.75
CA ILE A 81 2.68 13.04 -12.41
C ILE A 81 3.18 13.30 -13.83
N SER A 82 2.46 14.18 -14.54
CA SER A 82 2.77 14.50 -15.94
C SER A 82 2.83 13.21 -16.77
N THR A 83 2.13 13.22 -17.91
CA THR A 83 2.10 12.06 -18.79
C THR A 83 2.25 12.50 -20.25
N SER A 84 2.55 11.54 -21.13
CA SER A 84 2.71 11.87 -22.54
C SER A 84 1.42 12.47 -23.08
N THR A 85 0.29 11.90 -22.68
CA THR A 85 -1.01 12.41 -23.12
C THR A 85 -1.11 12.35 -24.63
N GLY A 86 -0.07 11.83 -25.27
CA GLY A 86 -0.05 11.69 -26.73
C GLY A 86 -0.22 10.24 -27.18
N ILE A 87 -0.53 9.35 -26.24
CA ILE A 87 -0.63 7.93 -26.58
C ILE A 87 -1.92 7.60 -27.33
N SER A 88 -1.70 6.96 -28.46
CA SER A 88 -2.77 6.53 -29.35
C SER A 88 -3.81 5.70 -28.60
N PRO A 89 -5.00 6.18 -28.37
CA PRO A 89 -6.03 5.36 -27.68
C PRO A 89 -6.31 4.11 -28.51
N GLN A 90 -6.54 2.99 -27.84
CA GLN A 90 -6.81 1.75 -28.56
C GLN A 90 -8.23 1.76 -29.10
N MET A 91 -8.33 1.66 -30.40
CA MET A 91 -9.64 1.73 -31.00
C MET A 91 -10.47 0.56 -30.49
N GLU A 92 -9.87 -0.62 -30.43
CA GLU A 92 -10.57 -1.80 -29.91
C GLU A 92 -9.77 -2.33 -28.72
N VAL A 93 -8.87 -3.28 -29.02
CA VAL A 93 -7.98 -3.83 -28.00
C VAL A 93 -6.61 -4.10 -28.63
N THR A 94 -5.54 -3.75 -27.92
CA THR A 94 -4.19 -4.00 -28.40
C THR A 94 -3.32 -4.48 -27.25
N CYS A 95 -2.27 -5.21 -27.56
CA CYS A 95 -1.35 -5.65 -26.52
C CYS A 95 -0.69 -4.40 -25.96
N VAL A 96 -0.43 -3.47 -26.87
CA VAL A 96 0.19 -2.20 -26.58
C VAL A 96 0.12 -1.35 -27.84
N PRO A 97 -0.06 -0.05 -27.77
CA PRO A 97 -0.07 0.74 -29.03
C PRO A 97 1.24 0.57 -29.77
N THR A 98 1.14 0.52 -31.08
CA THR A 98 2.31 0.33 -31.91
C THR A 98 3.18 1.60 -31.91
N PRO A 99 4.45 1.54 -31.52
CA PRO A 99 5.30 2.76 -31.48
C PRO A 99 5.50 3.35 -32.87
N THR A 100 5.54 4.68 -32.93
CA THR A 100 5.74 5.38 -34.19
C THR A 100 6.74 6.52 -33.98
N SER A 101 7.24 7.07 -35.09
CA SER A 101 8.21 8.16 -35.01
C SER A 101 7.59 9.37 -34.32
N THR A 102 8.41 10.12 -33.58
CA THR A 102 7.95 11.29 -32.85
C THR A 102 7.08 10.88 -31.67
N VAL A 103 6.83 9.57 -31.57
CA VAL A 103 6.03 9.01 -30.48
C VAL A 103 6.84 7.94 -29.75
N SER A 104 6.86 8.02 -28.42
CA SER A 104 7.61 7.05 -27.62
C SER A 104 6.96 6.86 -26.26
N SER A 105 7.12 5.65 -25.70
CA SER A 105 6.56 5.33 -24.39
C SER A 105 7.57 4.53 -23.57
N ILE A 106 7.59 4.77 -22.26
CA ILE A 106 8.50 4.08 -21.36
C ILE A 106 7.75 3.45 -20.18
N GLY A 107 8.37 2.46 -19.55
CA GLY A 107 7.78 1.80 -18.38
C GLY A 107 6.84 0.65 -18.74
N ASN A 108 6.73 0.31 -20.02
CA ASN A 108 5.85 -0.79 -20.44
C ASN A 108 6.66 -2.08 -20.56
N THR A 109 6.45 -3.00 -19.60
CA THR A 109 7.16 -4.29 -19.62
C THR A 109 6.19 -5.44 -19.37
N ASN A 110 6.58 -6.65 -19.79
CA ASN A 110 5.74 -7.85 -19.65
C ASN A 110 6.14 -8.71 -18.45
N GLY A 111 6.95 -8.15 -17.56
CA GLY A 111 7.42 -8.91 -16.39
C GLY A 111 6.32 -9.13 -15.37
N GLU A 112 5.09 -9.19 -15.86
CA GLU A 112 3.94 -9.40 -14.98
C GLU A 112 3.89 -8.30 -13.93
N GLU A 113 3.62 -7.11 -14.41
CA GLU A 113 3.53 -5.94 -13.55
C GLU A 113 2.36 -6.07 -12.58
N VAL A 114 1.25 -6.65 -13.07
CA VAL A 114 0.01 -6.87 -12.30
C VAL A 114 0.14 -6.39 -10.84
N GLY A 115 -0.70 -5.43 -10.50
CA GLY A 115 -0.73 -4.83 -9.17
C GLY A 115 -0.75 -5.87 -8.04
N PRO A 116 -1.65 -6.81 -8.10
CA PRO A 116 -1.77 -7.85 -7.03
C PRO A 116 -0.44 -8.58 -6.75
N SER A 117 0.34 -8.85 -7.79
CA SER A 117 1.61 -9.56 -7.63
C SER A 117 2.58 -8.80 -6.70
N VAL A 118 2.66 -7.49 -6.84
CA VAL A 118 3.59 -6.75 -5.99
C VAL A 118 3.17 -6.93 -4.52
N TYR A 119 1.89 -6.75 -4.27
CA TYR A 119 1.34 -6.92 -2.92
C TYR A 119 1.53 -8.32 -2.39
N LEU A 120 1.23 -9.30 -3.22
CA LEU A 120 1.40 -10.68 -2.80
C LEU A 120 2.86 -10.98 -2.52
N GLU A 121 3.72 -10.52 -3.41
CA GLU A 121 5.14 -10.79 -3.27
C GLU A 121 5.81 -10.04 -2.13
N ARG A 122 5.61 -8.74 -2.06
CA ARG A 122 6.28 -7.97 -1.00
C ARG A 122 5.78 -8.38 0.37
N LEU A 123 4.47 -8.46 0.50
CA LEU A 123 3.89 -8.77 1.79
C LEU A 123 4.32 -10.13 2.30
N LYS A 124 4.36 -11.13 1.44
CA LYS A 124 4.77 -12.45 1.91
C LYS A 124 6.19 -12.35 2.46
N ILE A 125 7.05 -11.68 1.71
CA ILE A 125 8.46 -11.58 2.07
C ILE A 125 8.63 -10.86 3.42
N LEU A 126 7.93 -9.77 3.65
CA LEU A 126 8.04 -9.11 4.95
C LEU A 126 7.50 -10.08 6.03
N ARG A 127 6.38 -10.68 5.64
CA ARG A 127 5.58 -11.58 6.49
C ARG A 127 6.34 -12.83 6.97
N GLN A 128 7.10 -13.49 6.11
CA GLN A 128 7.79 -14.72 6.52
C GLN A 128 8.77 -14.39 7.64
N ARG A 129 9.43 -13.25 7.54
CA ARG A 129 10.36 -12.84 8.57
C ARG A 129 9.62 -12.63 9.89
N CYS A 130 8.39 -12.12 9.81
CA CYS A 130 7.59 -11.86 11.00
C CYS A 130 7.21 -13.16 11.72
N GLY A 131 6.93 -14.21 10.97
CA GLY A 131 6.56 -15.48 11.60
C GLY A 131 6.59 -16.65 10.62
N LEU A 132 6.61 -17.86 11.18
CA LEU A 132 6.68 -19.07 10.35
C LEU A 132 5.44 -19.20 9.45
N ASP A 133 4.26 -18.93 10.00
CA ASP A 133 3.04 -19.01 9.20
C ASP A 133 2.90 -20.39 8.55
N ASN A 134 2.99 -21.44 9.37
CA ASN A 134 2.88 -22.82 8.90
C ASN A 134 4.13 -23.23 8.12
N THR A 135 4.50 -24.50 8.21
CA THR A 135 5.68 -25.02 7.51
C THR A 135 5.26 -25.87 6.32
N LYS A 136 5.76 -27.11 6.26
CA LYS A 136 5.42 -28.03 5.18
C LYS A 136 5.28 -29.45 5.72
N GLN A 137 4.48 -30.26 5.06
CA GLN A 137 4.26 -31.65 5.48
C GLN A 137 5.01 -32.60 4.55
N ASP A 138 5.84 -33.45 5.15
CA ASP A 138 6.61 -34.43 4.39
C ASP A 138 5.69 -35.44 3.72
N ASP A 139 4.66 -35.84 4.44
CA ASP A 139 3.75 -36.87 3.94
C ASP A 139 3.11 -36.46 2.61
N ARG A 140 2.57 -35.25 2.50
CA ARG A 140 1.94 -34.83 1.27
C ARG A 140 1.03 -35.92 0.71
N PRO A 141 -0.06 -36.22 1.38
CA PRO A 141 -1.01 -37.27 0.92
C PRO A 141 -1.51 -37.02 -0.50
N ALA A 1 -13.87 -15.32 27.39
CA ALA A 1 -14.43 -14.01 26.98
C ALA A 1 -13.88 -12.91 27.89
N SER A 2 -12.88 -12.18 27.40
CA SER A 2 -12.31 -11.11 28.20
C SER A 2 -13.30 -9.95 28.32
N ARG A 3 -13.34 -9.35 29.50
CA ARG A 3 -14.24 -8.24 29.79
C ARG A 3 -13.94 -6.97 28.97
N ILE A 4 -12.66 -6.67 28.78
CA ILE A 4 -12.28 -5.43 28.09
C ILE A 4 -12.77 -5.40 26.64
N ASP A 5 -12.60 -6.49 25.92
CA ASP A 5 -13.05 -6.52 24.53
C ASP A 5 -13.17 -7.96 24.03
N GLU A 6 -13.29 -8.89 24.95
CA GLU A 6 -13.40 -10.29 24.60
C GLU A 6 -12.27 -10.69 23.65
N LYS A 7 -11.23 -9.87 23.61
CA LYS A 7 -10.09 -10.14 22.75
C LYS A 7 -10.55 -10.49 21.35
N SER A 8 -11.46 -9.68 20.85
CA SER A 8 -12.04 -9.91 19.52
C SER A 8 -12.50 -8.60 18.88
N SER A 9 -12.77 -8.65 17.58
CA SER A 9 -13.21 -7.49 16.82
C SER A 9 -12.04 -6.57 16.44
N LYS A 10 -11.40 -5.96 17.42
CA LYS A 10 -10.27 -5.07 17.12
C LYS A 10 -9.00 -5.88 16.88
N ALA A 11 -8.97 -7.08 17.42
CA ALA A 11 -7.80 -7.93 17.26
C ALA A 11 -7.53 -8.26 15.79
N LYS A 12 -8.57 -8.66 15.07
CA LYS A 12 -8.42 -9.03 13.66
C LYS A 12 -8.02 -7.84 12.79
N VAL A 13 -8.72 -6.74 13.00
CA VAL A 13 -8.50 -5.52 12.21
C VAL A 13 -7.12 -4.93 12.44
N ASN A 14 -6.69 -4.95 13.69
CA ASN A 14 -5.39 -4.37 14.02
C ASN A 14 -4.30 -5.13 13.29
N ASP A 15 -4.41 -6.45 13.26
CA ASP A 15 -3.39 -7.27 12.60
C ASP A 15 -3.31 -6.95 11.11
N PHE A 16 -4.46 -6.77 10.48
CA PHE A 16 -4.50 -6.43 9.07
C PHE A 16 -3.79 -5.10 8.85
N LEU A 17 -4.10 -4.16 9.72
CA LEU A 17 -3.50 -2.83 9.67
C LEU A 17 -2.01 -2.92 9.91
N ALA A 18 -1.64 -3.78 10.85
CA ALA A 18 -0.26 -3.96 11.22
C ALA A 18 0.56 -4.35 10.01
N GLU A 19 -0.02 -5.12 9.10
CA GLU A 19 0.68 -5.53 7.91
C GLU A 19 0.94 -4.32 7.02
N ILE A 20 -0.05 -3.44 6.95
CA ILE A 20 0.06 -2.22 6.16
C ILE A 20 1.18 -1.34 6.70
N PHE A 21 1.24 -1.20 8.03
CA PHE A 21 2.28 -0.39 8.66
C PHE A 21 3.66 -0.95 8.35
N LYS A 22 3.83 -2.27 8.42
CA LYS A 22 5.14 -2.85 8.15
C LYS A 22 5.60 -2.50 6.74
N LYS A 23 4.67 -2.48 5.81
CA LYS A 23 4.99 -2.05 4.45
C LYS A 23 5.43 -0.59 4.46
N ILE A 24 4.73 0.23 5.23
CA ILE A 24 5.06 1.64 5.34
C ILE A 24 6.46 1.82 5.95
N GLY A 25 6.71 1.03 7.00
CA GLY A 25 7.96 1.11 7.73
C GLY A 25 9.14 0.86 6.80
N SER A 26 9.03 -0.13 5.91
CA SER A 26 10.12 -0.40 4.97
C SER A 26 10.16 0.72 3.92
N LYS A 27 11.36 1.08 3.48
CA LYS A 27 11.50 2.09 2.44
C LYS A 27 10.97 1.54 1.11
N GLU A 28 11.33 0.30 0.83
CA GLU A 28 10.94 -0.33 -0.43
C GLU A 28 9.43 -0.43 -0.57
N ASN A 29 8.75 -0.85 0.49
CA ASN A 29 7.31 -1.06 0.40
C ASN A 29 6.49 0.18 0.79
N THR A 30 7.13 1.34 0.97
CA THR A 30 6.43 2.55 1.40
C THR A 30 5.31 2.99 0.44
N LYS A 31 5.55 2.93 -0.86
CA LYS A 31 4.53 3.31 -1.82
C LYS A 31 3.34 2.36 -1.72
N GLU A 32 3.68 1.08 -1.60
CA GLU A 32 2.67 0.03 -1.52
C GLU A 32 1.79 0.18 -0.27
N GLY A 33 2.45 0.39 0.87
CA GLY A 33 1.75 0.52 2.14
C GLY A 33 0.90 1.78 2.23
N LEU A 34 1.45 2.88 1.75
CA LEU A 34 0.71 4.15 1.77
C LEU A 34 -0.51 4.07 0.88
N ALA A 35 -0.32 3.48 -0.28
CA ALA A 35 -1.39 3.38 -1.27
C ALA A 35 -2.55 2.55 -0.74
N GLU A 36 -2.25 1.47 -0.05
CA GLU A 36 -3.31 0.66 0.52
C GLU A 36 -4.00 1.38 1.66
N LEU A 37 -3.21 2.07 2.48
CA LEU A 37 -3.77 2.79 3.61
C LEU A 37 -4.71 3.88 3.10
N TYR A 38 -4.29 4.55 2.04
CA TYR A 38 -5.13 5.59 1.45
C TYR A 38 -6.45 4.97 0.96
N GLU A 39 -6.34 3.85 0.25
CA GLU A 39 -7.54 3.19 -0.27
C GLU A 39 -8.42 2.73 0.90
N TYR A 40 -7.82 2.12 1.90
CA TYR A 40 -8.57 1.63 3.06
C TYR A 40 -9.28 2.81 3.75
N LYS A 41 -8.54 3.90 3.93
CA LYS A 41 -9.08 5.09 4.57
C LYS A 41 -10.25 5.62 3.75
N LYS A 42 -10.13 5.51 2.43
CA LYS A 42 -11.19 5.94 1.52
C LYS A 42 -12.45 5.10 1.76
N LYS A 43 -12.22 3.81 1.98
CA LYS A 43 -13.32 2.86 2.23
C LYS A 43 -14.04 3.20 3.55
N TYR A 44 -13.25 3.47 4.59
CA TYR A 44 -13.79 3.76 5.93
C TYR A 44 -13.72 5.24 6.32
N SER A 45 -13.33 6.08 5.38
CA SER A 45 -13.25 7.53 5.62
C SER A 45 -12.78 7.87 7.03
N ASP A 46 -11.47 7.80 7.24
CA ASP A 46 -10.83 8.13 8.53
C ASP A 46 -11.36 7.28 9.68
N ALA A 47 -12.58 6.77 9.54
CA ALA A 47 -13.15 5.96 10.60
C ALA A 47 -12.15 4.89 11.02
N ASP A 48 -12.56 4.04 11.96
CA ASP A 48 -11.76 2.90 12.44
C ASP A 48 -10.26 3.17 12.73
N ILE A 49 -9.55 3.92 11.89
CA ILE A 49 -8.11 4.05 12.10
C ILE A 49 -7.70 4.76 13.40
N GLU A 50 -8.32 5.90 13.77
CA GLU A 50 -7.88 6.66 14.97
C GLU A 50 -7.39 5.79 16.15
N PRO A 51 -8.17 4.88 16.68
CA PRO A 51 -7.71 4.06 17.84
C PRO A 51 -6.32 3.44 17.62
N PHE A 52 -6.08 2.95 16.41
CA PHE A 52 -4.78 2.34 16.11
C PHE A 52 -3.65 3.36 16.27
N LEU A 53 -3.89 4.58 15.75
CA LEU A 53 -2.83 5.60 15.76
C LEU A 53 -2.42 5.90 17.21
N LYS A 54 -3.40 6.08 18.09
CA LYS A 54 -3.13 6.38 19.51
C LYS A 54 -2.36 5.25 20.17
N ASN A 55 -2.70 4.04 19.77
CA ASN A 55 -2.09 2.83 20.32
C ASN A 55 -0.58 2.83 20.03
N SER A 56 -0.17 3.27 18.86
CA SER A 56 1.25 3.33 18.51
C SER A 56 1.89 4.62 19.05
N SER A 57 3.20 4.78 18.85
CA SER A 57 3.91 5.99 19.33
C SER A 57 3.36 7.24 18.67
N GLN A 58 3.31 8.34 19.42
CA GLN A 58 2.73 9.62 18.93
C GLN A 58 3.51 10.26 17.76
N PHE A 59 4.83 10.24 17.81
CA PHE A 59 5.64 10.88 16.75
C PHE A 59 5.39 10.25 15.39
N PHE A 60 5.32 8.94 15.36
CA PHE A 60 5.13 8.20 14.13
C PHE A 60 3.77 8.48 13.47
N GLN A 61 2.80 8.91 14.26
CA GLN A 61 1.46 9.18 13.74
C GLN A 61 1.39 10.39 12.80
N SER A 62 2.12 11.45 13.08
CA SER A 62 2.05 12.64 12.25
C SER A 62 2.50 12.38 10.81
N TYR A 63 3.60 11.66 10.65
CA TYR A 63 4.14 11.39 9.31
C TYR A 63 3.17 10.59 8.44
N VAL A 64 2.56 9.56 9.00
CA VAL A 64 1.65 8.76 8.20
C VAL A 64 0.47 9.62 7.74
N GLU A 65 -0.05 10.44 8.64
CA GLU A 65 -1.20 11.28 8.27
C GLU A 65 -0.80 12.26 7.16
N ARG A 66 0.37 12.87 7.30
CA ARG A 66 0.87 13.82 6.30
C ARG A 66 1.10 13.16 4.95
N GLY A 67 1.66 11.96 4.97
CA GLY A 67 1.99 11.24 3.76
C GLY A 67 0.74 10.92 2.92
N LEU A 68 -0.38 10.65 3.57
CA LEU A 68 -1.59 10.28 2.83
C LEU A 68 -2.09 11.38 1.91
N ARG A 69 -2.04 12.64 2.32
CA ARG A 69 -2.52 13.70 1.44
C ARG A 69 -1.71 13.77 0.16
N VAL A 70 -0.39 13.68 0.26
CA VAL A 70 0.46 13.75 -0.91
C VAL A 70 0.20 12.60 -1.87
N ILE A 71 -0.22 11.43 -1.38
CA ILE A 71 -0.48 10.34 -2.30
C ILE A 71 -1.62 10.75 -3.21
N GLU A 72 -2.66 11.34 -2.61
CA GLU A 72 -3.85 11.75 -3.35
C GLU A 72 -3.50 12.77 -4.41
N MET A 73 -2.56 13.64 -4.11
CA MET A 73 -2.14 14.67 -5.05
C MET A 73 -1.58 14.04 -6.32
N GLU A 74 -0.83 12.95 -6.16
CA GLU A 74 -0.25 12.28 -7.31
C GLU A 74 -1.38 11.70 -8.18
N ARG A 75 -2.41 11.20 -7.49
CA ARG A 75 -3.58 10.60 -8.14
C ARG A 75 -4.33 11.64 -8.95
N GLU A 76 -4.37 12.85 -8.44
CA GLU A 76 -5.05 13.96 -9.10
C GLU A 76 -4.36 14.27 -10.43
N GLY A 77 -3.04 14.12 -10.46
CA GLY A 77 -2.27 14.41 -11.68
C GLY A 77 -1.78 15.85 -11.72
N LYS A 78 -1.93 16.54 -10.59
CA LYS A 78 -1.54 17.95 -10.52
C LYS A 78 -0.21 18.25 -11.22
N GLY A 79 0.53 17.21 -11.62
CA GLY A 79 1.81 17.42 -12.34
C GLY A 79 3.00 16.88 -11.57
N ARG A 80 2.76 16.39 -10.36
CA ARG A 80 3.85 15.85 -9.56
C ARG A 80 4.41 14.61 -10.25
N ILE A 81 3.51 13.83 -10.83
CA ILE A 81 3.90 12.60 -11.53
C ILE A 81 4.78 12.91 -12.74
N SER A 82 4.39 13.92 -13.51
CA SER A 82 5.15 14.31 -14.70
C SER A 82 6.58 14.69 -14.33
N THR A 83 6.74 15.38 -13.22
CA THR A 83 8.06 15.80 -12.77
C THR A 83 8.93 14.60 -12.38
N SER A 84 8.30 13.54 -11.87
CA SER A 84 9.06 12.35 -11.46
C SER A 84 9.74 11.70 -12.66
N THR A 85 10.98 11.27 -12.43
CA THR A 85 11.76 10.59 -13.48
C THR A 85 11.22 9.18 -13.69
N GLY A 86 10.57 8.65 -12.66
CA GLY A 86 10.05 7.29 -12.71
C GLY A 86 9.03 7.08 -13.80
N ILE A 87 8.17 8.08 -14.04
CA ILE A 87 7.13 7.94 -15.05
C ILE A 87 7.47 8.79 -16.27
N SER A 88 7.41 8.16 -17.43
CA SER A 88 7.70 8.84 -18.68
C SER A 88 6.66 9.93 -18.95
N PRO A 89 6.99 10.96 -19.70
CA PRO A 89 6.00 12.03 -20.03
C PRO A 89 4.79 11.45 -20.76
N GLN A 90 3.62 12.01 -20.48
CA GLN A 90 2.38 11.56 -21.12
C GLN A 90 1.62 12.77 -21.63
N MET A 91 0.74 12.56 -22.61
CA MET A 91 -0.03 13.67 -23.14
C MET A 91 -0.87 14.30 -22.04
N GLU A 92 -1.81 13.52 -21.48
CA GLU A 92 -2.65 14.02 -20.40
C GLU A 92 -2.44 13.14 -19.17
N VAL A 93 -3.27 12.10 -19.03
CA VAL A 93 -3.18 11.16 -17.93
C VAL A 93 -3.45 9.75 -18.43
N THR A 94 -2.68 8.78 -17.93
CA THR A 94 -2.89 7.38 -18.33
C THR A 94 -2.85 6.47 -17.10
N CYS A 95 -3.52 5.34 -17.18
CA CYS A 95 -3.49 4.37 -16.10
C CYS A 95 -2.09 3.81 -15.98
N VAL A 96 -1.47 3.63 -17.14
CA VAL A 96 -0.12 3.09 -17.24
C VAL A 96 0.44 3.40 -18.63
N PRO A 97 1.72 3.70 -18.79
CA PRO A 97 2.26 3.95 -20.16
C PRO A 97 2.08 2.71 -21.05
N THR A 98 1.80 2.95 -22.32
CA THR A 98 1.56 1.88 -23.29
C THR A 98 2.83 1.62 -24.12
N PRO A 99 3.31 0.39 -24.24
CA PRO A 99 4.53 0.12 -25.07
C PRO A 99 4.27 0.43 -26.53
N THR A 100 5.29 0.93 -27.23
CA THR A 100 5.15 1.30 -28.64
C THR A 100 6.33 0.77 -29.45
N SER A 101 6.14 0.71 -30.76
CA SER A 101 7.21 0.27 -31.64
C SER A 101 8.40 1.20 -31.49
N THR A 102 8.07 2.49 -31.43
CA THR A 102 9.09 3.53 -31.29
C THR A 102 9.85 3.38 -29.98
N VAL A 103 9.13 3.12 -28.88
CA VAL A 103 9.78 2.96 -27.57
C VAL A 103 9.47 1.56 -27.02
N SER A 104 10.53 0.88 -26.58
CA SER A 104 10.39 -0.47 -26.03
C SER A 104 10.11 -0.44 -24.53
N SER A 105 10.17 0.76 -23.94
CA SER A 105 9.93 0.93 -22.51
C SER A 105 10.77 -0.04 -21.67
N ILE A 106 11.25 0.44 -20.52
CA ILE A 106 12.06 -0.36 -19.62
C ILE A 106 11.49 -0.34 -18.21
N GLY A 107 11.81 -1.37 -17.43
CA GLY A 107 11.36 -1.46 -16.05
C GLY A 107 9.90 -1.90 -15.92
N ASN A 108 9.34 -2.52 -16.96
CA ASN A 108 7.95 -2.97 -16.93
C ASN A 108 7.06 -1.92 -16.27
N THR A 109 5.81 -2.28 -15.95
CA THR A 109 4.89 -1.34 -15.32
C THR A 109 4.73 -1.63 -13.83
N ASN A 110 5.19 -0.70 -13.01
CA ASN A 110 5.13 -0.83 -11.54
C ASN A 110 3.97 -0.01 -10.97
N GLY A 111 3.09 0.45 -11.85
CA GLY A 111 1.94 1.25 -11.42
C GLY A 111 0.86 0.39 -10.78
N GLU A 112 1.25 -0.79 -10.32
CA GLU A 112 0.30 -1.68 -9.68
C GLU A 112 -0.84 -1.98 -10.65
N GLU A 113 -0.51 -2.70 -11.72
CA GLU A 113 -1.50 -3.00 -12.75
C GLU A 113 -2.71 -3.71 -12.12
N VAL A 114 -2.46 -4.72 -11.25
CA VAL A 114 -3.57 -5.41 -10.58
C VAL A 114 -3.34 -5.37 -9.07
N GLY A 115 -4.37 -4.91 -8.36
CA GLY A 115 -4.28 -4.74 -6.91
C GLY A 115 -3.86 -5.98 -6.13
N PRO A 116 -4.59 -7.05 -6.21
CA PRO A 116 -4.30 -8.29 -5.40
C PRO A 116 -2.86 -8.82 -5.53
N SER A 117 -2.29 -8.83 -6.74
CA SER A 117 -0.94 -9.37 -6.91
C SER A 117 0.11 -8.59 -6.11
N VAL A 118 0.03 -7.27 -6.12
CA VAL A 118 1.03 -6.50 -5.40
C VAL A 118 0.95 -6.82 -3.90
N TYR A 119 -0.26 -6.80 -3.37
CA TYR A 119 -0.48 -7.09 -1.95
C TYR A 119 -0.05 -8.51 -1.61
N LEU A 120 -0.44 -9.44 -2.43
CA LEU A 120 -0.08 -10.82 -2.18
C LEU A 120 1.44 -11.01 -2.26
N GLU A 121 2.03 -10.42 -3.29
CA GLU A 121 3.45 -10.57 -3.52
C GLU A 121 4.34 -9.84 -2.51
N ARG A 122 4.09 -8.55 -2.30
CA ARG A 122 4.94 -7.80 -1.39
C ARG A 122 4.80 -8.33 0.04
N LEU A 123 3.56 -8.53 0.45
CA LEU A 123 3.30 -8.91 1.83
C LEU A 123 3.93 -10.27 2.16
N LYS A 124 3.85 -11.22 1.24
CA LYS A 124 4.44 -12.53 1.49
C LYS A 124 5.95 -12.35 1.76
N ILE A 125 6.58 -11.54 0.93
CA ILE A 125 8.03 -11.39 1.01
C ILE A 125 8.44 -10.85 2.40
N LEU A 126 7.75 -9.86 2.93
CA LEU A 126 8.11 -9.39 4.27
C LEU A 126 7.91 -10.55 5.27
N ARG A 127 6.79 -11.26 5.06
CA ARG A 127 6.40 -12.37 5.94
C ARG A 127 7.43 -13.52 5.94
N GLN A 128 8.00 -13.85 4.78
CA GLN A 128 8.98 -14.94 4.72
C GLN A 128 10.20 -14.59 5.56
N ARG A 129 10.62 -13.34 5.50
CA ARG A 129 11.77 -12.91 6.28
C ARG A 129 11.45 -13.02 7.77
N CYS A 130 10.21 -12.71 8.13
CA CYS A 130 9.79 -12.77 9.53
C CYS A 130 9.77 -14.22 10.02
N GLY A 131 9.38 -15.15 9.15
CA GLY A 131 9.33 -16.55 9.55
C GLY A 131 10.73 -17.12 9.71
N LEU A 132 10.92 -17.88 10.79
CA LEU A 132 12.22 -18.47 11.15
C LEU A 132 13.17 -18.63 9.96
N ASP A 133 14.05 -17.65 9.81
CA ASP A 133 15.03 -17.63 8.74
C ASP A 133 16.31 -18.37 9.15
N ASN A 134 16.28 -18.92 10.37
CA ASN A 134 17.43 -19.65 10.91
C ASN A 134 18.62 -18.72 11.10
N THR A 135 18.60 -18.01 12.23
CA THR A 135 19.65 -17.07 12.58
C THR A 135 19.95 -17.13 14.08
N LYS A 136 21.12 -16.67 14.46
CA LYS A 136 21.54 -16.71 15.86
C LYS A 136 20.89 -15.61 16.70
N GLN A 137 20.23 -14.65 16.05
CA GLN A 137 19.61 -13.55 16.80
C GLN A 137 18.52 -14.10 17.72
N ASP A 138 17.75 -15.06 17.22
CA ASP A 138 16.66 -15.67 17.99
C ASP A 138 15.59 -14.64 18.31
N ASP A 139 15.62 -13.50 17.62
CA ASP A 139 14.65 -12.44 17.86
C ASP A 139 13.39 -12.68 17.04
N ARG A 140 12.30 -12.96 17.75
CA ARG A 140 11.01 -13.23 17.12
C ARG A 140 9.97 -12.18 17.53
N PRO A 141 9.92 -11.05 16.87
CA PRO A 141 8.95 -9.96 17.21
C PRO A 141 7.50 -10.45 17.12
#